data_1XXI
#
_entry.id   1XXI
#
_cell.length_a   98.208
_cell.length_b   106.574
_cell.length_c   535.829
_cell.angle_alpha   90.00
_cell.angle_beta   90.00
_cell.angle_gamma   90.00
#
_symmetry.space_group_name_H-M   'P 21 21 21'
#
loop_
_entity.id
_entity.type
_entity.pdbx_description
1 polymer 'DNA polymerase III, delta subunit'
2 polymer 'DNA polymerase III subunit gamma'
3 polymer 'DNA polymerase III, delta prime subunit'
4 non-polymer 'ZINC ION'
5 non-polymer "ADENOSINE-5'-DIPHOSPHATE"
6 non-polymer 'PHOSPHATE ION'
#
loop_
_entity_poly.entity_id
_entity_poly.type
_entity_poly.pdbx_seq_one_letter_code
_entity_poly.pdbx_strand_id
1 'polypeptide(L)'
;MIRLYPEQLRAQLNEGLRAAYLLLGNDPLLLQESQDAVRQVAAAQGFEEHHTFSIDPNTDWNAIFSLCQAMSLFASRQTL
LLLLPENGPNAAINEQLLTLTGLLHDDLLLIVRGNKLSKAQENAAWFTALANRSVQVTCQTPEQAQLPRWVAARAKQLNL
ELDDAANQVLCYCYEGNLLALAQALERLSLLWPDGKLTLPRVEQAVNDAAHFTPFHWVDALLMGKSKRALHILQQLRLEG
SEPVILLRTLQRELLLLVNLKRQSAHTPLRALFDKHRVWQNRRGMMGEALNRLSQTQLRQAVQLLTRTELTLKQDYGQSV
WAELEGLSLLLCHKPLADVFIDG
;
A,F
2 'polypeptide(L)'
;MSYQVLARKWRPQTFADVVGQEHVLTALANGLSLGRIHHAYLFSGTRGVGKTSIARLLAKGLNCETGITATPCGVCDNCR
EIEQGRFVDLIEIDAASRTKVEDTRDLLDNVQYAPARGRFKVYLIDEVHMLSRHSFNALLKTLEEPPEHVKFLLATTDPQ
KLPVTILSRCLQFHLKALDVEQIRHQLEHILNEEHIAHEPRALQLLARAAEGSLRDALSLTDQAIASGDGQVSTQAVSAM
LGTLDDDQALSLVEAMVEANGERVMALINEAAARGIEWEALLVEMLGLLHRIAMVQLSPAALGNDMAAIELRMRELARTI
PPTDIQLYYQTLLIGRKELPYAPDRRMGVEMTLLRALAFHPRMPLPEP
;
B,C,D,G,H,I
3 'polypeptide(L)'
;MRWYPWLRPDFEKLVASYQAGRGHHALLIQALPGMGDDALIYALSRYLLCQQPQGHKSCGHCRGCQLMQAGTHPDYYTLA
PEKGKNTLGVDAVREVTEKLNEHARLGGAKVVWVTDAALLTDAAANALLKTLEEPPAETWFFLATREPERLLATLRSRCR
LHYLAPPPEQYAVTWLSREVTMSQDALLAALRLSAGSPGAALALFQGDNWQARETLCQALAYSVPSGDWYSLLAALNHEQ
APARLHWLATLLMDALKRHHGAAQVTNVDVPGLVAELANHLSPSRLQAILGDVCHIREQLMSVTGINRELLITDLLLRIE
HYLQPGVVLPVPHL
;
E,J
#
# COMPACT_ATOMS: atom_id res chain seq x y z
N MET A 1 29.38 -6.97 8.35
CA MET A 1 29.37 -5.54 8.08
C MET A 1 30.72 -4.97 8.43
N ILE A 2 31.58 -4.88 7.43
CA ILE A 2 32.91 -4.35 7.62
C ILE A 2 32.76 -2.89 8.02
N ARG A 3 33.05 -2.58 9.28
CA ARG A 3 32.97 -1.21 9.75
C ARG A 3 34.29 -0.54 9.39
N LEU A 4 34.23 0.59 8.68
CA LEU A 4 35.46 1.23 8.30
C LEU A 4 35.47 2.74 8.10
N TYR A 5 36.66 3.30 8.08
CA TYR A 5 36.90 4.73 7.93
C TYR A 5 36.98 5.14 6.47
N PRO A 6 36.58 6.38 6.15
CA PRO A 6 36.59 6.95 4.80
C PRO A 6 37.83 6.63 3.98
N GLU A 7 38.96 6.52 4.66
CA GLU A 7 40.21 6.22 4.00
C GLU A 7 40.27 4.79 3.54
N GLN A 8 39.69 3.92 4.36
CA GLN A 8 39.69 2.50 4.09
C GLN A 8 38.81 2.01 2.92
N LEU A 9 37.86 2.84 2.50
CA LEU A 9 36.92 2.48 1.43
C LEU A 9 37.49 2.09 0.08
N ARG A 10 38.37 2.93 -0.46
CA ARG A 10 38.95 2.67 -1.77
C ARG A 10 39.65 1.33 -1.92
N ALA A 11 40.26 0.87 -0.83
CA ALA A 11 40.99 -0.41 -0.82
C ALA A 11 40.01 -1.60 -0.83
N GLN A 12 38.96 -1.50 -0.02
CA GLN A 12 37.92 -2.52 0.10
C GLN A 12 37.19 -2.59 -1.22
N LEU A 13 36.80 -1.44 -1.73
CA LEU A 13 36.07 -1.34 -2.97
C LEU A 13 36.77 -2.09 -4.11
N ASN A 14 38.09 -2.26 -3.98
CA ASN A 14 38.88 -2.94 -5.00
C ASN A 14 38.69 -4.46 -4.99
N GLU A 15 38.52 -5.01 -3.79
CA GLU A 15 38.32 -6.44 -3.64
C GLU A 15 36.97 -6.80 -4.24
N GLY A 16 35.94 -6.08 -3.83
CA GLY A 16 34.61 -6.36 -4.37
C GLY A 16 33.55 -5.45 -3.82
N LEU A 17 32.67 -5.01 -4.72
CA LEU A 17 31.55 -4.13 -4.39
C LEU A 17 30.56 -4.98 -3.57
N ARG A 18 30.10 -4.46 -2.45
CA ARG A 18 29.17 -5.20 -1.61
C ARG A 18 27.71 -4.91 -1.89
N ALA A 19 26.83 -5.49 -1.09
CA ALA A 19 25.41 -5.33 -1.29
C ALA A 19 24.93 -3.94 -0.96
N ALA A 20 25.30 -3.48 0.22
CA ALA A 20 24.89 -2.15 0.63
C ALA A 20 25.99 -1.43 1.36
N TYR A 21 25.97 -0.12 1.20
CA TYR A 21 26.94 0.76 1.80
C TYR A 21 26.12 1.76 2.58
N LEU A 22 26.33 1.80 3.89
CA LEU A 22 25.63 2.80 4.70
C LEU A 22 26.69 3.86 5.03
N LEU A 23 26.39 5.13 4.76
CA LEU A 23 27.31 6.24 5.06
C LEU A 23 26.68 7.01 6.21
N LEU A 24 27.14 6.71 7.43
CA LEU A 24 26.54 7.32 8.61
C LEU A 24 27.41 8.33 9.31
N GLY A 25 26.99 9.59 9.25
CA GLY A 25 27.73 10.65 9.89
C GLY A 25 27.26 12.07 9.64
N ASN A 26 28.07 13.03 10.08
CA ASN A 26 27.69 14.43 9.94
C ASN A 26 28.52 15.24 8.97
N ASP A 27 29.69 14.74 8.57
CA ASP A 27 30.55 15.50 7.69
C ASP A 27 30.11 15.56 6.23
N PRO A 28 29.77 16.77 5.74
CA PRO A 28 29.34 16.92 4.36
C PRO A 28 30.37 16.40 3.38
N LEU A 29 31.63 16.74 3.63
CA LEU A 29 32.63 16.30 2.69
C LEU A 29 32.82 14.82 2.71
N LEU A 30 33.02 14.27 3.90
CA LEU A 30 33.22 12.84 4.03
C LEU A 30 32.12 11.98 3.39
N LEU A 31 30.87 12.31 3.69
CA LEU A 31 29.73 11.59 3.12
C LEU A 31 29.81 11.57 1.58
N GLN A 32 29.97 12.76 0.99
CA GLN A 32 30.06 12.94 -0.46
C GLN A 32 31.18 12.18 -1.12
N GLU A 33 32.36 12.24 -0.54
CA GLU A 33 33.48 11.54 -1.14
C GLU A 33 33.29 10.03 -1.14
N SER A 34 32.77 9.51 -0.04
CA SER A 34 32.53 8.08 0.10
C SER A 34 31.46 7.69 -0.92
N GLN A 35 30.41 8.50 -0.97
CA GLN A 35 29.30 8.29 -1.88
C GLN A 35 29.87 8.25 -3.29
N ASP A 36 30.68 9.25 -3.65
CA ASP A 36 31.31 9.31 -4.98
C ASP A 36 32.21 8.11 -5.26
N ALA A 37 32.93 7.64 -4.25
CA ALA A 37 33.80 6.49 -4.38
C ALA A 37 32.98 5.21 -4.70
N VAL A 38 31.82 5.05 -4.07
CA VAL A 38 30.99 3.89 -4.33
C VAL A 38 30.52 3.96 -5.76
N ARG A 39 29.77 5.02 -6.09
CA ARG A 39 29.22 5.19 -7.44
C ARG A 39 30.25 5.15 -8.55
N GLN A 40 31.40 5.80 -8.37
CA GLN A 40 32.41 5.78 -9.41
C GLN A 40 32.76 4.33 -9.74
N VAL A 41 32.75 3.49 -8.71
CA VAL A 41 33.04 2.07 -8.91
C VAL A 41 31.87 1.32 -9.53
N ALA A 42 30.67 1.77 -9.23
CA ALA A 42 29.48 1.12 -9.76
C ALA A 42 29.27 1.44 -11.23
N ALA A 43 29.24 2.73 -11.57
CA ALA A 43 29.02 3.13 -12.96
C ALA A 43 30.04 2.49 -13.89
N ALA A 44 31.12 1.99 -13.30
CA ALA A 44 32.15 1.31 -14.05
C ALA A 44 31.63 -0.07 -14.44
N GLN A 45 30.79 -0.63 -13.58
CA GLN A 45 30.20 -1.96 -13.78
C GLN A 45 29.17 -1.95 -14.89
N GLY A 46 28.08 -1.23 -14.65
CA GLY A 46 27.03 -1.13 -15.64
C GLY A 46 25.85 -0.46 -14.99
N PHE A 47 26.10 0.15 -13.84
CA PHE A 47 25.06 0.81 -13.09
C PHE A 47 24.68 2.18 -13.65
N GLU A 48 23.81 2.12 -14.65
CA GLU A 48 23.31 3.29 -15.36
C GLU A 48 22.29 4.08 -14.56
N GLU A 49 21.22 3.43 -14.12
CA GLU A 49 20.21 4.12 -13.35
C GLU A 49 20.72 4.37 -11.96
N HIS A 50 20.38 5.55 -11.44
CA HIS A 50 20.75 5.92 -10.10
C HIS A 50 19.48 6.55 -9.53
N HIS A 51 19.21 6.29 -8.25
CA HIS A 51 18.02 6.83 -7.60
C HIS A 51 18.31 7.26 -6.17
N THR A 52 17.47 8.14 -5.65
CA THR A 52 17.60 8.66 -4.30
C THR A 52 16.19 8.89 -3.77
N PHE A 53 15.89 8.39 -2.58
CA PHE A 53 14.58 8.55 -1.98
C PHE A 53 14.78 8.91 -0.52
N SER A 54 14.18 10.01 -0.08
CA SER A 54 14.34 10.46 1.29
C SER A 54 13.22 10.04 2.22
N ILE A 55 13.59 9.41 3.35
CA ILE A 55 12.66 8.92 4.38
C ILE A 55 12.51 10.00 5.54
N ASP A 56 11.28 10.31 6.03
CA ASP A 56 10.91 11.24 7.14
C ASP A 56 9.41 11.19 7.26
N PRO A 57 8.77 11.38 8.44
CA PRO A 57 7.30 11.32 8.43
C PRO A 57 6.72 12.30 7.43
N ASN A 58 5.98 11.79 6.46
CA ASN A 58 5.26 12.65 5.51
C ASN A 58 5.81 12.72 4.06
N THR A 59 7.08 12.37 3.79
CA THR A 59 7.53 12.57 2.38
C THR A 59 7.38 11.35 1.43
N ASP A 60 6.14 11.05 1.03
CA ASP A 60 5.78 10.00 0.06
C ASP A 60 6.24 8.54 0.35
N TRP A 61 5.50 7.85 1.23
CA TRP A 61 5.78 6.47 1.67
C TRP A 61 5.41 5.32 0.73
N ASN A 62 4.16 5.29 0.30
CA ASN A 62 3.75 4.22 -0.60
C ASN A 62 4.57 4.20 -1.89
N ALA A 63 5.16 5.34 -2.24
CA ALA A 63 5.99 5.43 -3.45
C ALA A 63 7.35 4.80 -3.23
N ILE A 64 7.90 4.99 -2.03
CA ILE A 64 9.21 4.43 -1.72
C ILE A 64 9.15 2.91 -1.75
N PHE A 65 8.20 2.36 -1.00
CA PHE A 65 8.00 0.94 -0.89
C PHE A 65 7.83 0.25 -2.24
N SER A 66 6.93 0.80 -3.05
CA SER A 66 6.61 0.24 -4.36
C SER A 66 7.72 0.41 -5.42
N LEU A 67 8.43 1.53 -5.36
CA LEU A 67 9.49 1.81 -6.33
C LEU A 67 10.62 0.79 -6.37
N CYS A 68 10.70 -0.02 -5.31
CA CYS A 68 11.76 -1.01 -5.25
C CYS A 68 11.13 -2.38 -5.16
N GLN A 69 9.81 -2.42 -5.08
CA GLN A 69 9.09 -3.69 -5.01
C GLN A 69 9.17 -4.27 -6.43
N ALA A 70 9.41 -3.40 -7.40
CA ALA A 70 9.54 -3.79 -8.80
C ALA A 70 11.01 -4.18 -9.05
N MET A 71 11.16 -5.28 -9.76
CA MET A 71 12.48 -5.78 -10.03
C MET A 71 13.16 -4.91 -11.05
N SER A 72 13.74 -5.62 -12.00
CA SER A 72 14.53 -5.04 -13.09
C SER A 72 14.22 -5.81 -14.36
N LEU A 73 13.21 -5.51 -15.18
CA LEU A 73 12.96 -6.43 -16.34
C LEU A 73 14.15 -6.59 -17.29
N PHE A 74 14.54 -5.63 -18.11
CA PHE A 74 15.68 -6.07 -18.91
C PHE A 74 17.01 -5.74 -18.21
N ALA A 75 16.94 -5.67 -16.87
CA ALA A 75 18.10 -5.57 -16.01
C ALA A 75 19.00 -4.40 -16.13
N SER A 76 18.40 -3.25 -16.41
CA SER A 76 19.08 -1.99 -16.26
C SER A 76 19.04 -1.79 -14.73
N ARG A 77 20.20 -1.80 -14.08
CA ARG A 77 20.45 -1.64 -12.65
C ARG A 77 20.54 -0.12 -12.33
N GLN A 78 20.02 0.31 -11.18
CA GLN A 78 19.95 1.69 -10.74
C GLN A 78 20.47 1.78 -9.29
N THR A 79 21.09 2.88 -8.96
CA THR A 79 21.53 3.02 -7.61
C THR A 79 20.40 3.57 -6.79
N LEU A 80 20.15 2.93 -5.68
CA LEU A 80 19.18 3.48 -4.75
C LEU A 80 19.88 4.08 -3.56
N LEU A 81 19.63 5.34 -3.38
CA LEU A 81 20.22 6.04 -2.29
C LEU A 81 19.14 6.51 -1.30
N LEU A 82 19.11 5.87 -0.16
CA LEU A 82 18.15 6.25 0.86
C LEU A 82 18.75 7.36 1.71
N LEU A 83 18.07 8.48 1.80
CA LEU A 83 18.53 9.58 2.62
C LEU A 83 17.78 9.52 3.95
N LEU A 84 18.48 9.14 5.02
CA LEU A 84 17.87 9.04 6.34
C LEU A 84 17.52 10.41 6.90
N PRO A 85 16.50 10.47 7.77
CA PRO A 85 16.04 11.73 8.38
C PRO A 85 17.12 12.41 9.19
N GLU A 86 16.89 13.69 9.44
CA GLU A 86 17.85 14.47 10.20
C GLU A 86 18.01 13.93 11.61
N ASN A 87 16.88 13.56 12.24
CA ASN A 87 16.91 13.04 13.61
C ASN A 87 17.39 11.60 13.69
N GLY A 88 17.07 10.84 12.64
CA GLY A 88 17.42 9.43 12.61
C GLY A 88 16.11 8.67 12.46
N PRO A 89 16.13 7.40 12.05
CA PRO A 89 14.92 6.59 11.88
C PRO A 89 14.11 6.34 13.16
N ASN A 90 12.80 6.59 13.07
CA ASN A 90 11.90 6.40 14.20
C ASN A 90 11.35 4.99 14.20
N ALA A 91 10.42 4.71 15.10
CA ALA A 91 9.79 3.40 15.21
C ALA A 91 9.20 2.90 13.89
N ALA A 92 8.46 3.79 13.23
CA ALA A 92 7.80 3.46 11.97
C ALA A 92 8.80 3.27 10.82
N ILE A 93 9.77 4.16 10.68
CA ILE A 93 10.76 4.08 9.63
C ILE A 93 11.48 2.74 9.58
N ASN A 94 11.85 2.24 10.75
CA ASN A 94 12.55 0.95 10.86
C ASN A 94 11.86 -0.15 10.07
N GLU A 95 10.55 0.01 9.87
CA GLU A 95 9.77 -0.96 9.12
C GLU A 95 9.83 -0.71 7.61
N GLN A 96 9.66 0.55 7.23
CA GLN A 96 9.70 0.97 5.85
C GLN A 96 11.08 0.69 5.27
N LEU A 97 12.11 0.83 6.11
CA LEU A 97 13.46 0.52 5.67
C LEU A 97 13.51 -0.98 5.50
N LEU A 98 12.98 -1.72 6.48
CA LEU A 98 12.97 -3.17 6.46
C LEU A 98 12.29 -3.70 5.21
N THR A 99 11.20 -3.07 4.81
CA THR A 99 10.48 -3.48 3.61
C THR A 99 11.36 -3.27 2.38
N LEU A 100 12.13 -2.18 2.40
CA LEU A 100 13.00 -1.85 1.28
C LEU A 100 14.19 -2.80 1.24
N THR A 101 14.71 -3.13 2.42
CA THR A 101 15.86 -4.00 2.54
C THR A 101 15.59 -5.35 1.86
N GLY A 102 14.31 -5.66 1.71
CA GLY A 102 13.93 -6.92 1.09
C GLY A 102 13.69 -6.75 -0.40
N LEU A 103 14.28 -5.71 -0.93
CA LEU A 103 14.12 -5.41 -2.33
C LEU A 103 15.45 -5.56 -3.03
N LEU A 104 16.46 -6.05 -2.30
CA LEU A 104 17.83 -6.19 -2.78
C LEU A 104 18.14 -7.41 -3.59
N HIS A 105 19.31 -7.35 -4.22
CA HIS A 105 19.87 -8.41 -5.04
C HIS A 105 21.13 -7.86 -5.67
N ASP A 106 21.85 -8.71 -6.37
CA ASP A 106 23.10 -8.28 -6.95
C ASP A 106 23.05 -7.09 -7.86
N ASP A 107 21.96 -6.95 -8.61
CA ASP A 107 21.80 -5.84 -9.54
C ASP A 107 21.04 -4.62 -9.02
N LEU A 108 20.97 -4.47 -7.70
CA LEU A 108 20.32 -3.31 -7.08
C LEU A 108 21.15 -2.91 -5.87
N LEU A 109 22.14 -2.02 -6.08
CA LEU A 109 23.05 -1.53 -5.04
C LEU A 109 22.34 -0.50 -4.17
N LEU A 110 22.35 -0.73 -2.87
CA LEU A 110 21.69 0.18 -1.93
C LEU A 110 22.73 0.99 -1.24
N ILE A 111 22.44 2.26 -1.04
CA ILE A 111 23.32 3.17 -0.35
C ILE A 111 22.40 3.95 0.54
N VAL A 112 22.69 3.90 1.82
CA VAL A 112 21.88 4.62 2.78
C VAL A 112 22.85 5.67 3.34
N ARG A 113 22.34 6.86 3.64
CA ARG A 113 23.22 7.86 4.20
C ARG A 113 22.50 8.79 5.14
N GLY A 114 23.16 9.02 6.29
CA GLY A 114 22.64 9.88 7.33
C GLY A 114 23.69 10.02 8.41
N ASN A 115 23.31 10.64 9.52
CA ASN A 115 24.29 10.72 10.54
C ASN A 115 24.43 9.40 11.31
N LYS A 116 25.29 9.44 12.34
CA LYS A 116 25.54 8.23 13.12
C LYS A 116 24.29 7.70 13.83
N LEU A 117 24.08 6.37 13.77
CA LEU A 117 22.84 5.79 14.37
C LEU A 117 23.17 5.47 15.76
N SER A 118 22.15 5.54 16.59
CA SER A 118 22.32 5.25 18.00
C SER A 118 22.38 3.75 18.20
N LYS A 119 23.09 3.30 19.23
CA LYS A 119 23.24 1.87 19.51
C LYS A 119 21.88 1.13 19.51
N ALA A 120 20.80 1.89 19.72
CA ALA A 120 19.43 1.39 19.72
C ALA A 120 18.98 1.20 18.29
N GLN A 121 19.02 2.30 17.52
CA GLN A 121 18.63 2.30 16.11
C GLN A 121 19.40 1.22 15.36
N GLU A 122 20.50 0.74 15.94
CA GLU A 122 21.34 -0.29 15.34
C GLU A 122 20.93 -1.75 15.57
N ASN A 123 19.91 -1.97 16.39
CA ASN A 123 19.43 -3.33 16.64
C ASN A 123 18.33 -3.65 15.64
N ALA A 124 17.70 -2.58 15.16
CA ALA A 124 16.58 -2.58 14.20
C ALA A 124 16.61 -3.52 12.99
N ALA A 125 15.59 -4.36 12.90
CA ALA A 125 15.40 -5.33 11.84
C ALA A 125 16.10 -4.99 10.52
N TRP A 126 15.89 -3.75 10.04
CA TRP A 126 16.51 -3.31 8.80
C TRP A 126 18.03 -3.33 8.84
N PHE A 127 18.59 -2.76 9.90
CA PHE A 127 20.05 -2.72 10.06
C PHE A 127 20.68 -4.10 10.19
N THR A 128 20.11 -4.94 11.04
CA THR A 128 20.66 -6.26 11.25
C THR A 128 20.52 -7.15 10.03
N ALA A 129 19.62 -6.78 9.12
CA ALA A 129 19.42 -7.55 7.91
C ALA A 129 20.62 -7.44 6.93
N LEU A 130 21.17 -6.24 6.82
CA LEU A 130 22.30 -5.96 5.93
C LEU A 130 23.61 -6.32 6.61
N ALA A 131 23.56 -6.49 7.93
CA ALA A 131 24.72 -6.80 8.74
C ALA A 131 25.67 -7.93 8.32
N ASN A 132 25.46 -8.56 7.17
CA ASN A 132 26.37 -9.64 6.76
C ASN A 132 26.73 -9.40 5.32
N ARG A 133 25.85 -8.68 4.63
CA ARG A 133 26.01 -8.37 3.22
C ARG A 133 26.72 -7.02 2.98
N SER A 134 26.41 -6.02 3.82
CA SER A 134 26.91 -4.66 3.68
C SER A 134 28.19 -4.23 4.35
N VAL A 135 28.53 -2.96 4.07
CA VAL A 135 29.71 -2.23 4.58
C VAL A 135 29.28 -0.89 5.17
N GLN A 136 29.81 -0.54 6.35
CA GLN A 136 29.48 0.72 7.00
C GLN A 136 30.68 1.66 7.02
N VAL A 137 30.51 2.85 6.48
CA VAL A 137 31.57 3.85 6.46
C VAL A 137 31.22 4.98 7.41
N THR A 138 32.02 5.11 8.45
CA THR A 138 31.82 6.14 9.45
C THR A 138 32.34 7.49 8.99
N CYS A 139 31.41 8.32 8.52
CA CYS A 139 31.74 9.66 8.09
C CYS A 139 31.38 10.56 9.26
N GLN A 140 32.36 10.95 10.04
CA GLN A 140 32.14 11.82 11.18
C GLN A 140 33.28 12.86 11.18
N THR A 141 33.06 14.10 11.66
CA THR A 141 34.10 15.20 11.73
C THR A 141 35.26 14.97 12.83
N PRO A 142 36.61 15.23 12.45
CA PRO A 142 37.92 15.05 13.30
C PRO A 142 38.10 15.63 14.72
N GLU A 143 38.71 14.90 15.67
CA GLU A 143 38.92 15.48 17.03
C GLU A 143 39.94 16.61 17.06
N GLN A 144 39.91 17.38 18.13
CA GLN A 144 40.77 18.56 18.33
C GLN A 144 42.25 18.35 17.97
N ALA A 145 42.78 17.16 18.20
CA ALA A 145 44.16 16.88 17.89
C ALA A 145 44.38 16.61 16.40
N GLN A 146 43.41 15.95 15.75
CA GLN A 146 43.56 15.63 14.34
C GLN A 146 42.87 16.54 13.33
N LEU A 147 42.16 17.56 13.83
CA LEU A 147 41.50 18.53 12.97
C LEU A 147 42.63 19.19 12.21
N PRO A 148 43.72 19.61 12.91
CA PRO A 148 44.84 20.23 12.22
C PRO A 148 45.47 19.23 11.28
N ARG A 149 45.63 17.99 11.77
CA ARG A 149 46.24 16.95 10.96
C ARG A 149 45.46 16.70 9.67
N TRP A 150 44.13 16.75 9.78
CA TRP A 150 43.25 16.56 8.61
C TRP A 150 43.40 17.71 7.63
N VAL A 151 43.50 18.92 8.16
CA VAL A 151 43.67 20.11 7.33
C VAL A 151 44.99 20.01 6.60
N ALA A 152 46.01 19.50 7.28
CA ALA A 152 47.33 19.38 6.69
C ALA A 152 47.34 18.32 5.59
N ALA A 153 46.57 17.26 5.82
CA ALA A 153 46.49 16.17 4.86
C ALA A 153 45.75 16.62 3.60
N ARG A 154 44.58 17.24 3.82
CA ARG A 154 43.70 17.75 2.76
C ARG A 154 44.41 18.84 1.96
N ALA A 155 45.16 19.67 2.66
CA ALA A 155 45.90 20.75 2.01
C ALA A 155 47.03 20.18 1.20
N LYS A 156 47.74 19.19 1.73
CA LYS A 156 48.85 18.66 0.99
C LYS A 156 48.45 18.02 -0.33
N GLN A 157 47.23 17.48 -0.39
CA GLN A 157 46.83 16.89 -1.65
C GLN A 157 46.36 17.96 -2.62
N LEU A 158 46.09 19.16 -2.11
CA LEU A 158 45.70 20.28 -2.96
C LEU A 158 46.96 20.98 -3.39
N ASN A 159 48.10 20.32 -3.15
CA ASN A 159 49.42 20.82 -3.52
C ASN A 159 49.68 22.16 -2.82
N LEU A 160 49.49 22.14 -1.51
CA LEU A 160 49.65 23.34 -0.68
C LEU A 160 50.67 23.20 0.45
N GLU A 161 51.51 24.24 0.62
CA GLU A 161 52.50 24.29 1.68
C GLU A 161 51.86 25.10 2.81
N LEU A 162 51.01 24.45 3.59
CA LEU A 162 50.29 25.12 4.68
C LEU A 162 51.04 25.13 6.00
N ASP A 163 51.58 26.30 6.37
CA ASP A 163 52.31 26.47 7.63
C ASP A 163 51.49 26.06 8.85
N ASP A 164 52.19 25.66 9.91
CA ASP A 164 51.56 25.18 11.11
C ASP A 164 50.75 26.20 11.87
N ALA A 165 51.28 27.41 12.01
CA ALA A 165 50.54 28.44 12.72
C ALA A 165 49.32 28.77 11.88
N ALA A 166 49.55 28.94 10.58
CA ALA A 166 48.48 29.25 9.64
C ALA A 166 47.39 28.19 9.76
N ASN A 167 47.82 26.93 9.72
CA ASN A 167 46.94 25.78 9.83
C ASN A 167 46.07 25.93 11.06
N GLN A 168 46.69 26.35 12.16
CA GLN A 168 45.96 26.55 13.40
C GLN A 168 44.97 27.67 13.28
N VAL A 169 45.36 28.74 12.59
CA VAL A 169 44.48 29.88 12.42
C VAL A 169 43.24 29.42 11.72
N LEU A 170 43.43 28.72 10.61
CA LEU A 170 42.32 28.20 9.84
C LEU A 170 41.44 27.34 10.71
N CYS A 171 42.05 26.60 11.63
CA CYS A 171 41.35 25.68 12.55
C CYS A 171 40.55 26.40 13.62
N TYR A 172 41.11 27.46 14.20
CA TYR A 172 40.43 28.20 15.22
C TYR A 172 39.25 28.97 14.64
N CYS A 173 39.29 29.22 13.32
CA CYS A 173 38.19 29.86 12.62
C CYS A 173 37.55 28.67 11.90
N TYR A 174 36.23 28.64 11.75
CA TYR A 174 35.55 27.47 11.14
C TYR A 174 35.84 26.19 11.94
N GLU A 175 36.06 26.28 13.25
CA GLU A 175 36.38 25.07 13.98
C GLU A 175 35.32 24.00 13.82
N GLY A 176 35.66 22.93 13.12
CA GLY A 176 34.72 21.83 12.93
C GLY A 176 33.88 21.76 11.66
N ASN A 177 33.83 22.83 10.89
CA ASN A 177 33.07 22.79 9.66
C ASN A 177 34.03 22.42 8.54
N LEU A 178 34.27 21.12 8.39
CA LEU A 178 35.19 20.66 7.38
C LEU A 178 34.90 21.13 5.98
N LEU A 179 33.64 21.39 5.66
CA LEU A 179 33.30 21.85 4.33
C LEU A 179 33.91 23.24 4.15
N ALA A 180 33.89 24.02 5.23
CA ALA A 180 34.45 25.35 5.21
C ALA A 180 35.98 25.34 5.05
N LEU A 181 36.65 24.47 5.82
CA LEU A 181 38.11 24.36 5.78
C LEU A 181 38.61 23.93 4.42
N ALA A 182 37.79 23.17 3.70
CA ALA A 182 38.16 22.71 2.37
C ALA A 182 37.99 23.82 1.34
N GLN A 183 36.86 24.56 1.43
CA GLN A 183 36.56 25.68 0.53
C GLN A 183 37.65 26.69 0.75
N ALA A 184 37.84 27.04 2.02
CA ALA A 184 38.86 27.98 2.43
C ALA A 184 40.21 27.60 1.86
N LEU A 185 40.57 26.35 1.91
CA LEU A 185 41.86 25.98 1.35
C LEU A 185 41.88 26.21 -0.14
N GLU A 186 40.76 25.93 -0.80
CA GLU A 186 40.65 26.11 -2.25
C GLU A 186 40.60 27.58 -2.61
N ARG A 187 39.94 28.41 -1.80
CA ARG A 187 39.92 29.84 -2.09
C ARG A 187 41.33 30.39 -1.92
N LEU A 188 41.94 30.06 -0.77
CA LEU A 188 43.31 30.44 -0.42
C LEU A 188 44.32 30.07 -1.50
N SER A 189 43.98 29.08 -2.32
CA SER A 189 44.85 28.65 -3.40
C SER A 189 44.67 29.58 -4.59
N LEU A 190 43.51 30.20 -4.72
CA LEU A 190 43.35 31.10 -5.84
C LEU A 190 44.07 32.41 -5.55
N LEU A 191 43.99 32.82 -4.28
CA LEU A 191 44.64 34.02 -3.76
C LEU A 191 46.13 33.97 -3.93
N TRP A 192 46.76 32.91 -3.46
CA TRP A 192 48.19 32.78 -3.61
C TRP A 192 48.50 31.60 -4.49
N PRO A 193 48.51 31.84 -5.81
CA PRO A 193 48.79 30.82 -6.83
C PRO A 193 50.11 30.17 -6.49
N ASP A 194 50.92 30.98 -5.81
CA ASP A 194 52.24 30.65 -5.31
C ASP A 194 52.26 29.25 -4.71
N GLY A 195 51.34 29.00 -3.79
CA GLY A 195 51.26 27.71 -3.13
C GLY A 195 51.65 27.83 -1.69
N LYS A 196 52.58 28.77 -1.45
CA LYS A 196 53.12 29.04 -0.12
C LYS A 196 52.18 29.72 0.88
N LEU A 197 51.40 28.93 1.60
CA LEU A 197 50.45 29.46 2.60
C LEU A 197 51.10 29.75 3.94
N THR A 198 51.76 30.90 4.04
CA THR A 198 52.40 31.25 5.27
C THR A 198 51.42 31.88 6.21
N LEU A 199 51.78 31.94 7.49
CA LEU A 199 50.89 32.53 8.51
C LEU A 199 50.43 33.96 8.16
N PRO A 200 51.35 34.85 7.77
CA PRO A 200 51.02 36.23 7.44
C PRO A 200 49.97 36.24 6.36
N ARG A 201 50.24 35.53 5.28
CA ARG A 201 49.30 35.46 4.16
C ARG A 201 47.94 34.95 4.58
N VAL A 202 47.90 33.76 5.17
CA VAL A 202 46.64 33.17 5.59
C VAL A 202 45.95 34.04 6.61
N GLU A 203 46.71 34.61 7.51
CA GLU A 203 46.10 35.43 8.53
C GLU A 203 45.38 36.62 7.92
N GLN A 204 46.03 37.27 6.96
CA GLN A 204 45.46 38.45 6.31
C GLN A 204 44.16 38.16 5.64
N ALA A 205 44.13 37.08 4.84
CA ALA A 205 42.96 36.66 4.09
C ALA A 205 41.80 36.17 4.93
N VAL A 206 42.10 35.60 6.09
CA VAL A 206 41.08 35.08 6.99
C VAL A 206 40.39 36.21 7.69
N ASN A 207 41.20 37.15 8.16
CA ASN A 207 40.63 38.26 8.87
C ASN A 207 39.91 39.20 7.91
N ASP A 208 40.46 39.38 6.72
CA ASP A 208 39.89 40.22 5.69
C ASP A 208 38.54 39.73 5.16
N ALA A 209 38.40 38.41 5.04
CA ALA A 209 37.17 37.77 4.56
C ALA A 209 35.98 38.16 5.47
N ALA A 210 36.29 38.37 6.74
CA ALA A 210 35.34 38.80 7.74
C ALA A 210 34.05 37.99 7.86
N HIS A 211 34.11 36.69 8.09
CA HIS A 211 32.84 35.96 8.27
C HIS A 211 32.69 35.61 9.76
N PHE A 212 31.43 35.73 10.29
CA PHE A 212 31.07 35.52 11.73
C PHE A 212 29.80 34.71 11.96
N THR A 213 29.90 33.72 12.81
CA THR A 213 28.71 32.91 13.12
C THR A 213 27.74 33.68 14.07
N PRO A 214 26.43 33.27 14.17
CA PRO A 214 25.57 33.92 15.20
C PRO A 214 26.16 33.66 16.55
N PHE A 215 26.89 32.56 16.61
CA PHE A 215 27.51 32.10 17.85
C PHE A 215 28.64 33.00 18.33
N HIS A 216 29.37 33.61 17.39
CA HIS A 216 30.47 34.50 17.74
C HIS A 216 29.91 35.71 18.48
N TRP A 217 28.63 35.98 18.25
CA TRP A 217 27.96 37.10 18.89
C TRP A 217 27.75 36.71 20.32
N VAL A 218 27.22 35.51 20.52
CA VAL A 218 26.95 34.94 21.83
C VAL A 218 28.28 34.67 22.52
N ASP A 219 29.17 33.93 21.86
CA ASP A 219 30.49 33.62 22.41
C ASP A 219 31.12 34.90 22.95
N ALA A 220 30.82 36.01 22.29
CA ALA A 220 31.32 37.32 22.68
C ALA A 220 30.40 37.82 23.77
N LEU A 221 29.12 37.57 23.60
CA LEU A 221 28.15 38.03 24.55
C LEU A 221 28.16 37.44 25.94
N LEU A 222 29.06 36.49 26.16
CA LEU A 222 29.22 35.76 27.41
C LEU A 222 29.97 36.47 28.52
N MET A 223 29.76 37.78 28.63
CA MET A 223 30.46 38.62 29.60
C MET A 223 31.76 39.12 28.94
N GLY A 224 31.92 38.78 27.67
CA GLY A 224 33.10 39.26 26.96
C GLY A 224 32.74 40.70 26.62
N LYS A 225 33.70 41.61 26.47
CA LYS A 225 33.35 43.00 26.19
C LYS A 225 32.40 43.28 24.99
N SER A 226 31.38 44.07 25.30
CA SER A 226 30.33 44.46 24.39
C SER A 226 30.80 45.04 23.07
N LYS A 227 31.92 45.75 23.08
CA LYS A 227 32.42 46.37 21.87
C LYS A 227 32.37 45.40 20.70
N ARG A 228 33.09 44.29 20.84
CA ARG A 228 33.14 43.28 19.79
C ARG A 228 31.81 42.58 19.51
N ALA A 229 30.93 42.47 20.51
CA ALA A 229 29.63 41.85 20.29
C ALA A 229 28.74 42.81 19.52
N LEU A 230 28.87 44.10 19.83
CA LEU A 230 28.07 45.12 19.16
C LEU A 230 28.58 45.18 17.73
N HIS A 231 29.89 45.01 17.58
CA HIS A 231 30.57 45.02 16.28
C HIS A 231 30.02 43.84 15.48
N ILE A 232 30.14 42.63 16.06
CA ILE A 232 29.65 41.41 15.42
C ILE A 232 28.14 41.49 15.15
N LEU A 233 27.39 42.09 16.07
CA LEU A 233 25.94 42.20 15.89
C LEU A 233 25.59 43.09 14.72
N GLN A 234 26.36 44.15 14.54
CA GLN A 234 26.11 45.07 13.43
C GLN A 234 26.89 44.62 12.17
N GLN A 235 27.58 43.50 12.29
CA GLN A 235 28.32 42.89 11.18
C GLN A 235 27.59 41.60 10.81
N LEU A 236 26.55 41.30 11.59
CA LEU A 236 25.68 40.13 11.40
C LEU A 236 24.45 40.56 10.62
N ARG A 237 24.32 41.86 10.36
CA ARG A 237 23.19 42.34 9.57
C ARG A 237 23.74 42.48 8.15
N LEU A 238 25.06 42.27 8.01
CA LEU A 238 25.75 42.36 6.72
C LEU A 238 26.03 41.01 6.07
N GLU A 239 25.54 39.96 6.69
CA GLU A 239 25.68 38.62 6.15
C GLU A 239 24.27 38.14 5.81
N GLY A 240 23.29 38.98 6.12
CA GLY A 240 21.91 38.66 5.87
C GLY A 240 21.34 37.64 6.84
N SER A 241 21.53 37.89 8.14
CA SER A 241 21.05 37.00 9.18
C SER A 241 19.76 37.54 9.78
N GLU A 242 18.72 36.72 9.76
CA GLU A 242 17.40 37.10 10.26
C GLU A 242 17.48 37.37 11.75
N PRO A 243 16.60 38.22 12.28
CA PRO A 243 16.67 38.49 13.71
C PRO A 243 16.24 37.25 14.49
N VAL A 244 15.09 36.71 14.11
CA VAL A 244 14.51 35.52 14.75
C VAL A 244 15.52 34.41 14.99
N ILE A 245 16.36 34.14 13.99
CA ILE A 245 17.35 33.08 14.14
C ILE A 245 18.41 33.45 15.17
N LEU A 246 18.56 34.74 15.43
CA LEU A 246 19.53 35.18 16.42
C LEU A 246 18.95 34.99 17.82
N LEU A 247 17.69 35.35 17.99
CA LEU A 247 17.04 35.22 19.29
C LEU A 247 17.01 33.80 19.82
N ARG A 248 16.86 32.82 18.92
CA ARG A 248 16.83 31.44 19.36
C ARG A 248 18.22 30.84 19.56
N THR A 249 19.26 31.63 19.28
CA THR A 249 20.65 31.20 19.48
C THR A 249 21.02 31.75 20.83
N LEU A 250 20.50 32.93 21.15
CA LEU A 250 20.78 33.57 22.42
C LEU A 250 19.99 32.88 23.49
N GLN A 251 18.74 32.58 23.18
CA GLN A 251 17.88 31.91 24.12
C GLN A 251 18.51 30.60 24.56
N ARG A 252 18.82 29.74 23.61
CA ARG A 252 19.42 28.47 23.97
C ARG A 252 20.62 28.57 24.90
N GLU A 253 21.53 29.49 24.63
CA GLU A 253 22.69 29.63 25.52
C GLU A 253 22.32 30.37 26.83
N LEU A 254 21.32 31.24 26.78
CA LEU A 254 20.90 32.00 27.95
C LEU A 254 20.18 31.17 28.97
N LEU A 255 19.19 30.38 28.53
CA LEU A 255 18.44 29.50 29.43
C LEU A 255 19.40 28.48 29.99
N LEU A 256 20.42 28.10 29.22
CA LEU A 256 21.44 27.16 29.70
C LEU A 256 22.21 27.78 30.84
N LEU A 257 22.50 29.07 30.74
CA LEU A 257 23.20 29.67 31.85
C LEU A 257 22.28 29.69 33.07
N VAL A 258 20.99 29.93 32.83
CA VAL A 258 20.05 30.00 33.93
C VAL A 258 20.07 28.74 34.74
N ASN A 259 19.98 27.59 34.08
CA ASN A 259 19.97 26.31 34.77
C ASN A 259 21.26 26.00 35.48
N LEU A 260 22.37 26.38 34.89
CA LEU A 260 23.66 26.14 35.48
C LEU A 260 23.93 27.02 36.69
N LYS A 261 23.70 28.32 36.58
CA LYS A 261 23.95 29.23 37.70
C LYS A 261 23.08 28.81 38.87
N ARG A 262 21.96 28.16 38.53
CA ARG A 262 21.01 27.69 39.51
C ARG A 262 21.51 26.49 40.26
N GLN A 263 22.46 25.81 39.63
CA GLN A 263 23.05 24.63 40.22
C GLN A 263 24.48 24.83 40.70
N SER A 264 24.58 25.64 41.74
CA SER A 264 25.82 25.92 42.45
C SER A 264 25.40 25.34 43.81
N ALA A 265 26.18 24.37 44.27
CA ALA A 265 25.94 23.64 45.51
C ALA A 265 25.05 22.45 45.16
N HIS A 266 24.67 22.35 43.88
CA HIS A 266 23.83 21.25 43.42
C HIS A 266 24.81 20.19 42.94
N THR A 267 25.91 20.67 42.36
CA THR A 267 26.96 19.81 41.83
C THR A 267 28.06 20.73 41.33
N PRO A 268 29.33 20.41 41.61
CA PRO A 268 30.43 21.26 41.14
C PRO A 268 30.41 21.39 39.62
N LEU A 269 30.56 22.63 39.17
CA LEU A 269 30.57 23.03 37.75
C LEU A 269 31.00 21.95 36.77
N ARG A 270 32.06 21.24 37.14
CA ARG A 270 32.65 20.16 36.35
C ARG A 270 31.66 19.17 35.73
N ALA A 271 31.08 18.31 36.59
CA ALA A 271 30.13 17.28 36.16
C ALA A 271 28.88 17.81 35.49
N LEU A 272 28.49 19.03 35.85
CA LEU A 272 27.29 19.66 35.31
C LEU A 272 27.39 19.88 33.80
N PHE A 273 28.55 20.35 33.35
CA PHE A 273 28.83 20.61 31.95
C PHE A 273 28.69 19.35 31.10
N ASP A 274 29.20 18.24 31.63
CA ASP A 274 29.14 16.94 30.97
C ASP A 274 27.68 16.63 30.81
N LYS A 275 26.95 16.78 31.91
CA LYS A 275 25.53 16.52 31.97
C LYS A 275 24.72 17.23 30.91
N HIS A 276 25.10 18.47 30.61
CA HIS A 276 24.40 19.24 29.61
C HIS A 276 24.92 19.05 28.18
N ARG A 277 26.02 18.31 28.06
CA ARG A 277 26.63 17.96 26.77
C ARG A 277 26.95 19.04 25.74
N VAL A 278 27.22 20.27 26.19
CA VAL A 278 27.58 21.35 25.27
C VAL A 278 29.00 21.83 25.57
N TRP A 279 29.42 21.60 26.83
CA TRP A 279 30.77 21.92 27.34
C TRP A 279 31.81 21.34 26.36
N GLN A 280 32.19 22.02 25.29
CA GLN A 280 33.14 21.32 24.37
C GLN A 280 34.47 21.87 24.11
N ASN A 281 34.85 23.08 24.43
CA ASN A 281 35.82 24.00 25.02
C ASN A 281 35.11 25.08 25.82
N ARG A 282 33.90 25.37 25.40
CA ARG A 282 33.10 26.48 25.94
C ARG A 282 33.19 26.70 27.45
N ARG A 283 33.82 25.61 27.98
CA ARG A 283 34.23 25.48 29.32
C ARG A 283 35.69 25.76 29.64
N GLY A 284 35.52 26.92 30.19
CA GLY A 284 36.09 28.07 30.89
C GLY A 284 35.38 29.38 30.60
N MET A 285 34.85 29.47 29.39
CA MET A 285 34.12 30.62 28.89
C MET A 285 32.73 30.67 29.51
N MET A 286 32.05 29.52 29.52
CA MET A 286 30.72 29.38 30.12
C MET A 286 30.80 29.68 31.60
N GLY A 287 31.84 29.17 32.23
CA GLY A 287 32.02 29.39 33.66
C GLY A 287 32.48 30.80 33.94
N GLU A 288 33.17 31.40 32.98
CA GLU A 288 33.66 32.75 33.17
C GLU A 288 32.41 33.60 33.21
N ALA A 289 31.44 33.21 32.38
CA ALA A 289 30.16 33.89 32.29
C ALA A 289 29.41 33.76 33.60
N LEU A 290 29.28 32.51 34.04
CA LEU A 290 28.58 32.21 35.28
C LEU A 290 29.16 32.99 36.43
N ASN A 291 30.47 33.20 36.43
CA ASN A 291 31.09 33.90 37.55
C ASN A 291 30.88 35.40 37.69
N ARG A 292 30.50 36.08 36.63
CA ARG A 292 30.28 37.50 36.81
C ARG A 292 28.87 37.96 36.51
N LEU A 293 27.99 37.04 36.17
CA LEU A 293 26.58 37.37 35.92
C LEU A 293 25.83 36.93 37.17
N SER A 294 25.12 37.87 37.80
CA SER A 294 24.39 37.54 39.02
C SER A 294 23.09 36.87 38.68
N GLN A 295 22.64 36.03 39.62
CA GLN A 295 21.42 35.27 39.51
C GLN A 295 20.35 36.18 38.96
N THR A 296 20.35 37.42 39.45
CA THR A 296 19.38 38.43 39.00
C THR A 296 19.65 39.02 37.60
N GLN A 297 20.91 39.21 37.25
CA GLN A 297 21.20 39.77 35.91
C GLN A 297 20.58 38.83 34.92
N LEU A 298 20.96 37.57 35.06
CA LEU A 298 20.53 36.52 34.19
C LEU A 298 19.03 36.58 33.99
N ARG A 299 18.32 36.92 35.06
CA ARG A 299 16.88 37.00 34.99
C ARG A 299 16.42 38.12 34.07
N GLN A 300 16.91 39.32 34.34
CA GLN A 300 16.55 40.52 33.58
C GLN A 300 16.74 40.30 32.10
N ALA A 301 17.83 39.62 31.78
CA ALA A 301 18.15 39.32 30.42
C ALA A 301 17.10 38.42 29.83
N VAL A 302 16.38 37.68 30.68
CA VAL A 302 15.35 36.80 30.19
C VAL A 302 14.06 37.54 29.87
N GLN A 303 13.80 38.64 30.56
CA GLN A 303 12.59 39.45 30.33
C GLN A 303 12.73 40.15 29.00
N LEU A 304 13.90 40.76 28.80
CA LEU A 304 14.20 41.50 27.59
C LEU A 304 14.02 40.60 26.41
N LEU A 305 14.67 39.45 26.45
CA LEU A 305 14.60 38.48 25.38
C LEU A 305 13.15 38.15 25.12
N THR A 306 12.34 38.09 26.18
CA THR A 306 10.91 37.78 26.03
C THR A 306 10.13 38.91 25.34
N ARG A 307 10.31 40.15 25.78
CA ARG A 307 9.62 41.29 25.17
C ARG A 307 9.94 41.23 23.69
N THR A 308 11.23 41.27 23.39
CA THR A 308 11.74 41.20 22.04
C THR A 308 11.05 40.07 21.30
N GLU A 309 10.98 38.90 21.93
CA GLU A 309 10.36 37.73 21.32
C GLU A 309 8.90 37.97 20.96
N LEU A 310 8.25 38.84 21.74
CA LEU A 310 6.86 39.19 21.48
C LEU A 310 6.74 40.40 20.55
N THR A 311 7.56 41.42 20.81
CA THR A 311 7.62 42.64 20.02
C THR A 311 7.85 42.26 18.57
N LEU A 312 8.65 41.22 18.37
CA LEU A 312 8.96 40.70 17.04
C LEU A 312 7.82 39.86 16.50
N LYS A 313 6.89 39.46 17.35
CA LYS A 313 5.81 38.62 16.88
C LYS A 313 4.41 39.21 17.04
N GLN A 314 4.32 40.42 17.62
CA GLN A 314 3.05 41.09 17.85
C GLN A 314 2.81 42.22 16.85
N ASP A 315 3.87 43.12 16.70
CA ASP A 315 3.77 44.08 15.54
C ASP A 315 4.33 43.52 14.25
N TYR A 316 5.08 42.40 14.39
CA TYR A 316 5.69 41.68 13.26
C TYR A 316 6.41 42.62 12.31
N GLY A 317 7.38 43.32 12.89
CA GLY A 317 8.20 44.29 12.20
C GLY A 317 8.42 45.57 13.01
N GLN A 318 8.87 45.46 14.28
CA GLN A 318 9.13 46.62 15.17
C GLN A 318 10.61 46.97 15.41
N SER A 319 11.47 46.55 14.50
CA SER A 319 12.94 46.76 14.60
C SER A 319 13.60 46.28 15.87
N VAL A 320 13.49 44.97 15.96
CA VAL A 320 14.02 44.17 17.07
C VAL A 320 15.50 44.42 17.16
N TRP A 321 16.19 44.64 16.03
CA TRP A 321 17.63 44.88 16.12
C TRP A 321 18.03 45.80 17.26
N ALA A 322 17.25 46.87 17.43
CA ALA A 322 17.51 47.82 18.49
C ALA A 322 17.62 47.09 19.82
N GLU A 323 16.59 46.31 20.13
CA GLU A 323 16.54 45.56 21.37
C GLU A 323 17.69 44.57 21.50
N LEU A 324 18.15 44.02 20.38
CA LEU A 324 19.26 43.06 20.40
C LEU A 324 20.51 43.78 20.84
N GLU A 325 20.60 45.04 20.49
CA GLU A 325 21.72 45.88 20.87
C GLU A 325 21.60 46.09 22.37
N GLY A 326 20.41 46.49 22.79
CA GLY A 326 20.15 46.72 24.20
C GLY A 326 20.33 45.47 25.03
N LEU A 327 20.03 44.32 24.43
CA LEU A 327 20.14 43.04 25.13
C LEU A 327 21.60 42.67 25.34
N SER A 328 22.40 42.86 24.29
CA SER A 328 23.83 42.54 24.35
C SER A 328 24.55 43.39 25.37
N LEU A 329 23.94 44.53 25.70
CA LEU A 329 24.51 45.45 26.67
C LEU A 329 24.23 45.02 28.11
N LEU A 330 23.16 44.28 28.33
CA LEU A 330 22.81 43.82 29.67
C LEU A 330 23.70 42.69 30.16
N LEU A 331 24.20 41.89 29.23
CA LEU A 331 25.04 40.75 29.59
C LEU A 331 26.48 41.12 29.91
N CYS A 332 26.76 42.42 30.03
CA CYS A 332 28.13 42.87 30.33
C CYS A 332 28.20 43.87 31.50
N HIS A 333 27.11 44.62 31.73
CA HIS A 333 27.07 45.63 32.79
C HIS A 333 25.97 45.36 33.82
N LYS A 334 26.20 45.72 35.08
CA LYS A 334 25.21 45.51 36.14
C LYS A 334 23.99 46.39 35.89
N PRO A 335 22.78 45.80 35.94
CA PRO A 335 21.53 46.55 35.70
C PRO A 335 20.89 47.07 36.96
N LEU A 336 19.83 47.85 36.76
CA LEU A 336 19.03 48.43 37.85
C LEU A 336 17.59 47.91 37.84
N ALA A 337 16.77 48.35 38.79
CA ALA A 337 15.38 47.91 38.89
C ALA A 337 14.40 48.87 38.21
N ASP A 338 14.83 49.45 37.09
CA ASP A 338 14.02 50.41 36.35
C ASP A 338 13.61 49.87 34.99
N VAL B 5 19.12 55.19 -15.15
CA VAL B 5 19.48 55.68 -13.80
C VAL B 5 20.94 55.37 -13.46
N LEU B 6 21.44 56.00 -12.40
CA LEU B 6 22.83 55.81 -12.00
C LEU B 6 23.25 54.36 -11.85
N ALA B 7 22.41 53.55 -11.21
CA ALA B 7 22.70 52.14 -10.98
C ALA B 7 23.06 51.36 -12.25
N ARG B 8 22.29 51.55 -13.32
CA ARG B 8 22.54 50.85 -14.57
C ARG B 8 23.73 51.47 -15.29
N LYS B 9 23.82 52.80 -15.24
CA LYS B 9 24.92 53.48 -15.91
C LYS B 9 26.27 53.17 -15.29
N TRP B 10 26.31 53.01 -13.98
CA TRP B 10 27.58 52.74 -13.31
C TRP B 10 27.83 51.30 -12.88
N ARG B 11 27.23 50.37 -13.62
CA ARG B 11 27.42 48.96 -13.34
C ARG B 11 28.88 48.65 -13.67
N PRO B 12 29.59 47.94 -12.79
CA PRO B 12 30.99 47.61 -13.03
C PRO B 12 31.23 46.93 -14.40
N GLN B 13 32.21 47.45 -15.14
CA GLN B 13 32.56 46.93 -16.45
C GLN B 13 33.90 46.20 -16.42
N THR B 14 34.61 46.36 -15.30
CA THR B 14 35.91 45.72 -15.09
C THR B 14 36.01 45.42 -13.60
N PHE B 15 36.88 44.50 -13.20
CA PHE B 15 37.04 44.17 -11.80
C PHE B 15 37.50 45.40 -11.02
N ALA B 16 38.24 46.26 -11.70
CA ALA B 16 38.76 47.49 -11.09
C ALA B 16 37.65 48.48 -10.76
N ASP B 17 36.50 48.36 -11.43
CA ASP B 17 35.38 49.26 -11.16
C ASP B 17 34.55 48.79 -9.97
N VAL B 18 34.78 47.56 -9.51
CA VAL B 18 34.03 47.01 -8.38
C VAL B 18 34.46 47.59 -7.04
N VAL B 19 33.49 47.98 -6.22
CA VAL B 19 33.77 48.53 -4.91
C VAL B 19 33.86 47.45 -3.83
N GLY B 20 34.97 47.51 -3.12
CA GLY B 20 35.26 46.63 -1.99
C GLY B 20 34.96 45.15 -1.85
N GLN B 21 35.28 44.31 -2.82
CA GLN B 21 35.05 42.89 -2.56
C GLN B 21 36.41 42.27 -2.91
N GLU B 22 37.46 42.94 -2.43
CA GLU B 22 38.85 42.57 -2.68
C GLU B 22 39.19 41.08 -2.60
N HIS B 23 38.89 40.47 -1.47
CA HIS B 23 39.18 39.06 -1.27
C HIS B 23 38.59 38.19 -2.37
N VAL B 24 37.46 38.62 -2.92
CA VAL B 24 36.81 37.87 -3.97
C VAL B 24 37.47 38.19 -5.31
N LEU B 25 37.72 39.47 -5.56
CA LEU B 25 38.32 39.89 -6.82
C LEU B 25 39.74 39.38 -7.00
N THR B 26 40.47 39.28 -5.89
CA THR B 26 41.83 38.79 -5.93
C THR B 26 41.87 37.30 -6.28
N ALA B 27 40.94 36.53 -5.73
CA ALA B 27 40.89 35.10 -6.00
C ALA B 27 40.41 34.80 -7.41
N LEU B 28 39.38 35.52 -7.85
CA LEU B 28 38.87 35.30 -9.21
C LEU B 28 39.92 35.69 -10.24
N ALA B 29 40.62 36.78 -9.99
CA ALA B 29 41.65 37.25 -10.90
C ALA B 29 42.81 36.24 -10.95
N ASN B 30 43.25 35.76 -9.79
CA ASN B 30 44.36 34.82 -9.78
C ASN B 30 43.96 33.57 -10.58
N GLY B 31 42.78 33.04 -10.31
CA GLY B 31 42.31 31.87 -11.04
C GLY B 31 42.22 32.11 -12.52
N LEU B 32 41.59 33.22 -12.92
CA LEU B 32 41.45 33.55 -14.33
C LEU B 32 42.82 33.72 -15.01
N SER B 33 43.70 34.51 -14.41
CA SER B 33 45.01 34.75 -14.99
C SER B 33 45.85 33.49 -15.19
N LEU B 34 45.71 32.51 -14.29
CA LEU B 34 46.48 31.28 -14.43
C LEU B 34 45.74 30.15 -15.14
N GLY B 35 44.61 30.47 -15.76
CA GLY B 35 43.83 29.47 -16.46
C GLY B 35 43.32 28.34 -15.58
N ARG B 36 43.04 28.66 -14.33
CA ARG B 36 42.53 27.66 -13.38
C ARG B 36 41.03 27.92 -13.23
N ILE B 37 40.21 27.29 -14.06
CA ILE B 37 38.78 27.53 -14.00
C ILE B 37 37.95 26.38 -13.46
N HIS B 38 37.18 26.66 -12.42
CA HIS B 38 36.34 25.65 -11.82
C HIS B 38 35.06 25.62 -12.64
N HIS B 39 34.26 24.57 -12.46
CA HIS B 39 33.02 24.42 -13.20
C HIS B 39 31.83 25.22 -12.68
N ALA B 40 31.88 25.61 -11.42
CA ALA B 40 30.76 26.36 -10.86
C ALA B 40 31.20 27.33 -9.80
N TYR B 41 30.64 28.53 -9.85
CA TYR B 41 30.96 29.57 -8.88
C TYR B 41 29.69 29.99 -8.16
N LEU B 42 29.83 30.25 -6.86
CA LEU B 42 28.71 30.67 -6.06
C LEU B 42 29.04 32.00 -5.40
N PHE B 43 28.17 32.98 -5.59
CA PHE B 43 28.35 34.29 -5.01
C PHE B 43 27.20 34.53 -4.04
N SER B 44 27.52 34.69 -2.77
CA SER B 44 26.50 34.94 -1.78
C SER B 44 26.73 36.31 -1.14
N GLY B 45 25.72 36.77 -0.42
CA GLY B 45 25.79 38.07 0.23
C GLY B 45 24.44 38.75 0.20
N THR B 46 24.31 39.84 0.95
CA THR B 46 23.06 40.54 0.99
C THR B 46 22.74 41.25 -0.31
N ARG B 47 21.94 42.29 -0.17
CA ARG B 47 21.46 43.08 -1.29
C ARG B 47 22.35 44.18 -1.86
N GLY B 48 22.40 44.22 -3.19
CA GLY B 48 23.16 45.24 -3.87
C GLY B 48 24.60 45.42 -3.41
N VAL B 49 25.28 44.31 -3.17
CA VAL B 49 26.68 44.37 -2.75
C VAL B 49 27.62 44.04 -3.91
N GLY B 50 27.05 43.57 -5.02
CA GLY B 50 27.86 43.27 -6.19
C GLY B 50 27.93 41.85 -6.69
N LYS B 51 27.01 40.99 -6.26
CA LYS B 51 27.02 39.59 -6.71
C LYS B 51 26.86 39.39 -8.22
N THR B 52 25.82 39.98 -8.78
CA THR B 52 25.55 39.88 -10.20
C THR B 52 26.63 40.60 -11.00
N SER B 53 27.08 41.75 -10.49
CA SER B 53 28.12 42.50 -11.18
C SER B 53 29.36 41.63 -11.38
N ILE B 54 29.82 41.03 -10.28
CA ILE B 54 31.00 40.20 -10.33
C ILE B 54 30.75 38.94 -11.16
N ALA B 55 29.60 38.31 -11.01
CA ALA B 55 29.31 37.12 -11.84
C ALA B 55 29.39 37.51 -13.32
N ARG B 56 28.81 38.67 -13.66
CA ARG B 56 28.80 39.14 -15.04
C ARG B 56 30.21 39.42 -15.58
N LEU B 57 31.08 39.99 -14.75
CA LEU B 57 32.44 40.26 -15.17
C LEU B 57 33.17 38.92 -15.38
N LEU B 58 32.93 37.96 -14.49
CA LEU B 58 33.57 36.66 -14.64
C LEU B 58 33.16 36.04 -15.98
N ALA B 59 31.88 36.07 -16.30
CA ALA B 59 31.40 35.51 -17.56
C ALA B 59 32.11 36.26 -18.69
N LYS B 60 32.27 37.55 -18.50
CA LYS B 60 32.92 38.41 -19.48
C LYS B 60 34.40 38.02 -19.61
N GLY B 61 35.07 37.79 -18.48
CA GLY B 61 36.48 37.41 -18.52
C GLY B 61 36.71 36.04 -19.14
N LEU B 62 35.71 35.17 -19.00
CA LEU B 62 35.76 33.81 -19.54
C LEU B 62 35.56 33.71 -21.06
N ASN B 63 34.76 34.62 -21.62
CA ASN B 63 34.45 34.58 -23.05
C ASN B 63 35.04 35.68 -23.92
N CYS B 64 35.88 36.53 -23.34
CA CYS B 64 36.48 37.60 -24.10
C CYS B 64 37.25 37.02 -25.29
N GLU B 65 37.04 37.58 -26.47
CA GLU B 65 37.71 37.14 -27.69
C GLU B 65 39.22 37.24 -27.56
N THR B 66 39.65 38.19 -26.74
CA THR B 66 41.05 38.43 -26.50
C THR B 66 41.71 37.23 -25.82
N GLY B 67 40.91 36.44 -25.11
CA GLY B 67 41.37 35.27 -24.40
C GLY B 67 40.82 35.23 -22.97
N ILE B 68 40.99 34.11 -22.28
CA ILE B 68 40.49 33.99 -20.89
C ILE B 68 41.31 34.96 -20.06
N THR B 69 40.67 36.01 -19.58
CA THR B 69 41.39 37.02 -18.84
C THR B 69 40.66 37.60 -17.64
N ALA B 70 41.43 38.13 -16.70
CA ALA B 70 40.87 38.77 -15.52
C ALA B 70 40.60 40.22 -15.87
N THR B 71 40.90 40.59 -17.12
CA THR B 71 40.66 41.94 -17.61
C THR B 71 39.95 41.95 -18.98
N PRO B 72 38.66 41.59 -19.03
CA PRO B 72 37.96 41.60 -20.32
C PRO B 72 38.25 42.91 -21.05
N CYS B 73 38.51 42.85 -22.35
CA CYS B 73 38.82 44.07 -23.10
C CYS B 73 37.67 45.07 -23.09
N GLY B 74 36.44 44.55 -23.12
CA GLY B 74 35.28 45.42 -23.10
C GLY B 74 34.85 45.99 -24.44
N VAL B 75 35.59 45.71 -25.50
CA VAL B 75 35.24 46.25 -26.81
C VAL B 75 34.97 45.20 -27.88
N CYS B 76 35.27 43.94 -27.59
CA CYS B 76 35.02 42.89 -28.57
C CYS B 76 33.52 42.60 -28.55
N ASP B 77 33.04 41.92 -29.58
CA ASP B 77 31.62 41.62 -29.65
C ASP B 77 31.10 40.79 -28.48
N ASN B 78 31.86 39.79 -28.04
CA ASN B 78 31.43 38.97 -26.91
C ASN B 78 31.24 39.87 -25.70
N CYS B 79 32.22 40.73 -25.42
CA CYS B 79 32.12 41.65 -24.29
C CYS B 79 30.95 42.62 -24.40
N ARG B 80 30.74 43.21 -25.58
CA ARG B 80 29.64 44.16 -25.75
C ARG B 80 28.29 43.48 -25.56
N GLU B 81 28.12 42.31 -26.18
CA GLU B 81 26.87 41.57 -26.09
C GLU B 81 26.54 41.12 -24.65
N ILE B 82 27.54 40.67 -23.91
CA ILE B 82 27.32 40.25 -22.54
C ILE B 82 26.79 41.46 -21.77
N GLU B 83 27.43 42.59 -22.03
CA GLU B 83 27.09 43.88 -21.42
C GLU B 83 25.61 44.21 -21.65
N GLN B 84 25.18 44.04 -22.91
CA GLN B 84 23.80 44.30 -23.34
C GLN B 84 22.84 43.21 -22.86
N GLY B 85 23.38 42.08 -22.42
CA GLY B 85 22.53 41.01 -21.97
C GLY B 85 21.97 40.27 -23.17
N ARG B 86 22.61 40.45 -24.32
CA ARG B 86 22.17 39.79 -25.53
C ARG B 86 23.22 38.85 -26.10
N PHE B 87 23.95 38.18 -25.22
CA PHE B 87 24.99 37.25 -25.64
C PHE B 87 24.41 35.83 -25.65
N VAL B 88 24.47 35.17 -26.80
CA VAL B 88 23.93 33.82 -26.94
C VAL B 88 24.51 32.78 -25.97
N ASP B 89 25.73 33.00 -25.48
CA ASP B 89 26.33 32.01 -24.59
C ASP B 89 26.33 32.39 -23.10
N LEU B 90 25.54 33.39 -22.75
CA LEU B 90 25.38 33.79 -21.36
C LEU B 90 23.89 33.64 -21.11
N ILE B 91 23.47 32.50 -20.58
CA ILE B 91 22.06 32.26 -20.31
C ILE B 91 21.71 32.66 -18.90
N GLU B 92 20.97 33.76 -18.76
CA GLU B 92 20.55 34.26 -17.46
C GLU B 92 19.25 33.62 -16.98
N ILE B 93 19.29 33.03 -15.79
CA ILE B 93 18.10 32.39 -15.22
C ILE B 93 17.75 33.07 -13.89
N ASP B 94 16.48 33.40 -13.73
CA ASP B 94 16.02 34.05 -12.51
C ASP B 94 15.09 33.12 -11.75
N ALA B 95 15.64 32.42 -10.76
CA ALA B 95 14.87 31.48 -9.96
C ALA B 95 13.79 32.17 -9.13
N ALA B 96 13.98 33.45 -8.85
CA ALA B 96 13.02 34.21 -8.05
C ALA B 96 11.81 34.73 -8.83
N SER B 97 11.81 34.59 -10.14
CA SER B 97 10.70 35.09 -10.96
C SER B 97 9.46 34.18 -11.04
N ARG B 98 8.30 34.74 -10.73
CA ARG B 98 7.05 34.01 -10.76
C ARG B 98 6.62 33.79 -12.21
N THR B 99 7.13 34.63 -13.10
CA THR B 99 6.78 34.59 -14.51
C THR B 99 7.60 33.66 -15.39
N LYS B 100 8.84 33.43 -15.03
CA LYS B 100 9.71 32.58 -15.84
C LYS B 100 9.90 31.19 -15.26
N VAL B 101 8.89 30.70 -14.56
CA VAL B 101 9.00 29.38 -13.94
C VAL B 101 9.21 28.22 -14.89
N GLU B 102 8.54 28.26 -16.04
CA GLU B 102 8.69 27.19 -17.00
C GLU B 102 10.05 27.30 -17.66
N ASP B 103 10.38 28.48 -18.17
CA ASP B 103 11.68 28.67 -18.83
C ASP B 103 12.83 28.27 -17.91
N THR B 104 12.68 28.57 -16.62
CA THR B 104 13.70 28.22 -15.62
C THR B 104 13.85 26.71 -15.60
N ARG B 105 12.72 26.04 -15.48
CA ARG B 105 12.67 24.59 -15.42
C ARG B 105 13.21 23.94 -16.71
N ASP B 106 12.75 24.41 -17.87
CA ASP B 106 13.18 23.84 -19.15
C ASP B 106 14.66 24.00 -19.46
N LEU B 107 15.17 25.22 -19.35
CA LEU B 107 16.57 25.51 -19.63
C LEU B 107 17.49 24.62 -18.79
N LEU B 108 17.13 24.39 -17.54
CA LEU B 108 17.93 23.56 -16.65
C LEU B 108 17.82 22.08 -16.96
N ASP B 109 16.72 21.69 -17.60
CA ASP B 109 16.53 20.29 -17.99
C ASP B 109 17.17 20.06 -19.36
N ASN B 110 17.55 21.14 -20.02
CA ASN B 110 18.14 21.02 -21.35
C ASN B 110 19.40 21.85 -21.53
N VAL B 111 20.42 21.54 -20.75
CA VAL B 111 21.69 22.26 -20.82
C VAL B 111 22.30 22.14 -22.21
N GLN B 112 22.78 23.26 -22.77
CA GLN B 112 23.39 23.26 -24.09
C GLN B 112 24.91 23.06 -23.90
N TYR B 113 25.36 21.83 -24.07
CA TYR B 113 26.76 21.45 -23.89
C TYR B 113 27.84 22.06 -24.79
N ALA B 114 27.43 22.64 -25.91
CA ALA B 114 28.40 23.25 -26.82
C ALA B 114 28.05 24.71 -27.06
N PRO B 115 28.96 25.63 -26.69
CA PRO B 115 28.73 27.06 -26.89
C PRO B 115 28.52 27.31 -28.37
N ALA B 116 27.71 28.31 -28.72
CA ALA B 116 27.45 28.62 -30.11
C ALA B 116 28.43 29.65 -30.63
N ARG B 117 28.87 30.55 -29.75
CA ARG B 117 29.78 31.62 -30.15
C ARG B 117 31.07 31.70 -29.32
N GLY B 118 30.94 31.86 -28.01
CA GLY B 118 32.10 31.96 -27.14
C GLY B 118 32.70 30.62 -26.82
N ARG B 119 33.84 30.61 -26.13
CA ARG B 119 34.49 29.35 -25.80
C ARG B 119 33.76 28.56 -24.70
N PHE B 120 32.90 29.24 -23.96
CA PHE B 120 32.14 28.60 -22.89
C PHE B 120 30.66 28.94 -22.98
N LYS B 121 29.82 28.00 -22.54
CA LYS B 121 28.38 28.21 -22.49
C LYS B 121 28.21 28.54 -21.01
N VAL B 122 27.82 29.77 -20.71
CA VAL B 122 27.66 30.20 -19.34
C VAL B 122 26.24 30.37 -18.83
N TYR B 123 25.96 29.78 -17.68
CA TYR B 123 24.64 29.92 -17.05
C TYR B 123 24.80 30.76 -15.79
N LEU B 124 24.02 31.81 -15.69
CA LEU B 124 24.05 32.66 -14.52
C LEU B 124 22.66 32.55 -13.86
N ILE B 125 22.62 31.99 -12.65
CA ILE B 125 21.35 31.79 -11.96
C ILE B 125 21.23 32.68 -10.74
N ASP B 126 20.26 33.61 -10.80
CA ASP B 126 19.98 34.56 -9.72
C ASP B 126 19.11 33.89 -8.66
N GLU B 127 19.39 34.18 -7.39
CA GLU B 127 18.66 33.61 -6.25
C GLU B 127 18.46 32.12 -6.47
N VAL B 128 19.55 31.40 -6.67
CA VAL B 128 19.50 29.97 -6.95
C VAL B 128 18.79 29.12 -5.89
N HIS B 129 18.69 29.62 -4.67
CA HIS B 129 18.03 28.86 -3.61
C HIS B 129 16.51 28.80 -3.78
N MET B 130 15.97 29.60 -4.70
CA MET B 130 14.53 29.60 -4.91
C MET B 130 14.08 28.62 -5.99
N LEU B 131 15.01 27.80 -6.47
CA LEU B 131 14.70 26.80 -7.50
C LEU B 131 13.83 25.69 -6.93
N SER B 132 13.05 25.05 -7.79
CA SER B 132 12.19 23.95 -7.35
C SER B 132 13.12 22.79 -6.99
N ARG B 133 12.58 21.80 -6.28
CA ARG B 133 13.37 20.64 -5.92
C ARG B 133 13.75 19.90 -7.20
N HIS B 134 12.84 19.92 -8.16
CA HIS B 134 13.07 19.28 -9.44
C HIS B 134 14.34 19.85 -10.08
N SER B 135 14.41 21.17 -10.19
CA SER B 135 15.56 21.82 -10.80
C SER B 135 16.85 21.66 -9.99
N PHE B 136 16.73 21.66 -8.66
CA PHE B 136 17.91 21.49 -7.84
C PHE B 136 18.61 20.22 -8.30
N ASN B 137 17.85 19.13 -8.38
CA ASN B 137 18.41 17.85 -8.80
C ASN B 137 18.90 17.89 -10.23
N ALA B 138 18.23 18.65 -11.08
CA ALA B 138 18.69 18.76 -12.46
C ALA B 138 20.08 19.40 -12.40
N LEU B 139 20.21 20.48 -11.65
CA LEU B 139 21.47 21.19 -11.49
C LEU B 139 22.55 20.30 -10.85
N LEU B 140 22.21 19.66 -9.74
CA LEU B 140 23.12 18.77 -9.04
C LEU B 140 23.75 17.81 -10.07
N LYS B 141 22.86 17.08 -10.74
CA LYS B 141 23.22 16.10 -11.77
C LYS B 141 24.25 16.65 -12.75
N THR B 142 24.07 17.89 -13.19
CA THR B 142 25.00 18.53 -14.12
C THR B 142 26.32 18.87 -13.42
N LEU B 143 26.23 19.31 -12.16
CA LEU B 143 27.41 19.65 -11.38
C LEU B 143 28.21 18.40 -11.00
N GLU B 144 27.53 17.24 -11.01
CA GLU B 144 28.16 15.95 -10.68
C GLU B 144 28.87 15.37 -11.88
N GLU B 145 28.30 15.61 -13.06
CA GLU B 145 28.91 15.16 -14.29
C GLU B 145 29.17 16.40 -15.17
N PRO B 146 30.08 17.33 -14.72
CA PRO B 146 30.55 18.61 -15.30
C PRO B 146 30.77 18.73 -16.78
N PRO B 147 29.75 19.17 -17.50
CA PRO B 147 29.91 19.31 -18.94
C PRO B 147 31.06 20.26 -19.18
N GLU B 148 31.98 19.93 -20.08
CA GLU B 148 33.00 20.90 -20.35
C GLU B 148 32.41 21.92 -21.35
N HIS B 149 32.99 23.11 -21.36
CA HIS B 149 32.49 24.19 -22.18
C HIS B 149 31.29 24.85 -21.51
N VAL B 150 30.82 24.32 -20.38
CA VAL B 150 29.69 24.88 -19.66
C VAL B 150 30.06 25.27 -18.22
N LYS B 151 29.83 26.53 -17.86
CA LYS B 151 30.12 27.02 -16.51
C LYS B 151 28.87 27.54 -15.82
N PHE B 152 28.75 27.28 -14.53
CA PHE B 152 27.60 27.72 -13.74
C PHE B 152 28.01 28.77 -12.73
N LEU B 153 27.40 29.95 -12.83
CA LEU B 153 27.67 31.06 -11.92
C LEU B 153 26.39 31.31 -11.16
N LEU B 154 26.38 30.90 -9.90
CA LEU B 154 25.21 31.04 -9.04
C LEU B 154 25.33 32.22 -8.11
N ALA B 155 24.18 32.82 -7.79
CA ALA B 155 24.13 33.95 -6.89
C ALA B 155 23.00 33.69 -5.91
N THR B 156 23.17 34.16 -4.69
CA THR B 156 22.14 33.98 -3.69
C THR B 156 22.38 34.75 -2.42
N THR B 157 21.29 35.18 -1.80
CA THR B 157 21.35 35.91 -0.54
C THR B 157 21.22 34.94 0.61
N ASP B 158 20.95 33.68 0.29
CA ASP B 158 20.73 32.66 1.35
C ASP B 158 21.35 31.30 0.99
N PRO B 159 22.69 31.22 1.01
CA PRO B 159 23.39 29.96 0.67
C PRO B 159 22.86 28.74 1.45
N GLN B 160 22.58 28.98 2.73
CA GLN B 160 22.10 27.92 3.59
C GLN B 160 20.81 27.25 3.09
N LYS B 161 19.94 28.00 2.41
CA LYS B 161 18.68 27.43 1.89
C LYS B 161 18.98 26.45 0.77
N LEU B 162 20.23 26.41 0.33
CA LEU B 162 20.66 25.52 -0.74
C LEU B 162 21.09 24.12 -0.30
N PRO B 163 20.75 23.09 -1.11
CA PRO B 163 21.13 21.71 -0.78
C PRO B 163 22.65 21.65 -0.68
N VAL B 164 23.16 21.10 0.43
CA VAL B 164 24.61 21.02 0.62
C VAL B 164 25.34 20.23 -0.45
N THR B 165 24.61 19.42 -1.19
CA THR B 165 25.20 18.63 -2.27
C THR B 165 25.63 19.55 -3.40
N ILE B 166 24.88 20.63 -3.59
CA ILE B 166 25.18 21.60 -4.63
C ILE B 166 26.19 22.61 -4.13
N LEU B 167 25.94 23.19 -2.97
CA LEU B 167 26.86 24.16 -2.41
C LEU B 167 28.27 23.60 -2.42
N SER B 168 28.40 22.32 -2.07
CA SER B 168 29.69 21.63 -2.03
C SER B 168 30.39 21.51 -3.37
N ARG B 169 29.65 21.67 -4.46
CA ARG B 169 30.25 21.58 -5.79
C ARG B 169 30.64 22.91 -6.39
N CYS B 170 30.49 23.99 -5.62
CA CYS B 170 30.82 25.31 -6.13
C CYS B 170 32.01 25.93 -5.42
N LEU B 171 32.57 26.96 -6.03
CA LEU B 171 33.65 27.70 -5.43
C LEU B 171 32.80 28.82 -4.84
N GLN B 172 32.76 28.91 -3.51
CA GLN B 172 31.94 29.89 -2.83
C GLN B 172 32.63 31.19 -2.46
N PHE B 173 32.00 32.30 -2.79
CA PHE B 173 32.56 33.60 -2.48
C PHE B 173 31.49 34.36 -1.71
N HIS B 174 31.89 34.84 -0.55
CA HIS B 174 30.98 35.58 0.34
C HIS B 174 31.21 37.07 0.19
N LEU B 175 30.26 37.78 -0.41
CA LEU B 175 30.41 39.23 -0.55
C LEU B 175 29.92 39.90 0.73
N LYS B 176 30.59 40.98 1.10
CA LYS B 176 30.24 41.73 2.31
C LYS B 176 29.41 42.95 2.00
N ALA B 177 28.61 43.38 2.96
CA ALA B 177 27.83 44.58 2.76
C ALA B 177 28.87 45.65 2.70
N LEU B 178 28.52 46.84 2.37
CA LEU B 178 29.60 47.71 2.34
C LEU B 178 29.65 48.62 3.55
N ASP B 179 30.85 49.06 3.87
CA ASP B 179 31.16 50.00 4.95
C ASP B 179 30.56 51.35 4.57
N VAL B 180 29.94 52.04 5.51
CA VAL B 180 29.34 53.35 5.22
C VAL B 180 30.34 54.31 4.62
N GLU B 181 31.54 54.34 5.18
CA GLU B 181 32.60 55.23 4.70
C GLU B 181 33.17 54.72 3.38
N GLN B 182 32.67 53.57 2.94
CA GLN B 182 33.11 52.93 1.69
C GLN B 182 32.20 53.42 0.58
N ILE B 183 30.90 53.48 0.91
CA ILE B 183 29.86 53.93 0.00
C ILE B 183 29.95 55.42 -0.25
N ARG B 184 30.18 56.16 0.82
CA ARG B 184 30.28 57.60 0.72
C ARG B 184 31.40 57.99 -0.22
N HIS B 185 32.55 57.34 -0.11
CA HIS B 185 33.67 57.69 -0.97
C HIS B 185 33.35 57.46 -2.43
N GLN B 186 32.50 56.48 -2.69
CA GLN B 186 32.12 56.12 -4.04
C GLN B 186 31.05 57.05 -4.58
N LEU B 187 30.23 57.62 -3.70
CA LEU B 187 29.18 58.52 -4.11
C LEU B 187 29.83 59.84 -4.49
N GLU B 188 30.76 60.22 -3.65
CA GLU B 188 31.52 61.43 -3.80
C GLU B 188 32.19 61.45 -5.18
N HIS B 189 32.67 60.29 -5.58
CA HIS B 189 33.36 60.16 -6.84
C HIS B 189 32.41 60.20 -8.03
N ILE B 190 31.32 59.46 -7.97
CA ILE B 190 30.39 59.42 -9.09
C ILE B 190 29.85 60.79 -9.44
N LEU B 191 29.43 61.55 -8.42
CA LEU B 191 28.87 62.89 -8.62
C LEU B 191 29.90 63.84 -9.25
N ASN B 192 31.14 63.75 -8.79
CA ASN B 192 32.18 64.56 -9.33
C ASN B 192 32.37 64.31 -10.80
N GLU B 193 32.36 63.03 -11.19
CA GLU B 193 32.53 62.71 -12.59
C GLU B 193 31.32 63.12 -13.41
N GLU B 194 30.24 63.43 -12.69
CA GLU B 194 28.96 63.81 -13.27
C GLU B 194 28.72 65.28 -13.15
N HIS B 195 29.58 65.97 -12.42
CA HIS B 195 29.46 67.40 -12.24
C HIS B 195 28.12 67.78 -11.61
N ILE B 196 27.69 66.97 -10.63
CA ILE B 196 26.44 67.17 -9.91
C ILE B 196 26.79 67.69 -8.53
N ALA B 197 26.30 68.88 -8.19
CA ALA B 197 26.58 69.52 -6.90
C ALA B 197 26.24 68.71 -5.67
N HIS B 198 27.06 68.78 -4.62
CA HIS B 198 26.79 68.03 -3.39
C HIS B 198 27.48 68.46 -2.08
N GLU B 199 26.75 68.37 -0.99
CA GLU B 199 27.26 68.71 0.35
C GLU B 199 27.67 67.42 1.06
N PRO B 200 28.88 67.40 1.66
CA PRO B 200 29.44 66.25 2.39
C PRO B 200 28.50 65.55 3.36
N ARG B 201 27.62 66.31 4.01
CA ARG B 201 26.68 65.72 4.95
C ARG B 201 25.67 64.94 4.17
N ALA B 202 25.31 65.46 3.00
CA ALA B 202 24.29 64.84 2.16
C ALA B 202 24.62 63.41 1.74
N LEU B 203 25.86 63.18 1.34
CA LEU B 203 26.24 61.85 0.93
C LEU B 203 26.22 60.89 2.08
N GLN B 204 26.48 61.37 3.29
CA GLN B 204 26.47 60.50 4.47
C GLN B 204 25.04 60.09 4.78
N LEU B 205 24.13 61.04 4.71
CA LEU B 205 22.72 60.77 4.97
C LEU B 205 22.15 59.78 3.97
N LEU B 206 22.90 59.57 2.89
CA LEU B 206 22.49 58.63 1.85
C LEU B 206 23.20 57.31 2.13
N ALA B 207 24.50 57.37 2.40
CA ALA B 207 25.31 56.19 2.67
C ALA B 207 24.72 55.40 3.81
N ARG B 208 24.24 56.12 4.82
CA ARG B 208 23.61 55.50 5.96
C ARG B 208 22.35 54.83 5.45
N ALA B 209 21.52 55.60 4.75
CA ALA B 209 20.24 55.13 4.22
C ALA B 209 20.32 53.80 3.49
N ALA B 210 21.09 53.76 2.39
CA ALA B 210 21.27 52.52 1.64
C ALA B 210 21.95 51.60 2.63
N GLU B 211 21.29 50.51 2.98
CA GLU B 211 21.93 49.64 3.95
C GLU B 211 22.95 48.75 3.33
N GLY B 212 24.20 49.19 3.45
CA GLY B 212 25.33 48.44 2.94
C GLY B 212 25.47 48.24 1.44
N SER B 213 24.53 48.71 0.63
CA SER B 213 24.62 48.53 -0.82
C SER B 213 24.61 49.75 -1.73
N LEU B 214 25.52 49.70 -2.69
CA LEU B 214 25.67 50.74 -3.69
C LEU B 214 24.43 50.83 -4.57
N ARG B 215 24.01 49.72 -5.16
CA ARG B 215 22.79 49.66 -6.00
C ARG B 215 21.73 50.56 -5.40
N ASP B 216 21.59 50.48 -4.09
CA ASP B 216 20.59 51.26 -3.43
C ASP B 216 21.01 52.71 -3.28
N ALA B 217 22.25 52.93 -2.89
CA ALA B 217 22.71 54.28 -2.70
C ALA B 217 22.40 55.07 -3.97
N LEU B 218 22.75 54.48 -5.11
CA LEU B 218 22.54 55.10 -6.41
C LEU B 218 21.09 55.46 -6.69
N SER B 219 20.18 54.55 -6.42
CA SER B 219 18.80 54.85 -6.70
C SER B 219 18.31 55.89 -5.72
N LEU B 220 18.86 55.90 -4.51
CA LEU B 220 18.46 56.90 -3.52
C LEU B 220 18.92 58.28 -3.93
N THR B 221 20.13 58.34 -4.48
CA THR B 221 20.73 59.59 -4.92
C THR B 221 20.00 60.09 -6.16
N ASP B 222 19.55 59.15 -6.99
CA ASP B 222 18.80 59.48 -8.21
C ASP B 222 17.52 60.15 -7.86
N GLN B 223 16.92 59.70 -6.76
CA GLN B 223 15.68 60.25 -6.25
C GLN B 223 15.98 61.61 -5.63
N ALA B 224 17.07 61.66 -4.89
CA ALA B 224 17.50 62.89 -4.22
C ALA B 224 17.67 64.00 -5.24
N ILE B 225 18.27 63.66 -6.36
CA ILE B 225 18.50 64.61 -7.42
C ILE B 225 17.15 65.15 -7.88
N ALA B 226 16.27 64.26 -8.32
CA ALA B 226 14.96 64.68 -8.81
C ALA B 226 14.17 65.54 -7.85
N SER B 227 14.42 65.40 -6.55
CA SER B 227 13.67 66.19 -5.58
C SER B 227 14.40 67.46 -5.19
N GLY B 228 15.73 67.44 -5.33
CA GLY B 228 16.52 68.63 -5.02
C GLY B 228 16.72 69.38 -6.31
N ASP B 229 16.06 68.86 -7.35
CA ASP B 229 16.14 69.36 -8.70
C ASP B 229 17.50 69.78 -9.15
N GLY B 230 18.34 68.78 -9.37
CA GLY B 230 19.68 69.04 -9.84
C GLY B 230 20.73 68.88 -8.78
N GLN B 231 20.50 69.42 -7.60
CA GLN B 231 21.49 69.31 -6.54
C GLN B 231 21.20 68.18 -5.59
N VAL B 232 22.22 67.84 -4.82
CA VAL B 232 22.12 66.82 -3.80
C VAL B 232 22.50 67.60 -2.55
N SER B 233 21.48 68.21 -1.95
CA SER B 233 21.62 69.04 -0.75
C SER B 233 21.07 68.33 0.46
N THR B 234 21.63 68.63 1.62
CA THR B 234 21.20 67.96 2.84
C THR B 234 19.69 68.10 3.08
N GLN B 235 19.13 69.23 2.64
CA GLN B 235 17.72 69.48 2.82
C GLN B 235 16.85 68.56 1.98
N ALA B 236 17.13 68.42 0.69
CA ALA B 236 16.34 67.52 -0.18
C ALA B 236 16.55 66.07 0.25
N VAL B 237 17.76 65.79 0.71
CA VAL B 237 18.12 64.45 1.16
C VAL B 237 17.50 64.17 2.54
N SER B 238 17.31 65.23 3.32
CA SER B 238 16.70 65.09 4.63
C SER B 238 15.21 65.21 4.44
N ALA B 239 14.78 65.35 3.20
CA ALA B 239 13.37 65.45 2.88
C ALA B 239 12.77 64.05 2.87
N MET B 240 13.57 63.04 2.59
CA MET B 240 13.05 61.68 2.49
C MET B 240 13.70 60.79 3.45
N LEU B 241 14.88 61.20 3.71
CA LEU B 241 15.61 60.44 4.63
C LEU B 241 15.49 61.08 5.99
N GLY B 242 14.74 60.36 6.84
CA GLY B 242 14.46 60.78 8.23
C GLY B 242 15.79 61.23 8.83
N THR B 243 15.82 62.47 9.38
CA THR B 243 17.09 63.01 9.81
C THR B 243 17.43 62.95 11.31
N LEU B 244 18.75 63.10 11.53
CA LEU B 244 19.27 63.04 12.88
C LEU B 244 19.91 64.31 13.43
N ASP B 245 20.48 65.18 12.59
CA ASP B 245 21.12 66.41 13.11
C ASP B 245 20.13 67.32 13.84
N ASP B 246 18.97 67.50 13.23
CA ASP B 246 17.86 68.33 13.80
C ASP B 246 17.35 67.77 15.17
N ASP B 247 17.80 66.54 15.52
CA ASP B 247 17.36 65.86 16.73
C ASP B 247 18.03 66.23 18.04
N GLN B 248 17.25 66.91 18.85
CA GLN B 248 17.66 67.38 20.15
C GLN B 248 17.62 66.21 21.13
N ALA B 249 17.38 65.02 20.62
CA ALA B 249 17.27 63.83 21.45
C ALA B 249 18.23 63.74 22.63
N LEU B 250 19.40 64.35 22.53
CA LEU B 250 20.31 64.32 23.66
C LEU B 250 20.39 65.74 24.21
N SER B 251 20.23 66.72 23.33
CA SER B 251 20.30 68.13 23.71
C SER B 251 18.99 68.59 24.36
N LEU B 252 18.00 67.72 24.30
CA LEU B 252 16.68 67.97 24.89
C LEU B 252 16.79 67.47 26.34
N VAL B 253 17.46 66.33 26.51
CA VAL B 253 17.66 65.77 27.84
C VAL B 253 18.63 66.69 28.59
N GLU B 254 19.65 67.15 27.90
CA GLU B 254 20.60 68.04 28.54
C GLU B 254 19.79 69.22 29.01
N ALA B 255 19.09 69.85 28.07
CA ALA B 255 18.26 71.00 28.35
C ALA B 255 17.27 70.70 29.48
N MET B 256 16.82 69.45 29.55
CA MET B 256 15.88 69.00 30.58
C MET B 256 16.53 69.04 31.96
N VAL B 257 17.57 68.23 32.14
CA VAL B 257 18.26 68.17 33.43
C VAL B 257 18.94 69.51 33.78
N GLU B 258 19.14 70.40 32.81
CA GLU B 258 19.73 71.74 33.05
C GLU B 258 18.62 72.73 33.45
N ALA B 259 17.36 72.34 33.28
CA ALA B 259 16.21 73.18 33.64
C ALA B 259 15.75 74.47 32.89
N ASN B 260 16.28 74.78 31.71
CA ASN B 260 15.97 76.02 30.97
C ASN B 260 14.88 75.81 29.93
N GLY B 261 13.66 75.70 30.44
CA GLY B 261 12.48 75.44 29.63
C GLY B 261 12.50 76.21 28.33
N GLU B 262 13.05 77.42 28.41
CA GLU B 262 13.17 78.31 27.27
C GLU B 262 13.79 77.50 26.13
N ARG B 263 14.94 76.90 26.40
CA ARG B 263 15.64 76.10 25.42
C ARG B 263 14.84 74.85 25.07
N VAL B 264 14.33 74.17 26.10
CA VAL B 264 13.53 72.93 25.95
C VAL B 264 12.38 73.03 24.97
N MET B 265 11.69 74.17 24.97
CA MET B 265 10.57 74.40 24.07
C MET B 265 11.08 74.80 22.69
N ALA B 266 12.12 75.64 22.68
CA ALA B 266 12.72 76.09 21.43
C ALA B 266 13.16 74.87 20.63
N LEU B 267 13.70 73.88 21.35
CA LEU B 267 14.15 72.65 20.72
C LEU B 267 12.94 71.94 20.11
N ILE B 268 11.90 71.76 20.93
CA ILE B 268 10.68 71.09 20.48
C ILE B 268 9.99 71.74 19.27
N ASN B 269 10.02 73.08 19.21
CA ASN B 269 9.39 73.75 18.08
C ASN B 269 10.26 73.47 16.86
N GLU B 270 11.57 73.52 17.08
CA GLU B 270 12.55 73.30 16.05
C GLU B 270 12.32 71.91 15.47
N ALA B 271 12.26 70.93 16.37
CA ALA B 271 12.03 69.55 16.01
C ALA B 271 10.74 69.42 15.22
N ALA B 272 9.70 70.11 15.70
CA ALA B 272 8.38 70.09 15.07
C ALA B 272 8.41 70.54 13.63
N ALA B 273 9.15 71.62 13.38
CA ALA B 273 9.27 72.18 12.04
C ALA B 273 9.85 71.17 11.05
N ARG B 274 10.52 70.16 11.60
CA ARG B 274 11.13 69.12 10.79
C ARG B 274 10.26 67.87 10.56
N GLY B 275 9.08 67.85 11.19
CA GLY B 275 8.15 66.73 11.04
C GLY B 275 8.51 65.40 11.69
N ILE B 276 8.91 65.45 12.96
CA ILE B 276 9.31 64.27 13.73
C ILE B 276 8.16 63.29 14.08
N GLU B 277 8.52 62.06 14.39
CA GLU B 277 7.55 61.06 14.81
C GLU B 277 7.70 61.10 16.32
N TRP B 278 6.94 62.00 16.92
CA TRP B 278 6.96 62.25 18.34
C TRP B 278 7.25 61.11 19.31
N GLU B 279 6.72 59.92 19.05
CA GLU B 279 6.99 58.79 19.94
C GLU B 279 8.43 58.26 19.83
N ALA B 280 8.99 58.36 18.63
CA ALA B 280 10.36 57.90 18.40
C ALA B 280 11.29 58.76 19.24
N LEU B 281 11.04 60.07 19.26
CA LEU B 281 11.85 60.99 20.04
C LEU B 281 11.85 60.61 21.52
N LEU B 282 10.71 60.13 22.03
CA LEU B 282 10.61 59.72 23.42
C LEU B 282 11.32 58.40 23.64
N VAL B 283 11.51 57.66 22.55
CA VAL B 283 12.22 56.39 22.60
C VAL B 283 13.70 56.71 22.64
N GLU B 284 14.12 57.63 21.79
CA GLU B 284 15.51 58.01 21.78
C GLU B 284 15.92 58.54 23.14
N MET B 285 15.03 59.27 23.79
CA MET B 285 15.35 59.84 25.09
C MET B 285 15.37 58.78 26.16
N LEU B 286 14.43 57.85 26.09
CA LEU B 286 14.34 56.76 27.06
C LEU B 286 15.45 55.73 26.88
N GLY B 287 15.94 55.65 25.64
CA GLY B 287 17.00 54.72 25.31
C GLY B 287 18.34 55.32 25.61
N LEU B 288 18.36 56.63 25.79
CA LEU B 288 19.59 57.35 26.11
C LEU B 288 19.75 57.35 27.63
N LEU B 289 18.71 57.82 28.33
CA LEU B 289 18.75 57.86 29.78
C LEU B 289 19.09 56.50 30.39
N HIS B 290 18.67 55.43 29.71
CA HIS B 290 18.94 54.07 30.18
C HIS B 290 20.43 53.76 30.08
N ARG B 291 21.06 54.21 28.99
CA ARG B 291 22.49 53.98 28.77
C ARG B 291 23.37 54.81 29.69
N ILE B 292 22.91 56.01 30.03
CA ILE B 292 23.64 56.89 30.94
C ILE B 292 23.57 56.27 32.31
N ALA B 293 22.51 55.49 32.53
CA ALA B 293 22.31 54.81 33.79
C ALA B 293 23.34 53.71 33.89
N MET B 294 23.71 53.15 32.73
CA MET B 294 24.68 52.06 32.66
C MET B 294 26.14 52.50 32.78
N VAL B 295 26.46 53.70 32.29
CA VAL B 295 27.84 54.21 32.35
C VAL B 295 28.22 54.56 33.79
N GLN B 296 27.23 54.60 34.67
CA GLN B 296 27.46 54.93 36.06
C GLN B 296 27.82 53.71 36.92
N LEU B 297 27.62 52.52 36.36
CA LEU B 297 27.95 51.29 37.07
C LEU B 297 29.17 50.60 36.42
N SER B 298 29.41 50.92 35.16
CA SER B 298 30.54 50.39 34.39
C SER B 298 30.84 51.32 33.21
N PRO B 299 32.07 51.88 33.15
CA PRO B 299 32.48 52.80 32.09
C PRO B 299 32.62 52.17 30.69
N ALA B 300 32.55 50.84 30.62
CA ALA B 300 32.66 50.13 29.35
C ALA B 300 31.36 50.16 28.54
N ALA B 301 30.46 51.07 28.91
CA ALA B 301 29.17 51.21 28.25
C ALA B 301 29.17 52.12 27.01
N LEU B 302 30.35 52.49 26.49
CA LEU B 302 30.40 53.37 25.32
C LEU B 302 30.83 52.68 24.03
N GLY B 303 29.73 52.55 23.30
CA GLY B 303 29.39 52.01 21.98
C GLY B 303 30.08 52.21 20.67
N ASN B 304 29.61 51.58 19.59
CA ASN B 304 30.27 51.69 18.29
C ASN B 304 30.23 52.98 17.53
N ASP B 305 29.28 53.86 17.91
CA ASP B 305 29.14 55.21 17.27
C ASP B 305 28.74 56.19 18.35
N MET B 306 29.13 55.90 19.60
CA MET B 306 28.86 56.78 20.73
C MET B 306 29.88 57.90 20.73
N ALA B 307 30.88 57.72 19.88
CA ALA B 307 32.00 58.64 19.74
C ALA B 307 31.77 60.15 19.68
N ALA B 308 30.92 60.63 18.77
CA ALA B 308 30.67 62.08 18.68
C ALA B 308 30.13 62.54 20.03
N ILE B 309 29.12 61.79 20.47
CA ILE B 309 28.43 62.04 21.71
C ILE B 309 29.35 61.90 22.94
N GLU B 310 30.07 60.78 23.04
CA GLU B 310 31.01 60.45 24.12
C GLU B 310 31.15 61.45 25.28
N LEU B 311 31.78 62.60 25.02
CA LEU B 311 31.97 63.62 26.03
C LEU B 311 30.64 64.11 26.64
N ARG B 312 29.63 64.30 25.79
CA ARG B 312 28.32 64.77 26.24
C ARG B 312 27.65 63.78 27.16
N MET B 313 27.72 62.50 26.82
CA MET B 313 27.14 61.46 27.66
C MET B 313 27.99 61.33 28.92
N ARG B 314 29.30 61.19 28.75
CA ARG B 314 30.23 61.06 29.86
C ARG B 314 30.12 62.16 30.89
N GLU B 315 29.66 63.33 30.46
CA GLU B 315 29.51 64.45 31.36
C GLU B 315 28.29 64.19 32.23
N LEU B 316 27.20 63.72 31.61
CA LEU B 316 25.99 63.42 32.34
C LEU B 316 26.18 62.29 33.34
N ALA B 317 26.86 61.23 32.89
CA ALA B 317 27.11 60.05 33.70
C ALA B 317 27.77 60.34 35.06
N ARG B 318 28.47 61.46 35.16
CA ARG B 318 29.13 61.79 36.42
C ARG B 318 28.46 62.94 37.18
N THR B 319 27.95 63.93 36.45
CA THR B 319 27.30 65.09 37.07
C THR B 319 25.80 64.96 37.41
N ILE B 320 25.21 63.79 37.16
CA ILE B 320 23.79 63.56 37.45
C ILE B 320 23.57 62.35 38.36
N PRO B 321 22.96 62.57 39.54
CA PRO B 321 22.70 61.49 40.49
C PRO B 321 21.87 60.37 39.88
N PRO B 322 22.20 59.11 40.22
CA PRO B 322 21.47 57.97 39.68
C PRO B 322 19.98 57.98 40.07
N THR B 323 19.67 58.58 41.22
CA THR B 323 18.30 58.66 41.69
C THR B 323 17.52 59.54 40.71
N ASP B 324 18.14 60.68 40.41
CA ASP B 324 17.60 61.67 39.51
C ASP B 324 17.49 61.13 38.09
N ILE B 325 18.45 60.30 37.68
CA ILE B 325 18.39 59.70 36.35
C ILE B 325 17.15 58.80 36.32
N GLN B 326 16.96 58.02 37.37
CA GLN B 326 15.79 57.14 37.43
C GLN B 326 14.53 58.00 37.36
N LEU B 327 14.52 59.10 38.11
CA LEU B 327 13.37 59.99 38.14
C LEU B 327 12.99 60.48 36.73
N TYR B 328 13.99 60.90 35.95
CA TYR B 328 13.77 61.39 34.59
C TYR B 328 13.40 60.24 33.65
N TYR B 329 13.97 59.07 33.87
CA TYR B 329 13.67 57.91 33.02
C TYR B 329 12.21 57.55 33.18
N GLN B 330 11.73 57.65 34.42
CA GLN B 330 10.34 57.35 34.75
C GLN B 330 9.38 58.40 34.15
N THR B 331 9.70 59.68 34.33
CA THR B 331 8.88 60.76 33.81
C THR B 331 8.67 60.67 32.31
N LEU B 332 9.71 60.31 31.58
CA LEU B 332 9.61 60.17 30.14
C LEU B 332 8.93 58.85 29.77
N LEU B 333 9.05 57.86 30.65
CA LEU B 333 8.46 56.55 30.44
C LEU B 333 6.95 56.76 30.46
N ILE B 334 6.47 57.38 31.54
CA ILE B 334 5.06 57.67 31.72
C ILE B 334 4.52 58.52 30.58
N GLY B 335 5.26 59.57 30.23
CA GLY B 335 4.86 60.46 29.16
C GLY B 335 4.74 59.77 27.81
N ARG B 336 5.38 58.61 27.68
CA ARG B 336 5.36 57.86 26.43
C ARG B 336 4.03 57.14 26.32
N LYS B 337 3.61 56.57 27.45
CA LYS B 337 2.38 55.81 27.55
C LYS B 337 1.15 56.71 27.37
N GLU B 338 1.25 57.91 27.95
CA GLU B 338 0.16 58.89 27.88
C GLU B 338 0.00 59.47 26.50
N LEU B 339 1.07 59.45 25.74
CA LEU B 339 1.10 60.06 24.43
C LEU B 339 -0.06 59.96 23.43
N PRO B 340 -0.42 58.76 23.00
CA PRO B 340 -1.50 58.58 22.04
C PRO B 340 -2.88 59.04 22.49
N TYR B 341 -3.02 59.27 23.80
CA TYR B 341 -4.27 59.70 24.40
C TYR B 341 -4.33 61.22 24.58
N ALA B 342 -3.19 61.89 24.42
CA ALA B 342 -3.13 63.34 24.54
C ALA B 342 -4.02 63.92 23.46
N PRO B 343 -4.41 65.18 23.59
CA PRO B 343 -5.26 65.81 22.59
C PRO B 343 -4.56 65.99 21.28
N ASP B 344 -3.22 65.97 21.37
CA ASP B 344 -2.33 66.17 20.24
C ASP B 344 -0.92 65.65 20.62
N ARG B 345 -0.35 64.78 19.78
CA ARG B 345 0.97 64.18 20.04
C ARG B 345 2.11 65.12 20.42
N ARG B 346 2.17 66.28 19.77
CA ARG B 346 3.22 67.21 20.11
C ARG B 346 2.97 67.65 21.54
N MET B 347 1.71 67.94 21.82
CA MET B 347 1.28 68.40 23.12
C MET B 347 1.72 67.47 24.25
N GLY B 348 1.70 66.18 23.95
CA GLY B 348 2.10 65.21 24.95
C GLY B 348 3.54 65.42 25.33
N VAL B 349 4.39 65.43 24.32
CA VAL B 349 5.80 65.64 24.50
C VAL B 349 6.04 66.94 25.27
N GLU B 350 5.47 68.03 24.78
CA GLU B 350 5.63 69.35 25.40
C GLU B 350 5.28 69.30 26.88
N MET B 351 4.19 68.60 27.19
CA MET B 351 3.73 68.50 28.57
C MET B 351 4.52 67.52 29.39
N THR B 352 5.03 66.49 28.73
CA THR B 352 5.82 65.46 29.40
C THR B 352 7.08 66.09 29.93
N LEU B 353 7.66 66.98 29.14
CA LEU B 353 8.87 67.67 29.54
C LEU B 353 8.54 68.71 30.60
N LEU B 354 7.37 69.32 30.46
CA LEU B 354 6.92 70.31 31.43
C LEU B 354 6.74 69.67 32.82
N ARG B 355 6.56 68.36 32.82
CA ARG B 355 6.35 67.55 34.03
C ARG B 355 7.70 67.28 34.68
N ALA B 356 8.70 67.02 33.82
CA ALA B 356 10.05 66.77 34.28
C ALA B 356 10.48 68.10 34.88
N LEU B 357 10.11 69.15 34.17
CA LEU B 357 10.40 70.53 34.53
C LEU B 357 9.71 70.97 35.83
N ALA B 358 8.53 70.42 36.11
CA ALA B 358 7.78 70.75 37.33
C ALA B 358 8.22 69.91 38.51
N PHE B 359 8.62 68.67 38.22
CA PHE B 359 9.08 67.78 39.26
C PHE B 359 10.60 67.55 39.22
N HIS B 360 11.32 68.61 38.85
CA HIS B 360 12.78 68.59 38.75
C HIS B 360 13.38 68.71 40.16
N PRO B 361 14.50 68.03 40.41
CA PRO B 361 15.18 68.06 41.71
C PRO B 361 15.74 69.46 42.05
N ARG B 362 16.54 70.02 41.13
CA ARG B 362 17.08 71.36 41.33
C ARG B 362 16.26 72.33 40.48
N MET B 363 16.13 73.57 40.96
CA MET B 363 15.39 74.62 40.25
C MET B 363 14.00 74.27 39.72
N PRO B 364 13.09 73.80 40.58
CA PRO B 364 11.77 73.51 40.05
C PRO B 364 11.01 74.82 40.03
N LEU B 365 9.90 74.85 39.30
CA LEU B 365 9.06 76.05 39.17
C LEU B 365 8.69 76.74 40.49
N PRO B 366 8.61 78.08 40.47
CA PRO B 366 8.27 78.97 41.60
C PRO B 366 6.77 79.31 41.73
N GLU B 367 6.34 79.72 42.92
CA GLU B 367 4.93 80.08 43.16
C GLU B 367 4.73 81.08 44.29
N PRO B 368 3.94 82.15 44.05
CA PRO B 368 3.68 83.18 45.06
C PRO B 368 2.43 82.87 45.88
N TYR C 3 -24.49 77.53 -5.57
CA TYR C 3 -24.31 76.05 -5.74
C TYR C 3 -22.85 75.60 -5.86
N GLN C 4 -22.17 75.46 -4.74
CA GLN C 4 -20.77 75.04 -4.71
C GLN C 4 -20.27 74.85 -3.30
N VAL C 5 -19.77 73.66 -2.99
CA VAL C 5 -19.19 73.40 -1.69
C VAL C 5 -17.70 73.30 -1.95
N LEU C 6 -16.93 74.08 -1.19
CA LEU C 6 -15.48 74.15 -1.35
C LEU C 6 -14.77 72.85 -1.71
N ALA C 7 -15.25 71.71 -1.19
CA ALA C 7 -14.62 70.43 -1.48
C ALA C 7 -14.57 70.08 -2.95
N ARG C 8 -15.42 70.76 -3.73
CA ARG C 8 -15.48 70.55 -5.17
C ARG C 8 -14.93 71.76 -5.95
N LYS C 9 -15.19 72.97 -5.44
CA LYS C 9 -14.73 74.20 -6.08
C LYS C 9 -13.21 74.36 -6.03
N TRP C 10 -12.57 73.64 -5.11
CA TRP C 10 -11.12 73.71 -4.97
C TRP C 10 -10.43 72.38 -5.23
N ARG C 11 -11.18 71.45 -5.81
CA ARG C 11 -10.68 70.13 -6.17
C ARG C 11 -9.53 70.42 -7.12
N PRO C 12 -8.28 70.16 -6.69
CA PRO C 12 -7.05 70.39 -7.47
C PRO C 12 -7.18 70.03 -8.95
N GLN C 13 -6.90 71.03 -9.79
CA GLN C 13 -6.97 70.87 -11.25
C GLN C 13 -5.55 70.75 -11.81
N THR C 14 -4.61 71.40 -11.13
CA THR C 14 -3.22 71.39 -11.55
C THR C 14 -2.33 70.82 -10.47
N PHE C 15 -1.13 70.41 -10.86
CA PHE C 15 -0.12 69.87 -9.95
C PHE C 15 0.34 70.98 -8.99
N ALA C 16 0.09 72.23 -9.37
CA ALA C 16 0.47 73.38 -8.56
C ALA C 16 -0.53 73.61 -7.44
N ASP C 17 -1.80 73.33 -7.72
CA ASP C 17 -2.87 73.50 -6.75
C ASP C 17 -2.81 72.58 -5.53
N VAL C 18 -2.18 71.42 -5.64
CA VAL C 18 -2.07 70.49 -4.52
C VAL C 18 -1.22 71.12 -3.42
N VAL C 19 -1.44 70.71 -2.17
CA VAL C 19 -0.70 71.31 -1.06
C VAL C 19 0.42 70.48 -0.46
N GLY C 20 1.47 71.20 -0.05
CA GLY C 20 2.64 70.65 0.63
C GLY C 20 3.47 69.43 0.26
N GLN C 21 2.94 68.51 -0.54
CA GLN C 21 3.72 67.33 -0.88
C GLN C 21 4.59 67.56 -2.07
N GLU C 22 5.43 68.58 -1.94
CA GLU C 22 6.38 69.06 -2.96
C GLU C 22 7.13 67.97 -3.69
N HIS C 23 7.88 67.19 -2.91
CA HIS C 23 8.73 66.14 -3.42
C HIS C 23 8.10 64.97 -4.18
N VAL C 24 6.80 64.80 -4.07
CA VAL C 24 6.14 63.74 -4.81
C VAL C 24 5.58 64.37 -6.07
N LEU C 25 5.38 65.68 -6.03
CA LEU C 25 4.87 66.39 -7.18
C LEU C 25 6.05 66.62 -8.11
N THR C 26 7.17 67.02 -7.53
CA THR C 26 8.39 67.26 -8.29
C THR C 26 8.75 65.97 -9.03
N ALA C 27 8.70 64.86 -8.33
CA ALA C 27 9.03 63.56 -8.90
C ALA C 27 8.20 63.27 -10.14
N LEU C 28 6.89 63.47 -10.03
CA LEU C 28 6.03 63.21 -11.16
C LEU C 28 6.18 64.26 -12.25
N ALA C 29 6.69 65.43 -11.87
CA ALA C 29 6.88 66.50 -12.83
C ALA C 29 7.98 66.10 -13.80
N ASN C 30 9.11 65.66 -13.25
CA ASN C 30 10.25 65.22 -14.05
C ASN C 30 9.83 64.18 -15.10
N GLY C 31 9.33 63.05 -14.63
CA GLY C 31 8.91 61.97 -15.50
C GLY C 31 7.87 62.33 -16.54
N LEU C 32 6.99 63.27 -16.23
CA LEU C 32 5.97 63.67 -17.19
C LEU C 32 6.54 64.63 -18.24
N SER C 33 7.76 65.10 -17.98
CA SER C 33 8.47 66.00 -18.88
C SER C 33 9.44 65.17 -19.71
N LEU C 34 10.25 64.38 -19.00
CA LEU C 34 11.25 63.53 -19.61
C LEU C 34 10.66 62.28 -20.23
N GLY C 35 9.38 62.03 -19.97
CA GLY C 35 8.74 60.85 -20.51
C GLY C 35 9.19 59.55 -19.87
N ARG C 36 9.64 59.64 -18.61
CA ARG C 36 10.11 58.48 -17.85
C ARG C 36 8.94 57.85 -17.09
N ILE C 37 8.07 57.17 -17.83
CA ILE C 37 6.91 56.53 -17.23
C ILE C 37 7.09 55.08 -16.81
N HIS C 38 6.88 54.83 -15.52
CA HIS C 38 6.97 53.48 -14.99
C HIS C 38 5.62 52.80 -15.15
N HIS C 39 5.66 51.50 -15.41
CA HIS C 39 4.45 50.72 -15.64
C HIS C 39 3.57 50.59 -14.40
N ALA C 40 4.12 50.91 -13.23
CA ALA C 40 3.41 50.81 -11.97
C ALA C 40 3.84 51.86 -10.95
N TYR C 41 2.87 52.63 -10.48
CA TYR C 41 3.08 53.69 -9.49
C TYR C 41 2.33 53.41 -8.20
N LEU C 42 3.05 53.23 -7.10
CA LEU C 42 2.40 52.95 -5.81
C LEU C 42 2.33 54.18 -4.92
N PHE C 43 1.12 54.58 -4.53
CA PHE C 43 0.92 55.75 -3.66
C PHE C 43 0.39 55.31 -2.30
N SER C 44 1.23 55.44 -1.28
CA SER C 44 0.87 55.03 0.07
C SER C 44 0.61 56.20 1.01
N GLY C 45 -0.05 55.91 2.13
CA GLY C 45 -0.36 56.92 3.11
C GLY C 45 -1.78 56.78 3.62
N THR C 46 -2.06 57.40 4.76
CA THR C 46 -3.38 57.36 5.39
C THR C 46 -4.50 57.76 4.43
N ARG C 47 -5.76 57.50 4.81
CA ARG C 47 -6.87 57.90 3.95
C ARG C 47 -7.03 59.40 4.22
N GLY C 48 -7.53 60.13 3.23
CA GLY C 48 -7.71 61.56 3.42
C GLY C 48 -6.62 62.38 2.74
N VAL C 49 -5.42 61.81 2.61
CA VAL C 49 -4.30 62.45 1.92
C VAL C 49 -4.61 62.25 0.44
N GLY C 50 -4.20 63.15 -0.42
CA GLY C 50 -4.53 63.03 -1.82
C GLY C 50 -3.95 61.89 -2.64
N LYS C 51 -4.07 60.63 -2.23
CA LYS C 51 -3.53 59.51 -2.99
C LYS C 51 -4.24 59.33 -4.34
N THR C 52 -5.56 59.23 -4.29
CA THR C 52 -6.38 59.10 -5.50
C THR C 52 -6.30 60.43 -6.26
N SER C 53 -6.47 61.52 -5.51
CA SER C 53 -6.44 62.90 -6.04
C SER C 53 -5.18 63.19 -6.88
N ILE C 54 -4.01 62.84 -6.35
CA ILE C 54 -2.76 63.06 -7.07
C ILE C 54 -2.60 62.05 -8.21
N ALA C 55 -3.28 60.90 -8.09
CA ALA C 55 -3.22 59.89 -9.13
C ALA C 55 -3.95 60.39 -10.37
N ARG C 56 -5.01 61.18 -10.16
CA ARG C 56 -5.79 61.74 -11.27
C ARG C 56 -5.00 62.75 -12.07
N LEU C 57 -4.33 63.66 -11.38
CA LEU C 57 -3.56 64.68 -12.05
C LEU C 57 -2.38 64.12 -12.83
N LEU C 58 -2.12 62.83 -12.65
CA LEU C 58 -1.05 62.13 -13.36
C LEU C 58 -1.69 61.65 -14.66
N ALA C 59 -2.82 60.97 -14.52
CA ALA C 59 -3.58 60.45 -15.66
C ALA C 59 -4.14 61.63 -16.46
N LYS C 60 -4.18 62.80 -15.84
CA LYS C 60 -4.68 64.01 -16.48
C LYS C 60 -3.61 64.61 -17.39
N GLY C 61 -2.36 64.18 -17.19
CA GLY C 61 -1.24 64.64 -17.97
C GLY C 61 -0.69 63.52 -18.84
N LEU C 62 -1.21 62.31 -18.64
CA LEU C 62 -0.80 61.14 -19.42
C LEU C 62 -1.58 61.05 -20.73
N ASN C 63 -2.90 61.23 -20.62
CA ASN C 63 -3.80 61.14 -21.76
C ASN C 63 -4.19 62.46 -22.40
N CYS C 64 -3.87 63.58 -21.74
CA CYS C 64 -4.18 64.91 -22.24
C CYS C 64 -3.81 65.08 -23.72
N GLU C 65 -4.70 65.70 -24.49
CA GLU C 65 -4.46 65.91 -25.91
C GLU C 65 -3.30 66.87 -26.20
N THR C 66 -2.95 67.70 -25.21
CA THR C 66 -1.85 68.67 -25.33
C THR C 66 -0.50 67.97 -25.32
N GLY C 67 -0.52 66.66 -25.09
CA GLY C 67 0.71 65.90 -25.05
C GLY C 67 0.93 65.43 -23.63
N ILE C 68 1.89 64.55 -23.43
CA ILE C 68 2.20 64.07 -22.07
C ILE C 68 2.73 65.31 -21.36
N THR C 69 1.93 65.87 -20.47
CA THR C 69 2.31 67.08 -19.75
C THR C 69 2.27 66.97 -18.25
N ALA C 70 3.08 67.82 -17.62
CA ALA C 70 3.13 67.93 -16.17
C ALA C 70 2.21 69.13 -15.87
N THR C 71 1.85 69.85 -16.94
CA THR C 71 0.96 71.02 -16.86
C THR C 71 -0.22 70.77 -17.80
N PRO C 72 -1.20 69.96 -17.36
CA PRO C 72 -2.35 69.68 -18.22
C PRO C 72 -3.23 70.92 -18.43
N CYS C 73 -3.93 70.97 -19.56
CA CYS C 73 -4.84 72.05 -19.91
C CYS C 73 -6.22 71.62 -19.38
N GLY C 74 -6.85 72.43 -18.53
CA GLY C 74 -8.15 72.04 -17.99
C GLY C 74 -9.35 71.99 -18.91
N VAL C 75 -9.17 72.30 -20.19
CA VAL C 75 -10.27 72.33 -21.17
C VAL C 75 -10.45 71.17 -22.16
N CYS C 76 -9.35 70.56 -22.60
CA CYS C 76 -9.45 69.46 -23.55
C CYS C 76 -10.35 68.35 -23.01
N ASP C 77 -11.20 67.81 -23.88
CA ASP C 77 -12.15 66.76 -23.53
C ASP C 77 -11.61 65.69 -22.59
N ASN C 78 -10.33 65.36 -22.73
CA ASN C 78 -9.72 64.34 -21.88
C ASN C 78 -9.59 64.84 -20.44
N CYS C 79 -9.14 66.09 -20.30
CA CYS C 79 -8.98 66.71 -18.98
C CYS C 79 -10.28 66.85 -18.18
N ARG C 80 -11.33 67.33 -18.84
CA ARG C 80 -12.62 67.49 -18.19
C ARG C 80 -13.20 66.16 -17.73
N GLU C 81 -13.21 65.18 -18.62
CA GLU C 81 -13.73 63.85 -18.31
C GLU C 81 -12.98 63.12 -17.19
N ILE C 82 -11.69 63.43 -17.03
CA ILE C 82 -10.89 62.80 -15.99
C ILE C 82 -11.24 63.36 -14.62
N GLU C 83 -11.40 64.69 -14.57
CA GLU C 83 -11.73 65.40 -13.35
C GLU C 83 -13.16 65.12 -12.89
N GLN C 84 -13.90 64.41 -13.72
CA GLN C 84 -15.28 64.09 -13.43
C GLN C 84 -15.47 62.60 -13.15
N GLY C 85 -14.37 61.93 -12.84
CA GLY C 85 -14.40 60.49 -12.56
C GLY C 85 -14.58 59.59 -13.77
N ARG C 86 -15.30 60.09 -14.78
CA ARG C 86 -15.59 59.33 -16.00
C ARG C 86 -14.69 59.48 -17.22
N PHE C 87 -13.86 58.46 -17.48
CA PHE C 87 -13.01 58.46 -18.67
C PHE C 87 -13.00 57.04 -19.19
N VAL C 88 -13.06 56.91 -20.51
CA VAL C 88 -13.08 55.62 -21.17
C VAL C 88 -11.99 54.67 -20.66
N ASP C 89 -10.76 55.16 -20.63
CA ASP C 89 -9.61 54.36 -20.22
C ASP C 89 -9.26 54.36 -18.73
N LEU C 90 -9.67 55.40 -18.00
CA LEU C 90 -9.37 55.47 -16.58
C LEU C 90 -10.31 54.57 -15.77
N ILE C 91 -9.88 53.33 -15.57
CA ILE C 91 -10.67 52.34 -14.83
C ILE C 91 -10.34 52.44 -13.34
N GLU C 92 -11.30 52.95 -12.58
CA GLU C 92 -11.15 53.12 -11.14
C GLU C 92 -11.79 51.95 -10.38
N ILE C 93 -10.94 51.10 -9.82
CA ILE C 93 -11.41 49.93 -9.06
C ILE C 93 -11.14 50.06 -7.59
N ASP C 94 -12.18 49.86 -6.79
CA ASP C 94 -12.03 49.91 -5.34
C ASP C 94 -12.03 48.47 -4.84
N ALA C 95 -10.89 47.97 -4.87
CA ALA C 95 -10.67 46.67 -4.24
C ALA C 95 -11.37 46.56 -2.90
N ALA C 96 -11.65 47.70 -2.26
CA ALA C 96 -12.32 47.70 -0.96
C ALA C 96 -13.85 47.57 -1.02
N SER C 97 -14.42 47.59 -2.23
CA SER C 97 -15.88 47.49 -2.36
C SER C 97 -16.46 46.07 -2.31
N ARG C 98 -17.43 45.87 -1.43
CA ARG C 98 -18.08 44.57 -1.28
C ARG C 98 -19.02 44.32 -2.45
N THR C 99 -19.43 45.39 -3.11
CA THR C 99 -20.37 45.33 -4.22
C THR C 99 -19.78 45.11 -5.60
N LYS C 100 -18.54 45.57 -5.81
CA LYS C 100 -17.91 45.44 -7.12
C LYS C 100 -16.88 44.33 -7.17
N VAL C 101 -17.09 43.28 -6.39
CA VAL C 101 -16.14 42.18 -6.36
C VAL C 101 -15.95 41.44 -7.66
N GLU C 102 -17.03 41.24 -8.40
CA GLU C 102 -16.92 40.54 -9.67
C GLU C 102 -16.26 41.46 -10.69
N ASP C 103 -16.77 42.68 -10.84
CA ASP C 103 -16.19 43.63 -11.79
C ASP C 103 -14.69 43.82 -11.54
N THR C 104 -14.31 43.83 -10.26
CA THR C 104 -12.91 43.99 -9.90
C THR C 104 -12.12 42.82 -10.46
N ARG C 105 -12.63 41.63 -10.19
CA ARG C 105 -12.01 40.39 -10.64
C ARG C 105 -11.93 40.30 -12.17
N ASP C 106 -13.06 40.57 -12.84
CA ASP C 106 -13.12 40.48 -14.31
C ASP C 106 -12.21 41.46 -15.05
N LEU C 107 -12.30 42.74 -14.69
CA LEU C 107 -11.50 43.77 -15.34
C LEU C 107 -10.01 43.45 -15.25
N LEU C 108 -9.58 42.92 -14.12
CA LEU C 108 -8.17 42.57 -13.93
C LEU C 108 -7.76 41.32 -14.68
N ASP C 109 -8.73 40.46 -14.98
CA ASP C 109 -8.45 39.24 -15.75
C ASP C 109 -8.54 39.56 -17.24
N ASN C 110 -9.04 40.74 -17.57
CA ASN C 110 -9.20 41.11 -18.97
C ASN C 110 -8.69 42.53 -19.28
N VAL C 111 -7.40 42.74 -19.07
CA VAL C 111 -6.79 44.03 -19.33
C VAL C 111 -6.96 44.43 -20.80
N GLN C 112 -7.34 45.68 -21.04
CA GLN C 112 -7.52 46.17 -22.40
C GLN C 112 -6.20 46.82 -22.85
N TYR C 113 -5.41 46.06 -23.60
CA TYR C 113 -4.08 46.49 -24.07
C TYR C 113 -3.97 47.69 -25.01
N ALA C 114 -5.08 48.09 -25.63
CA ALA C 114 -5.06 49.22 -26.54
C ALA C 114 -6.07 50.26 -26.11
N PRO C 115 -5.60 51.49 -25.78
CA PRO C 115 -6.50 52.57 -25.36
C PRO C 115 -7.48 52.83 -26.48
N ALA C 116 -8.69 53.25 -26.14
CA ALA C 116 -9.71 53.53 -27.16
C ALA C 116 -9.68 54.98 -27.58
N ARG C 117 -9.31 55.86 -26.66
CA ARG C 117 -9.26 57.31 -26.92
C ARG C 117 -7.92 57.95 -26.49
N GLY C 118 -7.68 57.88 -25.16
CA GLY C 118 -6.49 58.39 -24.52
C GLY C 118 -5.25 57.60 -24.92
N ARG C 119 -4.08 58.12 -24.65
CA ARG C 119 -2.83 57.45 -25.02
C ARG C 119 -2.53 56.20 -24.17
N PHE C 120 -2.84 56.30 -22.88
CA PHE C 120 -2.64 55.20 -21.94
C PHE C 120 -3.97 54.69 -21.38
N LYS C 121 -3.97 53.42 -20.98
CA LYS C 121 -5.14 52.79 -20.40
C LYS C 121 -4.85 52.67 -18.89
N VAL C 122 -5.07 53.80 -18.19
CA VAL C 122 -4.82 53.92 -16.76
C VAL C 122 -5.73 53.09 -15.85
N TYR C 123 -5.15 52.50 -14.81
CA TYR C 123 -5.89 51.67 -13.85
C TYR C 123 -5.76 52.14 -12.39
N LEU C 124 -6.59 53.09 -11.98
CA LEU C 124 -6.58 53.58 -10.60
C LEU C 124 -7.22 52.56 -9.68
N ILE C 125 -6.42 51.99 -8.77
CA ILE C 125 -6.93 51.00 -7.81
C ILE C 125 -6.67 51.45 -6.38
N ASP C 126 -7.74 51.67 -5.61
CA ASP C 126 -7.58 52.09 -4.23
C ASP C 126 -7.46 50.90 -3.30
N GLU C 127 -6.35 50.88 -2.55
CA GLU C 127 -6.04 49.82 -1.59
C GLU C 127 -6.03 48.42 -2.19
N VAL C 128 -4.93 48.11 -2.86
CA VAL C 128 -4.75 46.82 -3.52
C VAL C 128 -4.42 45.67 -2.59
N HIS C 129 -4.02 45.97 -1.37
CA HIS C 129 -3.67 44.92 -0.41
C HIS C 129 -4.93 44.21 0.08
N MET C 130 -6.08 44.62 -0.42
CA MET C 130 -7.35 44.03 -0.06
C MET C 130 -8.01 43.37 -1.27
N LEU C 131 -7.22 43.12 -2.30
CA LEU C 131 -7.69 42.47 -3.51
C LEU C 131 -7.82 41.00 -3.23
N SER C 132 -8.86 40.36 -3.77
CA SER C 132 -9.05 38.93 -3.58
C SER C 132 -7.81 38.21 -4.10
N ARG C 133 -7.37 37.20 -3.38
CA ARG C 133 -6.19 36.40 -3.74
C ARG C 133 -6.24 35.93 -5.21
N HIS C 134 -7.45 35.84 -5.75
CA HIS C 134 -7.71 35.40 -7.12
C HIS C 134 -7.32 36.48 -8.14
N SER C 135 -7.81 37.71 -7.92
CA SER C 135 -7.55 38.84 -8.79
C SER C 135 -6.21 39.48 -8.48
N PHE C 136 -5.57 39.05 -7.40
CA PHE C 136 -4.28 39.58 -7.00
C PHE C 136 -3.19 39.01 -7.90
N ASN C 137 -3.30 37.71 -8.18
CA ASN C 137 -2.34 37.02 -9.05
C ASN C 137 -2.43 37.55 -10.47
N ALA C 138 -3.63 37.97 -10.88
CA ALA C 138 -3.87 38.53 -12.22
C ALA C 138 -3.07 39.80 -12.40
N LEU C 139 -2.98 40.58 -11.32
CA LEU C 139 -2.22 41.83 -11.31
C LEU C 139 -0.73 41.49 -11.40
N LEU C 140 -0.32 40.43 -10.69
CA LEU C 140 1.06 39.97 -10.70
C LEU C 140 1.47 39.66 -12.13
N LYS C 141 0.71 38.75 -12.75
CA LYS C 141 0.96 38.32 -14.12
C LYS C 141 0.97 39.46 -15.11
N THR C 142 0.20 40.50 -14.84
CA THR C 142 0.18 41.63 -15.75
C THR C 142 1.33 42.60 -15.51
N LEU C 143 1.84 42.61 -14.28
CA LEU C 143 2.94 43.51 -13.89
C LEU C 143 4.32 43.04 -14.35
N GLU C 144 4.54 41.73 -14.30
CA GLU C 144 5.81 41.12 -14.71
C GLU C 144 6.08 41.49 -16.16
N GLU C 145 5.03 41.43 -16.99
CA GLU C 145 5.13 41.77 -18.39
C GLU C 145 3.89 42.53 -18.82
N PRO C 146 3.92 43.87 -18.66
CA PRO C 146 2.81 44.76 -19.02
C PRO C 146 2.99 45.38 -20.39
N PRO C 147 1.88 45.58 -21.13
CA PRO C 147 1.95 46.19 -22.46
C PRO C 147 2.38 47.66 -22.37
N GLU C 148 2.82 48.22 -23.50
CA GLU C 148 3.30 49.59 -23.55
C GLU C 148 2.23 50.65 -23.31
N HIS C 149 0.98 50.27 -23.61
CA HIS C 149 -0.15 51.18 -23.45
C HIS C 149 -0.75 51.22 -22.04
N VAL C 150 -0.64 50.09 -21.32
CA VAL C 150 -1.20 50.01 -19.97
C VAL C 150 -0.24 50.43 -18.87
N LYS C 151 -0.78 51.16 -17.90
CA LYS C 151 -0.02 51.67 -16.76
C LYS C 151 -0.89 51.54 -15.51
N PHE C 152 -0.27 51.32 -14.36
CA PHE C 152 -1.00 51.19 -13.10
C PHE C 152 -0.75 52.30 -12.10
N LEU C 153 -1.78 52.61 -11.32
CA LEU C 153 -1.71 53.64 -10.30
C LEU C 153 -2.31 53.04 -9.02
N LEU C 154 -1.46 52.35 -8.26
CA LEU C 154 -1.85 51.68 -7.02
C LEU C 154 -1.84 52.60 -5.80
N ALA C 155 -2.83 52.40 -4.93
CA ALA C 155 -2.98 53.17 -3.70
C ALA C 155 -3.10 52.20 -2.53
N THR C 156 -2.76 52.65 -1.32
CA THR C 156 -2.82 51.78 -0.15
C THR C 156 -2.76 52.55 1.16
N THR C 157 -3.36 52.00 2.21
CA THR C 157 -3.37 52.59 3.54
C THR C 157 -2.30 51.92 4.40
N ASP C 158 -1.93 50.70 4.00
CA ASP C 158 -0.94 49.92 4.72
C ASP C 158 -0.06 49.19 3.69
N PRO C 159 1.09 49.77 3.34
CA PRO C 159 2.07 49.24 2.38
C PRO C 159 2.69 47.91 2.78
N GLN C 160 2.63 47.61 4.08
CA GLN C 160 3.20 46.38 4.60
C GLN C 160 2.38 45.13 4.30
N LYS C 161 1.08 45.27 4.09
CA LYS C 161 0.23 44.12 3.77
C LYS C 161 0.37 43.74 2.29
N LEU C 162 1.30 44.40 1.61
CA LEU C 162 1.57 44.13 0.22
C LEU C 162 2.85 43.34 0.11
N PRO C 163 2.80 42.17 -0.54
CA PRO C 163 3.95 41.26 -0.73
C PRO C 163 5.11 41.94 -1.46
N VAL C 164 6.34 41.63 -1.03
CA VAL C 164 7.55 42.22 -1.61
C VAL C 164 7.61 42.03 -3.12
N THR C 165 6.91 41.00 -3.60
CA THR C 165 6.86 40.68 -5.02
C THR C 165 6.19 41.79 -5.83
N ILE C 166 5.32 42.56 -5.17
CA ILE C 166 4.62 43.67 -5.81
C ILE C 166 5.36 44.99 -5.58
N LEU C 167 5.71 45.28 -4.32
CA LEU C 167 6.41 46.52 -3.97
C LEU C 167 7.60 46.78 -4.87
N SER C 168 8.40 45.74 -5.09
CA SER C 168 9.58 45.83 -5.93
C SER C 168 9.25 46.15 -7.40
N ARG C 169 8.01 45.94 -7.82
CA ARG C 169 7.61 46.20 -9.19
C ARG C 169 7.00 47.59 -9.47
N CYS C 170 6.87 48.41 -8.44
CA CYS C 170 6.30 49.74 -8.60
C CYS C 170 7.24 50.82 -8.10
N LEU C 171 7.05 52.04 -8.61
CA LEU C 171 7.84 53.18 -8.19
C LEU C 171 7.00 53.74 -7.04
N GLN C 172 7.40 53.38 -5.81
CA GLN C 172 6.67 53.78 -4.61
C GLN C 172 6.82 55.25 -4.20
N PHE C 173 5.73 55.79 -3.65
CA PHE C 173 5.66 57.18 -3.18
C PHE C 173 4.82 57.32 -1.93
N HIS C 174 5.45 57.81 -0.87
CA HIS C 174 4.76 57.99 0.39
C HIS C 174 4.21 59.39 0.57
N LEU C 175 2.89 59.52 0.61
CA LEU C 175 2.22 60.79 0.79
C LEU C 175 1.95 61.06 2.26
N LYS C 176 2.75 61.92 2.87
CA LYS C 176 2.61 62.27 4.30
C LYS C 176 1.39 63.08 4.58
N ALA C 177 0.97 62.95 5.81
CA ALA C 177 -0.20 63.66 6.23
C ALA C 177 0.07 65.13 6.35
N LEU C 178 -0.97 65.87 6.60
CA LEU C 178 -0.76 67.28 6.68
C LEU C 178 -0.75 67.75 8.12
N ASP C 179 0.04 68.78 8.39
CA ASP C 179 0.14 69.37 9.71
C ASP C 179 -1.12 70.17 10.00
N VAL C 180 -1.37 70.42 11.28
CA VAL C 180 -2.54 71.19 11.72
C VAL C 180 -2.47 72.59 11.12
N GLU C 181 -1.47 73.36 11.50
CA GLU C 181 -1.32 74.72 11.00
C GLU C 181 -0.87 74.82 9.54
N GLN C 182 -0.99 73.71 8.84
CA GLN C 182 -0.66 73.66 7.42
C GLN C 182 -2.01 73.57 6.73
N ILE C 183 -2.99 73.07 7.47
CA ILE C 183 -4.34 72.96 6.97
C ILE C 183 -5.04 74.23 7.38
N ARG C 184 -4.73 74.70 8.59
CA ARG C 184 -5.32 75.90 9.13
C ARG C 184 -5.00 77.03 8.19
N HIS C 185 -3.70 77.22 7.95
CA HIS C 185 -3.16 78.22 7.05
C HIS C 185 -3.81 78.14 5.66
N GLN C 186 -4.14 76.93 5.25
CA GLN C 186 -4.77 76.71 3.96
C GLN C 186 -6.18 77.20 4.02
N LEU C 187 -6.90 76.78 5.07
CA LEU C 187 -8.29 77.15 5.25
C LEU C 187 -8.50 78.65 5.38
N GLU C 188 -7.57 79.33 6.02
CA GLU C 188 -7.65 80.77 6.19
C GLU C 188 -7.52 81.42 4.83
N HIS C 189 -6.55 80.95 4.06
CA HIS C 189 -6.27 81.47 2.73
C HIS C 189 -7.49 81.29 1.85
N ILE C 190 -8.02 80.07 1.80
CA ILE C 190 -9.19 79.78 0.97
C ILE C 190 -10.36 80.66 1.38
N LEU C 191 -10.59 80.79 2.68
CA LEU C 191 -11.69 81.63 3.14
C LEU C 191 -11.45 83.11 2.83
N ASN C 192 -10.18 83.50 2.83
CA ASN C 192 -9.81 84.88 2.56
C ASN C 192 -10.04 85.19 1.11
N GLU C 193 -9.88 84.18 0.24
CA GLU C 193 -10.10 84.38 -1.18
C GLU C 193 -11.53 84.28 -1.63
N GLU C 194 -12.38 83.75 -0.76
CA GLU C 194 -13.79 83.62 -1.03
C GLU C 194 -14.57 84.77 -0.39
N HIS C 195 -13.85 85.60 0.36
CA HIS C 195 -14.39 86.76 1.07
C HIS C 195 -15.45 86.33 2.09
N ILE C 196 -15.10 85.33 2.90
CA ILE C 196 -16.00 84.79 3.91
C ILE C 196 -15.37 85.03 5.26
N ALA C 197 -16.17 85.60 6.16
CA ALA C 197 -15.72 85.92 7.51
C ALA C 197 -15.30 84.71 8.32
N HIS C 198 -14.57 84.93 9.40
CA HIS C 198 -14.12 83.83 10.25
C HIS C 198 -13.37 84.25 11.49
N GLU C 199 -13.35 83.35 12.47
CA GLU C 199 -12.62 83.58 13.71
C GLU C 199 -11.53 82.53 13.71
N PRO C 200 -10.28 82.95 13.91
CA PRO C 200 -9.12 82.03 13.93
C PRO C 200 -9.14 80.80 14.85
N ARG C 201 -9.88 80.85 15.95
CA ARG C 201 -9.94 79.71 16.86
C ARG C 201 -10.95 78.71 16.30
N ALA C 202 -11.73 79.16 15.33
CA ALA C 202 -12.73 78.32 14.67
C ALA C 202 -12.00 77.48 13.61
N LEU C 203 -11.06 78.11 12.94
CA LEU C 203 -10.28 77.43 11.91
C LEU C 203 -9.38 76.36 12.47
N GLN C 204 -8.78 76.62 13.63
CA GLN C 204 -7.91 75.65 14.26
C GLN C 204 -8.74 74.41 14.56
N LEU C 205 -9.96 74.61 15.07
CA LEU C 205 -10.86 73.50 15.37
C LEU C 205 -11.18 72.71 14.10
N LEU C 206 -11.37 73.41 12.98
CA LEU C 206 -11.67 72.76 11.70
C LEU C 206 -10.40 72.09 11.17
N ALA C 207 -9.26 72.70 11.47
CA ALA C 207 -7.98 72.16 11.03
C ALA C 207 -7.66 70.90 11.78
N ARG C 208 -8.16 70.79 13.02
CA ARG C 208 -7.93 69.60 13.85
C ARG C 208 -8.98 68.59 13.51
N ALA C 209 -10.21 69.07 13.34
CA ALA C 209 -11.37 68.24 13.04
C ALA C 209 -11.02 67.19 12.00
N ALA C 210 -10.57 67.63 10.84
CA ALA C 210 -10.17 66.70 9.81
C ALA C 210 -8.75 66.35 10.23
N GLU C 211 -8.39 65.08 10.19
CA GLU C 211 -7.03 64.77 10.59
C GLU C 211 -6.15 64.58 9.36
N GLY C 212 -5.47 65.67 8.99
CA GLY C 212 -4.57 65.65 7.85
C GLY C 212 -5.27 65.33 6.55
N SER C 213 -6.57 65.61 6.49
CA SER C 213 -7.36 65.33 5.29
C SER C 213 -8.00 66.57 4.72
N LEU C 214 -7.27 67.27 3.87
CA LEU C 214 -7.78 68.48 3.28
C LEU C 214 -9.13 68.31 2.59
N ARG C 215 -9.43 67.14 2.00
CA ARG C 215 -10.75 66.95 1.37
C ARG C 215 -11.74 67.28 2.48
N ASP C 216 -11.63 66.48 3.53
CA ASP C 216 -12.47 66.56 4.71
C ASP C 216 -12.48 67.93 5.37
N ALA C 217 -11.35 68.64 5.33
CA ALA C 217 -11.30 69.97 5.93
C ALA C 217 -12.31 70.87 5.23
N LEU C 218 -12.31 70.83 3.90
CA LEU C 218 -13.21 71.62 3.08
C LEU C 218 -14.65 71.17 3.34
N SER C 219 -14.90 69.87 3.22
CA SER C 219 -16.23 69.32 3.48
C SER C 219 -16.71 69.83 4.83
N LEU C 220 -15.80 69.83 5.78
CA LEU C 220 -16.07 70.30 7.12
C LEU C 220 -16.32 71.80 7.12
N THR C 221 -15.60 72.53 6.27
CA THR C 221 -15.79 73.97 6.20
C THR C 221 -17.08 74.34 5.50
N ASP C 222 -17.62 73.46 4.67
CA ASP C 222 -18.88 73.79 4.01
C ASP C 222 -20.06 73.64 4.93
N GLN C 223 -19.97 72.67 5.84
CA GLN C 223 -21.02 72.45 6.80
C GLN C 223 -21.06 73.68 7.66
N ALA C 224 -19.89 74.07 8.15
CA ALA C 224 -19.72 75.23 9.03
C ALA C 224 -20.30 76.50 8.45
N ILE C 225 -20.21 76.63 7.12
CA ILE C 225 -20.74 77.78 6.45
C ILE C 225 -22.26 77.64 6.46
N ALA C 226 -22.76 76.52 5.99
CA ALA C 226 -24.21 76.32 5.98
C ALA C 226 -24.91 76.53 7.34
N SER C 227 -24.26 76.14 8.44
CA SER C 227 -24.83 76.25 9.77
C SER C 227 -24.53 77.54 10.54
N GLY C 228 -23.62 78.34 10.00
CA GLY C 228 -23.27 79.61 10.63
C GLY C 228 -23.76 80.76 9.77
N ASP C 229 -24.59 80.40 8.79
CA ASP C 229 -25.18 81.32 7.83
C ASP C 229 -24.22 82.36 7.27
N GLY C 230 -23.29 81.91 6.43
CA GLY C 230 -22.33 82.79 5.81
C GLY C 230 -21.05 83.08 6.57
N GLN C 231 -21.00 82.74 7.86
CA GLN C 231 -19.80 82.97 8.67
C GLN C 231 -19.27 81.68 9.28
N VAL C 232 -17.94 81.51 9.25
CA VAL C 232 -17.28 80.35 9.85
C VAL C 232 -16.90 80.83 11.26
N SER C 233 -17.89 80.85 12.14
CA SER C 233 -17.69 81.33 13.52
C SER C 233 -17.52 80.20 14.49
N THR C 234 -16.72 80.45 15.53
CA THR C 234 -16.47 79.46 16.55
C THR C 234 -17.79 78.91 17.08
N GLN C 235 -18.79 79.77 17.20
CA GLN C 235 -20.08 79.34 17.72
C GLN C 235 -20.90 78.50 16.74
N ALA C 236 -20.44 78.39 15.50
CA ALA C 236 -21.16 77.59 14.51
C ALA C 236 -20.40 76.30 14.34
N VAL C 237 -19.09 76.43 14.42
CA VAL C 237 -18.16 75.32 14.28
C VAL C 237 -18.15 74.45 15.53
N SER C 238 -17.82 75.06 16.67
CA SER C 238 -17.72 74.39 17.97
C SER C 238 -18.90 73.52 18.22
N ALA C 239 -19.96 73.88 17.54
CA ALA C 239 -21.18 73.21 17.72
C ALA C 239 -21.37 71.99 16.83
N MET C 240 -20.79 71.99 15.61
CA MET C 240 -20.86 70.83 14.71
C MET C 240 -20.13 69.70 15.39
N LEU C 241 -18.91 69.97 15.80
CA LEU C 241 -18.10 68.97 16.46
C LEU C 241 -18.65 68.67 17.86
N GLY C 242 -19.54 69.52 18.36
CA GLY C 242 -20.04 69.31 19.68
C GLY C 242 -18.94 69.68 20.71
N THR C 243 -17.80 70.28 20.24
CA THR C 243 -16.66 70.68 21.10
C THR C 243 -16.84 72.12 21.65
N LEU C 244 -16.64 72.26 22.94
CA LEU C 244 -16.87 73.50 23.66
C LEU C 244 -16.07 74.74 23.22
N ASP C 245 -16.75 75.87 23.30
CA ASP C 245 -16.16 77.18 23.05
C ASP C 245 -15.08 77.35 24.11
N ASP C 246 -13.93 77.94 23.80
CA ASP C 246 -12.90 78.04 24.83
C ASP C 246 -13.26 78.74 26.14
N ASP C 247 -14.50 79.22 26.23
CA ASP C 247 -14.96 79.82 27.47
C ASP C 247 -15.71 78.78 28.25
N GLN C 248 -16.50 77.99 27.53
CA GLN C 248 -17.28 76.92 28.15
C GLN C 248 -16.27 75.97 28.79
N ALA C 249 -15.27 75.63 28.00
CA ALA C 249 -14.22 74.73 28.41
C ALA C 249 -13.38 75.36 29.48
N LEU C 250 -13.08 76.64 29.31
CA LEU C 250 -12.25 77.33 30.30
C LEU C 250 -12.89 77.44 31.68
N SER C 251 -14.22 77.57 31.77
CA SER C 251 -14.88 77.68 33.07
C SER C 251 -14.85 76.33 33.78
N LEU C 252 -14.96 75.27 33.00
CA LEU C 252 -14.92 73.93 33.56
C LEU C 252 -13.61 73.78 34.29
N VAL C 253 -12.54 74.16 33.61
CA VAL C 253 -11.21 74.07 34.17
C VAL C 253 -11.12 74.90 35.45
N GLU C 254 -11.77 76.06 35.43
CA GLU C 254 -11.76 76.92 36.61
C GLU C 254 -12.61 76.33 37.70
N ALA C 255 -13.76 75.79 37.31
CA ALA C 255 -14.65 75.20 38.29
C ALA C 255 -13.84 74.18 39.06
N MET C 256 -13.23 73.28 38.31
CA MET C 256 -12.43 72.22 38.86
C MET C 256 -11.34 72.69 39.82
N VAL C 257 -10.63 73.74 39.42
CA VAL C 257 -9.55 74.23 40.24
C VAL C 257 -9.99 74.96 41.51
N GLU C 258 -11.18 75.56 41.48
CA GLU C 258 -11.71 76.26 42.66
C GLU C 258 -12.35 75.19 43.55
N ALA C 259 -12.49 74.01 42.95
CA ALA C 259 -13.07 72.88 43.64
C ALA C 259 -14.54 73.04 44.01
N ASN C 260 -15.33 73.75 43.23
CA ASN C 260 -16.74 73.81 43.57
C ASN C 260 -17.46 72.83 42.68
N GLY C 261 -17.92 71.75 43.28
CA GLY C 261 -18.59 70.71 42.54
C GLY C 261 -19.88 71.01 41.81
N GLU C 262 -20.82 71.66 42.48
CA GLU C 262 -22.11 71.94 41.86
C GLU C 262 -21.90 72.61 40.53
N ARG C 263 -21.08 73.67 40.53
CA ARG C 263 -20.79 74.42 39.31
C ARG C 263 -20.29 73.52 38.17
N VAL C 264 -19.41 72.58 38.50
CA VAL C 264 -18.89 71.66 37.50
C VAL C 264 -20.00 70.82 36.88
N MET C 265 -20.75 70.09 37.72
CA MET C 265 -21.83 69.24 37.22
C MET C 265 -22.83 70.10 36.46
N ALA C 266 -23.00 71.35 36.89
CA ALA C 266 -23.93 72.25 36.22
C ALA C 266 -23.44 72.58 34.79
N LEU C 267 -22.15 72.82 34.66
CA LEU C 267 -21.61 73.15 33.37
C LEU C 267 -21.70 71.92 32.48
N ILE C 268 -21.52 70.74 33.07
CA ILE C 268 -21.60 69.47 32.34
C ILE C 268 -23.03 69.19 31.86
N ASN C 269 -24.00 69.53 32.71
CA ASN C 269 -25.40 69.31 32.38
C ASN C 269 -25.79 70.30 31.27
N GLU C 270 -25.48 71.58 31.52
CA GLU C 270 -25.77 72.65 30.57
C GLU C 270 -25.10 72.36 29.24
N ALA C 271 -24.00 71.63 29.33
CA ALA C 271 -23.26 71.29 28.15
C ALA C 271 -23.92 70.14 27.40
N ALA C 272 -24.45 69.19 28.17
CA ALA C 272 -25.09 68.03 27.59
C ALA C 272 -26.25 68.50 26.74
N ALA C 273 -26.87 69.59 27.18
CA ALA C 273 -28.03 70.18 26.50
C ALA C 273 -27.76 70.55 25.05
N ARG C 274 -26.55 71.03 24.78
CA ARG C 274 -26.21 71.42 23.41
C ARG C 274 -25.51 70.27 22.66
N GLY C 275 -25.71 69.05 23.15
CA GLY C 275 -25.18 67.84 22.54
C GLY C 275 -23.70 67.70 22.23
N ILE C 276 -22.89 67.63 23.29
CA ILE C 276 -21.45 67.50 23.15
C ILE C 276 -21.05 66.13 22.67
N GLU C 277 -19.75 65.98 22.51
CA GLU C 277 -19.07 64.76 22.14
C GLU C 277 -18.21 64.62 23.38
N TRP C 278 -18.68 63.83 24.32
CA TRP C 278 -18.01 63.70 25.59
C TRP C 278 -16.52 63.54 25.55
N GLU C 279 -16.01 62.88 24.50
CA GLU C 279 -14.58 62.69 24.40
C GLU C 279 -13.95 64.05 24.29
N ALA C 280 -14.53 64.89 23.44
CA ALA C 280 -14.06 66.25 23.18
C ALA C 280 -13.94 67.18 24.37
N LEU C 281 -14.91 67.10 25.27
CA LEU C 281 -14.93 67.94 26.45
C LEU C 281 -13.70 67.67 27.30
N LEU C 282 -13.15 66.48 27.17
CA LEU C 282 -11.93 66.08 27.89
C LEU C 282 -10.70 66.64 27.19
N VAL C 283 -10.70 66.47 25.88
CA VAL C 283 -9.62 66.93 25.05
C VAL C 283 -9.37 68.43 25.21
N GLU C 284 -10.40 69.25 25.00
CA GLU C 284 -10.22 70.70 25.12
C GLU C 284 -9.74 71.09 26.47
N MET C 285 -10.14 70.36 27.48
CA MET C 285 -9.72 70.69 28.81
C MET C 285 -8.27 70.35 28.99
N LEU C 286 -7.83 69.23 28.40
CA LEU C 286 -6.42 68.83 28.48
C LEU C 286 -5.56 69.91 27.81
N GLY C 287 -5.87 70.22 26.55
CA GLY C 287 -5.10 71.22 25.86
C GLY C 287 -5.10 72.54 26.61
N LEU C 288 -6.25 72.90 27.17
CA LEU C 288 -6.30 74.15 27.89
C LEU C 288 -5.34 74.07 29.05
N LEU C 289 -5.30 72.92 29.72
CA LEU C 289 -4.39 72.75 30.85
C LEU C 289 -2.94 72.79 30.39
N HIS C 290 -2.74 72.27 29.18
CA HIS C 290 -1.43 72.24 28.55
C HIS C 290 -0.99 73.66 28.32
N ARG C 291 -1.81 74.49 27.69
CA ARG C 291 -1.37 75.86 27.49
C ARG C 291 -1.05 76.60 28.75
N ILE C 292 -1.77 76.36 29.83
CA ILE C 292 -1.49 77.05 31.07
C ILE C 292 -0.12 76.62 31.63
N ALA C 293 0.24 75.38 31.37
CA ALA C 293 1.51 74.86 31.85
C ALA C 293 2.68 75.51 31.13
N MET C 294 2.54 75.72 29.82
CA MET C 294 3.53 76.37 28.95
C MET C 294 3.76 77.83 29.37
N VAL C 295 2.64 78.54 29.53
CA VAL C 295 2.66 79.94 29.93
C VAL C 295 3.34 80.15 31.27
N GLN C 296 3.43 79.12 32.09
CA GLN C 296 4.10 79.34 33.36
C GLN C 296 5.58 79.24 33.16
N LEU C 297 5.97 78.78 31.97
CA LEU C 297 7.38 78.66 31.63
C LEU C 297 7.76 79.91 30.86
N SER C 298 7.05 80.16 29.75
CA SER C 298 7.27 81.35 28.93
C SER C 298 5.96 82.10 28.75
N PRO C 299 5.77 83.19 29.52
CA PRO C 299 4.55 84.01 29.46
C PRO C 299 4.15 84.43 28.05
N ALA C 300 5.02 84.17 27.07
CA ALA C 300 4.70 84.51 25.70
C ALA C 300 3.97 83.38 25.00
N ALA C 301 3.79 82.26 25.68
CA ALA C 301 3.14 81.08 25.08
C ALA C 301 1.76 81.15 24.42
N LEU C 302 0.84 81.93 24.97
CA LEU C 302 -0.52 82.01 24.43
C LEU C 302 -0.65 82.32 22.95
N GLY C 303 -1.61 81.65 22.30
CA GLY C 303 -1.86 81.86 20.88
C GLY C 303 -2.62 83.14 20.61
N ASN C 304 -2.74 83.54 19.34
CA ASN C 304 -3.43 84.79 19.03
C ASN C 304 -4.93 84.86 19.31
N ASP C 305 -5.75 83.89 18.91
CA ASP C 305 -7.17 84.05 19.22
C ASP C 305 -7.51 83.76 20.69
N MET C 306 -6.53 83.27 21.44
CA MET C 306 -6.71 83.00 22.87
C MET C 306 -7.00 84.29 23.64
N ALA C 307 -6.73 85.43 23.00
CA ALA C 307 -6.93 86.73 23.64
C ALA C 307 -8.27 86.91 24.35
N ALA C 308 -9.33 86.29 23.85
CA ALA C 308 -10.61 86.44 24.49
C ALA C 308 -10.55 85.88 25.91
N ILE C 309 -9.84 84.76 26.07
CA ILE C 309 -9.71 84.09 27.36
C ILE C 309 -8.33 84.32 27.98
N GLU C 310 -7.52 85.15 27.31
CA GLU C 310 -6.16 85.49 27.75
C GLU C 310 -6.05 85.97 29.19
N LEU C 311 -7.01 86.77 29.64
CA LEU C 311 -6.94 87.25 31.02
C LEU C 311 -7.16 86.10 31.99
N ARG C 312 -8.09 85.21 31.68
CA ARG C 312 -8.33 84.08 32.56
C ARG C 312 -7.21 83.03 32.51
N MET C 313 -6.77 82.69 31.30
CA MET C 313 -5.68 81.73 31.15
C MET C 313 -4.48 82.23 31.94
N ARG C 314 -4.19 83.51 31.81
CA ARG C 314 -3.06 84.07 32.49
C ARG C 314 -3.20 84.06 33.97
N GLU C 315 -4.42 84.22 34.49
CA GLU C 315 -4.63 84.26 35.93
C GLU C 315 -4.33 82.92 36.56
N LEU C 316 -4.95 81.88 36.04
CA LEU C 316 -4.70 80.55 36.56
C LEU C 316 -3.20 80.34 36.60
N ALA C 317 -2.57 80.60 35.45
CA ALA C 317 -1.14 80.43 35.27
C ALA C 317 -0.29 80.89 36.45
N ARG C 318 -0.54 82.08 36.97
CA ARG C 318 0.27 82.56 38.07
C ARG C 318 -0.22 82.12 39.46
N THR C 319 -1.51 81.79 39.54
CA THR C 319 -2.12 81.42 40.81
C THR C 319 -2.12 79.92 41.15
N ILE C 320 -2.10 79.07 40.12
CA ILE C 320 -2.08 77.63 40.31
C ILE C 320 -0.71 77.00 40.11
N PRO C 321 -0.21 76.31 41.14
CA PRO C 321 1.08 75.61 41.16
C PRO C 321 1.15 74.59 40.01
N PRO C 322 2.23 74.61 39.24
CA PRO C 322 2.41 73.69 38.11
C PRO C 322 2.28 72.23 38.51
N THR C 323 2.62 71.95 39.76
CA THR C 323 2.52 70.62 40.29
C THR C 323 1.07 70.21 40.18
N ASP C 324 0.20 71.06 40.73
CA ASP C 324 -1.25 70.84 40.72
C ASP C 324 -1.72 70.71 39.28
N ILE C 325 -1.27 71.62 38.41
CA ILE C 325 -1.68 71.56 37.02
C ILE C 325 -1.30 70.27 36.34
N GLN C 326 -0.23 69.65 36.82
CA GLN C 326 0.18 68.37 36.25
C GLN C 326 -0.78 67.27 36.67
N LEU C 327 -1.27 67.36 37.90
CA LEU C 327 -2.22 66.39 38.41
C LEU C 327 -3.53 66.46 37.61
N TYR C 328 -4.08 67.66 37.46
CA TYR C 328 -5.32 67.82 36.72
C TYR C 328 -5.18 67.27 35.32
N TYR C 329 -4.05 67.52 34.67
CA TYR C 329 -3.85 67.01 33.32
C TYR C 329 -3.80 65.49 33.29
N GLN C 330 -3.21 64.90 34.33
CA GLN C 330 -3.04 63.45 34.41
C GLN C 330 -4.39 62.77 34.66
N THR C 331 -5.11 63.30 35.65
CA THR C 331 -6.43 62.84 36.04
C THR C 331 -7.30 62.80 34.79
N LEU C 332 -7.34 63.91 34.08
CA LEU C 332 -8.16 64.00 32.88
C LEU C 332 -7.70 63.10 31.75
N LEU C 333 -6.42 62.80 31.68
CA LEU C 333 -5.97 61.95 30.58
C LEU C 333 -6.35 60.53 30.87
N ILE C 334 -5.92 60.09 32.04
CA ILE C 334 -6.20 58.75 32.51
C ILE C 334 -7.69 58.51 32.30
N GLY C 335 -8.48 59.57 32.56
CA GLY C 335 -9.92 59.52 32.42
C GLY C 335 -10.30 59.30 30.97
N ARG C 336 -9.40 59.69 30.08
CA ARG C 336 -9.69 59.51 28.67
C ARG C 336 -9.38 58.05 28.31
N LYS C 337 -8.41 57.46 29.00
CA LYS C 337 -8.05 56.08 28.74
C LYS C 337 -9.28 55.24 29.06
N GLU C 338 -9.88 55.54 30.22
CA GLU C 338 -11.06 54.87 30.75
C GLU C 338 -12.30 54.97 29.89
N LEU C 339 -12.62 56.19 29.48
CA LEU C 339 -13.79 56.44 28.68
C LEU C 339 -14.52 55.31 27.90
N PRO C 340 -13.82 54.46 27.14
CA PRO C 340 -14.62 53.43 26.43
C PRO C 340 -15.08 52.31 27.39
N TYR C 341 -14.47 52.22 28.55
CA TYR C 341 -14.84 51.17 29.46
C TYR C 341 -15.84 51.64 30.47
N ALA C 342 -15.98 52.96 30.58
CA ALA C 342 -16.94 53.50 31.52
C ALA C 342 -18.30 52.99 31.10
N PRO C 343 -19.22 52.82 32.06
CA PRO C 343 -20.57 52.32 31.74
C PRO C 343 -21.33 53.18 30.72
N ASP C 344 -20.98 54.47 30.67
CA ASP C 344 -21.62 55.42 29.78
C ASP C 344 -20.64 56.59 29.55
N ARG C 345 -20.51 57.01 28.29
CA ARG C 345 -19.56 58.09 28.01
C ARG C 345 -19.72 59.33 28.88
N ARG C 346 -20.95 59.79 28.99
CA ARG C 346 -21.22 60.98 29.79
C ARG C 346 -20.81 60.74 31.20
N MET C 347 -20.89 59.50 31.63
CA MET C 347 -20.56 59.15 32.98
C MET C 347 -19.05 59.10 33.18
N GLY C 348 -18.36 58.50 32.23
CA GLY C 348 -16.91 58.49 32.37
C GLY C 348 -16.40 59.89 32.65
N VAL C 349 -16.94 60.85 31.90
CA VAL C 349 -16.52 62.24 32.05
C VAL C 349 -16.86 62.85 33.39
N GLU C 350 -17.99 62.44 33.96
CA GLU C 350 -18.41 63.00 35.24
C GLU C 350 -17.54 62.44 36.35
N MET C 351 -17.25 61.16 36.23
CA MET C 351 -16.46 60.46 37.21
C MET C 351 -15.00 60.93 37.16
N THR C 352 -14.49 61.14 35.96
CA THR C 352 -13.13 61.60 35.85
C THR C 352 -12.98 62.93 36.57
N LEU C 353 -14.03 63.74 36.54
CA LEU C 353 -14.04 65.06 37.16
C LEU C 353 -14.27 64.97 38.66
N LEU C 354 -15.21 64.15 39.07
CA LEU C 354 -15.47 63.98 40.48
C LEU C 354 -14.24 63.45 41.20
N ARG C 355 -13.29 62.92 40.43
CA ARG C 355 -12.05 62.37 40.97
C ARG C 355 -11.14 63.54 41.19
N ALA C 356 -11.00 64.36 40.17
CA ALA C 356 -10.18 65.54 40.28
C ALA C 356 -10.62 66.34 41.52
N LEU C 357 -11.92 66.33 41.77
CA LEU C 357 -12.49 67.03 42.90
C LEU C 357 -12.15 66.36 44.21
N ALA C 358 -12.22 65.03 44.22
CA ALA C 358 -11.94 64.28 45.44
C ALA C 358 -10.48 64.27 45.78
N PHE C 359 -9.64 64.41 44.76
CA PHE C 359 -8.20 64.40 44.92
C PHE C 359 -7.61 65.79 44.72
N HIS C 360 -8.44 66.80 44.90
CA HIS C 360 -8.02 68.17 44.73
C HIS C 360 -6.92 68.49 45.73
N PRO C 361 -5.83 69.10 45.27
CA PRO C 361 -4.67 69.48 46.08
C PRO C 361 -4.80 70.57 47.13
N ARG C 362 -5.59 71.60 46.84
CA ARG C 362 -5.73 72.69 47.81
C ARG C 362 -6.90 72.53 48.78
N MET C 363 -7.89 71.74 48.39
CA MET C 363 -9.09 71.48 49.18
C MET C 363 -9.76 70.28 48.50
N PRO C 364 -10.23 69.30 49.27
CA PRO C 364 -10.86 68.15 48.59
C PRO C 364 -12.18 67.74 49.26
N LEU C 365 -12.88 66.76 48.69
CA LEU C 365 -14.14 66.28 49.28
C LEU C 365 -13.80 65.64 50.65
N PRO C 366 -14.45 66.09 51.73
CA PRO C 366 -14.30 65.65 53.13
C PRO C 366 -15.11 64.45 53.67
N GLU C 367 -14.74 63.97 54.87
CA GLU C 367 -15.41 62.82 55.52
C GLU C 367 -15.24 62.64 57.03
N PRO C 368 -16.20 61.96 57.70
CA PRO C 368 -16.15 61.68 59.14
C PRO C 368 -15.74 60.22 59.42
N VAL D 5 -46.44 50.29 15.36
CA VAL D 5 -45.54 50.31 16.54
C VAL D 5 -45.06 51.72 16.85
N LEU D 6 -44.47 51.90 18.03
CA LEU D 6 -44.01 53.20 18.46
C LEU D 6 -43.12 53.92 17.46
N ALA D 7 -42.17 53.19 16.87
CA ALA D 7 -41.24 53.77 15.89
C ALA D 7 -41.91 54.48 14.73
N ARG D 8 -42.94 53.86 14.15
CA ARG D 8 -43.65 54.47 13.02
C ARG D 8 -44.57 55.58 13.51
N LYS D 9 -45.20 55.36 14.65
CA LYS D 9 -46.10 56.37 15.19
C LYS D 9 -45.40 57.64 15.62
N TRP D 10 -44.19 57.51 16.15
CA TRP D 10 -43.46 58.69 16.59
C TRP D 10 -42.34 59.18 15.69
N ARG D 11 -42.49 58.94 14.40
CA ARG D 11 -41.53 59.40 13.42
C ARG D 11 -41.63 60.92 13.40
N PRO D 12 -40.48 61.62 13.46
CA PRO D 12 -40.50 63.09 13.44
C PRO D 12 -41.31 63.69 12.29
N GLN D 13 -42.20 64.62 12.63
CA GLN D 13 -43.05 65.29 11.64
C GLN D 13 -42.61 66.74 11.43
N THR D 14 -41.73 67.21 12.31
CA THR D 14 -41.19 68.56 12.25
C THR D 14 -39.76 68.50 12.76
N PHE D 15 -38.94 69.48 12.43
CA PHE D 15 -37.55 69.47 12.90
C PHE D 15 -37.52 69.52 14.42
N ALA D 16 -38.54 70.15 15.01
CA ALA D 16 -38.64 70.27 16.46
C ALA D 16 -38.89 68.91 17.14
N ASP D 17 -39.44 67.97 16.38
CA ASP D 17 -39.72 66.64 16.91
C ASP D 17 -38.45 65.84 16.87
N VAL D 18 -37.41 66.47 16.34
CA VAL D 18 -36.15 65.81 16.19
C VAL D 18 -35.34 65.91 17.45
N VAL D 19 -34.83 64.75 17.86
CA VAL D 19 -33.99 64.69 19.04
C VAL D 19 -32.53 64.86 18.67
N GLY D 20 -31.83 65.55 19.52
CA GLY D 20 -30.39 65.83 19.44
C GLY D 20 -29.58 65.68 18.11
N GLN D 21 -29.94 66.37 17.04
CA GLN D 21 -29.07 66.41 15.85
C GLN D 21 -28.99 67.90 15.55
N GLU D 22 -28.89 68.69 16.62
CA GLU D 22 -28.89 70.16 16.59
C GLU D 22 -28.05 70.80 15.49
N HIS D 23 -26.78 70.46 15.45
CA HIS D 23 -25.87 71.05 14.46
C HIS D 23 -26.37 70.84 13.04
N VAL D 24 -27.09 69.75 12.81
CA VAL D 24 -27.61 69.46 11.50
C VAL D 24 -28.90 70.23 11.28
N LEU D 25 -29.77 70.22 12.29
CA LEU D 25 -31.06 70.90 12.18
C LEU D 25 -30.92 72.40 12.06
N THR D 26 -29.91 72.95 12.73
CA THR D 26 -29.66 74.39 12.69
C THR D 26 -29.19 74.82 11.29
N ALA D 27 -28.35 74.01 10.67
CA ALA D 27 -27.83 74.34 9.34
C ALA D 27 -28.90 74.16 8.27
N LEU D 28 -29.67 73.08 8.36
CA LEU D 28 -30.73 72.86 7.37
C LEU D 28 -31.78 73.94 7.47
N ALA D 29 -32.11 74.32 8.69
CA ALA D 29 -33.13 75.36 8.91
C ALA D 29 -32.62 76.71 8.38
N ASN D 30 -31.38 77.05 8.69
CA ASN D 30 -30.85 78.32 8.20
C ASN D 30 -30.90 78.36 6.68
N GLY D 31 -30.42 77.30 6.04
CA GLY D 31 -30.43 77.23 4.59
C GLY D 31 -31.84 77.32 4.03
N LEU D 32 -32.76 76.54 4.58
CA LEU D 32 -34.14 76.55 4.12
C LEU D 32 -34.79 77.94 4.29
N SER D 33 -34.67 78.50 5.49
CA SER D 33 -35.28 79.81 5.76
C SER D 33 -34.78 80.93 4.86
N LEU D 34 -33.51 80.87 4.46
CA LEU D 34 -32.96 81.92 3.59
C LEU D 34 -32.99 81.58 2.10
N GLY D 35 -33.72 80.51 1.74
CA GLY D 35 -33.81 80.11 0.36
C GLY D 35 -32.48 79.73 -0.28
N ARG D 36 -31.58 79.19 0.53
CA ARG D 36 -30.27 78.78 0.02
C ARG D 36 -30.30 77.26 -0.10
N ILE D 37 -30.70 76.75 -1.26
CA ILE D 37 -30.79 75.30 -1.43
C ILE D 37 -29.75 74.68 -2.34
N HIS D 38 -29.03 73.71 -1.80
CA HIS D 38 -28.01 73.04 -2.58
C HIS D 38 -28.71 71.94 -3.37
N HIS D 39 -28.02 71.39 -4.36
CA HIS D 39 -28.61 70.36 -5.20
C HIS D 39 -28.60 68.95 -4.61
N ALA D 40 -27.72 68.70 -3.65
CA ALA D 40 -27.66 67.37 -3.08
C ALA D 40 -27.24 67.41 -1.62
N TYR D 41 -27.91 66.59 -0.82
CA TYR D 41 -27.61 66.52 0.61
C TYR D 41 -27.23 65.09 0.97
N LEU D 42 -26.26 64.95 1.85
CA LEU D 42 -25.80 63.66 2.28
C LEU D 42 -25.92 63.57 3.81
N PHE D 43 -26.61 62.53 4.27
CA PHE D 43 -26.80 62.31 5.68
C PHE D 43 -26.11 61.00 6.04
N SER D 44 -25.10 61.08 6.89
CA SER D 44 -24.40 59.88 7.30
C SER D 44 -24.55 59.68 8.80
N GLY D 45 -24.20 58.49 9.27
CA GLY D 45 -24.31 58.16 10.68
C GLY D 45 -24.71 56.71 10.85
N THR D 46 -24.64 56.23 12.08
CA THR D 46 -24.99 54.86 12.34
C THR D 46 -26.47 54.58 12.20
N ARG D 47 -26.92 53.56 12.90
CA ARG D 47 -28.29 53.11 12.85
C ARG D 47 -29.33 53.79 13.73
N GLY D 48 -30.48 54.05 13.12
CA GLY D 48 -31.59 54.65 13.84
C GLY D 48 -31.26 55.92 14.61
N VAL D 49 -30.46 56.79 14.01
CA VAL D 49 -30.10 58.05 14.65
C VAL D 49 -30.91 59.21 14.07
N GLY D 50 -31.62 58.95 12.97
CA GLY D 50 -32.45 59.98 12.38
C GLY D 50 -32.15 60.45 10.97
N LYS D 51 -31.35 59.70 10.22
CA LYS D 51 -31.01 60.10 8.85
C LYS D 51 -32.20 60.23 7.91
N THR D 52 -33.00 59.18 7.83
CA THR D 52 -34.17 59.17 6.96
C THR D 52 -35.21 60.17 7.47
N SER D 53 -35.37 60.26 8.78
CA SER D 53 -36.33 61.20 9.35
C SER D 53 -36.02 62.62 8.89
N ILE D 54 -34.76 63.02 9.06
CA ILE D 54 -34.34 64.35 8.67
C ILE D 54 -34.42 64.54 7.16
N ALA D 55 -33.99 63.55 6.38
CA ALA D 55 -34.08 63.67 4.93
C ALA D 55 -35.55 63.89 4.53
N ARG D 56 -36.45 63.13 5.16
CA ARG D 56 -37.88 63.23 4.88
C ARG D 56 -38.46 64.61 5.22
N LEU D 57 -38.03 65.18 6.33
CA LEU D 57 -38.51 66.50 6.73
C LEU D 57 -37.97 67.54 5.74
N LEU D 58 -36.73 67.38 5.30
CA LEU D 58 -36.16 68.31 4.34
C LEU D 58 -37.00 68.28 3.06
N ALA D 59 -37.30 67.08 2.57
CA ALA D 59 -38.11 66.96 1.35
C ALA D 59 -39.45 67.65 1.61
N LYS D 60 -39.95 67.48 2.81
CA LYS D 60 -41.22 68.06 3.22
C LYS D 60 -41.10 69.60 3.24
N GLY D 61 -40.01 70.11 3.79
CA GLY D 61 -39.81 71.55 3.86
C GLY D 61 -39.64 72.18 2.48
N LEU D 62 -39.09 71.41 1.55
CA LEU D 62 -38.85 71.84 0.18
C LEU D 62 -40.09 71.91 -0.71
N ASN D 63 -41.06 71.04 -0.45
CA ASN D 63 -42.26 70.97 -1.27
C ASN D 63 -43.57 71.43 -0.63
N CYS D 64 -43.49 71.93 0.59
CA CYS D 64 -44.69 72.40 1.27
C CYS D 64 -45.39 73.46 0.41
N GLU D 65 -46.69 73.31 0.24
CA GLU D 65 -47.49 74.26 -0.55
C GLU D 65 -47.41 75.66 0.02
N THR D 66 -47.20 75.72 1.32
CA THR D 66 -47.09 76.98 2.03
C THR D 66 -45.87 77.78 1.56
N GLY D 67 -44.87 77.07 1.03
CA GLY D 67 -43.65 77.67 0.54
C GLY D 67 -42.43 76.92 1.06
N ILE D 68 -41.24 77.23 0.53
CA ILE D 68 -40.01 76.57 0.97
C ILE D 68 -39.78 76.99 2.41
N THR D 69 -39.92 76.06 3.34
CA THR D 69 -39.80 76.41 4.74
C THR D 69 -39.08 75.38 5.60
N ALA D 70 -38.54 75.85 6.73
CA ALA D 70 -37.87 74.98 7.67
C ALA D 70 -38.94 74.44 8.62
N THR D 71 -40.18 74.86 8.39
CA THR D 71 -41.31 74.38 9.19
C THR D 71 -42.50 73.92 8.33
N PRO D 72 -42.38 72.77 7.65
CA PRO D 72 -43.51 72.30 6.83
C PRO D 72 -44.80 72.40 7.64
N CYS D 73 -45.87 72.86 7.02
CA CYS D 73 -47.14 73.01 7.75
C CYS D 73 -47.67 71.67 8.25
N GLY D 74 -47.45 70.62 7.47
CA GLY D 74 -47.90 69.30 7.87
C GLY D 74 -49.36 68.97 7.57
N VAL D 75 -50.10 69.92 7.01
CA VAL D 75 -51.51 69.65 6.72
C VAL D 75 -51.89 69.81 5.25
N CYS D 76 -50.98 70.34 4.44
CA CYS D 76 -51.28 70.49 3.02
C CYS D 76 -51.14 69.11 2.37
N ASP D 77 -51.68 68.96 1.16
CA ASP D 77 -51.62 67.69 0.48
C ASP D 77 -50.18 67.19 0.24
N ASN D 78 -49.28 68.08 -0.15
CA ASN D 78 -47.90 67.67 -0.39
C ASN D 78 -47.33 67.09 0.90
N CYS D 79 -47.52 67.80 2.01
CA CYS D 79 -47.03 67.31 3.30
C CYS D 79 -47.65 65.98 3.72
N ARG D 80 -48.97 65.83 3.57
CA ARG D 80 -49.61 64.59 3.96
C ARG D 80 -49.14 63.42 3.11
N GLU D 81 -49.06 63.62 1.80
CA GLU D 81 -48.62 62.58 0.90
C GLU D 81 -47.17 62.12 1.13
N ILE D 82 -46.28 63.08 1.41
CA ILE D 82 -44.89 62.74 1.67
C ILE D 82 -44.87 61.84 2.91
N GLU D 83 -45.67 62.23 3.89
CA GLU D 83 -45.82 61.52 5.16
C GLU D 83 -46.23 60.06 4.90
N GLN D 84 -47.21 59.88 4.03
CA GLN D 84 -47.74 58.57 3.65
C GLN D 84 -46.79 57.82 2.73
N GLY D 85 -45.81 58.52 2.16
CA GLY D 85 -44.88 57.87 1.24
C GLY D 85 -45.53 57.71 -0.11
N ARG D 86 -46.60 58.45 -0.34
CA ARG D 86 -47.30 58.37 -1.61
C ARG D 86 -47.29 59.69 -2.38
N PHE D 87 -46.18 60.40 -2.29
CA PHE D 87 -46.04 61.68 -2.98
C PHE D 87 -45.32 61.45 -4.30
N VAL D 88 -45.96 61.85 -5.40
CA VAL D 88 -45.38 61.66 -6.73
C VAL D 88 -44.01 62.30 -6.96
N ASP D 89 -43.68 63.35 -6.20
CA ASP D 89 -42.40 63.99 -6.40
C ASP D 89 -41.33 63.68 -5.36
N LEU D 90 -41.56 62.63 -4.58
CA LEU D 90 -40.58 62.17 -3.61
C LEU D 90 -40.32 60.73 -4.03
N ILE D 91 -39.28 60.51 -4.82
CA ILE D 91 -38.95 59.17 -5.27
C ILE D 91 -37.95 58.50 -4.35
N GLU D 92 -38.42 57.53 -3.57
CA GLU D 92 -37.57 56.80 -2.64
C GLU D 92 -36.86 55.62 -3.29
N ILE D 93 -35.53 55.60 -3.19
CA ILE D 93 -34.73 54.52 -3.75
C ILE D 93 -33.95 53.82 -2.64
N ASP D 94 -34.01 52.50 -2.63
CA ASP D 94 -33.30 51.72 -1.62
C ASP D 94 -32.19 50.92 -2.28
N ALA D 95 -30.97 51.44 -2.21
CA ALA D 95 -29.81 50.79 -2.80
C ALA D 95 -29.48 49.47 -2.13
N ALA D 96 -29.90 49.31 -0.88
CA ALA D 96 -29.62 48.08 -0.13
C ALA D 96 -30.59 46.93 -0.41
N SER D 97 -31.64 47.17 -1.19
CA SER D 97 -32.62 46.12 -1.49
C SER D 97 -32.24 45.16 -2.62
N ARG D 98 -32.28 43.86 -2.31
CA ARG D 98 -31.95 42.83 -3.29
C ARG D 98 -33.09 42.70 -4.30
N THR D 99 -34.28 43.14 -3.90
CA THR D 99 -35.46 43.02 -4.73
C THR D 99 -35.72 44.16 -5.72
N LYS D 100 -35.27 45.36 -5.37
CA LYS D 100 -35.50 46.52 -6.23
C LYS D 100 -34.29 46.92 -7.03
N VAL D 101 -33.46 45.96 -7.38
CA VAL D 101 -32.25 46.27 -8.13
C VAL D 101 -32.45 46.87 -9.49
N GLU D 102 -33.47 46.41 -10.22
CA GLU D 102 -33.73 46.94 -11.53
C GLU D 102 -34.33 48.34 -11.39
N ASP D 103 -35.38 48.47 -10.57
CA ASP D 103 -36.02 49.78 -10.37
C ASP D 103 -35.00 50.82 -9.93
N THR D 104 -34.05 50.41 -9.10
CA THR D 104 -33.01 51.31 -8.61
C THR D 104 -32.19 51.80 -9.80
N ARG D 105 -31.76 50.85 -10.62
CA ARG D 105 -30.96 51.12 -11.80
C ARG D 105 -31.72 51.98 -12.81
N ASP D 106 -32.97 51.62 -13.13
CA ASP D 106 -33.76 52.36 -14.10
C ASP D 106 -34.08 53.80 -13.72
N LEU D 107 -34.61 53.99 -12.51
CA LEU D 107 -34.97 55.32 -12.04
C LEU D 107 -33.79 56.28 -12.09
N LEU D 108 -32.60 55.78 -11.77
CA LEU D 108 -31.39 56.60 -11.78
C LEU D 108 -30.89 56.88 -13.19
N ASP D 109 -31.25 56.02 -14.13
CA ASP D 109 -30.86 56.22 -15.53
C ASP D 109 -31.90 57.10 -16.22
N ASN D 110 -33.03 57.33 -15.55
CA ASN D 110 -34.09 58.12 -16.14
C ASN D 110 -34.65 59.18 -15.20
N VAL D 111 -33.80 60.11 -14.78
CA VAL D 111 -34.22 61.18 -13.87
C VAL D 111 -35.34 62.00 -14.50
N GLN D 112 -36.38 62.30 -13.71
CA GLN D 112 -37.50 63.10 -14.19
C GLN D 112 -37.21 64.56 -13.84
N TYR D 113 -36.70 65.31 -14.82
CA TYR D 113 -36.33 66.72 -14.65
C TYR D 113 -37.40 67.75 -14.28
N ALA D 114 -38.66 67.41 -14.48
CA ALA D 114 -39.73 68.34 -14.16
C ALA D 114 -40.70 67.71 -13.17
N PRO D 115 -40.85 68.32 -11.98
CA PRO D 115 -41.76 67.79 -10.95
C PRO D 115 -43.17 67.77 -11.53
N ALA D 116 -43.98 66.82 -11.11
CA ALA D 116 -45.35 66.73 -11.61
C ALA D 116 -46.31 67.50 -10.74
N ARG D 117 -46.01 67.58 -9.45
CA ARG D 117 -46.90 68.28 -8.51
C ARG D 117 -46.21 69.37 -7.68
N GLY D 118 -45.16 69.00 -6.94
CA GLY D 118 -44.46 69.95 -6.10
C GLY D 118 -43.47 70.79 -6.89
N ARG D 119 -42.86 71.78 -6.24
CA ARG D 119 -41.90 72.64 -6.94
C ARG D 119 -40.58 71.95 -7.24
N PHE D 120 -40.31 70.84 -6.56
CA PHE D 120 -39.07 70.08 -6.77
C PHE D 120 -39.36 68.60 -6.94
N LYS D 121 -38.51 67.94 -7.73
CA LYS D 121 -38.60 66.50 -7.94
C LYS D 121 -37.51 66.03 -6.98
N VAL D 122 -37.90 65.32 -5.93
CA VAL D 122 -36.94 64.85 -4.94
C VAL D 122 -36.63 63.37 -4.96
N TYR D 123 -35.34 63.05 -4.94
CA TYR D 123 -34.90 61.66 -4.87
C TYR D 123 -34.25 61.42 -3.53
N LEU D 124 -34.72 60.41 -2.82
CA LEU D 124 -34.17 60.06 -1.53
C LEU D 124 -33.56 58.65 -1.69
N ILE D 125 -32.25 58.55 -1.56
CA ILE D 125 -31.57 57.27 -1.74
C ILE D 125 -30.99 56.74 -0.44
N ASP D 126 -31.53 55.61 0.03
CA ASP D 126 -31.12 54.95 1.27
C ASP D 126 -29.86 54.11 0.99
N GLU D 127 -28.93 54.10 1.94
CA GLU D 127 -27.68 53.36 1.83
C GLU D 127 -27.09 53.53 0.44
N VAL D 128 -26.89 54.79 0.05
CA VAL D 128 -26.38 55.10 -1.28
C VAL D 128 -25.05 54.44 -1.66
N HIS D 129 -24.25 54.05 -0.68
CA HIS D 129 -22.97 53.41 -0.95
C HIS D 129 -23.13 52.00 -1.52
N MET D 130 -24.33 51.44 -1.46
CA MET D 130 -24.53 50.09 -1.96
C MET D 130 -24.96 50.06 -3.43
N LEU D 131 -24.93 51.21 -4.09
CA LEU D 131 -25.31 51.32 -5.50
C LEU D 131 -24.25 50.64 -6.38
N SER D 132 -24.67 50.16 -7.55
CA SER D 132 -23.73 49.53 -8.47
C SER D 132 -22.82 50.62 -9.00
N ARG D 133 -21.71 50.23 -9.61
CA ARG D 133 -20.78 51.19 -10.17
C ARG D 133 -21.48 51.93 -11.31
N HIS D 134 -22.34 51.20 -12.01
CA HIS D 134 -23.10 51.76 -13.11
C HIS D 134 -23.91 52.95 -12.61
N SER D 135 -24.69 52.74 -11.56
CA SER D 135 -25.53 53.80 -10.99
C SER D 135 -24.73 54.94 -10.37
N PHE D 136 -23.60 54.62 -9.75
CA PHE D 136 -22.78 55.67 -9.17
C PHE D 136 -22.50 56.70 -10.24
N ASN D 137 -22.02 56.22 -11.39
CA ASN D 137 -21.71 57.12 -12.51
C ASN D 137 -22.95 57.82 -13.04
N ALA D 138 -24.08 57.12 -13.02
CA ALA D 138 -25.31 57.75 -13.46
C ALA D 138 -25.56 58.95 -12.54
N LEU D 139 -25.48 58.70 -11.23
CA LEU D 139 -25.68 59.73 -10.21
C LEU D 139 -24.66 60.86 -10.33
N LEU D 140 -23.39 60.51 -10.41
CA LEU D 140 -22.31 61.48 -10.55
C LEU D 140 -22.68 62.45 -11.67
N LYS D 141 -22.89 61.88 -12.86
CA LYS D 141 -23.26 62.61 -14.07
C LYS D 141 -24.36 63.64 -13.82
N THR D 142 -25.39 63.25 -13.06
CA THR D 142 -26.49 64.14 -12.73
C THR D 142 -26.04 65.22 -11.74
N LEU D 143 -25.19 64.83 -10.79
CA LEU D 143 -24.69 65.77 -9.80
C LEU D 143 -23.70 66.75 -10.42
N GLU D 144 -23.12 66.37 -11.56
CA GLU D 144 -22.15 67.22 -12.28
C GLU D 144 -22.88 68.23 -13.16
N GLU D 145 -24.01 67.81 -13.69
CA GLU D 145 -24.82 68.69 -14.51
C GLU D 145 -26.21 68.80 -13.86
N PRO D 146 -26.30 69.38 -12.60
CA PRO D 146 -27.45 69.64 -11.71
C PRO D 146 -28.77 70.06 -12.28
N PRO D 147 -29.63 69.10 -12.55
CA PRO D 147 -30.94 69.45 -13.09
C PRO D 147 -31.61 70.37 -12.11
N GLU D 148 -32.19 71.46 -12.59
CA GLU D 148 -32.91 72.27 -11.63
C GLU D 148 -34.29 71.63 -11.44
N HIS D 149 -34.91 71.91 -10.31
CA HIS D 149 -36.19 71.31 -9.96
C HIS D 149 -35.97 69.91 -9.42
N VAL D 150 -34.74 69.40 -9.43
CA VAL D 150 -34.43 68.07 -8.92
C VAL D 150 -33.39 68.11 -7.79
N LYS D 151 -33.74 67.53 -6.64
CA LYS D 151 -32.85 67.50 -5.48
C LYS D 151 -32.55 66.06 -5.07
N PHE D 152 -31.30 65.81 -4.67
CA PHE D 152 -30.88 64.48 -4.24
C PHE D 152 -30.55 64.48 -2.76
N LEU D 153 -31.25 63.62 -2.01
CA LEU D 153 -31.05 63.50 -0.57
C LEU D 153 -30.56 62.08 -0.34
N LEU D 154 -29.25 61.97 -0.07
CA LEU D 154 -28.62 60.68 0.15
C LEU D 154 -28.42 60.38 1.62
N ALA D 155 -28.48 59.09 1.94
CA ALA D 155 -28.30 58.63 3.30
C ALA D 155 -27.35 57.45 3.26
N THR D 156 -26.55 57.32 4.31
CA THR D 156 -25.61 56.20 4.35
C THR D 156 -24.92 56.06 5.70
N THR D 157 -24.63 54.83 6.04
CA THR D 157 -23.94 54.51 7.29
C THR D 157 -22.46 54.42 7.02
N ASP D 158 -22.07 54.51 5.75
CA ASP D 158 -20.65 54.36 5.37
C ASP D 158 -20.24 55.32 4.23
N PRO D 159 -20.15 56.63 4.55
CA PRO D 159 -19.77 57.64 3.53
C PRO D 159 -18.49 57.28 2.78
N GLN D 160 -17.52 56.75 3.52
CA GLN D 160 -16.25 56.40 2.94
C GLN D 160 -16.36 55.39 1.78
N LYS D 161 -17.35 54.48 1.82
CA LYS D 161 -17.51 53.50 0.75
C LYS D 161 -17.97 54.19 -0.53
N LEU D 162 -18.29 55.47 -0.43
CA LEU D 162 -18.75 56.25 -1.58
C LEU D 162 -17.64 56.91 -2.39
N PRO D 163 -17.80 56.96 -3.73
CA PRO D 163 -16.80 57.58 -4.61
C PRO D 163 -16.65 59.04 -4.18
N VAL D 164 -15.41 59.48 -3.95
CA VAL D 164 -15.17 60.85 -3.52
C VAL D 164 -15.67 61.91 -4.49
N THR D 165 -15.90 61.52 -5.74
CA THR D 165 -16.40 62.43 -6.75
C THR D 165 -17.84 62.82 -6.44
N ILE D 166 -18.57 61.88 -5.84
CA ILE D 166 -19.96 62.10 -5.47
C ILE D 166 -20.03 62.77 -4.11
N LEU D 167 -19.34 62.21 -3.12
CA LEU D 167 -19.35 62.78 -1.79
C LEU D 167 -19.05 64.28 -1.88
N SER D 168 -18.08 64.63 -2.72
CA SER D 168 -17.66 66.02 -2.91
C SER D 168 -18.74 66.93 -3.49
N ARG D 169 -19.78 66.36 -4.09
CA ARG D 169 -20.85 67.16 -4.66
C ARG D 169 -22.05 67.32 -3.75
N CYS D 170 -21.95 66.82 -2.51
CA CYS D 170 -23.06 66.93 -1.58
C CYS D 170 -22.75 67.81 -0.40
N LEU D 171 -23.81 68.20 0.30
CA LEU D 171 -23.65 68.98 1.52
C LEU D 171 -23.73 67.81 2.50
N GLN D 172 -22.65 67.55 3.21
CA GLN D 172 -22.59 66.43 4.13
C GLN D 172 -22.92 66.73 5.58
N PHE D 173 -23.81 65.92 6.15
CA PHE D 173 -24.20 66.11 7.53
C PHE D 173 -23.96 64.80 8.24
N HIS D 174 -23.19 64.88 9.32
CA HIS D 174 -22.84 63.71 10.11
C HIS D 174 -23.74 63.61 11.33
N LEU D 175 -24.63 62.62 11.36
CA LEU D 175 -25.50 62.46 12.52
C LEU D 175 -24.76 61.63 13.58
N LYS D 176 -24.98 61.97 14.85
CA LYS D 176 -24.35 61.26 15.92
C LYS D 176 -25.26 60.25 16.58
N ALA D 177 -24.66 59.16 17.11
CA ALA D 177 -25.47 58.30 17.95
C ALA D 177 -26.02 59.30 19.01
N LEU D 178 -26.82 58.84 19.99
CA LEU D 178 -27.46 59.67 21.07
C LEU D 178 -26.99 59.28 22.50
N ASP D 179 -26.93 60.21 23.47
CA ASP D 179 -26.55 59.78 24.83
C ASP D 179 -27.70 58.89 25.36
N VAL D 180 -27.42 58.09 26.38
CA VAL D 180 -28.45 57.24 26.97
C VAL D 180 -29.62 58.08 27.38
N GLU D 181 -29.42 58.96 28.35
CA GLU D 181 -30.50 59.80 28.86
C GLU D 181 -31.31 60.45 27.74
N GLN D 182 -30.65 60.88 26.70
CA GLN D 182 -31.34 61.48 25.57
C GLN D 182 -32.44 60.55 25.01
N ILE D 183 -32.17 59.25 24.95
CA ILE D 183 -33.13 58.23 24.46
C ILE D 183 -34.14 57.94 25.57
N ARG D 184 -33.62 57.75 26.77
CA ARG D 184 -34.47 57.51 27.92
C ARG D 184 -35.59 58.55 27.93
N HIS D 185 -35.20 59.83 27.85
CA HIS D 185 -36.13 60.95 27.88
C HIS D 185 -37.18 60.95 26.79
N GLN D 186 -36.82 60.46 25.61
CA GLN D 186 -37.76 60.42 24.50
C GLN D 186 -38.75 59.30 24.70
N LEU D 187 -38.24 58.12 25.09
CA LEU D 187 -39.07 56.95 25.34
C LEU D 187 -40.16 57.35 26.29
N GLU D 188 -39.76 57.95 27.40
CA GLU D 188 -40.69 58.40 28.41
C GLU D 188 -41.80 59.18 27.77
N HIS D 189 -41.41 60.28 27.16
CA HIS D 189 -42.33 61.19 26.51
C HIS D 189 -43.36 60.50 25.60
N ILE D 190 -42.94 59.40 24.99
CA ILE D 190 -43.80 58.68 24.07
C ILE D 190 -44.76 57.84 24.87
N LEU D 191 -44.26 57.28 25.95
CA LEU D 191 -45.11 56.42 26.77
C LEU D 191 -46.07 57.23 27.61
N ASN D 192 -45.70 58.45 27.93
CA ASN D 192 -46.61 59.27 28.70
C ASN D 192 -47.76 59.64 27.78
N GLU D 193 -47.44 60.30 26.68
CA GLU D 193 -48.44 60.73 25.72
C GLU D 193 -49.28 59.58 25.20
N GLU D 194 -48.72 58.37 25.20
CA GLU D 194 -49.45 57.20 24.71
C GLU D 194 -50.27 56.48 25.76
N HIS D 195 -50.19 56.93 27.00
CA HIS D 195 -50.90 56.33 28.13
C HIS D 195 -50.61 54.84 28.22
N ILE D 196 -49.38 54.50 28.56
CA ILE D 196 -48.97 53.11 28.70
C ILE D 196 -48.19 53.09 29.99
N ALA D 197 -48.43 52.06 30.82
CA ALA D 197 -47.78 51.95 32.13
C ALA D 197 -46.27 51.76 32.01
N HIS D 198 -45.49 52.57 32.70
CA HIS D 198 -44.03 52.44 32.64
C HIS D 198 -43.32 52.75 33.95
N GLU D 199 -42.18 52.12 34.16
CA GLU D 199 -41.39 52.29 35.37
C GLU D 199 -40.11 52.99 34.99
N PRO D 200 -39.38 53.52 35.98
CA PRO D 200 -38.12 54.21 35.69
C PRO D 200 -36.97 53.32 35.20
N ARG D 201 -36.62 52.30 35.99
CA ARG D 201 -35.51 51.42 35.64
C ARG D 201 -35.74 50.75 34.28
N ALA D 202 -37.00 50.66 33.88
CA ALA D 202 -37.30 50.02 32.62
C ALA D 202 -36.78 50.86 31.49
N LEU D 203 -37.14 52.14 31.50
CA LEU D 203 -36.74 53.08 30.46
C LEU D 203 -35.24 53.20 30.39
N GLN D 204 -34.56 52.99 31.52
CA GLN D 204 -33.10 53.05 31.58
C GLN D 204 -32.57 51.82 30.82
N LEU D 205 -32.97 50.64 31.28
CA LEU D 205 -32.60 49.36 30.69
C LEU D 205 -32.91 49.35 29.20
N LEU D 206 -34.02 49.98 28.82
CA LEU D 206 -34.44 50.02 27.43
C LEU D 206 -33.56 50.93 26.60
N ALA D 207 -33.21 52.07 27.15
CA ALA D 207 -32.38 53.02 26.45
C ALA D 207 -30.99 52.48 26.27
N ARG D 208 -30.40 52.02 27.36
CA ARG D 208 -29.06 51.50 27.31
C ARG D 208 -28.94 50.35 26.35
N ALA D 209 -30.00 49.55 26.24
CA ALA D 209 -29.99 48.40 25.35
C ALA D 209 -29.92 48.81 23.90
N ALA D 210 -30.63 49.89 23.56
CA ALA D 210 -30.62 50.43 22.21
C ALA D 210 -29.36 51.26 22.22
N GLU D 211 -28.33 50.84 21.53
CA GLU D 211 -27.09 51.60 21.59
C GLU D 211 -27.06 52.84 20.72
N GLY D 212 -27.61 53.92 21.26
CA GLY D 212 -27.61 55.18 20.53
C GLY D 212 -28.62 55.31 19.40
N SER D 213 -29.45 54.31 19.19
CA SER D 213 -30.45 54.33 18.13
C SER D 213 -31.88 54.42 18.64
N LEU D 214 -32.56 55.51 18.32
CA LEU D 214 -33.94 55.66 18.77
C LEU D 214 -34.78 54.64 18.01
N ARG D 215 -34.36 54.37 16.79
CA ARG D 215 -35.03 53.43 15.90
C ARG D 215 -35.23 52.10 16.64
N ASP D 216 -34.12 51.51 17.10
CA ASP D 216 -34.16 50.26 17.84
C ASP D 216 -34.80 50.44 19.20
N ALA D 217 -34.50 51.54 19.87
CA ALA D 217 -35.05 51.84 21.19
C ALA D 217 -36.53 51.54 21.22
N LEU D 218 -37.23 52.03 20.20
CA LEU D 218 -38.64 51.83 20.10
C LEU D 218 -38.99 50.40 19.74
N SER D 219 -38.19 49.78 18.86
CA SER D 219 -38.49 48.40 18.47
C SER D 219 -38.34 47.44 19.68
N LEU D 220 -37.50 47.84 20.64
CA LEU D 220 -37.33 47.02 21.83
C LEU D 220 -38.53 47.32 22.71
N THR D 221 -38.88 48.61 22.79
CA THR D 221 -40.00 49.02 23.61
C THR D 221 -41.24 48.31 23.15
N ASP D 222 -41.31 48.01 21.86
CA ASP D 222 -42.47 47.31 21.34
C ASP D 222 -42.52 45.85 21.64
N GLN D 223 -41.36 45.23 21.83
CA GLN D 223 -41.32 43.82 22.16
C GLN D 223 -41.44 43.65 23.65
N ALA D 224 -41.36 44.74 24.39
CA ALA D 224 -41.50 44.66 25.84
C ALA D 224 -42.99 44.70 26.10
N ILE D 225 -43.70 45.39 25.22
CA ILE D 225 -45.13 45.53 25.33
C ILE D 225 -45.84 44.23 24.92
N ALA D 226 -45.20 43.47 24.05
CA ALA D 226 -45.77 42.22 23.59
C ALA D 226 -45.40 41.09 24.54
N SER D 227 -44.13 41.03 24.93
CA SER D 227 -43.67 39.97 25.81
C SER D 227 -44.27 40.07 27.21
N GLY D 228 -44.16 41.25 27.84
CA GLY D 228 -44.71 41.38 29.18
C GLY D 228 -46.21 41.67 29.17
N ASP D 229 -46.70 42.37 30.18
CA ASP D 229 -48.11 42.75 30.20
C ASP D 229 -48.07 43.96 29.26
N GLY D 230 -49.22 44.49 28.85
CA GLY D 230 -49.16 45.68 28.00
C GLY D 230 -48.70 46.78 28.95
N GLN D 231 -47.49 46.60 29.45
CA GLN D 231 -46.86 47.44 30.43
C GLN D 231 -45.37 47.40 30.22
N VAL D 232 -44.75 48.56 30.13
CA VAL D 232 -43.32 48.55 29.98
C VAL D 232 -42.83 48.50 31.43
N SER D 233 -42.71 47.29 31.95
CA SER D 233 -42.27 47.03 33.31
C SER D 233 -40.83 46.52 33.42
N THR D 234 -40.17 46.80 34.54
CA THR D 234 -38.80 46.36 34.72
C THR D 234 -38.73 44.86 34.49
N GLN D 235 -39.72 44.16 35.02
CA GLN D 235 -39.80 42.72 34.91
C GLN D 235 -39.78 42.25 33.47
N ALA D 236 -40.50 42.96 32.60
CA ALA D 236 -40.54 42.57 31.22
C ALA D 236 -39.26 42.91 30.54
N VAL D 237 -38.83 44.16 30.68
CA VAL D 237 -37.63 44.62 30.02
C VAL D 237 -36.43 43.76 30.31
N SER D 238 -36.15 43.50 31.59
CA SER D 238 -35.01 42.68 31.97
C SER D 238 -35.31 41.22 31.70
N ALA D 239 -36.45 40.95 31.07
CA ALA D 239 -36.82 39.58 30.71
C ALA D 239 -36.32 39.35 29.28
N MET D 240 -36.28 40.41 28.48
CA MET D 240 -35.80 40.28 27.12
C MET D 240 -34.29 40.35 27.13
N LEU D 241 -33.78 41.37 27.80
CA LEU D 241 -32.34 41.62 27.83
C LEU D 241 -31.55 40.63 28.69
N GLY D 242 -31.91 40.36 29.89
CA GLY D 242 -31.04 39.45 30.55
C GLY D 242 -30.34 40.16 31.65
N THR D 243 -31.10 40.93 32.33
CA THR D 243 -30.55 41.56 33.47
C THR D 243 -31.00 40.69 34.62
N LEU D 244 -30.21 40.68 35.68
CA LEU D 244 -30.56 39.89 36.86
C LEU D 244 -31.90 40.30 37.47
N ASP D 245 -32.16 41.61 37.43
CA ASP D 245 -33.36 42.17 38.00
C ASP D 245 -33.31 41.99 39.50
N ASP D 246 -32.09 41.85 40.02
CA ASP D 246 -31.89 41.64 41.44
C ASP D 246 -30.91 42.64 42.04
N ASP D 247 -31.03 42.83 43.34
CA ASP D 247 -30.16 43.73 44.06
C ASP D 247 -28.74 43.21 44.13
N GLN D 248 -28.42 42.16 43.38
CA GLN D 248 -27.09 41.57 43.43
C GLN D 248 -25.89 42.51 43.26
N ALA D 249 -25.96 43.39 42.27
CA ALA D 249 -24.86 44.33 42.01
C ALA D 249 -24.61 45.19 43.23
N LEU D 250 -25.68 45.63 43.87
CA LEU D 250 -25.54 46.44 45.04
C LEU D 250 -24.95 45.73 46.26
N SER D 251 -25.54 44.59 46.61
CA SER D 251 -25.07 43.88 47.78
C SER D 251 -23.63 43.48 47.64
N LEU D 252 -23.22 43.28 46.38
CA LEU D 252 -21.85 42.91 46.08
C LEU D 252 -20.97 44.06 46.46
N VAL D 253 -21.43 45.28 46.11
CA VAL D 253 -20.72 46.52 46.40
C VAL D 253 -20.67 46.73 47.91
N GLU D 254 -21.79 46.47 48.57
CA GLU D 254 -21.84 46.63 50.01
C GLU D 254 -20.83 45.71 50.71
N ALA D 255 -20.77 44.45 50.28
CA ALA D 255 -19.85 43.46 50.87
C ALA D 255 -18.43 43.88 50.62
N MET D 256 -18.12 44.09 49.34
CA MET D 256 -16.81 44.52 48.89
C MET D 256 -16.28 45.62 49.77
N VAL D 257 -17.09 46.64 50.00
CA VAL D 257 -16.62 47.74 50.79
C VAL D 257 -16.47 47.50 52.29
N GLU D 258 -16.95 46.38 52.80
CA GLU D 258 -16.80 46.10 54.22
C GLU D 258 -15.62 45.15 54.37
N ALA D 259 -15.20 44.62 53.22
CA ALA D 259 -14.11 43.67 53.10
C ALA D 259 -14.62 42.36 53.65
N ASN D 260 -15.75 41.90 53.11
CA ASN D 260 -16.35 40.67 53.55
C ASN D 260 -15.87 39.42 52.82
N GLY D 261 -15.14 39.57 51.72
CA GLY D 261 -14.62 38.42 50.95
C GLY D 261 -15.52 37.21 50.89
N GLU D 262 -15.60 36.51 52.02
CA GLU D 262 -16.44 35.34 52.20
C GLU D 262 -17.77 35.56 51.51
N ARG D 263 -18.40 36.71 51.77
CA ARG D 263 -19.68 37.04 51.17
C ARG D 263 -19.54 37.53 49.74
N VAL D 264 -18.43 38.18 49.44
CA VAL D 264 -18.23 38.63 48.09
C VAL D 264 -18.11 37.37 47.23
N MET D 265 -17.22 36.46 47.60
CA MET D 265 -17.04 35.21 46.85
C MET D 265 -18.30 34.38 46.87
N ALA D 266 -19.08 34.51 47.94
CA ALA D 266 -20.33 33.78 48.04
C ALA D 266 -21.27 34.30 46.96
N LEU D 267 -21.53 35.60 47.00
CA LEU D 267 -22.42 36.23 46.04
C LEU D 267 -22.06 35.92 44.59
N ILE D 268 -20.75 35.94 44.31
CA ILE D 268 -20.26 35.69 42.96
C ILE D 268 -20.69 34.33 42.50
N ASN D 269 -20.72 33.38 43.44
CA ASN D 269 -21.07 31.99 43.19
C ASN D 269 -22.57 31.83 42.93
N GLU D 270 -23.39 32.40 43.80
CA GLU D 270 -24.82 32.30 43.64
C GLU D 270 -25.13 32.95 42.31
N ALA D 271 -24.47 34.08 42.11
CA ALA D 271 -24.65 34.82 40.90
C ALA D 271 -24.40 33.91 39.72
N ALA D 272 -23.25 33.24 39.74
CA ALA D 272 -22.84 32.34 38.70
C ALA D 272 -23.88 31.25 38.45
N ALA D 273 -24.49 30.75 39.54
CA ALA D 273 -25.50 29.71 39.41
C ALA D 273 -26.74 30.11 38.61
N ARG D 274 -27.03 31.42 38.53
CA ARG D 274 -28.18 31.94 37.78
C ARG D 274 -27.76 32.41 36.39
N GLY D 275 -26.59 32.00 35.94
CA GLY D 275 -26.11 32.39 34.63
C GLY D 275 -26.07 33.87 34.30
N ILE D 276 -25.41 34.68 35.12
CA ILE D 276 -25.33 36.11 34.86
C ILE D 276 -24.31 36.36 33.79
N GLU D 277 -24.44 37.51 33.12
CA GLU D 277 -23.48 37.94 32.10
C GLU D 277 -22.48 38.76 32.91
N TRP D 278 -21.35 38.15 33.24
CA TRP D 278 -20.33 38.80 34.07
C TRP D 278 -19.94 40.23 33.74
N GLU D 279 -19.94 40.60 32.46
CA GLU D 279 -19.60 41.97 32.13
C GLU D 279 -20.73 42.89 32.55
N ALA D 280 -21.96 42.41 32.38
CA ALA D 280 -23.13 43.19 32.74
C ALA D 280 -23.13 43.50 34.21
N LEU D 281 -22.62 42.56 35.01
CA LEU D 281 -22.56 42.72 36.45
C LEU D 281 -21.57 43.80 36.82
N LEU D 282 -20.44 43.78 36.15
CA LEU D 282 -19.43 44.77 36.45
C LEU D 282 -19.92 46.16 36.07
N VAL D 283 -20.67 46.22 34.99
CA VAL D 283 -21.14 47.50 34.52
C VAL D 283 -22.10 48.14 35.52
N GLU D 284 -22.94 47.30 36.15
CA GLU D 284 -23.91 47.77 37.13
C GLU D 284 -23.16 48.30 38.29
N MET D 285 -22.15 47.57 38.72
CA MET D 285 -21.37 48.02 39.85
C MET D 285 -20.72 49.37 39.64
N LEU D 286 -20.21 49.58 38.43
CA LEU D 286 -19.55 50.83 38.06
C LEU D 286 -20.58 51.93 38.09
N GLY D 287 -21.76 51.64 37.57
CA GLY D 287 -22.81 52.62 37.54
C GLY D 287 -23.22 52.97 38.95
N LEU D 288 -23.22 51.97 39.81
CA LEU D 288 -23.61 52.26 41.19
C LEU D 288 -22.55 53.10 41.86
N LEU D 289 -21.31 52.71 41.66
CA LEU D 289 -20.21 53.43 42.25
C LEU D 289 -20.20 54.88 41.81
N HIS D 290 -20.71 55.12 40.61
CA HIS D 290 -20.77 56.46 40.06
C HIS D 290 -21.85 57.31 40.74
N ARG D 291 -23.10 56.84 40.71
CA ARG D 291 -24.19 57.59 41.35
C ARG D 291 -23.79 57.95 42.75
N ILE D 292 -23.20 56.99 43.46
CA ILE D 292 -22.82 57.25 44.83
C ILE D 292 -21.98 58.50 44.93
N ALA D 293 -20.93 58.54 44.13
CA ALA D 293 -20.05 59.69 44.12
C ALA D 293 -20.82 60.95 43.75
N MET D 294 -21.87 60.83 42.94
CA MET D 294 -22.65 62.01 42.57
C MET D 294 -23.45 62.44 43.78
N VAL D 295 -23.95 61.47 44.53
CA VAL D 295 -24.73 61.74 45.71
C VAL D 295 -23.87 62.40 46.74
N GLN D 296 -22.59 62.06 46.75
CA GLN D 296 -21.70 62.64 47.72
C GLN D 296 -21.43 64.09 47.38
N LEU D 297 -21.66 64.46 46.11
CA LEU D 297 -21.43 65.82 45.67
C LEU D 297 -22.64 66.74 45.73
N SER D 298 -23.81 66.22 45.37
CA SER D 298 -25.09 66.93 45.42
C SER D 298 -26.07 65.81 45.74
N PRO D 299 -26.50 65.71 47.01
CA PRO D 299 -27.41 64.71 47.58
C PRO D 299 -28.75 64.44 46.88
N ALA D 300 -29.04 65.17 45.81
CA ALA D 300 -30.28 64.95 45.06
C ALA D 300 -30.08 63.98 43.88
N ALA D 301 -28.83 63.56 43.65
CA ALA D 301 -28.46 62.66 42.55
C ALA D 301 -29.13 61.29 42.49
N LEU D 302 -29.63 60.77 43.61
CA LEU D 302 -30.31 59.49 43.54
C LEU D 302 -31.58 59.72 42.75
N GLY D 303 -31.67 59.02 41.63
CA GLY D 303 -32.78 59.20 40.72
C GLY D 303 -34.16 58.61 40.89
N ASN D 304 -34.62 58.13 39.75
CA ASN D 304 -35.96 57.61 39.63
C ASN D 304 -36.31 56.23 40.19
N ASP D 305 -35.99 55.11 39.54
CA ASP D 305 -36.37 53.85 40.20
C ASP D 305 -35.36 53.48 41.27
N MET D 306 -34.28 54.27 41.34
CA MET D 306 -33.26 54.04 42.33
C MET D 306 -33.78 54.44 43.73
N ALA D 307 -35.07 54.76 43.83
CA ALA D 307 -35.69 55.13 45.11
C ALA D 307 -35.71 53.90 46.00
N ALA D 308 -35.70 52.74 45.34
CA ALA D 308 -35.71 51.44 46.00
C ALA D 308 -34.45 51.24 46.82
N ILE D 309 -33.36 51.81 46.35
CA ILE D 309 -32.10 51.65 47.06
C ILE D 309 -31.83 52.82 48.00
N GLU D 310 -32.30 54.00 47.62
CA GLU D 310 -32.09 55.26 48.34
C GLU D 310 -31.35 55.15 49.66
N LEU D 311 -31.96 54.49 50.62
CA LEU D 311 -31.36 54.32 51.94
C LEU D 311 -29.96 53.72 51.89
N ARG D 312 -29.86 52.56 51.24
CA ARG D 312 -28.60 51.83 51.10
C ARG D 312 -27.58 52.64 50.33
N MET D 313 -28.02 53.23 49.23
CA MET D 313 -27.12 54.02 48.43
C MET D 313 -26.56 55.16 49.25
N ARG D 314 -27.44 55.89 49.93
CA ARG D 314 -27.01 57.02 50.72
C ARG D 314 -26.16 56.64 51.88
N GLU D 315 -26.45 55.50 52.46
CA GLU D 315 -25.65 55.04 53.57
C GLU D 315 -24.21 54.86 53.15
N LEU D 316 -23.98 54.37 51.94
CA LEU D 316 -22.62 54.21 51.44
C LEU D 316 -22.04 55.59 51.23
N ALA D 317 -22.84 56.49 50.65
CA ALA D 317 -22.36 57.83 50.38
C ALA D 317 -21.82 58.47 51.64
N ARG D 318 -22.54 58.36 52.74
CA ARG D 318 -22.02 58.98 53.92
C ARG D 318 -20.96 58.21 54.67
N THR D 319 -20.84 56.91 54.41
CA THR D 319 -19.86 56.15 55.15
C THR D 319 -18.54 55.84 54.48
N ILE D 320 -18.50 55.82 53.15
CA ILE D 320 -17.26 55.50 52.43
C ILE D 320 -16.61 56.73 51.83
N PRO D 321 -15.30 56.88 52.00
CA PRO D 321 -14.51 58.00 51.49
C PRO D 321 -14.61 58.14 49.98
N PRO D 322 -14.89 59.34 49.50
CA PRO D 322 -14.98 59.52 48.05
C PRO D 322 -13.68 59.11 47.40
N THR D 323 -12.57 59.45 48.05
CA THR D 323 -11.24 59.13 47.58
C THR D 323 -11.21 57.64 47.28
N ASP D 324 -11.83 56.89 48.17
CA ASP D 324 -11.92 55.45 48.06
C ASP D 324 -12.90 55.03 46.99
N ILE D 325 -14.04 55.72 46.93
CA ILE D 325 -15.05 55.36 45.96
C ILE D 325 -14.51 55.40 44.56
N GLN D 326 -13.55 56.29 44.37
CA GLN D 326 -12.93 56.43 43.08
C GLN D 326 -12.09 55.21 42.89
N LEU D 327 -11.28 54.89 43.91
CA LEU D 327 -10.41 53.72 43.89
C LEU D 327 -11.19 52.45 43.47
N TYR D 328 -12.33 52.17 44.09
CA TYR D 328 -13.08 50.98 43.71
C TYR D 328 -13.49 51.00 42.25
N TYR D 329 -13.94 52.17 41.81
CA TYR D 329 -14.44 52.37 40.44
C TYR D 329 -13.35 52.05 39.46
N GLN D 330 -12.20 52.63 39.73
CA GLN D 330 -11.05 52.47 38.91
C GLN D 330 -10.68 51.01 38.79
N THR D 331 -10.50 50.38 39.94
CA THR D 331 -10.13 48.99 40.01
C THR D 331 -11.09 48.12 39.25
N LEU D 332 -12.38 48.43 39.28
CA LEU D 332 -13.35 47.62 38.55
C LEU D 332 -13.31 47.89 37.06
N LEU D 333 -13.15 49.16 36.71
CA LEU D 333 -13.09 49.56 35.31
C LEU D 333 -12.02 48.69 34.66
N ILE D 334 -10.82 48.82 35.22
CA ILE D 334 -9.67 48.08 34.76
C ILE D 334 -10.09 46.65 34.56
N GLY D 335 -10.75 46.13 35.60
CA GLY D 335 -11.23 44.77 35.56
C GLY D 335 -12.00 44.46 34.30
N ARG D 336 -12.81 45.42 33.86
CA ARG D 336 -13.62 45.20 32.68
C ARG D 336 -12.74 45.06 31.45
N LYS D 337 -11.64 45.80 31.38
CA LYS D 337 -10.77 45.71 30.22
C LYS D 337 -10.09 44.36 30.16
N GLU D 338 -9.51 43.92 31.28
CA GLU D 338 -8.82 42.65 31.37
C GLU D 338 -9.75 41.46 31.39
N LEU D 339 -11.05 41.71 31.52
CA LEU D 339 -12.06 40.66 31.60
C LEU D 339 -11.97 39.55 30.55
N PRO D 340 -11.73 39.88 29.28
CA PRO D 340 -11.64 38.80 28.29
C PRO D 340 -10.20 38.23 28.24
N TYR D 341 -9.29 38.84 29.01
CA TYR D 341 -7.87 38.42 29.12
C TYR D 341 -7.83 37.24 30.06
N ALA D 342 -8.77 37.24 31.01
CA ALA D 342 -8.90 36.21 32.02
C ALA D 342 -9.29 34.87 31.39
N PRO D 343 -8.70 33.78 31.89
CA PRO D 343 -8.91 32.40 31.45
C PRO D 343 -10.39 32.03 31.39
N ASP D 344 -11.17 32.69 32.24
CA ASP D 344 -12.60 32.43 32.38
C ASP D 344 -13.22 33.74 32.85
N ARG D 345 -14.37 34.11 32.29
CA ARG D 345 -14.98 35.36 32.67
C ARG D 345 -15.29 35.57 34.15
N ARG D 346 -15.63 34.49 34.84
CA ARG D 346 -15.92 34.58 36.26
C ARG D 346 -14.65 34.79 37.10
N MET D 347 -13.60 34.06 36.76
CA MET D 347 -12.36 34.21 37.49
C MET D 347 -11.89 35.61 37.24
N GLY D 348 -12.35 36.20 36.15
CA GLY D 348 -11.94 37.55 35.85
C GLY D 348 -12.60 38.43 36.87
N VAL D 349 -13.90 38.21 37.10
CA VAL D 349 -14.66 38.99 38.07
C VAL D 349 -14.18 38.75 39.48
N GLU D 350 -13.75 37.53 39.78
CA GLU D 350 -13.24 37.24 41.11
C GLU D 350 -11.88 37.96 41.28
N MET D 351 -11.06 37.95 40.23
CA MET D 351 -9.73 38.57 40.23
C MET D 351 -9.91 40.01 40.67
N THR D 352 -10.88 40.68 40.04
CA THR D 352 -11.17 42.08 40.32
C THR D 352 -11.70 42.41 41.71
N LEU D 353 -12.82 41.81 42.08
CA LEU D 353 -13.38 42.10 43.38
C LEU D 353 -12.44 41.73 44.52
N LEU D 354 -11.69 40.64 44.41
CA LEU D 354 -10.76 40.29 45.49
C LEU D 354 -9.70 41.39 45.53
N ARG D 355 -9.45 41.97 44.35
CA ARG D 355 -8.47 43.02 44.19
C ARG D 355 -8.85 44.28 44.94
N ALA D 356 -10.15 44.61 44.90
CA ALA D 356 -10.65 45.80 45.58
C ALA D 356 -10.71 45.56 47.06
N LEU D 357 -10.77 44.32 47.47
CA LEU D 357 -10.83 43.87 48.85
C LEU D 357 -9.48 44.02 49.50
N ALA D 358 -8.43 43.64 48.80
CA ALA D 358 -7.06 43.72 49.30
C ALA D 358 -6.64 45.19 49.36
N PHE D 359 -6.66 45.85 48.20
CA PHE D 359 -6.31 47.28 48.04
C PHE D 359 -7.49 48.12 48.56
N HIS D 360 -7.74 47.76 49.81
CA HIS D 360 -8.73 48.14 50.75
C HIS D 360 -8.22 48.82 51.89
N PRO D 361 -8.47 50.13 52.14
CA PRO D 361 -7.87 50.68 53.36
C PRO D 361 -8.49 50.02 54.61
N ARG D 362 -7.68 49.37 55.41
CA ARG D 362 -8.12 48.63 56.60
C ARG D 362 -8.69 47.28 56.22
N MET D 363 -8.01 46.59 55.31
CA MET D 363 -8.49 45.29 54.80
C MET D 363 -7.39 44.21 54.78
N PRO D 364 -7.67 43.00 54.19
CA PRO D 364 -6.68 41.94 54.14
C PRO D 364 -5.24 42.27 54.17
N LEU D 365 -4.59 41.64 55.11
CA LEU D 365 -3.17 41.78 55.30
C LEU D 365 -2.48 40.42 55.14
N PRO D 366 -1.14 40.45 54.95
CA PRO D 366 -0.30 39.25 54.77
C PRO D 366 0.31 38.66 56.08
N GLU D 367 0.78 37.42 55.96
CA GLU D 367 1.32 36.66 57.09
C GLU D 367 2.28 35.52 56.66
N PRO D 368 2.97 34.87 57.62
CA PRO D 368 3.92 33.77 57.35
C PRO D 368 3.25 32.44 56.94
N MET E 1 -22.17 14.70 21.05
CA MET E 1 -23.42 14.20 20.46
C MET E 1 -23.90 12.91 21.12
N ARG E 2 -24.19 12.98 22.42
CA ARG E 2 -24.67 11.83 23.21
C ARG E 2 -25.74 12.34 24.17
N TRP E 3 -26.94 11.77 24.11
CA TRP E 3 -28.05 12.21 24.97
C TRP E 3 -27.91 11.87 26.44
N TYR E 4 -27.63 12.91 27.22
CA TYR E 4 -27.46 12.78 28.65
C TYR E 4 -28.84 12.89 29.33
N PRO E 5 -28.96 12.39 30.56
CA PRO E 5 -30.16 12.37 31.42
C PRO E 5 -30.73 13.68 31.94
N TRP E 6 -29.86 14.63 32.20
CA TRP E 6 -30.29 15.94 32.69
C TRP E 6 -30.94 16.76 31.58
N LEU E 7 -30.75 16.34 30.34
CA LEU E 7 -31.34 17.02 29.22
C LEU E 7 -32.82 16.75 29.14
N ARG E 8 -33.33 15.85 29.98
CA ARG E 8 -34.75 15.53 29.90
C ARG E 8 -35.75 16.57 30.41
N PRO E 9 -35.68 16.95 31.70
CA PRO E 9 -36.63 17.93 32.20
C PRO E 9 -36.80 19.15 31.30
N ASP E 10 -35.69 19.57 30.69
CA ASP E 10 -35.72 20.73 29.79
C ASP E 10 -36.38 20.32 28.48
N PHE E 11 -35.99 19.15 27.97
CA PHE E 11 -36.53 18.65 26.72
C PHE E 11 -38.04 18.41 26.81
N GLU E 12 -38.50 18.18 28.03
CA GLU E 12 -39.91 17.93 28.26
C GLU E 12 -40.76 19.17 27.95
N LYS E 13 -40.47 20.27 28.62
CA LYS E 13 -41.23 21.48 28.40
C LYS E 13 -41.01 22.09 27.03
N LEU E 14 -39.88 21.76 26.39
CA LEU E 14 -39.60 22.31 25.06
C LEU E 14 -40.40 21.67 23.91
N VAL E 15 -40.94 20.48 24.17
CA VAL E 15 -41.78 19.78 23.22
C VAL E 15 -43.20 20.09 23.65
N ALA E 16 -43.39 20.24 24.96
CA ALA E 16 -44.69 20.55 25.56
C ALA E 16 -45.23 21.88 25.06
N SER E 17 -44.38 22.66 24.39
CA SER E 17 -44.80 23.94 23.83
C SER E 17 -44.97 23.79 22.31
N TYR E 18 -44.22 22.86 21.73
CA TYR E 18 -44.28 22.59 20.28
C TYR E 18 -45.47 21.72 19.93
N GLN E 19 -46.15 21.23 20.96
CA GLN E 19 -47.33 20.38 20.81
C GLN E 19 -48.58 21.20 21.05
N ALA E 20 -48.51 22.13 22.02
CA ALA E 20 -49.62 23.01 22.38
C ALA E 20 -49.62 24.38 21.69
N GLY E 21 -48.69 24.60 20.75
CA GLY E 21 -48.61 25.86 20.02
C GLY E 21 -47.75 26.98 20.60
N ARG E 22 -47.50 26.94 21.92
CA ARG E 22 -46.71 27.95 22.64
C ARG E 22 -45.24 28.05 22.21
N GLY E 23 -44.86 27.23 21.23
CA GLY E 23 -43.48 27.20 20.73
C GLY E 23 -42.91 28.50 20.19
N HIS E 24 -41.71 28.86 20.66
CA HIS E 24 -41.07 30.09 20.20
C HIS E 24 -40.16 29.84 19.01
N HIS E 25 -40.55 30.42 17.88
CA HIS E 25 -39.85 30.30 16.60
C HIS E 25 -38.33 30.57 16.59
N ALA E 26 -37.81 31.11 17.70
CA ALA E 26 -36.38 31.42 17.84
C ALA E 26 -35.98 31.08 19.25
N LEU E 27 -35.04 30.16 19.39
CA LEU E 27 -34.59 29.70 20.70
C LEU E 27 -33.07 29.82 20.88
N LEU E 28 -32.69 30.51 21.95
CA LEU E 28 -31.29 30.72 22.29
C LEU E 28 -31.03 29.91 23.54
N ILE E 29 -30.16 28.91 23.45
CA ILE E 29 -29.85 28.08 24.61
C ILE E 29 -28.49 28.43 25.12
N GLN E 30 -28.38 28.73 26.40
CA GLN E 30 -27.11 29.05 26.98
C GLN E 30 -26.68 27.89 27.85
N ALA E 31 -25.45 27.43 27.67
CA ALA E 31 -24.99 26.33 28.49
C ALA E 31 -23.49 26.18 28.47
N LEU E 32 -22.97 25.68 29.57
CA LEU E 32 -21.54 25.43 29.75
C LEU E 32 -21.06 24.38 28.76
N PRO E 33 -19.74 24.31 28.51
CA PRO E 33 -19.30 23.29 27.56
C PRO E 33 -19.65 21.91 28.10
N GLY E 34 -19.79 20.95 27.19
CA GLY E 34 -20.12 19.59 27.58
C GLY E 34 -21.29 19.48 28.51
N MET E 35 -22.35 20.23 28.29
CA MET E 35 -23.52 20.14 29.14
C MET E 35 -24.60 19.46 28.38
N GLY E 36 -24.24 19.01 27.18
CA GLY E 36 -25.19 18.35 26.30
C GLY E 36 -25.93 19.38 25.48
N ASP E 37 -25.34 20.56 25.35
CA ASP E 37 -25.96 21.63 24.59
C ASP E 37 -26.20 21.08 23.20
N ASP E 38 -25.21 20.31 22.77
CA ASP E 38 -25.16 19.63 21.49
C ASP E 38 -26.43 18.82 21.27
N ALA E 39 -26.58 17.80 22.09
CA ALA E 39 -27.71 16.86 22.00
C ALA E 39 -29.13 17.40 22.17
N LEU E 40 -29.30 18.50 22.89
CA LEU E 40 -30.63 19.03 23.09
C LEU E 40 -31.24 19.66 21.83
N ILE E 41 -30.42 20.38 21.07
CA ILE E 41 -30.88 21.02 19.84
C ILE E 41 -31.36 19.96 18.86
N TYR E 42 -30.46 19.01 18.59
CA TYR E 42 -30.69 17.87 17.69
C TYR E 42 -31.92 17.05 18.09
N ALA E 43 -32.01 16.69 19.37
CA ALA E 43 -33.12 15.92 19.89
C ALA E 43 -34.46 16.63 19.72
N LEU E 44 -34.43 17.96 19.80
CA LEU E 44 -35.65 18.74 19.63
C LEU E 44 -36.10 18.81 18.18
N SER E 45 -35.16 18.97 17.25
CA SER E 45 -35.49 19.05 15.84
C SER E 45 -36.06 17.76 15.27
N ARG E 46 -35.63 16.61 15.80
CA ARG E 46 -36.12 15.29 15.34
C ARG E 46 -37.60 15.13 15.66
N TYR E 47 -38.07 15.86 16.67
CA TYR E 47 -39.47 15.80 17.08
C TYR E 47 -40.33 16.61 16.13
N LEU E 48 -39.80 17.73 15.66
CA LEU E 48 -40.52 18.61 14.74
C LEU E 48 -40.39 18.18 13.27
N LEU E 49 -39.38 17.39 12.96
CA LEU E 49 -39.16 16.94 11.59
C LEU E 49 -39.71 15.54 11.32
N CYS E 50 -40.72 15.14 12.10
CA CYS E 50 -41.34 13.83 11.95
C CYS E 50 -42.68 13.93 11.22
N GLN E 51 -42.89 13.03 10.26
CA GLN E 51 -44.13 12.99 9.48
C GLN E 51 -45.24 12.32 10.30
N GLN E 52 -44.87 11.28 11.03
CA GLN E 52 -45.80 10.52 11.87
C GLN E 52 -45.27 10.30 13.31
N PRO E 53 -45.18 11.37 14.11
CA PRO E 53 -44.69 11.27 15.49
C PRO E 53 -45.57 10.36 16.36
N GLN E 54 -44.94 9.69 17.32
CA GLN E 54 -45.64 8.75 18.21
C GLN E 54 -46.06 9.32 19.56
N GLY E 55 -45.95 10.64 19.73
CA GLY E 55 -46.32 11.27 20.98
C GLY E 55 -45.27 12.22 21.53
N HIS E 56 -44.18 11.66 22.07
CA HIS E 56 -43.08 12.43 22.62
C HIS E 56 -41.82 12.32 21.77
N LYS E 57 -41.78 11.28 20.92
CA LYS E 57 -40.65 11.08 20.03
C LYS E 57 -41.15 10.62 18.66
N SER E 58 -40.22 10.39 17.74
CA SER E 58 -40.56 9.99 16.38
C SER E 58 -40.81 8.49 16.20
N CYS E 59 -41.13 8.11 14.98
CA CYS E 59 -41.41 6.71 14.61
C CYS E 59 -40.18 5.96 14.11
N GLY E 60 -39.33 6.63 13.35
CA GLY E 60 -38.13 6.02 12.81
C GLY E 60 -38.27 5.60 11.35
N HIS E 61 -39.51 5.48 10.88
CA HIS E 61 -39.81 5.06 9.50
C HIS E 61 -40.01 6.20 8.49
N CYS E 62 -40.99 7.08 8.80
CA CYS E 62 -41.35 8.21 7.94
C CYS E 62 -40.18 8.92 7.23
N ARG E 63 -40.49 9.51 6.07
CA ARG E 63 -39.52 10.23 5.25
C ARG E 63 -38.60 11.14 6.06
N GLY E 64 -39.20 11.87 7.02
CA GLY E 64 -38.43 12.75 7.87
C GLY E 64 -37.44 11.95 8.70
N CYS E 65 -37.97 11.05 9.53
CA CYS E 65 -37.14 10.20 10.37
C CYS E 65 -36.02 9.50 9.63
N GLN E 66 -36.33 9.00 8.43
CA GLN E 66 -35.34 8.28 7.63
C GLN E 66 -34.28 9.23 7.05
N LEU E 67 -34.70 10.29 6.37
CA LEU E 67 -33.76 11.25 5.81
C LEU E 67 -33.03 11.93 6.97
N MET E 68 -33.61 11.80 8.16
CA MET E 68 -33.05 12.35 9.39
C MET E 68 -31.94 11.42 9.86
N GLN E 69 -32.23 10.12 9.88
CA GLN E 69 -31.23 9.11 10.27
C GLN E 69 -30.12 9.09 9.23
N ALA E 70 -30.46 9.59 8.04
CA ALA E 70 -29.52 9.68 6.92
C ALA E 70 -28.85 11.05 6.97
N GLY E 71 -29.24 11.85 7.97
CA GLY E 71 -28.68 13.17 8.15
C GLY E 71 -29.22 14.17 7.15
N THR E 72 -28.91 13.93 5.88
CA THR E 72 -29.33 14.81 4.80
C THR E 72 -30.85 14.96 4.74
N HIS E 73 -31.30 16.20 4.86
CA HIS E 73 -32.73 16.52 4.82
C HIS E 73 -32.94 17.93 4.25
N PRO E 74 -34.06 18.14 3.54
CA PRO E 74 -34.45 19.41 2.91
C PRO E 74 -35.05 20.49 3.84
N ASP E 75 -35.17 20.18 5.12
CA ASP E 75 -35.72 21.13 6.12
C ASP E 75 -34.78 21.39 7.30
N TYR E 76 -33.73 20.58 7.42
CA TYR E 76 -32.72 20.73 8.48
C TYR E 76 -31.58 21.56 7.91
N TYR E 77 -31.22 22.65 8.56
CA TYR E 77 -30.13 23.49 8.06
C TYR E 77 -29.10 23.81 9.14
N THR E 78 -27.90 23.24 8.99
CA THR E 78 -26.80 23.44 9.94
C THR E 78 -25.98 24.67 9.55
N LEU E 79 -26.02 25.70 10.40
CA LEU E 79 -25.27 26.93 10.14
C LEU E 79 -23.93 26.99 10.87
N ALA E 80 -23.02 26.12 10.45
CA ALA E 80 -21.68 26.08 11.03
C ALA E 80 -20.87 27.24 10.45
N PRO E 81 -19.92 27.78 11.25
CA PRO E 81 -19.09 28.89 10.76
C PRO E 81 -18.24 28.46 9.58
N GLU E 82 -17.81 29.42 8.75
CA GLU E 82 -16.98 29.14 7.57
C GLU E 82 -15.77 28.30 7.93
N LYS E 83 -15.66 27.13 7.30
CA LYS E 83 -14.56 26.19 7.55
C LYS E 83 -13.20 26.86 7.34
N GLY E 84 -12.44 27.00 8.42
CA GLY E 84 -11.13 27.63 8.36
C GLY E 84 -11.05 28.81 9.31
N LYS E 85 -12.02 29.72 9.19
CA LYS E 85 -12.09 30.92 10.05
C LYS E 85 -12.86 30.68 11.34
N ASN E 86 -12.58 31.50 12.36
CA ASN E 86 -13.22 31.39 13.66
C ASN E 86 -14.52 32.20 13.80
N THR E 87 -15.07 32.64 12.69
CA THR E 87 -16.31 33.42 12.69
C THR E 87 -17.26 32.93 11.60
N LEU E 88 -18.45 33.51 11.55
CA LEU E 88 -19.45 33.14 10.55
C LEU E 88 -19.66 34.29 9.58
N GLY E 89 -20.19 34.00 8.39
CA GLY E 89 -20.39 35.02 7.39
C GLY E 89 -21.79 35.52 7.11
N VAL E 90 -21.85 36.76 6.65
CA VAL E 90 -23.11 37.44 6.31
C VAL E 90 -23.76 36.72 5.14
N ASP E 91 -22.92 35.99 4.39
CA ASP E 91 -23.33 35.23 3.21
C ASP E 91 -24.18 34.02 3.58
N ALA E 92 -23.59 33.12 4.35
CA ALA E 92 -24.25 31.90 4.79
C ALA E 92 -25.66 32.17 5.26
N VAL E 93 -25.79 33.22 6.09
CA VAL E 93 -27.08 33.62 6.64
C VAL E 93 -28.09 33.97 5.53
N ARG E 94 -27.74 34.92 4.68
CA ARG E 94 -28.60 35.36 3.58
C ARG E 94 -29.09 34.20 2.72
N GLU E 95 -28.20 33.25 2.44
CA GLU E 95 -28.52 32.10 1.60
C GLU E 95 -29.43 31.05 2.26
N VAL E 96 -29.59 31.15 3.58
CA VAL E 96 -30.46 30.23 4.29
C VAL E 96 -31.77 30.98 4.56
N THR E 97 -31.69 32.30 4.56
CA THR E 97 -32.86 33.14 4.77
C THR E 97 -33.81 32.90 3.60
N GLU E 98 -33.30 33.16 2.39
CA GLU E 98 -34.04 32.98 1.15
C GLU E 98 -34.33 31.52 0.85
N LYS E 99 -33.57 30.64 1.49
CA LYS E 99 -33.73 29.19 1.32
C LYS E 99 -35.05 28.79 2.00
N LEU E 100 -35.41 29.51 3.05
CA LEU E 100 -36.64 29.28 3.80
C LEU E 100 -37.81 30.06 3.24
N ASN E 101 -37.52 31.06 2.42
CA ASN E 101 -38.55 31.89 1.79
C ASN E 101 -39.44 31.11 0.82
N GLU E 102 -39.06 29.86 0.54
CA GLU E 102 -39.81 28.98 -0.35
C GLU E 102 -40.34 27.75 0.40
N HIS E 103 -41.50 27.26 -0.01
CA HIS E 103 -42.18 26.10 0.60
C HIS E 103 -41.29 24.94 1.03
N ALA E 104 -41.61 24.34 2.17
CA ALA E 104 -40.87 23.20 2.72
C ALA E 104 -41.03 21.99 1.80
N ARG E 105 -39.91 21.42 1.37
CA ARG E 105 -39.92 20.27 0.46
C ARG E 105 -40.73 19.06 0.93
N LEU E 106 -40.80 18.83 2.23
CA LEU E 106 -41.57 17.70 2.76
C LEU E 106 -42.94 18.11 3.30
N GLY E 107 -43.28 19.39 3.14
CA GLY E 107 -44.57 19.88 3.61
C GLY E 107 -44.75 19.76 5.11
N GLY E 108 -44.14 20.68 5.85
CA GLY E 108 -44.24 20.67 7.30
C GLY E 108 -43.45 21.81 7.90
N ALA E 109 -42.65 21.50 8.91
CA ALA E 109 -41.83 22.50 9.59
C ALA E 109 -40.39 22.54 9.05
N LYS E 110 -39.76 23.72 9.12
CA LYS E 110 -38.38 23.92 8.68
C LYS E 110 -37.58 24.33 9.93
N VAL E 111 -36.37 23.81 10.09
CA VAL E 111 -35.56 24.16 11.27
C VAL E 111 -34.15 24.62 10.97
N VAL E 112 -33.67 25.54 11.80
CA VAL E 112 -32.32 26.10 11.67
C VAL E 112 -31.58 26.04 13.00
N TRP E 113 -30.27 25.83 12.93
CA TRP E 113 -29.43 25.73 14.13
C TRP E 113 -28.09 26.44 13.95
N VAL E 114 -27.63 27.07 15.01
CA VAL E 114 -26.36 27.79 15.02
C VAL E 114 -25.43 27.11 15.99
N THR E 115 -24.16 27.01 15.63
CA THR E 115 -23.16 26.39 16.51
C THR E 115 -22.96 27.28 17.73
N ASP E 116 -22.64 28.55 17.48
CA ASP E 116 -22.42 29.54 18.53
C ASP E 116 -22.64 30.91 17.89
N ALA E 117 -23.70 31.58 18.32
CA ALA E 117 -24.04 32.89 17.80
C ALA E 117 -23.08 33.99 18.20
N ALA E 118 -22.30 33.76 19.27
CA ALA E 118 -21.36 34.76 19.74
C ALA E 118 -20.09 34.81 18.90
N LEU E 119 -20.06 34.01 17.84
CA LEU E 119 -18.90 33.97 16.98
C LEU E 119 -19.11 34.61 15.60
N LEU E 120 -20.33 35.12 15.35
CA LEU E 120 -20.64 35.72 14.06
C LEU E 120 -20.22 37.19 13.85
N THR E 121 -20.14 37.60 12.57
CA THR E 121 -19.75 38.98 12.20
C THR E 121 -20.90 39.90 12.57
N ASP E 122 -20.57 41.11 13.01
CA ASP E 122 -21.57 42.09 13.42
C ASP E 122 -22.66 42.29 12.36
N ALA E 123 -22.23 42.29 11.10
CA ALA E 123 -23.15 42.44 9.98
C ALA E 123 -24.02 41.20 9.88
N ALA E 124 -23.43 40.05 10.23
CA ALA E 124 -24.13 38.76 10.18
C ALA E 124 -25.29 38.74 11.16
N ALA E 125 -25.17 39.52 12.23
CA ALA E 125 -26.21 39.61 13.25
C ALA E 125 -27.46 40.27 12.68
N ASN E 126 -27.28 41.48 12.17
CA ASN E 126 -28.36 42.25 11.58
C ASN E 126 -29.01 41.48 10.44
N ALA E 127 -28.19 40.92 9.56
CA ALA E 127 -28.67 40.15 8.41
C ALA E 127 -29.61 39.01 8.81
N LEU E 128 -29.47 38.55 10.05
CA LEU E 128 -30.28 37.47 10.59
C LEU E 128 -31.60 37.96 11.18
N LEU E 129 -31.55 39.12 11.82
CA LEU E 129 -32.69 39.75 12.48
C LEU E 129 -33.95 39.92 11.63
N LYS E 130 -33.82 40.58 10.49
CA LYS E 130 -34.93 40.86 9.58
C LYS E 130 -35.84 39.66 9.32
N THR E 131 -35.25 38.47 9.34
CA THR E 131 -35.99 37.23 9.09
C THR E 131 -36.83 36.84 10.29
N LEU E 132 -36.31 37.08 11.50
CA LEU E 132 -37.04 36.76 12.72
C LEU E 132 -38.19 37.75 12.90
N GLU E 133 -38.09 38.87 12.19
CA GLU E 133 -39.11 39.92 12.19
C GLU E 133 -40.20 39.54 11.20
N GLU E 134 -39.79 38.89 10.11
CA GLU E 134 -40.70 38.43 9.05
C GLU E 134 -40.62 36.89 9.06
N PRO E 135 -41.13 36.25 10.13
CA PRO E 135 -41.12 34.79 10.28
C PRO E 135 -41.93 33.96 9.26
N PRO E 136 -41.24 33.23 8.36
CA PRO E 136 -41.93 32.40 7.37
C PRO E 136 -42.75 31.33 8.12
N ALA E 137 -44.07 31.43 8.02
CA ALA E 137 -45.01 30.53 8.69
C ALA E 137 -44.54 29.10 9.00
N GLU E 138 -44.68 28.72 10.27
CA GLU E 138 -44.30 27.40 10.78
C GLU E 138 -42.84 26.96 10.69
N THR E 139 -41.91 27.92 10.73
CA THR E 139 -40.47 27.62 10.67
C THR E 139 -39.96 27.59 12.12
N TRP E 140 -38.75 27.09 12.33
CA TRP E 140 -38.16 27.03 13.66
C TRP E 140 -36.68 27.35 13.66
N PHE E 141 -36.25 28.04 14.72
CA PHE E 141 -34.85 28.45 14.87
C PHE E 141 -34.26 28.02 16.20
N PHE E 142 -32.95 27.74 16.18
CA PHE E 142 -32.24 27.34 17.38
C PHE E 142 -30.87 27.97 17.45
N LEU E 143 -30.76 29.00 18.28
CA LEU E 143 -29.51 29.67 18.51
C LEU E 143 -28.90 28.90 19.67
N ALA E 144 -27.63 29.14 19.95
CA ALA E 144 -26.97 28.44 21.04
C ALA E 144 -25.72 29.21 21.34
N THR E 145 -25.47 29.51 22.61
CA THR E 145 -24.26 30.24 22.96
C THR E 145 -23.88 30.09 24.41
N ARG E 146 -22.58 29.98 24.65
CA ARG E 146 -22.06 29.84 26.00
C ARG E 146 -22.32 31.17 26.70
N GLU E 147 -21.99 32.27 26.03
CA GLU E 147 -22.17 33.61 26.60
C GLU E 147 -23.21 34.44 25.85
N PRO E 148 -24.42 34.54 26.40
CA PRO E 148 -25.44 35.33 25.70
C PRO E 148 -25.34 36.85 25.83
N GLU E 149 -24.46 37.37 26.69
CA GLU E 149 -24.33 38.83 26.83
C GLU E 149 -23.53 39.39 25.67
N ARG E 150 -22.47 38.68 25.29
CA ARG E 150 -21.67 39.13 24.17
C ARG E 150 -22.46 38.96 22.88
N LEU E 151 -23.78 39.05 22.99
CA LEU E 151 -24.65 38.94 21.84
C LEU E 151 -25.46 40.22 21.76
N LEU E 152 -25.76 40.67 20.56
CA LEU E 152 -26.50 41.91 20.34
C LEU E 152 -27.88 41.96 20.99
N ALA E 153 -28.02 42.90 21.93
CA ALA E 153 -29.24 43.11 22.71
C ALA E 153 -30.52 43.10 21.89
N THR E 154 -30.44 43.64 20.69
CA THR E 154 -31.61 43.69 19.83
C THR E 154 -31.92 42.29 19.28
N LEU E 155 -30.89 41.45 19.22
CA LEU E 155 -31.03 40.08 18.73
C LEU E 155 -31.52 39.12 19.82
N ARG E 156 -30.88 39.16 20.99
CA ARG E 156 -31.26 38.28 22.09
C ARG E 156 -32.64 38.60 22.63
N SER E 157 -33.30 39.61 22.05
CA SER E 157 -34.62 40.07 22.46
C SER E 157 -35.68 39.36 21.65
N ARG E 158 -35.28 38.94 20.46
CA ARG E 158 -36.19 38.27 19.55
C ARG E 158 -36.34 36.80 19.89
N CYS E 159 -35.32 36.23 20.52
CA CYS E 159 -35.35 34.82 20.89
C CYS E 159 -35.72 34.61 22.33
N ARG E 160 -36.03 33.38 22.66
CA ARG E 160 -36.37 33.00 24.01
C ARG E 160 -35.17 32.29 24.60
N LEU E 161 -34.54 32.94 25.57
CA LEU E 161 -33.36 32.42 26.26
C LEU E 161 -33.82 31.33 27.19
N HIS E 162 -33.08 30.22 27.20
CA HIS E 162 -33.41 29.04 28.03
C HIS E 162 -32.15 28.55 28.72
N TYR E 163 -32.14 28.59 30.05
CA TYR E 163 -30.93 28.20 30.75
C TYR E 163 -30.82 26.71 31.01
N LEU E 164 -29.81 26.13 30.37
CA LEU E 164 -29.47 24.74 30.51
C LEU E 164 -28.56 24.61 31.74
N ALA E 165 -29.23 24.53 32.87
CA ALA E 165 -28.59 24.47 34.18
C ALA E 165 -27.81 23.21 34.49
N PRO E 166 -26.49 23.39 34.76
CA PRO E 166 -25.66 22.25 35.17
C PRO E 166 -26.41 21.54 36.26
N PRO E 167 -26.43 20.21 36.17
CA PRO E 167 -27.20 19.47 37.16
C PRO E 167 -26.68 19.63 38.55
N PRO E 168 -27.51 19.46 39.52
CA PRO E 168 -26.97 19.51 40.90
C PRO E 168 -25.71 18.60 41.05
N GLU E 169 -24.69 19.09 41.74
CA GLU E 169 -23.42 18.42 41.92
C GLU E 169 -23.51 16.96 42.39
N GLN E 170 -24.40 16.67 43.34
CA GLN E 170 -24.52 15.30 43.85
C GLN E 170 -24.89 14.35 42.72
N TYR E 171 -25.73 14.82 41.79
CA TYR E 171 -26.17 14.00 40.67
C TYR E 171 -25.08 13.85 39.67
N ALA E 172 -24.38 14.95 39.39
CA ALA E 172 -23.28 14.93 38.42
C ALA E 172 -22.13 14.05 38.84
N VAL E 173 -21.84 14.00 40.13
CA VAL E 173 -20.76 13.17 40.61
C VAL E 173 -21.12 11.67 40.49
N THR E 174 -22.30 11.28 40.97
CA THR E 174 -22.75 9.91 40.84
C THR E 174 -22.71 9.47 39.38
N TRP E 175 -23.27 10.29 38.49
CA TRP E 175 -23.24 9.96 37.07
C TRP E 175 -21.78 9.75 36.69
N LEU E 176 -20.91 10.62 37.16
CA LEU E 176 -19.48 10.50 36.82
C LEU E 176 -18.81 9.24 37.37
N SER E 177 -19.05 8.90 38.63
CA SER E 177 -18.43 7.72 39.22
C SER E 177 -18.58 6.51 38.31
N ARG E 178 -19.62 6.52 37.48
CA ARG E 178 -19.86 5.40 36.59
C ARG E 178 -18.97 5.42 35.40
N GLU E 179 -18.86 6.57 34.77
CA GLU E 179 -18.03 6.69 33.57
C GLU E 179 -16.51 6.56 33.76
N VAL E 180 -16.06 6.69 35.00
CA VAL E 180 -14.63 6.59 35.32
C VAL E 180 -14.53 6.31 36.80
N THR E 181 -13.65 5.40 37.20
CA THR E 181 -13.51 5.13 38.62
C THR E 181 -12.35 5.99 39.13
N MET E 182 -12.68 6.91 40.03
CA MET E 182 -11.71 7.83 40.64
C MET E 182 -12.31 8.28 41.96
N SER E 183 -11.48 8.81 42.85
CA SER E 183 -11.99 9.29 44.12
C SER E 183 -13.02 10.36 43.85
N GLN E 184 -14.09 10.39 44.64
CA GLN E 184 -15.17 11.37 44.47
C GLN E 184 -14.62 12.77 44.58
N ASP E 185 -13.61 12.90 45.44
CA ASP E 185 -12.91 14.17 45.70
C ASP E 185 -12.32 14.71 44.41
N ALA E 186 -11.80 13.79 43.60
CA ALA E 186 -11.22 14.15 42.33
C ALA E 186 -12.42 14.48 41.49
N LEU E 187 -13.35 13.55 41.39
CA LEU E 187 -14.54 13.77 40.57
C LEU E 187 -15.16 15.16 40.72
N LEU E 188 -15.26 15.65 41.96
CA LEU E 188 -15.84 16.93 42.20
C LEU E 188 -14.93 18.00 41.67
N ALA E 189 -13.64 17.80 41.80
CA ALA E 189 -12.72 18.82 41.31
C ALA E 189 -12.94 19.03 39.83
N ALA E 190 -12.99 17.94 39.07
CA ALA E 190 -13.20 18.02 37.63
C ALA E 190 -14.47 18.78 37.30
N LEU E 191 -15.54 18.44 38.02
CA LEU E 191 -16.84 19.06 37.86
C LEU E 191 -16.72 20.54 38.03
N ARG E 192 -16.17 20.94 39.18
CA ARG E 192 -15.99 22.37 39.45
C ARG E 192 -15.05 23.05 38.44
N LEU E 193 -14.08 22.31 37.93
CA LEU E 193 -13.16 22.82 36.94
C LEU E 193 -13.82 22.72 35.58
N SER E 194 -15.14 22.76 35.54
CA SER E 194 -15.83 22.71 34.27
C SER E 194 -17.13 23.51 34.40
N ALA E 195 -17.19 24.32 35.44
CA ALA E 195 -18.33 25.16 35.70
C ALA E 195 -19.56 24.31 35.92
N GLY E 196 -19.36 23.05 36.27
CA GLY E 196 -20.50 22.17 36.52
C GLY E 196 -20.84 21.22 35.37
N SER E 197 -20.25 21.47 34.18
CA SER E 197 -20.47 20.65 32.99
C SER E 197 -19.94 19.27 33.28
N PRO E 198 -20.82 18.28 33.29
CA PRO E 198 -20.46 16.89 33.54
C PRO E 198 -19.75 16.30 32.34
N GLY E 199 -20.08 16.81 31.17
CA GLY E 199 -19.50 16.31 29.95
C GLY E 199 -18.05 16.68 29.88
N ALA E 200 -17.77 17.96 30.12
CA ALA E 200 -16.40 18.43 30.08
C ALA E 200 -15.62 17.76 31.20
N ALA E 201 -16.25 17.64 32.36
CA ALA E 201 -15.63 17.01 33.50
C ALA E 201 -15.14 15.66 33.03
N LEU E 202 -16.05 14.86 32.52
CA LEU E 202 -15.75 13.52 32.01
C LEU E 202 -14.52 13.55 31.09
N ALA E 203 -14.52 14.47 30.14
CA ALA E 203 -13.43 14.61 29.19
C ALA E 203 -12.11 15.01 29.87
N LEU E 204 -12.20 15.58 31.06
CA LEU E 204 -10.99 15.98 31.78
C LEU E 204 -10.11 14.80 32.08
N PHE E 205 -10.75 13.65 32.24
CA PHE E 205 -10.08 12.40 32.55
C PHE E 205 -9.62 11.58 31.36
N GLN E 206 -10.42 11.51 30.33
CA GLN E 206 -10.21 10.61 29.18
C GLN E 206 -8.90 10.70 28.45
N GLY E 207 -8.30 11.81 28.33
CA GLY E 207 -7.02 11.65 27.77
C GLY E 207 -6.30 10.97 28.92
N ASP E 208 -5.16 11.50 29.21
CA ASP E 208 -4.36 11.12 30.35
C ASP E 208 -4.22 12.42 31.12
N ASN E 209 -5.08 13.38 30.75
CA ASN E 209 -5.17 14.73 31.29
C ASN E 209 -5.01 14.78 32.78
N TRP E 210 -5.93 14.07 33.44
CA TRP E 210 -5.90 14.06 34.88
C TRP E 210 -4.55 13.69 35.44
N GLN E 211 -3.91 12.72 34.81
CA GLN E 211 -2.62 12.30 35.26
C GLN E 211 -1.68 13.47 35.04
N ALA E 212 -1.85 14.14 33.90
CA ALA E 212 -1.05 15.31 33.55
C ALA E 212 -1.29 16.43 34.56
N ARG E 213 -2.47 16.43 35.13
CA ARG E 213 -2.84 17.44 36.11
C ARG E 213 -2.22 17.11 37.46
N GLU E 214 -2.09 15.81 37.75
CA GLU E 214 -1.50 15.33 39.00
C GLU E 214 -0.01 15.67 39.00
N THR E 215 0.58 15.67 37.82
CA THR E 215 1.99 15.99 37.70
C THR E 215 2.22 17.42 38.11
N LEU E 216 1.24 18.27 37.80
CA LEU E 216 1.30 19.69 38.07
C LEU E 216 1.23 20.04 39.54
N CYS E 217 0.38 19.33 40.27
CA CYS E 217 0.20 19.57 41.68
C CYS E 217 1.38 19.06 42.49
N GLN E 218 2.10 18.10 41.93
CA GLN E 218 3.24 17.54 42.62
C GLN E 218 4.39 18.52 42.49
N ALA E 219 4.54 19.07 41.30
CA ALA E 219 5.57 20.04 41.02
C ALA E 219 5.34 21.26 41.87
N LEU E 220 4.09 21.68 41.91
CA LEU E 220 3.69 22.87 42.67
C LEU E 220 3.96 22.68 44.15
N ALA E 221 3.70 21.48 44.64
CA ALA E 221 3.87 21.20 46.06
C ALA E 221 5.32 21.24 46.46
N TYR E 222 6.20 21.04 45.48
CA TYR E 222 7.63 21.08 45.76
C TYR E 222 8.09 22.51 45.80
N SER E 223 7.68 23.26 44.79
CA SER E 223 8.03 24.66 44.61
C SER E 223 7.50 25.60 45.67
N VAL E 224 6.21 25.50 45.99
CA VAL E 224 5.60 26.38 47.00
C VAL E 224 6.44 26.57 48.26
N PRO E 225 6.84 25.46 48.90
CA PRO E 225 7.63 25.56 50.12
C PRO E 225 9.08 25.85 49.85
N SER E 226 9.59 25.40 48.69
CA SER E 226 11.00 25.58 48.34
C SER E 226 11.39 26.90 47.71
N GLY E 227 10.45 27.54 47.02
CA GLY E 227 10.75 28.79 46.36
C GLY E 227 11.12 28.58 44.89
N ASP E 228 11.70 27.43 44.56
CA ASP E 228 12.12 27.09 43.20
C ASP E 228 10.89 26.88 42.34
N TRP E 229 10.36 27.96 41.78
CA TRP E 229 9.18 27.88 40.93
C TRP E 229 9.56 27.47 39.53
N TYR E 230 10.81 27.71 39.20
CA TYR E 230 11.35 27.39 37.91
C TYR E 230 11.34 25.86 37.66
N SER E 231 10.98 25.09 38.69
CA SER E 231 10.89 23.61 38.62
C SER E 231 9.62 23.17 37.87
N LEU E 232 8.67 24.09 37.77
CA LEU E 232 7.41 23.83 37.11
C LEU E 232 7.62 23.78 35.60
N LEU E 233 8.73 24.34 35.13
CA LEU E 233 8.99 24.37 33.70
C LEU E 233 8.69 23.06 32.95
N ALA E 234 9.10 21.95 33.53
CA ALA E 234 8.83 20.66 32.91
C ALA E 234 7.33 20.33 32.89
N ALA E 235 6.64 20.69 33.98
CA ALA E 235 5.21 20.43 34.11
C ALA E 235 4.34 21.25 33.19
N LEU E 236 4.75 22.50 32.96
CA LEU E 236 4.01 23.44 32.12
C LEU E 236 4.42 23.48 30.66
N ASN E 237 5.72 23.52 30.38
CA ASN E 237 6.20 23.59 29.00
C ASN E 237 5.77 22.38 28.21
N HIS E 238 4.68 22.54 27.49
CA HIS E 238 4.08 21.49 26.71
C HIS E 238 3.01 22.16 25.85
N GLU E 239 2.60 21.50 24.76
CA GLU E 239 1.58 22.07 23.87
C GLU E 239 0.30 22.38 24.63
N GLN E 240 0.04 21.58 25.65
CA GLN E 240 -1.13 21.79 26.50
C GLN E 240 -0.88 22.91 27.54
N ALA E 241 0.12 23.75 27.29
CA ALA E 241 0.48 24.84 28.17
C ALA E 241 -0.69 25.69 28.67
N PRO E 242 -1.57 26.14 27.77
CA PRO E 242 -2.70 26.96 28.22
C PRO E 242 -3.69 26.25 29.15
N ALA E 243 -4.03 25.03 28.81
CA ALA E 243 -4.95 24.30 29.68
C ALA E 243 -4.29 24.11 31.06
N ARG E 244 -2.96 24.00 31.05
CA ARG E 244 -2.22 23.80 32.28
C ARG E 244 -2.09 25.04 33.08
N LEU E 245 -1.85 26.16 32.42
CA LEU E 245 -1.69 27.46 33.06
C LEU E 245 -2.94 27.85 33.77
N HIS E 246 -4.07 27.48 33.17
CA HIS E 246 -5.41 27.74 33.71
C HIS E 246 -5.51 26.92 35.01
N TRP E 247 -5.09 25.66 34.96
CA TRP E 247 -5.11 24.80 36.14
C TRP E 247 -4.36 25.51 37.27
N LEU E 248 -3.15 25.94 36.99
CA LEU E 248 -2.29 26.64 37.95
C LEU E 248 -2.96 27.89 38.49
N ALA E 249 -3.84 28.46 37.68
CA ALA E 249 -4.54 29.66 38.06
C ALA E 249 -5.65 29.37 39.05
N THR E 250 -6.40 28.30 38.84
CA THR E 250 -7.48 27.97 39.75
C THR E 250 -6.93 27.75 41.15
N LEU E 251 -5.72 27.20 41.22
CA LEU E 251 -5.11 26.96 42.50
C LEU E 251 -4.74 28.29 43.09
N LEU E 252 -4.31 29.23 42.25
CA LEU E 252 -3.95 30.53 42.76
C LEU E 252 -5.18 31.26 43.30
N MET E 253 -6.25 31.15 42.57
CA MET E 253 -7.48 31.80 42.95
C MET E 253 -7.76 31.32 44.33
N ASP E 254 -8.04 30.02 44.46
CA ASP E 254 -8.36 29.39 45.76
C ASP E 254 -7.54 29.87 46.95
N ALA E 255 -6.23 29.90 46.81
CA ALA E 255 -5.43 30.39 47.90
C ALA E 255 -5.87 31.83 48.23
N LEU E 256 -6.12 32.61 47.19
CA LEU E 256 -6.55 34.00 47.37
C LEU E 256 -7.86 34.05 48.12
N LYS E 257 -8.82 33.21 47.71
CA LYS E 257 -10.12 33.17 48.34
C LYS E 257 -10.05 32.85 49.84
N ARG E 258 -9.16 31.93 50.19
CA ARG E 258 -8.96 31.48 51.56
C ARG E 258 -8.49 32.61 52.46
N HIS E 259 -7.77 33.57 51.90
CA HIS E 259 -7.29 34.69 52.69
C HIS E 259 -8.47 35.53 53.13
N HIS E 260 -9.54 35.47 52.36
CA HIS E 260 -10.75 36.24 52.66
C HIS E 260 -11.77 35.34 53.36
N GLY E 261 -11.33 34.12 53.68
CA GLY E 261 -12.19 33.18 54.36
C GLY E 261 -13.36 32.70 53.54
N ALA E 262 -13.16 32.50 52.25
CA ALA E 262 -14.23 32.05 51.37
C ALA E 262 -14.42 30.55 51.48
N ALA E 263 -15.63 30.16 51.82
CA ALA E 263 -15.96 28.75 52.00
C ALA E 263 -15.70 27.87 50.78
N GLN E 264 -16.15 28.28 49.61
CA GLN E 264 -15.98 27.49 48.38
C GLN E 264 -14.60 27.44 47.71
N VAL E 265 -14.16 26.23 47.38
CA VAL E 265 -12.86 26.02 46.76
C VAL E 265 -12.96 25.04 45.61
N THR E 266 -12.39 25.42 44.47
CA THR E 266 -12.43 24.60 43.26
C THR E 266 -11.57 23.36 43.34
N ASN E 267 -10.39 23.52 43.92
CA ASN E 267 -9.45 22.43 44.09
C ASN E 267 -9.53 21.70 45.43
N VAL E 268 -10.65 20.99 45.62
CA VAL E 268 -10.98 20.18 46.79
C VAL E 268 -10.05 18.96 46.75
N ASP E 269 -9.57 18.70 45.55
CA ASP E 269 -8.66 17.62 45.24
C ASP E 269 -7.45 17.66 46.14
N VAL E 270 -6.94 18.85 46.41
CA VAL E 270 -5.74 18.97 47.22
C VAL E 270 -5.72 20.15 48.18
N PRO E 271 -6.67 20.22 49.12
CA PRO E 271 -6.75 21.30 50.11
C PRO E 271 -5.45 21.58 50.82
N GLY E 272 -4.62 20.56 50.97
CA GLY E 272 -3.34 20.76 51.62
C GLY E 272 -2.47 21.73 50.84
N LEU E 273 -2.63 21.71 49.52
CA LEU E 273 -1.87 22.58 48.64
C LEU E 273 -2.35 24.01 48.83
N VAL E 274 -3.61 24.27 48.52
CA VAL E 274 -4.15 25.62 48.63
C VAL E 274 -3.84 26.22 49.97
N ALA E 275 -3.72 25.38 50.98
CA ALA E 275 -3.42 25.89 52.29
C ALA E 275 -2.01 26.46 52.35
N GLU E 276 -1.02 25.58 52.18
CA GLU E 276 0.40 25.95 52.23
C GLU E 276 0.62 27.16 51.35
N LEU E 277 0.08 27.10 50.15
CA LEU E 277 0.19 28.17 49.18
C LEU E 277 -0.21 29.48 49.86
N ALA E 278 -1.42 29.50 50.36
CA ALA E 278 -1.94 30.68 51.02
C ALA E 278 -1.06 31.05 52.20
N ASN E 279 -0.42 30.06 52.81
CA ASN E 279 0.42 30.37 53.96
C ASN E 279 1.68 31.14 53.61
N HIS E 280 2.38 30.65 52.60
CA HIS E 280 3.63 31.25 52.12
C HIS E 280 3.48 32.49 51.23
N LEU E 281 2.28 32.73 50.72
CA LEU E 281 2.04 33.85 49.84
C LEU E 281 0.93 34.79 50.25
N SER E 282 1.33 36.03 50.51
CA SER E 282 0.45 37.13 50.88
C SER E 282 -0.65 37.28 49.83
N PRO E 283 -1.79 37.85 50.22
CA PRO E 283 -2.84 38.00 49.22
C PRO E 283 -2.40 38.91 48.05
N SER E 284 -1.39 39.74 48.26
CA SER E 284 -0.96 40.59 47.16
C SER E 284 -0.09 39.80 46.18
N ARG E 285 0.88 39.11 46.73
CA ARG E 285 1.81 38.31 45.96
C ARG E 285 0.99 37.40 45.05
N LEU E 286 -0.04 36.80 45.62
CA LEU E 286 -0.91 35.91 44.89
C LEU E 286 -1.57 36.64 43.75
N GLN E 287 -2.09 37.84 44.02
CA GLN E 287 -2.76 38.62 42.97
C GLN E 287 -1.84 38.76 41.80
N ALA E 288 -0.64 39.26 42.10
CA ALA E 288 0.41 39.47 41.12
C ALA E 288 0.64 38.26 40.23
N ILE E 289 0.92 37.12 40.84
CA ILE E 289 1.15 35.92 40.08
C ILE E 289 -0.05 35.55 39.24
N LEU E 290 -1.24 35.55 39.84
CA LEU E 290 -2.49 35.20 39.17
C LEU E 290 -2.59 35.87 37.82
N GLY E 291 -2.21 37.15 37.78
CA GLY E 291 -2.27 37.92 36.55
C GLY E 291 -1.26 37.52 35.49
N ASP E 292 0.01 37.49 35.84
CA ASP E 292 1.04 37.11 34.91
C ASP E 292 0.71 35.74 34.35
N VAL E 293 0.23 34.84 35.21
CA VAL E 293 -0.11 33.53 34.74
C VAL E 293 -1.22 33.73 33.76
N CYS E 294 -2.13 34.62 34.11
CA CYS E 294 -3.26 34.89 33.25
C CYS E 294 -2.95 35.51 31.91
N HIS E 295 -2.19 36.62 31.89
CA HIS E 295 -1.86 37.31 30.63
C HIS E 295 -0.91 36.40 29.80
N ILE E 296 0.05 35.74 30.45
CA ILE E 296 0.96 34.85 29.74
C ILE E 296 0.28 33.66 29.11
N ARG E 297 -0.78 33.15 29.75
CA ARG E 297 -1.48 32.01 29.19
C ARG E 297 -2.12 32.47 27.89
N GLU E 298 -2.57 33.72 27.92
CA GLU E 298 -3.23 34.27 26.75
C GLU E 298 -2.28 34.51 25.57
N GLN E 299 -1.09 35.03 25.83
CA GLN E 299 -0.23 35.23 24.68
C GLN E 299 0.10 33.90 24.02
N LEU E 300 0.06 32.82 24.80
CA LEU E 300 0.33 31.51 24.23
C LEU E 300 -0.83 31.10 23.31
N MET E 301 -2.05 31.31 23.79
CA MET E 301 -3.19 30.97 22.99
C MET E 301 -3.34 31.88 21.77
N SER E 302 -3.32 33.19 21.99
CA SER E 302 -3.48 34.15 20.89
C SER E 302 -2.31 34.27 19.89
N VAL E 303 -1.20 34.92 20.26
CA VAL E 303 -0.06 35.08 19.33
C VAL E 303 0.37 33.83 18.58
N THR E 304 0.34 33.92 17.25
CA THR E 304 0.66 32.82 16.34
C THR E 304 1.75 31.82 16.72
N GLY E 305 2.90 32.27 17.19
CA GLY E 305 3.93 31.29 17.53
C GLY E 305 5.15 31.74 18.33
N ILE E 306 4.92 32.20 19.56
CA ILE E 306 6.02 32.65 20.43
C ILE E 306 6.73 31.42 20.96
N ASN E 307 7.84 31.64 21.67
CA ASN E 307 8.57 30.51 22.26
C ASN E 307 7.85 30.12 23.51
N ARG E 308 7.28 28.93 23.50
CA ARG E 308 6.58 28.43 24.67
C ARG E 308 7.58 28.39 25.82
N GLU E 309 8.77 27.95 25.50
CA GLU E 309 9.84 27.81 26.46
C GLU E 309 10.27 29.14 27.08
N LEU E 310 10.67 30.09 26.25
CA LEU E 310 11.14 31.38 26.76
C LEU E 310 10.09 32.06 27.61
N LEU E 311 8.92 32.28 27.03
CA LEU E 311 7.85 32.96 27.72
C LEU E 311 7.64 32.44 29.12
N ILE E 312 7.43 31.13 29.23
CA ILE E 312 7.21 30.46 30.51
C ILE E 312 8.39 30.59 31.48
N THR E 313 9.60 30.41 30.96
CA THR E 313 10.80 30.55 31.76
C THR E 313 10.80 31.92 32.38
N ASP E 314 10.31 32.87 31.60
CA ASP E 314 10.21 34.26 31.98
C ASP E 314 9.11 34.41 33.03
N LEU E 315 7.99 33.74 32.80
CA LEU E 315 6.88 33.81 33.76
C LEU E 315 7.42 33.30 35.11
N LEU E 316 8.03 32.11 35.05
CA LEU E 316 8.56 31.46 36.21
C LEU E 316 9.56 32.29 36.96
N LEU E 317 10.70 32.59 36.35
CA LEU E 317 11.70 33.39 37.03
C LEU E 317 11.07 34.64 37.60
N ARG E 318 10.16 35.25 36.85
CA ARG E 318 9.49 36.50 37.27
C ARG E 318 8.65 36.33 38.51
N ILE E 319 8.02 35.16 38.62
CA ILE E 319 7.20 34.85 39.78
C ILE E 319 8.10 34.89 41.01
N GLU E 320 9.32 34.37 40.87
CA GLU E 320 10.25 34.33 41.98
C GLU E 320 10.74 35.66 42.46
N HIS E 321 10.71 36.65 41.58
CA HIS E 321 11.15 37.98 41.99
C HIS E 321 10.06 38.70 42.75
N TYR E 322 8.80 38.29 42.56
CA TYR E 322 7.69 38.91 43.25
C TYR E 322 7.78 38.45 44.68
N LEU E 323 8.22 37.21 44.84
CA LEU E 323 8.36 36.54 46.13
C LEU E 323 9.45 37.13 47.02
N GLN E 324 10.40 37.82 46.44
CA GLN E 324 11.48 38.43 47.19
C GLN E 324 11.03 39.70 47.89
N PRO E 325 11.42 39.86 49.16
CA PRO E 325 11.08 41.02 49.99
C PRO E 325 11.54 42.34 49.42
N GLY E 326 10.63 43.30 49.39
CA GLY E 326 10.95 44.63 48.90
C GLY E 326 10.52 44.96 47.47
N VAL E 327 10.21 43.93 46.70
CA VAL E 327 9.80 44.10 45.31
C VAL E 327 8.40 44.66 45.14
N VAL E 328 8.25 45.60 44.22
CA VAL E 328 6.96 46.24 43.96
C VAL E 328 6.21 45.57 42.78
N LEU E 329 5.34 44.64 43.11
CA LEU E 329 4.58 43.90 42.12
C LEU E 329 3.72 44.82 41.27
N PRO E 330 3.31 44.35 40.07
CA PRO E 330 2.46 45.06 39.09
C PRO E 330 1.00 45.32 39.42
N VAL E 331 0.43 46.26 38.66
CA VAL E 331 -0.96 46.74 38.76
C VAL E 331 -1.55 46.73 37.35
N PRO E 332 -2.81 46.29 37.17
CA PRO E 332 -3.45 46.26 35.84
C PRO E 332 -3.39 47.62 35.12
N HIS E 333 -3.51 47.56 33.79
CA HIS E 333 -3.42 48.76 32.94
C HIS E 333 -4.74 49.31 32.39
N LEU E 334 -4.65 50.49 31.79
CA LEU E 334 -5.79 51.19 31.18
C LEU E 334 -7.00 51.44 32.08
N MET F 1 17.29 -19.51 -63.72
CA MET F 1 16.57 -19.55 -62.34
C MET F 1 17.23 -18.49 -61.50
N ILE F 2 16.62 -17.31 -61.50
CA ILE F 2 17.22 -16.16 -60.79
C ILE F 2 17.13 -16.54 -59.33
N ARG F 3 18.27 -16.80 -58.71
CA ARG F 3 18.31 -17.13 -57.29
C ARG F 3 18.28 -15.82 -56.52
N LEU F 4 17.32 -15.68 -55.61
CA LEU F 4 17.25 -14.44 -54.86
C LEU F 4 16.68 -14.46 -53.46
N TYR F 5 16.96 -13.38 -52.73
CA TYR F 5 16.52 -13.20 -51.34
C TYR F 5 15.15 -12.57 -51.26
N PRO F 6 14.38 -12.89 -50.19
CA PRO F 6 13.03 -12.40 -49.96
C PRO F 6 12.83 -10.92 -50.24
N GLU F 7 13.88 -10.14 -50.02
CA GLU F 7 13.82 -8.71 -50.24
C GLU F 7 13.82 -8.39 -51.72
N GLN F 8 14.57 -9.19 -52.46
CA GLN F 8 14.70 -8.98 -53.90
C GLN F 8 13.48 -9.30 -54.76
N LEU F 9 12.52 -10.07 -54.21
CA LEU F 9 11.33 -10.48 -54.95
C LEU F 9 10.43 -9.40 -55.53
N ARG F 10 10.05 -8.43 -54.70
CA ARG F 10 9.15 -7.37 -55.15
C ARG F 10 9.64 -6.59 -56.35
N ALA F 11 10.96 -6.42 -56.46
CA ALA F 11 11.56 -5.68 -57.57
C ALA F 11 11.52 -6.49 -58.87
N GLN F 12 11.83 -7.78 -58.76
CA GLN F 12 11.84 -8.72 -59.88
C GLN F 12 10.41 -8.87 -60.38
N LEU F 13 9.52 -9.09 -59.42
CA LEU F 13 8.11 -9.28 -59.73
C LEU F 13 7.55 -8.15 -60.59
N ASN F 14 8.18 -6.98 -60.52
CA ASN F 14 7.76 -5.80 -61.27
C ASN F 14 8.10 -5.89 -62.75
N GLU F 15 9.25 -6.48 -63.05
CA GLU F 15 9.70 -6.63 -64.42
C GLU F 15 8.77 -7.61 -65.12
N GLY F 16 8.56 -8.77 -64.51
CA GLY F 16 7.68 -9.75 -65.11
C GLY F 16 7.52 -11.00 -64.28
N LEU F 17 6.29 -11.48 -64.20
CA LEU F 17 5.95 -12.69 -63.47
C LEU F 17 6.53 -13.87 -64.26
N ARG F 18 7.24 -14.76 -63.58
CA ARG F 18 7.85 -15.90 -64.26
C ARG F 18 6.98 -17.15 -64.29
N ALA F 19 7.54 -18.23 -64.82
CA ALA F 19 6.79 -19.48 -64.93
C ALA F 19 6.54 -20.13 -63.59
N ALA F 20 7.61 -20.28 -62.84
CA ALA F 20 7.46 -20.90 -61.53
C ALA F 20 8.33 -20.22 -60.50
N TYR F 21 7.83 -20.26 -59.27
CA TYR F 21 8.49 -19.67 -58.15
C TYR F 21 8.62 -20.78 -57.14
N LEU F 22 9.85 -21.12 -56.77
CA LEU F 22 10.04 -22.14 -55.75
C LEU F 22 10.45 -21.36 -54.48
N LEU F 23 9.76 -21.61 -53.37
CA LEU F 23 10.07 -20.96 -52.09
C LEU F 23 10.67 -22.04 -51.19
N LEU F 24 11.99 -22.09 -51.14
CA LEU F 24 12.67 -23.13 -50.39
C LEU F 24 13.33 -22.67 -49.12
N GLY F 25 12.79 -23.13 -47.99
CA GLY F 25 13.35 -22.77 -46.71
C GLY F 25 12.59 -23.18 -45.47
N ASN F 26 13.02 -22.68 -44.33
CA ASN F 26 12.37 -23.06 -43.08
C ASN F 26 11.60 -21.97 -42.36
N ASP F 27 11.80 -20.72 -42.76
CA ASP F 27 11.12 -19.62 -42.08
C ASP F 27 9.64 -19.46 -42.42
N PRO F 28 8.76 -19.66 -41.41
CA PRO F 28 7.32 -19.51 -41.65
C PRO F 28 6.97 -18.15 -42.19
N LEU F 29 7.55 -17.11 -41.61
CA LEU F 29 7.19 -15.79 -42.07
C LEU F 29 7.69 -15.54 -43.46
N LEU F 30 8.96 -15.79 -43.70
CA LEU F 30 9.54 -15.56 -45.01
C LEU F 30 8.80 -16.25 -46.17
N LEU F 31 8.52 -17.55 -45.98
CA LEU F 31 7.79 -18.33 -46.98
C LEU F 31 6.46 -17.65 -47.33
N GLN F 32 5.65 -17.35 -46.29
CA GLN F 32 4.34 -16.71 -46.42
C GLN F 32 4.37 -15.37 -47.11
N GLU F 33 5.29 -14.51 -46.74
CA GLU F 33 5.36 -13.21 -47.36
C GLU F 33 5.70 -13.28 -48.84
N SER F 34 6.64 -14.16 -49.18
CA SER F 34 7.05 -14.34 -50.57
C SER F 34 5.86 -14.90 -51.35
N GLN F 35 5.21 -15.90 -50.75
CA GLN F 35 4.04 -16.54 -51.33
C GLN F 35 3.00 -15.46 -51.60
N ASP F 36 2.72 -14.64 -50.59
CA ASP F 36 1.73 -13.55 -50.70
C ASP F 36 2.13 -12.54 -51.79
N ALA F 37 3.43 -12.25 -51.89
CA ALA F 37 3.93 -11.32 -52.90
C ALA F 37 3.69 -11.85 -54.32
N VAL F 38 3.88 -13.16 -54.52
CA VAL F 38 3.66 -13.74 -55.84
C VAL F 38 2.18 -13.62 -56.17
N ARG F 39 1.34 -14.24 -55.34
CA ARG F 39 -0.11 -14.22 -55.56
C ARG F 39 -0.72 -12.85 -55.67
N GLN F 40 -0.32 -11.91 -54.82
CA GLN F 40 -0.87 -10.56 -54.91
C GLN F 40 -0.63 -10.03 -56.31
N VAL F 41 0.49 -10.39 -56.91
CA VAL F 41 0.80 -9.95 -58.27
C VAL F 41 0.01 -10.73 -59.32
N ALA F 42 -0.27 -11.98 -59.02
CA ALA F 42 -1.00 -12.82 -59.95
C ALA F 42 -2.47 -12.46 -59.99
N ALA F 43 -3.13 -12.44 -58.84
CA ALA F 43 -4.57 -12.11 -58.79
C ALA F 43 -4.85 -10.77 -59.45
N ALA F 44 -3.80 -9.98 -59.62
CA ALA F 44 -3.90 -8.69 -60.28
C ALA F 44 -4.07 -8.93 -61.78
N GLN F 45 -3.46 -10.00 -62.26
CA GLN F 45 -3.50 -10.38 -63.68
C GLN F 45 -4.88 -10.88 -64.08
N GLY F 46 -5.25 -12.03 -63.52
CA GLY F 46 -6.54 -12.61 -63.81
C GLY F 46 -6.57 -13.99 -63.22
N PHE F 47 -5.61 -14.25 -62.33
CA PHE F 47 -5.50 -15.54 -61.69
C PHE F 47 -6.49 -15.77 -60.58
N GLU F 48 -7.69 -16.16 -60.98
CA GLU F 48 -8.82 -16.42 -60.11
C GLU F 48 -8.69 -17.71 -59.33
N GLU F 49 -8.51 -18.82 -60.03
CA GLU F 49 -8.37 -20.10 -59.36
C GLU F 49 -7.02 -20.21 -58.73
N HIS F 50 -7.00 -20.79 -57.54
CA HIS F 50 -5.76 -21.00 -56.81
C HIS F 50 -5.88 -22.43 -56.30
N HIS F 51 -4.83 -23.16 -56.37
CA HIS F 51 -4.88 -24.50 -55.91
C HIS F 51 -3.66 -24.69 -55.14
N THR F 52 -3.88 -25.46 -54.13
CA THR F 52 -2.83 -25.77 -53.25
C THR F 52 -2.87 -27.24 -52.92
N PHE F 53 -1.69 -27.77 -52.75
CA PHE F 53 -1.63 -29.18 -52.54
C PHE F 53 -1.00 -29.69 -51.29
N SER F 54 -1.47 -30.87 -51.05
CA SER F 54 -1.00 -31.67 -50.02
C SER F 54 -0.17 -32.69 -50.76
N ILE F 55 0.99 -32.28 -51.15
CA ILE F 55 1.83 -33.18 -51.88
C ILE F 55 2.61 -34.11 -50.97
N ASP F 56 1.89 -34.84 -50.14
CA ASP F 56 2.48 -35.79 -49.21
C ASP F 56 1.89 -37.17 -49.47
N PRO F 57 0.55 -37.27 -49.55
CA PRO F 57 -0.18 -38.52 -49.79
C PRO F 57 0.14 -39.21 -51.11
N ASN F 58 0.43 -38.42 -52.13
CA ASN F 58 0.71 -38.97 -53.45
C ASN F 58 -0.54 -39.72 -53.89
N THR F 59 -1.55 -39.69 -53.02
CA THR F 59 -2.81 -40.36 -53.29
C THR F 59 -3.49 -39.78 -54.54
N ASP F 60 -3.68 -40.63 -55.53
CA ASP F 60 -4.32 -40.23 -56.77
C ASP F 60 -3.47 -39.33 -57.63
N TRP F 61 -2.88 -39.91 -58.66
CA TRP F 61 -2.10 -39.14 -59.60
C TRP F 61 -3.20 -38.46 -60.39
N ASN F 62 -4.38 -39.08 -60.30
CA ASN F 62 -5.58 -38.60 -60.98
C ASN F 62 -5.89 -37.17 -60.55
N ALA F 63 -5.29 -36.75 -59.44
CA ALA F 63 -5.46 -35.39 -58.93
C ALA F 63 -4.49 -34.51 -59.70
N ILE F 64 -3.30 -35.06 -59.98
CA ILE F 64 -2.30 -34.33 -60.72
C ILE F 64 -2.81 -34.12 -62.13
N PHE F 65 -3.36 -35.19 -62.72
CA PHE F 65 -3.89 -35.09 -64.07
C PHE F 65 -5.05 -34.09 -64.06
N SER F 66 -6.11 -34.44 -63.35
CA SER F 66 -7.27 -33.57 -63.25
C SER F 66 -6.80 -32.12 -63.13
N LEU F 67 -5.66 -31.94 -62.46
CA LEU F 67 -5.06 -30.62 -62.30
C LEU F 67 -4.54 -30.08 -63.62
N CYS F 68 -3.56 -30.80 -64.19
CA CYS F 68 -2.94 -30.44 -65.46
C CYS F 68 -3.98 -30.02 -66.51
N GLN F 69 -5.17 -30.61 -66.45
CA GLN F 69 -6.22 -30.28 -67.38
C GLN F 69 -6.78 -28.90 -67.06
N ALA F 70 -7.11 -28.70 -65.79
CA ALA F 70 -7.66 -27.43 -65.36
C ALA F 70 -6.61 -26.35 -65.62
N MET F 71 -5.39 -26.77 -65.93
CA MET F 71 -4.30 -25.83 -66.17
C MET F 71 -4.08 -25.64 -67.64
N SER F 72 -4.60 -26.59 -68.42
CA SER F 72 -4.56 -26.45 -69.86
C SER F 72 -6.00 -26.33 -70.41
N LEU F 73 -7.01 -26.16 -69.56
CA LEU F 73 -8.42 -25.98 -70.01
C LEU F 73 -8.98 -24.60 -69.55
N PHE F 74 -8.27 -23.98 -68.59
CA PHE F 74 -8.63 -22.64 -68.12
C PHE F 74 -7.92 -21.66 -69.03
N ALA F 75 -8.67 -20.69 -69.54
CA ALA F 75 -8.16 -19.77 -70.56
C ALA F 75 -7.29 -18.59 -70.17
N SER F 76 -7.32 -18.08 -68.96
CA SER F 76 -6.52 -16.90 -68.67
C SER F 76 -5.60 -17.05 -67.47
N ARG F 77 -5.04 -15.97 -66.99
CA ARG F 77 -4.04 -16.07 -65.94
C ARG F 77 -4.49 -16.85 -64.54
N GLN F 78 -4.19 -18.26 -64.37
CA GLN F 78 -4.47 -19.27 -63.21
C GLN F 78 -3.13 -19.68 -62.42
N THR F 79 -3.17 -20.26 -61.14
CA THR F 79 -1.87 -20.59 -60.38
C THR F 79 -1.90 -21.77 -59.28
N LEU F 80 -1.05 -22.88 -59.35
CA LEU F 80 -1.03 -24.09 -58.40
C LEU F 80 0.15 -24.08 -57.39
N LEU F 81 -0.06 -24.54 -56.15
CA LEU F 81 0.96 -24.56 -55.07
C LEU F 81 1.32 -25.97 -54.59
N LEU F 82 2.52 -26.42 -54.92
CA LEU F 82 2.98 -27.71 -54.51
C LEU F 82 3.67 -27.57 -53.15
N LEU F 83 3.20 -28.31 -52.15
CA LEU F 83 3.81 -28.28 -50.84
C LEU F 83 4.73 -29.47 -50.73
N LEU F 84 6.04 -29.23 -50.74
CA LEU F 84 7.03 -30.29 -50.64
C LEU F 84 7.03 -30.93 -49.26
N PRO F 85 7.42 -32.22 -49.18
CA PRO F 85 7.46 -32.96 -47.91
C PRO F 85 8.40 -32.33 -46.90
N GLU F 86 8.20 -32.71 -45.65
CA GLU F 86 9.01 -32.20 -44.57
C GLU F 86 10.48 -32.57 -44.76
N ASN F 87 10.75 -33.84 -45.14
CA ASN F 87 12.15 -34.33 -45.33
C ASN F 87 12.77 -33.84 -46.62
N GLY F 88 11.94 -33.67 -47.67
CA GLY F 88 12.42 -33.14 -48.98
C GLY F 88 11.82 -33.80 -50.23
N PRO F 89 11.99 -33.21 -51.48
CA PRO F 89 11.49 -34.02 -52.57
C PRO F 89 12.11 -35.34 -52.43
N ASN F 90 11.37 -36.39 -52.37
CA ASN F 90 12.09 -37.65 -52.28
C ASN F 90 12.41 -38.14 -53.70
N ALA F 91 12.91 -39.36 -53.77
CA ALA F 91 13.23 -40.01 -55.05
C ALA F 91 12.04 -40.06 -56.00
N ALA F 92 10.88 -40.45 -55.49
CA ALA F 92 9.65 -40.55 -56.27
C ALA F 92 9.12 -39.19 -56.72
N ILE F 93 9.07 -38.22 -55.80
CA ILE F 93 8.57 -36.89 -56.11
C ILE F 93 9.27 -36.24 -57.31
N ASN F 94 10.59 -36.38 -57.36
CA ASN F 94 11.39 -35.82 -58.44
C ASN F 94 10.83 -36.16 -59.80
N GLU F 95 10.11 -37.28 -59.88
CA GLU F 95 9.49 -37.74 -61.13
C GLU F 95 8.14 -37.06 -61.38
N GLN F 96 7.32 -37.03 -60.34
CA GLN F 96 5.99 -36.42 -60.38
C GLN F 96 6.14 -34.93 -60.67
N LEU F 97 7.20 -34.33 -60.16
CA LEU F 97 7.44 -32.93 -60.43
C LEU F 97 7.84 -32.85 -61.89
N LEU F 98 8.72 -33.75 -62.32
CA LEU F 98 9.19 -33.78 -63.69
C LEU F 98 8.05 -33.92 -64.68
N THR F 99 7.08 -34.75 -64.35
CA THR F 99 5.91 -34.93 -65.20
C THR F 99 5.13 -33.63 -65.29
N LEU F 100 5.06 -32.91 -64.18
CA LEU F 100 4.33 -31.65 -64.13
C LEU F 100 5.07 -30.56 -64.91
N THR F 101 6.39 -30.57 -64.77
CA THR F 101 7.24 -29.59 -65.41
C THR F 101 7.02 -29.60 -66.94
N GLY F 102 6.50 -30.72 -67.43
CA GLY F 102 6.26 -30.85 -68.86
C GLY F 102 4.83 -30.47 -69.21
N LEU F 103 4.24 -29.68 -68.34
CA LEU F 103 2.88 -29.28 -68.53
C LEU F 103 2.84 -27.78 -68.74
N LEU F 104 3.98 -27.24 -68.78
CA LEU F 104 4.05 -25.84 -68.79
C LEU F 104 3.54 -25.14 -69.98
N HIS F 105 3.15 -23.99 -69.63
CA HIS F 105 2.71 -23.06 -70.57
C HIS F 105 2.41 -21.76 -69.92
N ASP F 106 2.41 -20.81 -70.80
CA ASP F 106 2.24 -19.43 -70.39
C ASP F 106 1.02 -19.20 -69.52
N ASP F 107 -0.05 -20.02 -69.58
CA ASP F 107 -1.25 -19.81 -68.75
C ASP F 107 -1.48 -20.84 -67.56
N LEU F 108 -0.61 -20.95 -66.47
CA LEU F 108 -0.74 -21.86 -65.23
C LEU F 108 0.54 -21.67 -64.34
N LEU F 109 0.45 -20.79 -63.34
CA LEU F 109 1.58 -20.40 -62.48
C LEU F 109 1.83 -21.46 -61.43
N LEU F 110 3.05 -21.95 -61.35
CA LEU F 110 3.40 -22.99 -60.38
C LEU F 110 4.18 -22.36 -59.28
N ILE F 111 3.91 -22.78 -58.06
CA ILE F 111 4.61 -22.30 -56.88
C ILE F 111 4.86 -23.55 -56.09
N VAL F 112 6.12 -23.78 -55.80
CA VAL F 112 6.50 -24.94 -55.02
C VAL F 112 7.05 -24.34 -53.75
N ARG F 113 6.83 -25.00 -52.62
CA ARG F 113 7.38 -24.48 -51.39
C ARG F 113 7.72 -25.57 -50.40
N GLY F 114 8.91 -25.43 -49.83
CA GLY F 114 9.41 -26.38 -48.84
C GLY F 114 10.74 -25.85 -48.30
N ASN F 115 11.42 -26.67 -47.52
CA ASN F 115 12.67 -26.19 -47.06
C ASN F 115 13.76 -26.27 -48.14
N LYS F 116 14.96 -25.89 -47.73
CA LYS F 116 16.08 -25.88 -48.67
C LYS F 116 16.40 -27.28 -49.23
N LEU F 117 16.62 -27.36 -50.56
CA LEU F 117 16.87 -28.69 -51.18
C LEU F 117 18.32 -28.92 -51.13
N SER F 118 18.66 -30.19 -51.05
CA SER F 118 20.06 -30.56 -50.98
C SER F 118 20.66 -30.49 -52.37
N LYS F 119 21.96 -30.22 -52.46
CA LYS F 119 22.65 -30.10 -53.74
C LYS F 119 22.35 -31.29 -54.68
N ALA F 120 21.95 -32.42 -54.08
CA ALA F 120 21.59 -33.64 -54.79
C ALA F 120 20.19 -33.48 -55.36
N GLN F 121 19.23 -33.22 -54.46
CA GLN F 121 17.83 -33.02 -54.84
C GLN F 121 17.73 -31.94 -55.91
N GLU F 122 18.78 -31.13 -56.07
CA GLU F 122 18.81 -30.05 -57.06
C GLU F 122 19.25 -30.43 -58.48
N ASN F 123 19.68 -31.67 -58.68
CA ASN F 123 20.10 -32.13 -60.01
C ASN F 123 18.88 -32.72 -60.71
N ALA F 124 17.93 -33.19 -59.89
CA ALA F 124 16.67 -33.83 -60.29
C ALA F 124 15.86 -33.26 -61.46
N ALA F 125 15.63 -34.13 -62.46
CA ALA F 125 14.87 -33.81 -63.65
C ALA F 125 13.86 -32.67 -63.49
N TRP F 126 13.03 -32.75 -62.45
CA TRP F 126 12.02 -31.72 -62.20
C TRP F 126 12.62 -30.35 -61.96
N PHE F 127 13.62 -30.28 -61.08
CA PHE F 127 14.28 -29.02 -60.77
C PHE F 127 14.99 -28.39 -61.96
N THR F 128 15.77 -29.20 -62.67
CA THR F 128 16.51 -28.69 -63.82
C THR F 128 15.60 -28.28 -64.97
N ALA F 129 14.37 -28.78 -64.96
CA ALA F 129 13.42 -28.43 -66.00
C ALA F 129 12.95 -26.96 -65.92
N LEU F 130 12.74 -26.49 -64.70
CA LEU F 130 12.28 -25.12 -64.44
C LEU F 130 13.46 -24.16 -64.41
N ALA F 131 14.66 -24.72 -64.30
CA ALA F 131 15.89 -23.95 -64.23
C ALA F 131 16.17 -22.83 -65.26
N ASN F 132 15.24 -22.54 -66.15
CA ASN F 132 15.48 -21.49 -67.12
C ASN F 132 14.26 -20.59 -67.17
N ARG F 133 13.14 -21.17 -66.77
CA ARG F 133 11.87 -20.49 -66.75
C ARG F 133 11.53 -19.84 -65.39
N SER F 134 11.91 -20.51 -64.31
CA SER F 134 11.60 -20.08 -62.94
C SER F 134 12.56 -19.20 -62.16
N VAL F 135 12.10 -18.85 -60.95
CA VAL F 135 12.77 -18.02 -59.95
C VAL F 135 12.79 -18.74 -58.59
N GLN F 136 13.94 -18.74 -57.92
CA GLN F 136 14.06 -19.38 -56.61
C GLN F 136 14.26 -18.35 -55.52
N VAL F 137 13.39 -18.37 -54.51
CA VAL F 137 13.50 -17.45 -53.39
C VAL F 137 13.92 -18.22 -52.15
N THR F 138 15.10 -17.91 -51.66
CA THR F 138 15.65 -18.55 -50.48
C THR F 138 15.07 -17.97 -49.19
N CYS F 139 14.09 -18.70 -48.66
CA CYS F 139 13.47 -18.32 -47.41
C CYS F 139 14.14 -19.16 -46.35
N GLN F 140 15.10 -18.61 -45.65
CA GLN F 140 15.80 -19.32 -44.60
C GLN F 140 15.86 -18.37 -43.43
N THR F 141 15.71 -18.88 -42.20
CA THR F 141 15.85 -18.02 -41.04
C THR F 141 17.25 -17.30 -41.03
N PRO F 142 17.36 -15.97 -40.64
CA PRO F 142 18.67 -15.16 -40.45
C PRO F 142 19.64 -15.63 -39.34
N GLU F 143 20.95 -15.74 -39.63
CA GLU F 143 21.90 -16.17 -38.59
C GLU F 143 22.17 -15.06 -37.59
N GLN F 144 22.76 -15.42 -36.45
CA GLN F 144 23.07 -14.52 -35.35
C GLN F 144 23.66 -13.15 -35.76
N ALA F 145 24.47 -13.12 -36.80
CA ALA F 145 25.06 -11.88 -37.27
C ALA F 145 24.08 -11.03 -38.08
N GLN F 146 23.25 -11.69 -38.87
CA GLN F 146 22.30 -10.96 -39.72
C GLN F 146 20.87 -10.81 -39.21
N LEU F 147 20.59 -11.40 -38.03
CA LEU F 147 19.27 -11.28 -37.42
C LEU F 147 19.09 -9.80 -37.17
N PRO F 148 20.12 -9.14 -36.57
CA PRO F 148 20.01 -7.70 -36.32
C PRO F 148 19.91 -6.96 -37.64
N ARG F 149 20.73 -7.36 -38.60
CA ARG F 149 20.73 -6.73 -39.91
C ARG F 149 19.35 -6.82 -40.57
N TRP F 150 18.69 -7.97 -40.41
CA TRP F 150 17.35 -8.18 -40.99
C TRP F 150 16.34 -7.29 -40.30
N VAL F 151 16.46 -7.15 -38.98
CA VAL F 151 15.57 -6.32 -38.20
C VAL F 151 15.74 -4.87 -38.64
N ALA F 152 16.99 -4.48 -38.91
CA ALA F 152 17.27 -3.11 -39.33
C ALA F 152 16.72 -2.84 -40.72
N ALA F 153 16.78 -3.86 -41.57
CA ALA F 153 16.29 -3.72 -42.93
C ALA F 153 14.76 -3.62 -42.94
N ARG F 154 14.11 -4.54 -42.23
CA ARG F 154 12.66 -4.63 -42.10
C ARG F 154 12.10 -3.39 -41.44
N ALA F 155 12.83 -2.88 -40.46
CA ALA F 155 12.42 -1.69 -39.74
C ALA F 155 12.56 -0.48 -40.62
N LYS F 156 13.65 -0.40 -41.37
CA LYS F 156 13.83 0.77 -42.21
C LYS F 156 12.74 0.91 -43.28
N GLN F 157 12.19 -0.20 -43.73
CA GLN F 157 11.15 -0.08 -44.73
C GLN F 157 9.81 0.27 -44.08
N LEU F 158 9.73 0.10 -42.76
CA LEU F 158 8.53 0.46 -42.02
C LEU F 158 8.68 1.91 -41.61
N ASN F 159 9.67 2.58 -42.19
CA ASN F 159 9.97 3.99 -41.93
C ASN F 159 10.27 4.20 -40.46
N LEU F 160 11.21 3.39 -39.97
CA LEU F 160 11.60 3.41 -38.57
C LEU F 160 13.09 3.68 -38.32
N GLU F 161 13.38 4.55 -37.35
CA GLU F 161 14.75 4.89 -36.96
C GLU F 161 15.06 3.99 -35.74
N LEU F 162 15.39 2.73 -36.01
CA LEU F 162 15.66 1.77 -34.94
C LEU F 162 17.11 1.76 -34.47
N ASP F 163 17.35 2.31 -33.28
CA ASP F 163 18.71 2.34 -32.70
C ASP F 163 19.33 0.96 -32.56
N ASP F 164 20.66 0.94 -32.58
CA ASP F 164 21.41 -0.30 -32.53
C ASP F 164 21.27 -1.11 -31.26
N ALA F 165 21.33 -0.43 -30.13
CA ALA F 165 21.18 -1.14 -28.86
C ALA F 165 19.76 -1.65 -28.80
N ALA F 166 18.81 -0.79 -29.15
CA ALA F 166 17.40 -1.15 -29.15
C ALA F 166 17.20 -2.37 -30.03
N ASN F 167 17.76 -2.31 -31.23
CA ASN F 167 17.70 -3.39 -32.20
C ASN F 167 18.15 -4.68 -31.54
N GLN F 168 19.24 -4.59 -30.78
CA GLN F 168 19.75 -5.76 -30.11
C GLN F 168 18.79 -6.26 -29.04
N VAL F 169 18.16 -5.32 -28.34
CA VAL F 169 17.22 -5.69 -27.29
C VAL F 169 16.12 -6.50 -27.90
N LEU F 170 15.55 -5.97 -28.99
CA LEU F 170 14.48 -6.65 -29.70
C LEU F 170 14.93 -8.02 -30.12
N CYS F 171 16.20 -8.15 -30.50
CA CYS F 171 16.81 -9.41 -30.96
C CYS F 171 17.01 -10.43 -29.85
N TYR F 172 17.47 -9.97 -28.69
CA TYR F 172 17.69 -10.86 -27.57
C TYR F 172 16.36 -11.37 -27.01
N CYS F 173 15.28 -10.64 -27.28
CA CYS F 173 13.94 -11.05 -26.89
C CYS F 173 13.38 -11.53 -28.23
N TYR F 174 12.53 -12.56 -28.23
CA TYR F 174 12.00 -13.13 -29.50
C TYR F 174 13.16 -13.59 -30.40
N GLU F 175 14.29 -14.01 -29.85
CA GLU F 175 15.39 -14.42 -30.71
C GLU F 175 14.99 -15.50 -31.70
N GLY F 176 14.93 -15.13 -32.98
CA GLY F 176 14.58 -16.10 -34.01
C GLY F 176 13.14 -16.19 -34.50
N ASN F 177 12.21 -15.58 -33.80
CA ASN F 177 10.83 -15.64 -34.25
C ASN F 177 10.58 -14.38 -35.07
N LEU F 178 10.97 -14.42 -36.34
CA LEU F 178 10.81 -13.28 -37.20
C LEU F 178 9.40 -12.72 -37.28
N LEU F 179 8.40 -13.56 -37.09
CA LEU F 179 7.03 -13.07 -37.13
C LEU F 179 6.82 -12.12 -35.95
N ALA F 180 7.44 -12.47 -34.83
CA ALA F 180 7.36 -11.67 -33.62
C ALA F 180 8.07 -10.32 -33.79
N LEU F 181 9.28 -10.35 -34.34
CA LEU F 181 10.08 -9.14 -34.54
C LEU F 181 9.41 -8.16 -35.47
N ALA F 182 8.62 -8.68 -36.40
CA ALA F 182 7.91 -7.84 -37.34
C ALA F 182 6.68 -7.19 -36.69
N GLN F 183 5.92 -7.99 -35.93
CA GLN F 183 4.73 -7.52 -35.20
C GLN F 183 5.21 -6.46 -34.25
N ALA F 184 6.21 -6.84 -33.46
CA ALA F 184 6.83 -5.96 -32.49
C ALA F 184 7.21 -4.64 -33.13
N LEU F 185 7.82 -4.69 -34.29
CA LEU F 185 8.19 -3.42 -34.92
C LEU F 185 6.96 -2.62 -35.27
N GLU F 186 5.91 -3.30 -35.70
CA GLU F 186 4.66 -2.64 -36.08
C GLU F 186 3.93 -2.13 -34.85
N ARG F 187 3.96 -2.88 -33.75
CA ARG F 187 3.31 -2.40 -32.53
C ARG F 187 4.07 -1.17 -32.03
N LEU F 188 5.40 -1.30 -31.95
CA LEU F 188 6.32 -0.24 -31.54
C LEU F 188 6.13 1.05 -32.34
N SER F 189 5.59 0.91 -33.54
CA SER F 189 5.33 2.06 -34.39
C SER F 189 4.02 2.72 -33.97
N LEU F 190 3.10 1.98 -33.38
CA LEU F 190 1.87 2.62 -32.95
C LEU F 190 2.13 3.40 -31.68
N LEU F 191 2.96 2.82 -30.82
CA LEU F 191 3.39 3.40 -29.55
C LEU F 191 4.09 4.73 -29.74
N TRP F 192 5.11 4.75 -30.59
CA TRP F 192 5.81 5.99 -30.83
C TRP F 192 5.61 6.38 -32.28
N PRO F 193 4.52 7.09 -32.56
CA PRO F 193 4.15 7.58 -33.89
C PRO F 193 5.34 8.35 -34.45
N ASP F 194 6.08 8.89 -33.49
CA ASP F 194 7.29 9.68 -33.68
C ASP F 194 8.18 9.05 -34.74
N GLY F 195 8.48 7.76 -34.58
CA GLY F 195 9.30 7.05 -35.53
C GLY F 195 10.63 6.71 -34.89
N LYS F 196 11.05 7.58 -33.99
CA LYS F 196 12.31 7.46 -33.27
C LYS F 196 12.39 6.36 -32.21
N LEU F 197 12.76 5.15 -32.61
CA LEU F 197 12.88 4.00 -31.71
C LEU F 197 14.20 3.95 -30.97
N THR F 198 14.31 4.74 -29.92
CA THR F 198 15.53 4.77 -29.16
C THR F 198 15.56 3.65 -28.17
N LEU F 199 16.75 3.34 -27.65
CA LEU F 199 16.87 2.25 -26.67
C LEU F 199 15.95 2.38 -25.45
N PRO F 200 15.90 3.57 -24.83
CA PRO F 200 15.07 3.80 -23.66
C PRO F 200 13.63 3.45 -23.99
N ARG F 201 13.13 4.03 -25.08
CA ARG F 201 11.76 3.79 -25.51
C ARG F 201 11.48 2.31 -25.74
N VAL F 202 12.27 1.70 -26.61
CA VAL F 202 12.08 0.29 -26.93
C VAL F 202 12.26 -0.58 -25.72
N GLU F 203 13.23 -0.24 -24.88
CA GLU F 203 13.46 -1.05 -23.72
C GLU F 203 12.24 -1.05 -22.80
N GLN F 204 11.65 0.12 -22.60
CA GLN F 204 10.50 0.25 -21.72
C GLN F 204 9.34 -0.57 -22.17
N ALA F 205 9.01 -0.46 -23.46
CA ALA F 205 7.89 -1.18 -24.07
C ALA F 205 8.06 -2.70 -24.13
N VAL F 206 9.30 -3.15 -24.25
CA VAL F 206 9.59 -4.58 -24.34
C VAL F 206 9.46 -5.21 -22.98
N ASN F 207 9.99 -4.53 -21.98
CA ASN F 207 9.91 -5.07 -20.65
C ASN F 207 8.50 -4.97 -20.10
N ASP F 208 7.82 -3.88 -20.43
CA ASP F 208 6.45 -3.65 -20.00
C ASP F 208 5.44 -4.64 -20.57
N ALA F 209 5.64 -5.02 -21.83
CA ALA F 209 4.78 -5.97 -22.54
C ALA F 209 4.72 -7.31 -21.81
N ALA F 210 5.81 -7.75 -21.18
CA ALA F 210 5.88 -8.96 -20.35
C ALA F 210 5.54 -10.39 -20.89
N HIS F 211 6.48 -10.87 -21.74
CA HIS F 211 6.52 -12.18 -22.36
C HIS F 211 8.08 -12.55 -22.55
N PHE F 212 8.76 -13.30 -21.58
CA PHE F 212 10.28 -13.62 -21.55
C PHE F 212 10.80 -14.94 -22.21
N THR F 213 12.03 -14.97 -22.79
CA THR F 213 12.53 -16.22 -23.48
C THR F 213 12.94 -17.30 -22.46
N PRO F 214 12.82 -18.62 -22.81
CA PRO F 214 13.33 -19.62 -21.86
C PRO F 214 14.79 -19.41 -21.60
N PHE F 215 15.41 -18.74 -22.57
CA PHE F 215 16.82 -18.47 -22.52
C PHE F 215 17.20 -17.44 -21.47
N HIS F 216 16.30 -16.47 -21.24
CA HIS F 216 16.54 -15.42 -20.26
C HIS F 216 16.63 -16.05 -18.88
N TRP F 217 16.02 -17.22 -18.73
CA TRP F 217 16.04 -17.96 -17.47
C TRP F 217 17.42 -18.50 -17.30
N VAL F 218 17.91 -19.14 -18.36
CA VAL F 218 19.24 -19.72 -18.41
C VAL F 218 20.28 -18.61 -18.37
N ASP F 219 20.16 -17.65 -19.28
CA ASP F 219 21.07 -16.50 -19.33
C ASP F 219 21.23 -15.94 -17.93
N ALA F 220 20.16 -16.01 -17.15
CA ALA F 220 20.16 -15.52 -15.78
C ALA F 220 20.73 -16.61 -14.92
N LEU F 221 20.38 -17.84 -15.25
CA LEU F 221 20.83 -18.97 -14.49
C LEU F 221 22.30 -19.30 -14.53
N LEU F 222 23.06 -18.54 -15.31
CA LEU F 222 24.50 -18.71 -15.51
C LEU F 222 25.40 -18.18 -14.42
N MET F 223 24.97 -18.33 -13.16
CA MET F 223 25.70 -17.81 -12.01
C MET F 223 25.23 -16.37 -11.77
N GLY F 224 24.24 -15.94 -12.54
CA GLY F 224 23.70 -14.61 -12.34
C GLY F 224 22.79 -14.79 -11.14
N LYS F 225 22.54 -13.75 -10.34
CA LYS F 225 21.68 -13.95 -9.16
C LYS F 225 20.28 -14.59 -9.37
N SER F 226 20.04 -15.59 -8.54
CA SER F 226 18.83 -16.38 -8.55
C SER F 226 17.54 -15.59 -8.48
N LYS F 227 17.55 -14.45 -7.80
CA LYS F 227 16.35 -13.65 -7.66
C LYS F 227 15.64 -13.51 -8.99
N ARG F 228 16.34 -12.92 -9.96
CA ARG F 228 15.78 -12.70 -11.28
C ARG F 228 15.47 -13.99 -12.07
N ALA F 229 16.20 -15.06 -11.82
CA ALA F 229 15.95 -16.32 -12.51
C ALA F 229 14.68 -16.95 -11.92
N LEU F 230 14.52 -16.81 -10.61
CA LEU F 230 13.36 -17.36 -9.92
C LEU F 230 12.17 -16.54 -10.39
N HIS F 231 12.40 -15.25 -10.58
CA HIS F 231 11.38 -14.31 -11.04
C HIS F 231 10.97 -14.72 -12.46
N ILE F 232 11.95 -14.83 -13.35
CA ILE F 232 11.72 -15.24 -14.73
C ILE F 232 11.10 -16.63 -14.79
N LEU F 233 11.53 -17.54 -13.91
CA LEU F 233 10.99 -18.90 -13.91
C LEU F 233 9.53 -18.92 -13.53
N GLN F 234 9.15 -18.06 -12.59
CA GLN F 234 7.76 -17.98 -12.15
C GLN F 234 6.96 -16.99 -13.02
N GLN F 235 7.65 -16.41 -14.01
CA GLN F 235 7.05 -15.49 -14.97
C GLN F 235 7.02 -16.20 -16.31
N LEU F 236 7.60 -17.40 -16.33
CA LEU F 236 7.65 -18.28 -17.50
C LEU F 236 6.49 -19.29 -17.42
N ARG F 237 5.76 -19.27 -16.33
CA ARG F 237 4.62 -20.14 -16.20
C ARG F 237 3.41 -19.30 -16.58
N LEU F 238 3.67 -18.00 -16.81
CA LEU F 238 2.62 -17.02 -17.18
C LEU F 238 2.60 -16.70 -18.67
N GLU F 239 3.43 -17.39 -19.42
CA GLU F 239 3.47 -17.21 -20.86
C GLU F 239 3.02 -18.53 -21.47
N GLY F 240 2.76 -19.50 -20.60
CA GLY F 240 2.32 -20.82 -21.03
C GLY F 240 3.45 -21.65 -21.62
N SER F 241 4.57 -21.74 -20.89
CA SER F 241 5.73 -22.49 -21.35
C SER F 241 5.76 -23.85 -20.65
N GLU F 242 5.80 -24.91 -21.44
CA GLU F 242 5.82 -26.28 -20.93
C GLU F 242 7.07 -26.51 -20.12
N PRO F 243 7.02 -27.44 -19.16
CA PRO F 243 8.24 -27.68 -18.37
C PRO F 243 9.29 -28.34 -19.25
N VAL F 244 8.89 -29.41 -19.91
CA VAL F 244 9.77 -30.20 -20.78
C VAL F 244 10.61 -29.35 -21.71
N ILE F 245 10.03 -28.32 -22.31
CA ILE F 245 10.76 -27.47 -23.22
C ILE F 245 11.81 -26.64 -22.46
N LEU F 246 11.59 -26.47 -21.16
CA LEU F 246 12.55 -25.72 -20.36
C LEU F 246 13.75 -26.59 -20.03
N LEU F 247 13.49 -27.84 -19.66
CA LEU F 247 14.55 -28.78 -19.30
C LEU F 247 15.54 -29.02 -20.43
N ARG F 248 15.06 -29.02 -21.68
CA ARG F 248 15.97 -29.25 -22.79
C ARG F 248 16.69 -27.98 -23.25
N THR F 249 16.39 -26.86 -22.60
CA THR F 249 17.04 -25.58 -22.89
C THR F 249 18.14 -25.48 -21.87
N LEU F 250 17.87 -25.97 -20.67
CA LEU F 250 18.84 -25.95 -19.59
C LEU F 250 19.88 -27.01 -19.86
N GLN F 251 19.42 -28.17 -20.28
CA GLN F 251 20.31 -29.26 -20.57
C GLN F 251 21.34 -28.84 -21.59
N ARG F 252 20.88 -28.37 -22.75
CA ARG F 252 21.80 -27.96 -23.78
C ARG F 252 22.88 -26.99 -23.30
N GLU F 253 22.52 -25.98 -22.53
CA GLU F 253 23.54 -25.05 -22.04
C GLU F 253 24.36 -25.65 -20.88
N LEU F 254 23.75 -26.55 -20.11
CA LEU F 254 24.42 -27.17 -18.98
C LEU F 254 25.49 -28.16 -19.39
N LEU F 255 25.15 -29.07 -20.31
CA LEU F 255 26.11 -30.07 -20.81
C LEU F 255 27.21 -29.32 -21.51
N LEU F 256 26.89 -28.19 -22.14
CA LEU F 256 27.91 -27.37 -22.81
C LEU F 256 28.89 -26.83 -21.79
N LEU F 257 28.40 -26.44 -20.62
CA LEU F 257 29.34 -25.96 -19.64
C LEU F 257 30.22 -27.14 -19.18
N VAL F 258 29.62 -28.31 -19.08
CA VAL F 258 30.36 -29.48 -18.63
C VAL F 258 31.55 -29.72 -19.49
N ASN F 259 31.35 -29.73 -20.81
CA ASN F 259 32.45 -29.97 -21.74
C ASN F 259 33.51 -28.91 -21.72
N LEU F 260 33.08 -27.67 -21.57
CA LEU F 260 34.00 -26.56 -21.54
C LEU F 260 34.83 -26.52 -20.28
N LYS F 261 34.21 -26.63 -19.11
CA LYS F 261 34.95 -26.57 -17.84
C LYS F 261 35.94 -27.71 -17.81
N ARG F 262 35.61 -28.75 -18.56
CA ARG F 262 36.45 -29.94 -18.66
C ARG F 262 37.68 -29.70 -19.49
N GLN F 263 37.59 -28.68 -20.33
CA GLN F 263 38.69 -28.31 -21.19
C GLN F 263 39.37 -27.02 -20.79
N SER F 264 40.04 -27.11 -19.64
CA SER F 264 40.86 -26.04 -19.10
C SER F 264 42.21 -26.78 -19.13
N ALA F 265 43.16 -26.19 -19.85
CA ALA F 265 44.48 -26.75 -20.07
C ALA F 265 44.40 -27.62 -21.32
N HIS F 266 43.20 -27.71 -21.90
CA HIS F 266 43.00 -28.49 -23.12
C HIS F 266 43.17 -27.51 -24.25
N THR F 267 42.74 -26.28 -24.01
CA THR F 267 42.82 -25.19 -24.98
C THR F 267 42.29 -23.96 -24.28
N PRO F 268 42.95 -22.80 -24.44
CA PRO F 268 42.47 -21.57 -23.81
C PRO F 268 41.04 -21.24 -24.25
N LEU F 269 40.22 -20.90 -23.27
CA LEU F 269 38.80 -20.56 -23.42
C LEU F 269 38.42 -19.99 -24.78
N ARG F 270 39.26 -19.08 -25.28
CA ARG F 270 39.07 -18.41 -26.56
C ARG F 270 38.65 -19.31 -27.74
N ALA F 271 39.60 -20.11 -28.22
CA ALA F 271 39.38 -21.01 -29.36
C ALA F 271 38.29 -22.04 -29.15
N LEU F 272 38.08 -22.43 -27.90
CA LEU F 272 37.07 -23.42 -27.54
C LEU F 272 35.66 -22.97 -27.89
N PHE F 273 35.36 -21.71 -27.59
CA PHE F 273 34.05 -21.12 -27.87
C PHE F 273 33.73 -21.14 -29.37
N ASP F 274 34.74 -20.85 -30.18
CA ASP F 274 34.60 -20.83 -31.63
C ASP F 274 34.23 -22.25 -32.02
N LYS F 275 35.00 -23.18 -31.48
CA LYS F 275 34.82 -24.60 -31.73
C LYS F 275 33.41 -25.10 -31.49
N HIS F 276 32.78 -24.58 -30.45
CA HIS F 276 31.42 -24.99 -30.12
C HIS F 276 30.34 -24.17 -30.81
N ARG F 277 30.75 -23.14 -31.53
CA ARG F 277 29.87 -22.27 -32.32
C ARG F 277 28.61 -21.65 -31.68
N VAL F 278 28.63 -21.41 -30.37
CA VAL F 278 27.47 -20.79 -29.71
C VAL F 278 27.91 -19.43 -29.12
N TRP F 279 29.21 -19.32 -28.86
CA TRP F 279 29.89 -18.10 -28.33
C TRP F 279 29.46 -16.92 -29.21
N GLN F 280 28.32 -16.27 -28.97
CA GLN F 280 27.97 -15.18 -29.94
C GLN F 280 27.85 -13.78 -29.50
N ASN F 281 27.78 -13.41 -28.25
CA ASN F 281 28.20 -12.54 -27.16
C ASN F 281 28.36 -13.34 -25.87
N ARG F 282 27.59 -14.40 -25.79
CA ARG F 282 27.49 -15.23 -24.58
C ARG F 282 28.80 -15.46 -23.80
N ARG F 283 29.81 -15.04 -24.60
CA ARG F 283 31.16 -14.94 -24.22
C ARG F 283 31.68 -13.58 -23.80
N GLY F 284 31.72 -13.80 -22.52
CA GLY F 284 32.05 -13.32 -21.19
C GLY F 284 31.14 -13.87 -20.10
N MET F 285 29.89 -14.10 -20.48
CA MET F 285 28.85 -14.62 -19.61
C MET F 285 29.08 -16.10 -19.38
N MET F 286 29.35 -16.85 -20.44
CA MET F 286 29.63 -18.29 -20.38
C MET F 286 30.87 -18.52 -19.54
N GLY F 287 31.88 -17.68 -19.77
CA GLY F 287 33.11 -17.82 -19.02
C GLY F 287 32.95 -17.33 -17.60
N GLU F 288 32.03 -16.41 -17.39
CA GLU F 288 31.82 -15.89 -16.05
C GLU F 288 31.25 -17.05 -15.28
N ALA F 289 30.43 -17.84 -15.97
CA ALA F 289 29.79 -19.02 -15.39
C ALA F 289 30.85 -20.06 -15.06
N LEU F 290 31.67 -20.36 -16.05
CA LEU F 290 32.74 -21.33 -15.87
C LEU F 290 33.62 -20.98 -14.71
N ASN F 291 33.85 -19.69 -14.49
CA ASN F 291 34.73 -19.29 -13.41
C ASN F 291 34.26 -19.43 -11.97
N ARG F 292 32.97 -19.51 -11.74
CA ARG F 292 32.57 -19.68 -10.36
C ARG F 292 31.80 -20.95 -10.07
N LEU F 293 31.63 -21.79 -11.08
CA LEU F 293 30.96 -23.08 -10.90
C LEU F 293 32.06 -24.13 -10.85
N SER F 294 32.12 -24.89 -9.77
CA SER F 294 33.16 -25.90 -9.62
C SER F 294 32.81 -27.13 -10.41
N GLN F 295 33.85 -27.82 -10.84
CA GLN F 295 33.75 -29.04 -11.63
C GLN F 295 32.67 -29.89 -11.01
N THR F 296 32.66 -29.93 -9.67
CA THR F 296 31.66 -30.70 -8.93
C THR F 296 30.26 -30.09 -8.90
N GLN F 297 30.15 -28.77 -8.82
CA GLN F 297 28.82 -28.15 -8.80
C GLN F 297 28.12 -28.59 -10.06
N LEU F 298 28.80 -28.34 -11.16
CA LEU F 298 28.30 -28.63 -12.47
C LEU F 298 27.76 -30.04 -12.53
N ARG F 299 28.42 -30.95 -11.82
CA ARG F 299 28.00 -32.33 -11.81
C ARG F 299 26.65 -32.49 -11.13
N GLN F 300 26.56 -32.00 -9.89
CA GLN F 300 25.35 -32.10 -9.08
C GLN F 300 24.15 -31.61 -9.83
N ALA F 301 24.37 -30.51 -10.56
CA ALA F 301 23.33 -29.91 -11.34
C ALA F 301 22.89 -30.87 -12.40
N VAL F 302 23.75 -31.80 -12.79
CA VAL F 302 23.39 -32.76 -13.82
C VAL F 302 22.52 -33.89 -13.29
N GLN F 303 22.68 -34.22 -12.00
CA GLN F 303 21.90 -35.29 -11.37
C GLN F 303 20.48 -34.81 -11.22
N LEU F 304 20.34 -33.59 -10.69
CA LEU F 304 19.05 -32.99 -10.45
C LEU F 304 18.28 -32.95 -11.73
N LEU F 305 18.90 -32.40 -12.77
CA LEU F 305 18.28 -32.30 -14.06
C LEU F 305 17.82 -33.68 -14.51
N THR F 306 18.60 -34.70 -14.19
CA THR F 306 18.26 -36.07 -14.55
C THR F 306 17.03 -36.60 -13.80
N ARG F 307 17.02 -36.44 -12.46
CA ARG F 307 15.89 -36.90 -11.65
C ARG F 307 14.65 -36.27 -12.25
N THR F 308 14.67 -34.94 -12.30
CA THR F 308 13.60 -34.15 -12.87
C THR F 308 13.19 -34.73 -14.20
N GLU F 309 14.18 -35.02 -15.06
CA GLU F 309 13.90 -35.56 -16.38
C GLU F 309 13.16 -36.87 -16.31
N LEU F 310 13.39 -37.63 -15.25
CA LEU F 310 12.70 -38.90 -15.05
C LEU F 310 11.39 -38.73 -14.27
N THR F 311 11.43 -37.92 -13.22
CA THR F 311 10.30 -37.61 -12.37
C THR F 311 9.18 -37.08 -13.26
N LEU F 312 9.56 -36.34 -14.28
CA LEU F 312 8.64 -35.78 -15.25
C LEU F 312 8.19 -36.80 -16.27
N LYS F 313 8.89 -37.93 -16.33
CA LYS F 313 8.51 -38.94 -17.31
C LYS F 313 8.13 -40.30 -16.74
N GLN F 314 8.18 -40.42 -15.42
CA GLN F 314 7.85 -41.68 -14.72
C GLN F 314 6.48 -41.60 -14.05
N ASP F 315 6.25 -40.49 -13.25
CA ASP F 315 4.84 -40.26 -12.80
C ASP F 315 4.01 -39.45 -13.79
N TYR F 316 4.72 -38.83 -14.75
CA TYR F 316 4.11 -38.03 -15.84
C TYR F 316 3.08 -37.06 -15.29
N GLY F 317 3.57 -36.20 -14.41
CA GLY F 317 2.77 -35.19 -13.75
C GLY F 317 3.09 -35.07 -12.25
N GLN F 318 4.37 -34.92 -11.87
CA GLN F 318 4.81 -34.79 -10.45
C GLN F 318 5.23 -33.39 -10.01
N SER F 319 4.78 -32.37 -10.71
CA SER F 319 5.13 -30.95 -10.45
C SER F 319 6.61 -30.62 -10.40
N VAL F 320 7.15 -30.83 -11.59
CA VAL F 320 8.55 -30.62 -11.90
C VAL F 320 8.89 -29.20 -11.60
N TRP F 321 7.95 -28.25 -11.80
CA TRP F 321 8.28 -26.85 -11.52
C TRP F 321 9.06 -26.66 -10.24
N ALA F 322 8.64 -27.38 -9.21
CA ALA F 322 9.30 -27.30 -7.92
C ALA F 322 10.80 -27.55 -8.09
N GLU F 323 11.12 -28.67 -8.73
CA GLU F 323 12.51 -29.05 -8.96
C GLU F 323 13.25 -28.02 -9.80
N LEU F 324 12.56 -27.36 -10.72
CA LEU F 324 13.18 -26.35 -11.57
C LEU F 324 13.62 -25.18 -10.72
N GLU F 325 12.85 -24.93 -9.67
CA GLU F 325 13.14 -23.87 -8.73
C GLU F 325 14.39 -24.31 -7.98
N GLY F 326 14.34 -25.54 -7.48
CA GLY F 326 15.46 -26.09 -6.75
C GLY F 326 16.72 -26.18 -7.59
N LEU F 327 16.53 -26.43 -8.88
CA LEU F 327 17.65 -26.55 -9.81
C LEU F 327 18.32 -25.20 -10.05
N SER F 328 17.50 -24.18 -10.24
CA SER F 328 17.98 -22.83 -10.49
C SER F 328 18.76 -22.29 -9.29
N LEU F 329 18.50 -22.88 -8.13
CA LEU F 329 19.18 -22.49 -6.90
C LEU F 329 20.56 -23.10 -6.76
N LEU F 330 20.78 -24.25 -7.40
CA LEU F 330 22.08 -24.92 -7.32
C LEU F 330 23.15 -24.25 -8.19
N LEU F 331 22.71 -23.60 -9.25
CA LEU F 331 23.64 -22.94 -10.16
C LEU F 331 24.13 -21.58 -9.66
N CYS F 332 23.84 -21.25 -8.41
CA CYS F 332 24.26 -19.97 -7.85
C CYS F 332 24.95 -20.08 -6.49
N HIS F 333 24.64 -21.14 -5.73
CA HIS F 333 25.21 -21.35 -4.40
C HIS F 333 25.98 -22.68 -4.29
N LYS F 334 27.03 -22.71 -3.47
CA LYS F 334 27.83 -23.92 -3.29
C LYS F 334 27.00 -24.99 -2.61
N PRO F 335 26.98 -26.21 -3.16
CA PRO F 335 26.20 -27.32 -2.58
C PRO F 335 27.00 -28.21 -1.64
N LEU F 336 26.28 -29.15 -1.02
CA LEU F 336 26.87 -30.12 -0.09
C LEU F 336 26.72 -31.55 -0.62
N ALA F 337 27.22 -32.53 0.14
CA ALA F 337 27.15 -33.94 -0.27
C ALA F 337 25.95 -34.67 0.34
N ASP F 338 24.83 -33.96 0.49
CA ASP F 338 23.62 -34.52 1.06
C ASP F 338 22.50 -34.65 0.05
N VAL G 5 -23.10 -11.42 -10.52
CA VAL G 5 -21.87 -11.43 -9.68
C VAL G 5 -20.93 -10.29 -10.05
N LEU G 6 -19.94 -10.04 -9.20
CA LEU G 6 -18.99 -8.96 -9.43
C LEU G 6 -18.34 -8.96 -10.80
N ALA G 7 -17.92 -10.14 -11.26
CA ALA G 7 -17.27 -10.29 -12.56
C ALA G 7 -18.07 -9.71 -13.73
N ARG G 8 -19.37 -10.01 -13.78
CA ARG G 8 -20.21 -9.52 -14.86
C ARG G 8 -20.53 -8.05 -14.66
N LYS G 9 -20.77 -7.67 -13.40
CA LYS G 9 -21.10 -6.28 -13.10
C LYS G 9 -19.95 -5.33 -13.38
N TRP G 10 -18.72 -5.78 -13.13
CA TRP G 10 -17.56 -4.91 -13.34
C TRP G 10 -16.75 -5.17 -14.60
N ARG G 11 -17.41 -5.69 -15.62
CA ARG G 11 -16.75 -5.94 -16.90
C ARG G 11 -16.41 -4.58 -17.48
N PRO G 12 -15.17 -4.39 -17.96
CA PRO G 12 -14.77 -3.10 -18.55
C PRO G 12 -15.72 -2.59 -19.63
N GLN G 13 -16.12 -1.33 -19.49
CA GLN G 13 -17.03 -0.69 -20.44
C GLN G 13 -16.29 0.35 -21.28
N THR G 14 -15.06 0.65 -20.88
CA THR G 14 -14.22 1.61 -21.58
C THR G 14 -12.77 1.13 -21.43
N PHE G 15 -11.87 1.58 -22.29
CA PHE G 15 -10.48 1.16 -22.18
C PHE G 15 -9.90 1.61 -20.84
N ALA G 16 -10.42 2.73 -20.33
CA ALA G 16 -9.97 3.28 -19.06
C ALA G 16 -10.34 2.39 -17.88
N ASP G 17 -11.36 1.55 -18.05
CA ASP G 17 -11.77 0.64 -16.98
C ASP G 17 -10.92 -0.63 -16.94
N VAL G 18 -10.14 -0.87 -17.99
CA VAL G 18 -9.30 -2.06 -18.07
C VAL G 18 -8.08 -1.98 -17.16
N VAL G 19 -7.83 -3.06 -16.42
CA VAL G 19 -6.68 -3.12 -15.52
C VAL G 19 -5.43 -3.65 -16.21
N GLY G 20 -4.36 -2.87 -16.09
CA GLY G 20 -3.05 -3.20 -16.60
C GLY G 20 -2.69 -3.87 -17.92
N GLN G 21 -3.22 -3.44 -19.04
CA GLN G 21 -2.75 -4.07 -20.28
C GLN G 21 -2.38 -2.87 -21.15
N GLU G 22 -1.69 -1.92 -20.50
CA GLU G 22 -1.28 -0.65 -21.11
C GLU G 22 -0.74 -0.71 -22.53
N HIS G 23 0.30 -1.52 -22.72
CA HIS G 23 0.93 -1.65 -24.03
C HIS G 23 -0.08 -2.03 -25.11
N VAL G 24 -1.11 -2.77 -24.73
CA VAL G 24 -2.13 -3.18 -25.68
C VAL G 24 -3.12 -2.05 -25.87
N LEU G 25 -3.55 -1.43 -24.77
CA LEU G 25 -4.54 -0.36 -24.85
C LEU G 25 -4.02 0.86 -25.56
N THR G 26 -2.73 1.13 -25.41
CA THR G 26 -2.12 2.27 -26.07
C THR G 26 -2.05 2.08 -27.58
N ALA G 27 -1.75 0.86 -28.01
CA ALA G 27 -1.66 0.57 -29.44
C ALA G 27 -3.03 0.53 -30.10
N LEU G 28 -4.01 -0.08 -29.42
CA LEU G 28 -5.36 -0.14 -29.97
C LEU G 28 -5.96 1.26 -30.07
N ALA G 29 -5.71 2.08 -29.04
CA ALA G 29 -6.23 3.44 -29.02
C ALA G 29 -5.59 4.27 -30.14
N ASN G 30 -4.26 4.16 -30.28
CA ASN G 30 -3.60 4.93 -31.32
C ASN G 30 -4.17 4.55 -32.69
N GLY G 31 -4.27 3.26 -32.96
CA GLY G 31 -4.82 2.81 -34.22
C GLY G 31 -6.24 3.28 -34.44
N LEU G 32 -7.09 3.10 -33.43
CA LEU G 32 -8.48 3.53 -33.54
C LEU G 32 -8.59 5.05 -33.77
N SER G 33 -7.89 5.83 -32.96
CA SER G 33 -7.96 7.29 -33.08
C SER G 33 -7.51 7.81 -34.44
N LEU G 34 -6.54 7.15 -35.06
CA LEU G 34 -6.06 7.61 -36.37
C LEU G 34 -6.71 6.91 -37.55
N GLY G 35 -7.78 6.17 -37.29
CA GLY G 35 -8.47 5.46 -38.36
C GLY G 35 -7.63 4.43 -39.08
N ARG G 36 -6.69 3.82 -38.35
CA ARG G 36 -5.82 2.81 -38.94
C ARG G 36 -6.33 1.45 -38.45
N ILE G 37 -7.25 0.84 -39.20
CA ILE G 37 -7.81 -0.44 -38.76
C ILE G 37 -7.38 -1.64 -39.57
N HIS G 38 -6.83 -2.63 -38.89
CA HIS G 38 -6.39 -3.84 -39.55
C HIS G 38 -7.60 -4.75 -39.67
N HIS G 39 -7.51 -5.77 -40.48
CA HIS G 39 -8.62 -6.68 -40.71
C HIS G 39 -8.82 -7.76 -39.64
N ALA G 40 -7.76 -8.05 -38.88
CA ALA G 40 -7.88 -9.08 -37.86
C ALA G 40 -7.00 -8.80 -36.67
N TYR G 41 -7.55 -9.02 -35.49
CA TYR G 41 -6.80 -8.81 -34.25
C TYR G 41 -6.76 -10.10 -33.46
N LEU G 42 -5.60 -10.35 -32.84
CA LEU G 42 -5.44 -11.55 -32.05
C LEU G 42 -5.03 -11.16 -30.63
N PHE G 43 -5.79 -11.66 -29.66
CA PHE G 43 -5.51 -11.39 -28.27
C PHE G 43 -5.16 -12.70 -27.60
N SER G 44 -3.94 -12.79 -27.09
CA SER G 44 -3.52 -14.00 -26.42
C SER G 44 -3.18 -13.70 -24.96
N GLY G 45 -3.04 -14.75 -24.16
CA GLY G 45 -2.74 -14.59 -22.76
C GLY G 45 -3.47 -15.65 -21.95
N THR G 46 -3.11 -15.76 -20.67
CA THR G 46 -3.73 -16.76 -19.84
C THR G 46 -5.17 -16.44 -19.53
N ARG G 47 -5.62 -16.96 -18.40
CA ARG G 47 -6.99 -16.83 -17.95
C ARG G 47 -7.41 -15.58 -17.20
N GLY G 48 -8.58 -15.07 -17.58
CA GLY G 48 -9.13 -13.91 -16.93
C GLY G 48 -8.20 -12.72 -16.80
N VAL G 49 -7.45 -12.43 -17.86
CA VAL G 49 -6.54 -11.29 -17.86
C VAL G 49 -7.13 -10.13 -18.65
N GLY G 50 -8.22 -10.37 -19.37
CA GLY G 50 -8.88 -9.31 -20.11
C GLY G 50 -8.97 -9.42 -21.61
N LYS G 51 -8.75 -10.60 -22.18
CA LYS G 51 -8.79 -10.77 -23.64
C LYS G 51 -10.15 -10.44 -24.26
N THR G 52 -11.20 -11.07 -23.74
CA THR G 52 -12.55 -10.85 -24.24
C THR G 52 -13.00 -9.43 -23.95
N SER G 53 -12.65 -8.92 -22.77
CA SER G 53 -13.04 -7.56 -22.41
C SER G 53 -12.51 -6.57 -23.45
N ILE G 54 -11.22 -6.67 -23.74
CA ILE G 54 -10.59 -5.77 -24.69
C ILE G 54 -11.14 -6.01 -26.10
N ALA G 55 -11.31 -7.26 -26.51
CA ALA G 55 -11.87 -7.53 -27.83
C ALA G 55 -13.26 -6.86 -27.93
N ARG G 56 -14.05 -6.99 -26.88
CA ARG G 56 -15.39 -6.43 -26.84
C ARG G 56 -15.39 -4.89 -26.95
N LEU G 57 -14.45 -4.25 -26.27
CA LEU G 57 -14.36 -2.80 -26.32
C LEU G 57 -13.93 -2.39 -27.73
N LEU G 58 -13.02 -3.13 -28.33
CA LEU G 58 -12.59 -2.81 -29.69
C LEU G 58 -13.79 -2.87 -30.63
N ALA G 59 -14.58 -3.93 -30.54
CA ALA G 59 -15.76 -4.06 -31.39
C ALA G 59 -16.66 -2.86 -31.13
N LYS G 60 -16.74 -2.47 -29.87
CA LYS G 60 -17.55 -1.34 -29.45
C LYS G 60 -17.00 -0.04 -30.05
N GLY G 61 -15.68 0.13 -30.00
CA GLY G 61 -15.07 1.33 -30.55
C GLY G 61 -15.21 1.42 -32.06
N LEU G 62 -15.27 0.27 -32.71
CA LEU G 62 -15.41 0.18 -34.16
C LEU G 62 -16.81 0.48 -34.71
N ASN G 63 -17.84 0.16 -33.91
CA ASN G 63 -19.22 0.36 -34.36
C ASN G 63 -20.02 1.44 -33.66
N CYS G 64 -19.38 2.20 -32.79
CA CYS G 64 -20.08 3.28 -32.09
C CYS G 64 -20.69 4.24 -33.12
N GLU G 65 -21.96 4.58 -32.92
CA GLU G 65 -22.67 5.50 -33.80
C GLU G 65 -21.99 6.86 -33.86
N THR G 66 -21.32 7.19 -32.76
CA THR G 66 -20.62 8.44 -32.65
C THR G 66 -19.47 8.53 -33.65
N GLY G 67 -18.96 7.37 -34.07
CA GLY G 67 -17.87 7.28 -35.02
C GLY G 67 -16.81 6.28 -34.54
N ILE G 68 -15.86 5.92 -35.41
CA ILE G 68 -14.80 4.99 -35.04
C ILE G 68 -13.97 5.68 -33.97
N THR G 69 -14.04 5.18 -32.74
CA THR G 69 -13.34 5.82 -31.65
C THR G 69 -12.70 4.89 -30.64
N ALA G 70 -11.68 5.40 -29.95
CA ALA G 70 -11.01 4.63 -28.92
C ALA G 70 -11.78 4.85 -27.62
N THR G 71 -12.85 5.64 -27.70
CA THR G 71 -13.70 5.90 -26.54
C THR G 71 -15.20 5.73 -26.88
N PRO G 72 -15.66 4.48 -27.06
CA PRO G 72 -17.09 4.29 -27.36
C PRO G 72 -17.93 5.11 -26.38
N CYS G 73 -18.97 5.76 -26.86
CA CYS G 73 -19.80 6.60 -25.99
C CYS G 73 -20.49 5.78 -24.90
N GLY G 74 -20.87 4.55 -25.24
CA GLY G 74 -21.51 3.69 -24.26
C GLY G 74 -23.01 3.89 -24.07
N VAL G 75 -23.60 4.85 -24.78
CA VAL G 75 -25.02 5.10 -24.62
C VAL G 75 -25.84 4.96 -25.91
N CYS G 76 -25.16 4.85 -27.04
CA CYS G 76 -25.87 4.71 -28.30
C CYS G 76 -26.38 3.26 -28.38
N ASP G 77 -27.33 3.01 -29.27
CA ASP G 77 -27.88 1.67 -29.40
C ASP G 77 -26.83 0.60 -29.75
N ASN G 78 -25.91 0.91 -30.65
CA ASN G 78 -24.88 -0.05 -31.02
C ASN G 78 -24.09 -0.42 -29.76
N CYS G 79 -23.67 0.57 -29.00
CA CYS G 79 -22.92 0.32 -27.77
C CYS G 79 -23.71 -0.48 -26.74
N ARG G 80 -24.97 -0.13 -26.52
CA ARG G 80 -25.77 -0.85 -25.54
C ARG G 80 -25.98 -2.31 -25.95
N GLU G 81 -26.32 -2.52 -27.23
CA GLU G 81 -26.55 -3.87 -27.72
C GLU G 81 -25.30 -4.77 -27.66
N ILE G 82 -24.14 -4.21 -27.98
CA ILE G 82 -22.91 -4.98 -27.93
C ILE G 82 -22.72 -5.43 -26.49
N GLU G 83 -22.98 -4.50 -25.57
CA GLU G 83 -22.87 -4.70 -24.13
C GLU G 83 -23.74 -5.89 -23.70
N GLN G 84 -24.97 -5.90 -24.20
CA GLN G 84 -25.96 -6.95 -23.90
C GLN G 84 -25.66 -8.25 -24.66
N GLY G 85 -24.78 -8.17 -25.66
CA GLY G 85 -24.46 -9.36 -26.42
C GLY G 85 -25.56 -9.63 -27.42
N ARG G 86 -26.39 -8.62 -27.68
CA ARG G 86 -27.48 -8.76 -28.63
C ARG G 86 -27.35 -7.83 -29.82
N PHE G 87 -26.12 -7.63 -30.27
CA PHE G 87 -25.87 -6.76 -31.41
C PHE G 87 -25.76 -7.62 -32.67
N VAL G 88 -26.60 -7.33 -33.66
CA VAL G 88 -26.62 -8.09 -34.91
C VAL G 88 -25.29 -8.13 -35.66
N ASP G 89 -24.42 -7.13 -35.47
CA ASP G 89 -23.16 -7.13 -36.19
C ASP G 89 -21.94 -7.54 -35.39
N LEU G 90 -22.17 -8.15 -34.23
CA LEU G 90 -21.09 -8.67 -33.41
C LEU G 90 -21.42 -10.14 -33.27
N ILE G 91 -20.84 -10.97 -34.13
CA ILE G 91 -21.10 -12.40 -34.09
C ILE G 91 -20.07 -13.12 -33.23
N GLU G 92 -20.51 -13.58 -32.06
CA GLU G 92 -19.62 -14.29 -31.12
C GLU G 92 -19.56 -15.77 -31.41
N ILE G 93 -18.35 -16.29 -31.62
CA ILE G 93 -18.15 -17.71 -31.88
C ILE G 93 -17.27 -18.32 -30.80
N ASP G 94 -17.70 -19.45 -30.25
CA ASP G 94 -16.94 -20.13 -29.22
C ASP G 94 -16.42 -21.45 -29.74
N ALA G 95 -15.16 -21.45 -30.15
CA ALA G 95 -14.53 -22.65 -30.69
C ALA G 95 -14.37 -23.74 -29.65
N ALA G 96 -14.36 -23.37 -28.38
CA ALA G 96 -14.20 -24.34 -27.29
C ALA G 96 -15.50 -25.05 -26.88
N SER G 97 -16.63 -24.64 -27.44
CA SER G 97 -17.90 -25.25 -27.07
C SER G 97 -18.24 -26.56 -27.79
N ARG G 98 -18.55 -27.60 -27.01
CA ARG G 98 -18.91 -28.90 -27.56
C ARG G 98 -20.31 -28.85 -28.15
N THR G 99 -21.10 -27.89 -27.69
CA THR G 99 -22.48 -27.75 -28.12
C THR G 99 -22.72 -26.92 -29.39
N LYS G 100 -21.85 -25.95 -29.65
CA LYS G 100 -22.03 -25.09 -30.81
C LYS G 100 -21.11 -25.45 -31.96
N VAL G 101 -20.77 -26.72 -32.08
CA VAL G 101 -19.87 -27.13 -33.15
C VAL G 101 -20.36 -26.91 -34.55
N GLU G 102 -21.65 -27.12 -34.78
CA GLU G 102 -22.18 -26.92 -36.12
C GLU G 102 -22.27 -25.41 -36.38
N ASP G 103 -22.88 -24.66 -35.48
CA ASP G 103 -23.00 -23.21 -35.66
C ASP G 103 -21.63 -22.58 -35.90
N THR G 104 -20.61 -23.07 -35.21
CA THR G 104 -19.25 -22.56 -35.36
C THR G 104 -18.81 -22.79 -36.80
N ARG G 105 -18.98 -24.03 -37.25
CA ARG G 105 -18.61 -24.43 -38.60
C ARG G 105 -19.39 -23.65 -39.67
N ASP G 106 -20.71 -23.58 -39.53
CA ASP G 106 -21.55 -22.89 -40.50
C ASP G 106 -21.29 -21.39 -40.65
N LEU G 107 -21.28 -20.67 -39.53
CA LEU G 107 -21.05 -19.23 -39.53
C LEU G 107 -19.73 -18.89 -40.24
N LEU G 108 -18.70 -19.70 -40.01
CA LEU G 108 -17.40 -19.46 -40.61
C LEU G 108 -17.36 -19.81 -42.10
N ASP G 109 -18.27 -20.68 -42.53
CA ASP G 109 -18.35 -21.06 -43.93
C ASP G 109 -19.27 -20.07 -44.66
N ASN G 110 -19.97 -19.24 -43.90
CA ASN G 110 -20.89 -18.29 -44.50
C ASN G 110 -20.76 -16.87 -43.93
N VAL G 111 -19.58 -16.28 -44.12
CA VAL G 111 -19.33 -14.93 -43.62
C VAL G 111 -20.30 -13.94 -44.25
N GLN G 112 -20.86 -13.06 -43.43
CA GLN G 112 -21.79 -12.03 -43.91
C GLN G 112 -20.99 -10.77 -44.24
N TYR G 113 -20.67 -10.59 -45.51
CA TYR G 113 -19.87 -9.47 -46.00
C TYR G 113 -20.39 -8.04 -45.82
N ALA G 114 -21.69 -7.89 -45.57
CA ALA G 114 -22.26 -6.57 -45.41
C ALA G 114 -22.95 -6.45 -44.07
N PRO G 115 -22.48 -5.52 -43.20
CA PRO G 115 -23.09 -5.34 -41.88
C PRO G 115 -24.55 -4.96 -42.08
N ALA G 116 -25.41 -5.35 -41.14
CA ALA G 116 -26.83 -5.04 -41.25
C ALA G 116 -27.16 -3.73 -40.55
N ARG G 117 -26.42 -3.42 -39.49
CA ARG G 117 -26.66 -2.19 -38.74
C ARG G 117 -25.44 -1.28 -38.56
N GLY G 118 -24.37 -1.81 -38.00
CA GLY G 118 -23.17 -1.03 -37.78
C GLY G 118 -22.32 -0.90 -39.03
N ARG G 119 -21.26 -0.10 -38.98
CA ARG G 119 -20.41 0.09 -40.15
C ARG G 119 -19.53 -1.14 -40.45
N PHE G 120 -19.37 -2.01 -39.47
CA PHE G 120 -18.56 -3.22 -39.64
C PHE G 120 -19.31 -4.46 -39.15
N LYS G 121 -19.02 -5.59 -39.80
CA LYS G 121 -19.60 -6.87 -39.40
C LYS G 121 -18.42 -7.44 -38.61
N VAL G 122 -18.61 -7.62 -37.30
CA VAL G 122 -17.55 -8.12 -36.45
C VAL G 122 -17.70 -9.55 -35.96
N TYR G 123 -16.64 -10.34 -36.11
CA TYR G 123 -16.64 -11.71 -35.62
C TYR G 123 -15.65 -11.80 -34.47
N LEU G 124 -16.11 -12.29 -33.34
CA LEU G 124 -15.26 -12.46 -32.17
C LEU G 124 -15.19 -13.98 -31.90
N ILE G 125 -14.01 -14.56 -32.05
CA ILE G 125 -13.83 -15.99 -31.86
C ILE G 125 -13.01 -16.31 -30.62
N ASP G 126 -13.66 -16.95 -29.65
CA ASP G 126 -13.04 -17.35 -28.38
C ASP G 126 -12.28 -18.66 -28.59
N GLU G 127 -11.11 -18.77 -27.94
CA GLU G 127 -10.24 -19.94 -28.04
C GLU G 127 -10.17 -20.41 -29.48
N VAL G 128 -9.76 -19.51 -30.36
CA VAL G 128 -9.68 -19.81 -31.79
C VAL G 128 -8.82 -21.01 -32.17
N HIS G 129 -7.88 -21.40 -31.31
CA HIS G 129 -7.02 -22.55 -31.61
C HIS G 129 -7.77 -23.87 -31.53
N MET G 130 -8.98 -23.87 -30.99
CA MET G 130 -9.73 -25.11 -30.87
C MET G 130 -10.63 -25.38 -32.06
N LEU G 131 -10.50 -24.57 -33.11
CA LEU G 131 -11.30 -24.73 -34.33
C LEU G 131 -10.87 -25.98 -35.08
N SER G 132 -11.79 -26.56 -35.85
CA SER G 132 -11.47 -27.75 -36.64
C SER G 132 -10.52 -27.30 -37.74
N ARG G 133 -9.86 -28.26 -38.38
CA ARG G 133 -8.95 -27.94 -39.47
C ARG G 133 -9.77 -27.34 -40.61
N HIS G 134 -10.98 -27.83 -40.76
CA HIS G 134 -11.88 -27.34 -41.80
C HIS G 134 -12.08 -25.83 -41.63
N SER G 135 -12.47 -25.43 -40.42
CA SER G 135 -12.71 -24.01 -40.15
C SER G 135 -11.45 -23.16 -40.21
N PHE G 136 -10.32 -23.70 -39.80
CA PHE G 136 -9.08 -22.95 -39.86
C PHE G 136 -8.91 -22.46 -41.28
N ASN G 137 -9.04 -23.38 -42.23
CA ASN G 137 -8.88 -23.03 -43.64
C ASN G 137 -9.97 -22.09 -44.11
N ALA G 138 -11.17 -22.24 -43.57
CA ALA G 138 -12.24 -21.32 -43.95
C ALA G 138 -11.79 -19.93 -43.52
N LEU G 139 -11.33 -19.81 -42.27
CA LEU G 139 -10.85 -18.54 -41.72
C LEU G 139 -9.67 -17.99 -42.50
N LEU G 140 -8.65 -18.83 -42.72
CA LEU G 140 -7.46 -18.43 -43.46
C LEU G 140 -7.91 -17.76 -44.77
N LYS G 141 -8.68 -18.50 -45.55
CA LYS G 141 -9.22 -18.06 -46.83
C LYS G 141 -9.81 -16.66 -46.76
N THR G 142 -10.57 -16.38 -45.69
CA THR G 142 -11.18 -15.07 -45.50
C THR G 142 -10.13 -14.02 -45.13
N LEU G 143 -9.15 -14.43 -44.32
CA LEU G 143 -8.07 -13.53 -43.91
C LEU G 143 -7.12 -13.24 -45.08
N GLU G 144 -7.12 -14.12 -46.08
CA GLU G 144 -6.27 -13.97 -47.27
C GLU G 144 -6.93 -13.05 -48.29
N GLU G 145 -8.25 -13.12 -48.35
CA GLU G 145 -9.00 -12.25 -49.23
C GLU G 145 -9.97 -11.43 -48.38
N PRO G 146 -9.45 -10.52 -47.46
CA PRO G 146 -10.08 -9.59 -46.50
C PRO G 146 -11.33 -8.86 -46.89
N PRO G 147 -12.48 -9.44 -46.56
CA PRO G 147 -13.73 -8.78 -46.88
C PRO G 147 -13.72 -7.43 -46.21
N GLU G 148 -14.09 -6.37 -46.93
CA GLU G 148 -14.16 -5.11 -46.22
C GLU G 148 -15.51 -5.08 -45.50
N HIS G 149 -15.57 -4.26 -44.45
CA HIS G 149 -16.76 -4.18 -43.63
C HIS G 149 -16.79 -5.35 -42.65
N VAL G 150 -15.84 -6.28 -42.74
CA VAL G 150 -15.77 -7.42 -41.83
C VAL G 150 -14.44 -7.48 -41.07
N LYS G 151 -14.51 -7.52 -39.73
CA LYS G 151 -13.31 -7.59 -38.89
C LYS G 151 -13.32 -8.85 -38.04
N PHE G 152 -12.15 -9.44 -37.86
CA PHE G 152 -12.01 -10.65 -37.06
C PHE G 152 -11.19 -10.38 -35.81
N LEU G 153 -11.80 -10.63 -34.66
CA LEU G 153 -11.16 -10.43 -33.36
C LEU G 153 -11.04 -11.79 -32.71
N LEU G 154 -9.82 -12.33 -32.71
CA LEU G 154 -9.56 -13.64 -32.17
C LEU G 154 -8.96 -13.57 -30.78
N ALA G 155 -9.27 -14.59 -29.98
CA ALA G 155 -8.76 -14.67 -28.62
C ALA G 155 -8.26 -16.09 -28.43
N THR G 156 -7.23 -16.24 -27.62
CA THR G 156 -6.69 -17.56 -27.35
C THR G 156 -5.65 -17.59 -26.26
N THR G 157 -5.63 -18.69 -25.53
CA THR G 157 -4.67 -18.89 -24.45
C THR G 157 -3.46 -19.63 -25.00
N ASP G 158 -3.55 -20.07 -26.25
CA ASP G 158 -2.46 -20.85 -26.85
C ASP G 158 -2.21 -20.50 -28.33
N PRO G 159 -1.65 -19.30 -28.58
CA PRO G 159 -1.38 -18.85 -29.96
C PRO G 159 -0.60 -19.88 -30.79
N GLN G 160 0.37 -20.52 -30.13
CA GLN G 160 1.19 -21.50 -30.81
C GLN G 160 0.39 -22.66 -31.43
N LYS G 161 -0.72 -23.04 -30.82
CA LYS G 161 -1.55 -24.15 -31.35
C LYS G 161 -2.20 -23.73 -32.66
N LEU G 162 -2.07 -22.45 -33.00
CA LEU G 162 -2.66 -21.90 -34.23
C LEU G 162 -1.76 -21.99 -35.46
N PRO G 163 -2.36 -22.26 -36.63
CA PRO G 163 -1.60 -22.36 -37.88
C PRO G 163 -0.89 -21.02 -38.10
N VAL G 164 0.42 -21.06 -38.35
CA VAL G 164 1.18 -19.84 -38.55
C VAL G 164 0.70 -18.98 -39.73
N THR G 165 -0.06 -19.59 -40.62
CA THR G 165 -0.60 -18.88 -41.78
C THR G 165 -1.65 -17.89 -41.31
N ILE G 166 -2.36 -18.25 -40.26
CA ILE G 166 -3.40 -17.39 -39.70
C ILE G 166 -2.81 -16.40 -38.71
N LEU G 167 -2.00 -16.89 -37.79
CA LEU G 167 -1.38 -16.01 -36.81
C LEU G 167 -0.70 -14.85 -37.54
N SER G 168 -0.03 -15.17 -38.65
CA SER G 168 0.66 -14.16 -39.45
C SER G 168 -0.23 -13.10 -40.08
N ARG G 169 -1.52 -13.36 -40.15
CA ARG G 169 -2.44 -12.39 -40.75
C ARG G 169 -3.15 -11.52 -39.71
N CYS G 170 -2.78 -11.66 -38.44
CA CYS G 170 -3.40 -10.87 -37.40
C CYS G 170 -2.45 -9.88 -36.75
N LEU G 171 -3.03 -8.93 -36.04
CA LEU G 171 -2.25 -7.97 -35.29
C LEU G 171 -2.32 -8.68 -33.94
N GLN G 172 -1.17 -9.15 -33.45
CA GLN G 172 -1.13 -9.89 -32.21
C GLN G 172 -0.82 -9.08 -30.96
N PHE G 173 -1.64 -9.28 -29.93
CA PHE G 173 -1.45 -8.57 -28.68
C PHE G 173 -1.37 -9.62 -27.60
N HIS G 174 -0.29 -9.54 -26.83
CA HIS G 174 -0.03 -10.49 -25.75
C HIS G 174 -0.43 -9.87 -24.41
N LEU G 175 -1.50 -10.38 -23.81
CA LEU G 175 -1.91 -9.85 -22.52
C LEU G 175 -1.13 -10.57 -21.41
N LYS G 176 -0.78 -9.83 -20.37
CA LYS G 176 -0.02 -10.38 -19.26
C LYS G 176 -0.92 -10.72 -18.05
N ALA G 177 -0.43 -11.58 -17.14
CA ALA G 177 -1.15 -11.95 -15.93
C ALA G 177 -1.06 -10.85 -14.93
N LEU G 178 -1.58 -11.02 -13.74
CA LEU G 178 -1.54 -9.83 -12.91
C LEU G 178 -0.96 -10.01 -11.47
N ASP G 179 -0.59 -8.89 -10.86
CA ASP G 179 0.03 -8.71 -9.55
C ASP G 179 -0.93 -8.91 -8.34
N VAL G 180 -0.59 -9.72 -7.33
CA VAL G 180 -1.52 -9.89 -6.24
C VAL G 180 -2.16 -8.59 -5.76
N GLU G 181 -1.32 -7.57 -5.59
CA GLU G 181 -1.80 -6.27 -5.13
C GLU G 181 -2.58 -5.54 -6.22
N GLN G 182 -2.63 -6.16 -7.39
CA GLN G 182 -3.32 -5.61 -8.56
C GLN G 182 -4.75 -6.13 -8.53
N ILE G 183 -4.87 -7.42 -8.20
CA ILE G 183 -6.14 -8.12 -8.11
C ILE G 183 -6.93 -7.66 -6.90
N ARG G 184 -6.24 -7.52 -5.79
CA ARG G 184 -6.88 -7.10 -4.57
C ARG G 184 -7.52 -5.74 -4.75
N HIS G 185 -6.83 -4.81 -5.39
CA HIS G 185 -7.40 -3.47 -5.56
C HIS G 185 -8.66 -3.51 -6.39
N GLN G 186 -8.74 -4.47 -7.30
CA GLN G 186 -9.89 -4.62 -8.18
C GLN G 186 -11.04 -5.31 -7.49
N LEU G 187 -10.74 -6.17 -6.52
CA LEU G 187 -11.77 -6.88 -5.79
C LEU G 187 -12.43 -5.90 -4.86
N GLU G 188 -11.59 -5.12 -4.22
CA GLU G 188 -11.99 -4.10 -3.28
C GLU G 188 -12.99 -3.16 -3.95
N HIS G 189 -12.74 -2.86 -5.21
CA HIS G 189 -13.57 -1.95 -5.95
C HIS G 189 -14.91 -2.57 -6.36
N ILE G 190 -14.87 -3.80 -6.88
CA ILE G 190 -16.10 -4.45 -7.33
C ILE G 190 -17.11 -4.59 -6.22
N LEU G 191 -16.65 -5.05 -5.05
CA LEU G 191 -17.53 -5.25 -3.89
C LEU G 191 -18.16 -3.93 -3.42
N ASN G 192 -17.36 -2.87 -3.42
CA ASN G 192 -17.85 -1.58 -3.03
C ASN G 192 -18.97 -1.14 -3.94
N GLU G 193 -18.80 -1.33 -5.24
CA GLU G 193 -19.84 -0.94 -6.17
C GLU G 193 -21.06 -1.81 -6.05
N GLU G 194 -20.87 -2.93 -5.35
CA GLU G 194 -21.91 -3.93 -5.15
C GLU G 194 -22.47 -3.89 -3.77
N HIS G 195 -21.85 -3.07 -2.92
CA HIS G 195 -22.31 -2.93 -1.55
C HIS G 195 -22.30 -4.26 -0.80
N ILE G 196 -21.26 -5.05 -1.04
CA ILE G 196 -21.08 -6.37 -0.42
C ILE G 196 -20.00 -6.22 0.62
N ALA G 197 -20.31 -6.51 1.88
CA ALA G 197 -19.37 -6.39 3.01
C ALA G 197 -18.07 -7.16 2.86
N HIS G 198 -16.97 -6.59 3.32
CA HIS G 198 -15.67 -7.28 3.22
C HIS G 198 -14.51 -6.81 4.11
N GLU G 199 -13.73 -7.77 4.60
CA GLU G 199 -12.56 -7.51 5.45
C GLU G 199 -11.31 -7.54 4.58
N PRO G 200 -10.43 -6.54 4.72
CA PRO G 200 -9.16 -6.41 3.96
C PRO G 200 -8.31 -7.67 3.86
N ARG G 201 -8.30 -8.48 4.91
CA ARG G 201 -7.53 -9.71 4.91
C ARG G 201 -8.20 -10.67 3.95
N ALA G 202 -9.52 -10.65 3.93
CA ALA G 202 -10.30 -11.56 3.10
C ALA G 202 -9.99 -11.46 1.61
N LEU G 203 -9.87 -10.25 1.10
CA LEU G 203 -9.60 -10.07 -0.30
C LEU G 203 -8.20 -10.56 -0.64
N GLN G 204 -7.28 -10.48 0.31
CA GLN G 204 -5.90 -10.92 0.06
C GLN G 204 -5.88 -12.44 -0.03
N LEU G 205 -6.60 -13.09 0.88
CA LEU G 205 -6.67 -14.55 0.88
C LEU G 205 -7.31 -15.08 -0.39
N LEU G 206 -7.95 -14.17 -1.13
CA LEU G 206 -8.58 -14.54 -2.38
C LEU G 206 -7.60 -14.20 -3.52
N ALA G 207 -7.01 -13.01 -3.46
CA ALA G 207 -6.07 -12.55 -4.47
C ALA G 207 -4.94 -13.54 -4.60
N ARG G 208 -4.49 -14.05 -3.47
CA ARG G 208 -3.42 -15.04 -3.45
C ARG G 208 -3.97 -16.27 -4.15
N ALA G 209 -5.13 -16.74 -3.70
CA ALA G 209 -5.77 -17.94 -4.23
C ALA G 209 -5.85 -17.99 -5.75
N ALA G 210 -6.55 -17.04 -6.34
CA ALA G 210 -6.66 -16.96 -7.80
C ALA G 210 -5.23 -16.73 -8.23
N GLU G 211 -4.68 -17.66 -8.99
CA GLU G 211 -3.30 -17.46 -9.39
C GLU G 211 -3.18 -16.54 -10.56
N GLY G 212 -2.89 -15.28 -10.23
CA GLY G 212 -2.71 -14.26 -11.25
C GLY G 212 -3.87 -13.84 -12.10
N SER G 213 -5.04 -14.45 -11.96
CA SER G 213 -6.21 -14.09 -12.77
C SER G 213 -7.49 -13.63 -12.09
N LEU G 214 -8.04 -12.56 -12.65
CA LEU G 214 -9.28 -11.97 -12.18
C LEU G 214 -10.45 -12.94 -12.38
N ARG G 215 -10.64 -13.45 -13.59
CA ARG G 215 -11.69 -14.44 -13.89
C ARG G 215 -11.85 -15.39 -12.73
N ASP G 216 -10.72 -15.82 -12.21
CA ASP G 216 -10.75 -16.76 -11.11
C ASP G 216 -11.08 -16.09 -9.79
N ALA G 217 -10.47 -14.94 -9.55
CA ALA G 217 -10.72 -14.25 -8.30
C ALA G 217 -12.22 -14.11 -8.14
N LEU G 218 -12.87 -13.65 -9.21
CA LEU G 218 -14.31 -13.43 -9.22
C LEU G 218 -15.12 -14.66 -8.88
N SER G 219 -14.78 -15.79 -9.49
CA SER G 219 -15.55 -16.98 -9.20
C SER G 219 -15.26 -17.43 -7.78
N LEU G 220 -14.06 -17.17 -7.29
CA LEU G 220 -13.71 -17.56 -5.93
C LEU G 220 -14.49 -16.72 -4.93
N THR G 221 -14.63 -15.45 -5.24
CA THR G 221 -15.35 -14.52 -4.39
C THR G 221 -16.84 -14.83 -4.43
N ASP G 222 -17.32 -15.28 -5.58
CA ASP G 222 -18.73 -15.65 -5.76
C ASP G 222 -19.06 -16.81 -4.88
N GLN G 223 -18.10 -17.72 -4.74
CA GLN G 223 -18.26 -18.89 -3.90
C GLN G 223 -18.17 -18.46 -2.46
N ALA G 224 -17.23 -17.56 -2.17
CA ALA G 224 -17.01 -17.04 -0.83
C ALA G 224 -18.29 -16.41 -0.30
N ILE G 225 -18.97 -15.66 -1.17
CA ILE G 225 -20.20 -15.02 -0.81
C ILE G 225 -21.22 -16.08 -0.42
N ALA G 226 -21.48 -17.02 -1.31
CA ALA G 226 -22.46 -18.07 -1.03
C ALA G 226 -22.20 -18.84 0.24
N SER G 227 -20.95 -18.93 0.68
CA SER G 227 -20.65 -19.67 1.88
C SER G 227 -20.61 -18.80 3.11
N GLY G 228 -20.33 -17.51 2.91
CA GLY G 228 -20.31 -16.58 4.03
C GLY G 228 -21.68 -15.93 4.08
N ASP G 229 -22.55 -16.44 3.23
CA ASP G 229 -23.92 -15.96 3.07
C ASP G 229 -24.08 -14.47 3.11
N GLY G 230 -23.62 -13.84 2.05
CA GLY G 230 -23.75 -12.40 1.94
C GLY G 230 -22.45 -11.67 2.15
N GLN G 231 -21.71 -12.04 3.19
CA GLN G 231 -20.47 -11.35 3.47
C GLN G 231 -19.26 -12.08 2.92
N VAL G 232 -18.16 -11.35 2.85
CA VAL G 232 -16.89 -11.89 2.42
C VAL G 232 -16.00 -11.64 3.63
N SER G 233 -16.03 -12.62 4.53
CA SER G 233 -15.29 -12.57 5.80
C SER G 233 -14.11 -13.50 5.76
N THR G 234 -13.06 -13.16 6.48
CA THR G 234 -11.87 -13.99 6.47
C THR G 234 -12.16 -15.45 6.86
N GLN G 235 -13.15 -15.64 7.71
CA GLN G 235 -13.50 -16.97 8.16
C GLN G 235 -14.12 -17.81 7.05
N ALA G 236 -15.11 -17.29 6.32
CA ALA G 236 -15.71 -18.04 5.22
C ALA G 236 -14.70 -18.24 4.09
N VAL G 237 -13.83 -17.25 3.93
CA VAL G 237 -12.79 -17.30 2.91
C VAL G 237 -11.68 -18.25 3.32
N SER G 238 -11.48 -18.37 4.64
CA SER G 238 -10.46 -19.27 5.16
C SER G 238 -11.10 -20.64 5.33
N ALA G 239 -12.37 -20.73 4.95
CA ALA G 239 -13.10 -21.99 5.04
C ALA G 239 -12.72 -22.85 3.84
N MET G 240 -12.33 -22.19 2.74
CA MET G 240 -11.93 -22.90 1.53
C MET G 240 -10.45 -22.70 1.23
N LEU G 241 -10.03 -21.42 1.29
CA LEU G 241 -8.65 -20.98 1.04
C LEU G 241 -7.90 -20.98 2.27
N GLY G 242 -7.25 -22.12 2.24
CA GLY G 242 -6.59 -22.72 3.33
C GLY G 242 -5.15 -22.96 3.38
N THR G 243 -4.51 -23.96 2.88
CA THR G 243 -3.55 -23.50 3.76
C THR G 243 -2.14 -23.88 4.00
N LEU G 244 -1.64 -22.77 4.52
CA LEU G 244 -0.29 -22.53 4.92
C LEU G 244 -0.15 -21.91 6.33
N ASP G 245 -1.10 -21.13 6.86
CA ASP G 245 -0.89 -20.51 8.18
C ASP G 245 -0.78 -21.56 9.29
N ASP G 246 -1.64 -22.60 9.20
CA ASP G 246 -1.69 -23.70 10.15
C ASP G 246 -0.40 -24.54 10.09
N ASP G 247 0.44 -24.29 9.10
CA ASP G 247 1.66 -25.05 8.87
C ASP G 247 2.88 -24.68 9.69
N GLN G 248 3.18 -25.60 10.60
CA GLN G 248 4.31 -25.47 11.50
C GLN G 248 5.58 -25.83 10.76
N ALA G 249 5.48 -26.01 9.45
CA ALA G 249 6.62 -26.39 8.64
C ALA G 249 7.95 -25.75 8.99
N LEU G 250 7.93 -24.55 9.55
CA LEU G 250 9.18 -23.94 9.96
C LEU G 250 9.21 -23.90 11.47
N SER G 251 8.04 -23.78 12.07
CA SER G 251 7.91 -23.72 13.53
C SER G 251 8.01 -25.10 14.16
N LEU G 252 8.02 -26.12 13.30
CA LEU G 252 8.15 -27.52 13.70
C LEU G 252 9.65 -27.80 13.75
N VAL G 253 10.37 -27.26 12.77
CA VAL G 253 11.82 -27.41 12.71
C VAL G 253 12.40 -26.59 13.86
N GLU G 254 11.88 -25.41 14.08
CA GLU G 254 12.39 -24.58 15.15
C GLU G 254 12.20 -25.42 16.41
N ALA G 255 10.96 -25.83 16.65
CA ALA G 255 10.60 -26.63 17.80
C ALA G 255 11.48 -27.87 17.89
N MET G 256 11.88 -28.40 16.73
CA MET G 256 12.74 -29.59 16.65
C MET G 256 14.13 -29.30 17.19
N VAL G 257 14.84 -28.37 16.54
CA VAL G 257 16.18 -28.01 16.95
C VAL G 257 16.21 -27.36 18.34
N GLU G 258 15.06 -26.88 18.84
CA GLU G 258 14.96 -26.28 20.18
C GLU G 258 14.71 -27.38 21.24
N ALA G 259 14.37 -28.59 20.77
CA ALA G 259 14.13 -29.74 21.65
C ALA G 259 12.89 -29.93 22.58
N ASN G 260 11.84 -29.10 22.47
CA ASN G 260 10.65 -29.16 23.35
C ASN G 260 9.52 -29.97 22.77
N GLY G 261 9.73 -31.29 22.82
CA GLY G 261 8.79 -32.24 22.25
C GLY G 261 7.36 -31.87 22.52
N GLU G 262 7.14 -31.29 23.69
CA GLU G 262 5.83 -30.84 24.12
C GLU G 262 5.23 -30.02 22.99
N ARG G 263 5.97 -29.00 22.55
CA ARG G 263 5.53 -28.14 21.48
C ARG G 263 5.46 -28.91 20.17
N VAL G 264 6.50 -29.70 19.87
CA VAL G 264 6.59 -30.50 18.64
C VAL G 264 5.39 -31.38 18.35
N MET G 265 4.83 -31.98 19.41
CA MET G 265 3.65 -32.84 19.27
C MET G 265 2.40 -31.98 19.17
N ALA G 266 2.35 -30.94 19.98
CA ALA G 266 1.21 -30.01 19.97
C ALA G 266 1.02 -29.47 18.56
N LEU G 267 2.13 -29.19 17.91
CA LEU G 267 2.12 -28.67 16.55
C LEU G 267 1.51 -29.74 15.65
N ILE G 268 2.05 -30.96 15.72
CA ILE G 268 1.59 -32.08 14.91
C ILE G 268 0.10 -32.41 15.08
N ASN G 269 -0.42 -32.30 16.30
CA ASN G 269 -1.82 -32.59 16.51
C ASN G 269 -2.62 -31.48 15.85
N GLU G 270 -2.11 -30.26 16.01
CA GLU G 270 -2.73 -29.06 15.46
C GLU G 270 -2.82 -29.24 13.96
N ALA G 271 -1.68 -29.58 13.36
CA ALA G 271 -1.58 -29.80 11.93
C ALA G 271 -2.57 -30.89 11.50
N ALA G 272 -2.64 -31.95 12.28
CA ALA G 272 -3.52 -33.08 12.00
C ALA G 272 -4.98 -32.69 11.93
N ALA G 273 -5.40 -31.84 12.87
CA ALA G 273 -6.78 -31.36 12.93
C ALA G 273 -7.18 -30.63 11.65
N ARG G 274 -6.17 -30.17 10.91
CA ARG G 274 -6.39 -29.46 9.67
C ARG G 274 -6.37 -30.33 8.40
N GLY G 275 -6.07 -31.62 8.55
CA GLY G 275 -6.06 -32.56 7.44
C GLY G 275 -4.92 -32.44 6.44
N ILE G 276 -3.69 -32.36 6.95
CA ILE G 276 -2.49 -32.23 6.12
C ILE G 276 -2.11 -33.48 5.30
N GLU G 277 -1.32 -33.29 4.26
CA GLU G 277 -0.82 -34.38 3.46
C GLU G 277 0.57 -34.61 4.02
N TRP G 278 0.61 -35.43 5.06
CA TRP G 278 1.83 -35.74 5.79
C TRP G 278 3.16 -35.75 5.07
N GLU G 279 3.20 -36.29 3.86
CA GLU G 279 4.47 -36.31 3.13
C GLU G 279 4.91 -34.93 2.63
N ALA G 280 3.93 -34.07 2.30
CA ALA G 280 4.22 -32.73 1.84
C ALA G 280 4.90 -31.97 2.95
N LEU G 281 4.41 -32.15 4.18
CA LEU G 281 4.99 -31.48 5.34
C LEU G 281 6.47 -31.86 5.51
N LEU G 282 6.80 -33.11 5.21
CA LEU G 282 8.19 -33.57 5.32
C LEU G 282 9.02 -33.01 4.17
N VAL G 283 8.34 -32.62 3.10
CA VAL G 283 9.00 -32.03 1.95
C VAL G 283 9.28 -30.58 2.30
N GLU G 284 8.30 -29.92 2.87
CA GLU G 284 8.50 -28.54 3.27
C GLU G 284 9.65 -28.43 4.25
N MET G 285 9.76 -29.41 5.15
CA MET G 285 10.82 -29.37 6.14
C MET G 285 12.16 -29.66 5.53
N LEU G 286 12.20 -30.63 4.61
CA LEU G 286 13.43 -31.01 3.93
C LEU G 286 13.89 -29.96 2.92
N GLY G 287 12.93 -29.20 2.42
CA GLY G 287 13.20 -28.15 1.46
C GLY G 287 13.60 -26.89 2.17
N LEU G 288 13.31 -26.82 3.47
CA LEU G 288 13.66 -25.66 4.28
C LEU G 288 15.06 -25.87 4.83
N LEU G 289 15.29 -27.01 5.47
CA LEU G 289 16.60 -27.32 6.03
C LEU G 289 17.69 -27.23 4.97
N HIS G 290 17.35 -27.53 3.72
CA HIS G 290 18.32 -27.48 2.63
C HIS G 290 18.71 -26.02 2.35
N ARG G 291 17.71 -25.12 2.40
CA ARG G 291 17.95 -23.70 2.13
C ARG G 291 18.71 -23.02 3.27
N ILE G 292 18.48 -23.47 4.50
CA ILE G 292 19.17 -22.92 5.66
C ILE G 292 20.62 -23.37 5.57
N ALA G 293 20.82 -24.48 4.88
CA ALA G 293 22.16 -25.03 4.69
C ALA G 293 22.88 -24.12 3.71
N MET G 294 22.12 -23.52 2.80
CA MET G 294 22.67 -22.63 1.78
C MET G 294 22.98 -21.22 2.26
N VAL G 295 22.21 -20.71 3.22
CA VAL G 295 22.42 -19.36 3.75
C VAL G 295 23.70 -19.31 4.60
N GLN G 296 24.23 -20.48 4.93
CA GLN G 296 25.44 -20.57 5.74
C GLN G 296 26.72 -20.50 4.91
N LEU G 297 26.58 -20.64 3.59
CA LEU G 297 27.74 -20.57 2.69
C LEU G 297 27.69 -19.28 1.86
N SER G 298 26.49 -18.71 1.71
CA SER G 298 26.27 -17.47 0.97
C SER G 298 24.94 -16.84 1.44
N PRO G 299 25.00 -15.60 1.97
CA PRO G 299 23.80 -14.89 2.47
C PRO G 299 22.80 -14.46 1.40
N ALA G 300 23.19 -14.59 0.12
CA ALA G 300 22.32 -14.23 -0.99
C ALA G 300 21.25 -15.30 -1.29
N ALA G 301 21.04 -16.20 -0.33
CA ALA G 301 20.08 -17.28 -0.47
C ALA G 301 18.65 -16.93 -0.05
N LEU G 302 18.34 -15.64 0.15
CA LEU G 302 16.98 -15.24 0.57
C LEU G 302 16.16 -14.57 -0.52
N GLY G 303 15.28 -15.48 -0.94
CA GLY G 303 14.18 -15.52 -1.92
C GLY G 303 13.10 -14.52 -2.17
N ASN G 304 12.23 -14.76 -3.16
CA ASN G 304 11.19 -13.80 -3.50
C ASN G 304 10.03 -13.58 -2.56
N ASP G 305 9.84 -14.53 -1.62
CA ASP G 305 8.76 -14.44 -0.59
C ASP G 305 9.30 -15.02 0.70
N MET G 306 10.62 -14.95 0.86
CA MET G 306 11.26 -15.43 2.09
C MET G 306 11.13 -14.37 3.16
N ALA G 307 10.66 -13.21 2.72
CA ALA G 307 10.49 -12.02 3.56
C ALA G 307 9.85 -12.15 4.95
N ALA G 308 8.65 -12.73 5.05
CA ALA G 308 8.01 -12.86 6.37
C ALA G 308 8.94 -13.67 7.26
N ILE G 309 9.35 -14.80 6.70
CA ILE G 309 10.22 -15.75 7.34
C ILE G 309 11.61 -15.16 7.67
N GLU G 310 12.25 -14.55 6.67
CA GLU G 310 13.59 -13.92 6.78
C GLU G 310 14.32 -14.00 8.12
N LEU G 311 13.83 -13.27 9.11
CA LEU G 311 14.44 -13.25 10.44
C LEU G 311 14.49 -14.65 11.07
N ARG G 312 13.41 -15.42 10.93
CA ARG G 312 13.34 -16.76 11.49
C ARG G 312 14.35 -17.70 10.87
N MET G 313 14.51 -17.62 9.56
CA MET G 313 15.49 -18.46 8.86
C MET G 313 16.88 -17.95 9.22
N ARG G 314 17.08 -16.64 9.05
CA ARG G 314 18.38 -16.02 9.34
C ARG G 314 18.90 -16.29 10.75
N GLU G 315 17.98 -16.57 11.67
CA GLU G 315 18.37 -16.86 13.03
C GLU G 315 18.95 -18.27 13.06
N LEU G 316 18.28 -19.20 12.38
CA LEU G 316 18.74 -20.57 12.32
C LEU G 316 20.09 -20.68 11.62
N ALA G 317 20.23 -19.99 10.49
CA ALA G 317 21.44 -20.01 9.68
C ALA G 317 22.72 -19.70 10.44
N ARG G 318 22.60 -18.96 11.54
CA ARG G 318 23.78 -18.61 12.32
C ARG G 318 23.90 -19.36 13.65
N THR G 319 22.77 -19.63 14.30
CA THR G 319 22.76 -20.32 15.58
C THR G 319 22.76 -21.86 15.54
N ILE G 320 22.80 -22.45 14.35
CA ILE G 320 22.79 -23.91 14.20
C ILE G 320 23.98 -24.43 13.39
N PRO G 321 24.81 -25.27 13.99
CA PRO G 321 25.99 -25.83 13.31
C PRO G 321 25.62 -26.55 12.01
N PRO G 322 26.45 -26.40 10.98
CA PRO G 322 26.18 -27.05 9.70
C PRO G 322 26.16 -28.58 9.80
N THR G 323 26.92 -29.12 10.76
CA THR G 323 26.97 -30.56 10.97
C THR G 323 25.60 -31.01 11.42
N ASP G 324 25.08 -30.28 12.40
CA ASP G 324 23.77 -30.53 13.00
C ASP G 324 22.66 -30.32 11.99
N ILE G 325 22.82 -29.35 11.09
CA ILE G 325 21.81 -29.13 10.06
C ILE G 325 21.79 -30.38 9.17
N GLN G 326 22.96 -30.87 8.81
CA GLN G 326 23.03 -32.06 7.98
C GLN G 326 22.36 -33.21 8.73
N LEU G 327 22.67 -33.34 10.01
CA LEU G 327 22.08 -34.40 10.83
C LEU G 327 20.56 -34.40 10.77
N TYR G 328 19.95 -33.21 10.93
CA TYR G 328 18.49 -33.08 10.89
C TYR G 328 17.94 -33.28 9.49
N TYR G 329 18.69 -32.85 8.48
CA TYR G 329 18.26 -33.02 7.09
C TYR G 329 18.16 -34.50 6.77
N GLN G 330 19.14 -35.24 7.28
CA GLN G 330 19.20 -36.69 7.09
C GLN G 330 18.06 -37.40 7.83
N THR G 331 17.85 -37.06 9.11
CA THR G 331 16.80 -37.68 9.91
C THR G 331 15.43 -37.51 9.28
N LEU G 332 15.15 -36.35 8.72
CA LEU G 332 13.86 -36.12 8.07
C LEU G 332 13.82 -36.77 6.70
N LEU G 333 14.99 -36.93 6.08
CA LEU G 333 15.12 -37.54 4.76
C LEU G 333 14.69 -38.99 4.93
N ILE G 334 15.33 -39.67 5.88
CA ILE G 334 15.04 -41.07 6.18
C ILE G 334 13.59 -41.26 6.56
N GLY G 335 13.08 -40.39 7.43
CA GLY G 335 11.71 -40.48 7.88
C GLY G 335 10.70 -40.30 6.76
N ARG G 336 11.14 -39.72 5.64
CA ARG G 336 10.26 -39.50 4.50
C ARG G 336 10.09 -40.81 3.75
N LYS G 337 11.21 -41.52 3.61
CA LYS G 337 11.25 -42.79 2.91
C LYS G 337 10.48 -43.87 3.65
N GLU G 338 10.61 -43.84 4.97
CA GLU G 338 9.95 -44.82 5.84
C GLU G 338 8.45 -44.60 5.89
N LEU G 339 8.04 -43.38 5.64
CA LEU G 339 6.64 -43.01 5.74
C LEU G 339 5.49 -43.91 5.27
N PRO G 340 5.43 -44.22 3.99
CA PRO G 340 4.35 -45.06 3.45
C PRO G 340 4.27 -46.47 4.00
N TYR G 341 5.34 -46.89 4.68
CA TYR G 341 5.42 -48.23 5.25
C TYR G 341 5.03 -48.23 6.73
N ALA G 342 4.95 -47.04 7.34
CA ALA G 342 4.57 -46.93 8.74
C ALA G 342 3.16 -47.49 8.87
N PRO G 343 2.74 -47.81 10.10
CA PRO G 343 1.41 -48.37 10.30
C PRO G 343 0.34 -47.36 10.03
N ASP G 344 0.75 -46.09 10.07
CA ASP G 344 -0.11 -44.94 9.89
C ASP G 344 0.75 -43.69 9.57
N ARG G 345 0.44 -43.00 8.48
CA ARG G 345 1.20 -41.83 8.04
C ARG G 345 1.50 -40.74 9.09
N ARG G 346 0.54 -40.46 9.95
CA ARG G 346 0.77 -39.47 10.97
C ARG G 346 1.84 -40.02 11.87
N MET G 347 1.69 -41.29 12.20
CA MET G 347 2.59 -41.99 13.08
C MET G 347 4.04 -41.88 12.63
N GLY G 348 4.22 -41.92 11.32
CA GLY G 348 5.57 -41.84 10.76
C GLY G 348 6.19 -40.52 11.14
N VAL G 349 5.48 -39.45 10.80
CA VAL G 349 5.93 -38.11 11.10
C VAL G 349 6.23 -37.99 12.59
N GLU G 350 5.26 -38.35 13.43
CA GLU G 350 5.39 -38.26 14.89
C GLU G 350 6.66 -38.96 15.35
N MET G 351 6.93 -40.13 14.77
CA MET G 351 8.10 -40.91 15.16
C MET G 351 9.38 -40.41 14.55
N THR G 352 9.27 -39.81 13.37
CA THR G 352 10.41 -39.28 12.66
C THR G 352 10.99 -38.15 13.48
N LEU G 353 10.11 -37.34 14.05
CA LEU G 353 10.53 -36.22 14.87
C LEU G 353 11.05 -36.73 16.20
N LEU G 354 10.42 -37.79 16.69
CA LEU G 354 10.85 -38.38 17.95
C LEU G 354 12.27 -38.94 17.84
N ARG G 355 12.69 -39.20 16.61
CA ARG G 355 14.00 -39.73 16.27
C ARG G 355 15.02 -38.60 16.27
N ALA G 356 14.58 -37.44 15.76
CA ALA G 356 15.41 -36.26 15.72
C ALA G 356 15.61 -35.91 17.18
N LEU G 357 14.50 -36.04 17.91
CA LEU G 357 14.42 -35.76 19.34
C LEU G 357 15.28 -36.70 20.18
N ALA G 358 15.43 -37.95 19.75
CA ALA G 358 16.22 -38.95 20.46
C ALA G 358 17.70 -38.85 20.10
N PHE G 359 17.96 -38.46 18.86
CA PHE G 359 19.35 -38.33 18.39
C PHE G 359 19.75 -36.86 18.21
N HIS G 360 19.22 -36.01 19.09
CA HIS G 360 19.50 -34.58 19.08
C HIS G 360 20.87 -34.33 19.70
N PRO G 361 21.63 -33.34 19.18
CA PRO G 361 22.95 -32.99 19.68
C PRO G 361 22.91 -32.44 21.12
N ARG G 362 22.09 -31.42 21.35
CA ARG G 362 21.93 -30.85 22.68
C ARG G 362 20.62 -31.39 23.27
N MET G 363 20.59 -31.54 24.59
CA MET G 363 19.41 -32.02 25.31
C MET G 363 18.70 -33.27 24.76
N PRO G 364 19.42 -34.38 24.60
CA PRO G 364 18.71 -35.55 24.09
C PRO G 364 18.04 -36.20 25.31
N LEU G 365 17.11 -37.10 25.05
CA LEU G 365 16.37 -37.80 26.10
C LEU G 365 17.23 -38.44 27.21
N PRO G 366 16.73 -38.42 28.45
CA PRO G 366 17.36 -38.96 29.67
C PRO G 366 16.99 -40.42 29.99
N GLU G 367 17.82 -41.11 30.78
CA GLU G 367 17.56 -42.51 31.17
C GLU G 367 18.19 -42.91 32.51
N PRO G 368 17.41 -43.55 33.40
CA PRO G 368 17.90 -43.98 34.71
C PRO G 368 18.43 -45.41 34.67
N TYR H 3 -33.57 -57.21 11.71
CA TYR H 3 -33.26 -57.05 10.25
C TYR H 3 -32.82 -55.63 9.85
N GLN H 4 -31.55 -55.32 10.07
CA GLN H 4 -30.99 -54.01 9.74
C GLN H 4 -29.51 -53.95 9.98
N VAL H 5 -28.74 -53.61 8.95
CA VAL H 5 -27.31 -53.45 9.10
C VAL H 5 -27.08 -51.95 9.00
N LEU H 6 -26.39 -51.40 10.00
CA LEU H 6 -26.13 -49.98 10.10
C LEU H 6 -25.88 -49.24 8.78
N ALA H 7 -25.22 -49.90 7.82
CA ALA H 7 -24.93 -49.27 6.53
C ALA H 7 -26.17 -48.81 5.79
N ARG H 8 -27.32 -49.36 6.17
CA ARG H 8 -28.60 -49.01 5.56
C ARG H 8 -29.49 -48.20 6.51
N LYS H 9 -29.45 -48.55 7.81
CA LYS H 9 -30.25 -47.87 8.82
C LYS H 9 -29.81 -46.43 9.05
N TRP H 10 -28.58 -46.12 8.66
CA TRP H 10 -28.04 -44.77 8.84
C TRP H 10 -27.69 -44.09 7.52
N ARG H 11 -28.18 -44.67 6.43
CA ARG H 11 -27.99 -44.13 5.08
C ARG H 11 -28.60 -42.75 5.15
N PRO H 12 -27.77 -41.68 5.07
CA PRO H 12 -28.19 -40.28 5.13
C PRO H 12 -29.47 -39.99 4.36
N GLN H 13 -30.44 -39.44 5.08
CA GLN H 13 -31.75 -39.08 4.52
C GLN H 13 -31.81 -37.57 4.32
N THR H 14 -31.10 -36.84 5.16
CA THR H 14 -31.09 -35.39 5.11
C THR H 14 -29.67 -34.88 4.90
N PHE H 15 -29.56 -33.64 4.45
CA PHE H 15 -28.29 -32.96 4.26
C PHE H 15 -27.59 -32.75 5.61
N ALA H 16 -28.37 -32.84 6.68
CA ALA H 16 -27.86 -32.66 8.03
C ALA H 16 -27.18 -33.93 8.53
N ASP H 17 -27.72 -35.07 8.12
CA ASP H 17 -27.19 -36.38 8.51
C ASP H 17 -25.80 -36.71 7.98
N VAL H 18 -25.39 -36.12 6.86
CA VAL H 18 -24.06 -36.39 6.30
C VAL H 18 -23.00 -35.86 7.25
N VAL H 19 -21.81 -36.46 7.22
CA VAL H 19 -20.75 -36.05 8.14
C VAL H 19 -19.63 -35.19 7.57
N GLY H 20 -19.16 -34.28 8.42
CA GLY H 20 -18.05 -33.39 8.13
C GLY H 20 -17.79 -32.53 6.90
N GLN H 21 -18.41 -32.84 5.77
CA GLN H 21 -18.15 -32.04 4.58
C GLN H 21 -19.05 -30.85 4.50
N GLU H 22 -18.97 -30.04 5.55
CA GLU H 22 -19.78 -28.83 5.76
C GLU H 22 -19.91 -27.94 4.55
N HIS H 23 -18.76 -27.49 4.06
CA HIS H 23 -18.67 -26.56 2.94
C HIS H 23 -19.21 -27.00 1.58
N VAL H 24 -19.45 -28.28 1.40
CA VAL H 24 -20.02 -28.73 0.14
C VAL H 24 -21.50 -28.88 0.34
N LEU H 25 -21.90 -29.02 1.60
CA LEU H 25 -23.30 -29.15 1.94
C LEU H 25 -23.87 -27.75 1.95
N THR H 26 -23.13 -26.82 2.54
CA THR H 26 -23.55 -25.42 2.60
C THR H 26 -23.74 -24.91 1.19
N ALA H 27 -22.80 -25.21 0.32
CA ALA H 27 -22.85 -24.78 -1.07
C ALA H 27 -24.14 -25.22 -1.74
N LEU H 28 -24.47 -26.50 -1.59
CA LEU H 28 -25.68 -27.01 -2.19
C LEU H 28 -26.94 -26.50 -1.49
N ALA H 29 -26.78 -26.08 -0.24
CA ALA H 29 -27.90 -25.56 0.54
C ALA H 29 -28.36 -24.25 -0.09
N ASN H 30 -27.40 -23.35 -0.29
CA ASN H 30 -27.68 -22.05 -0.90
C ASN H 30 -28.46 -22.18 -2.20
N GLY H 31 -27.85 -22.84 -3.18
CA GLY H 31 -28.46 -23.03 -4.48
C GLY H 31 -29.81 -23.71 -4.48
N LEU H 32 -30.05 -24.60 -3.53
CA LEU H 32 -31.34 -25.28 -3.46
C LEU H 32 -32.40 -24.39 -2.83
N SER H 33 -31.95 -23.28 -2.25
CA SER H 33 -32.83 -22.30 -1.61
C SER H 33 -33.07 -21.16 -2.59
N LEU H 34 -31.96 -20.63 -3.11
CA LEU H 34 -31.98 -19.53 -4.06
C LEU H 34 -32.34 -19.97 -5.45
N GLY H 35 -32.43 -21.27 -5.68
CA GLY H 35 -32.76 -21.78 -6.99
C GLY H 35 -31.66 -21.58 -8.02
N ARG H 36 -30.42 -21.53 -7.56
CA ARG H 36 -29.25 -21.35 -8.44
C ARG H 36 -28.72 -22.71 -8.88
N ILE H 37 -29.46 -23.35 -9.79
CA ILE H 37 -29.07 -24.66 -10.27
C ILE H 37 -28.22 -24.67 -11.53
N HIS H 38 -27.03 -25.26 -11.41
CA HIS H 38 -26.13 -25.38 -12.55
C HIS H 38 -26.48 -26.66 -13.32
N HIS H 39 -26.34 -26.60 -14.63
CA HIS H 39 -26.67 -27.72 -15.50
C HIS H 39 -25.76 -28.94 -15.32
N ALA H 40 -24.62 -28.72 -14.65
CA ALA H 40 -23.65 -29.78 -14.42
C ALA H 40 -22.89 -29.62 -13.10
N TYR H 41 -22.97 -30.66 -12.27
CA TYR H 41 -22.31 -30.69 -10.97
C TYR H 41 -21.26 -31.81 -10.90
N LEU H 42 -19.99 -31.45 -10.72
CA LEU H 42 -18.94 -32.46 -10.65
C LEU H 42 -18.49 -32.74 -9.23
N PHE H 43 -18.60 -33.99 -8.79
CA PHE H 43 -18.20 -34.39 -7.43
C PHE H 43 -16.98 -35.30 -7.49
N SER H 44 -15.85 -34.79 -7.03
CA SER H 44 -14.61 -35.56 -7.06
C SER H 44 -14.16 -36.02 -5.68
N GLY H 45 -13.25 -37.00 -5.68
CA GLY H 45 -12.73 -37.53 -4.43
C GLY H 45 -12.64 -39.05 -4.49
N THR H 46 -11.86 -39.63 -3.59
CA THR H 46 -11.65 -41.09 -3.50
C THR H 46 -12.96 -41.85 -3.45
N ARG H 47 -12.91 -43.17 -3.64
CA ARG H 47 -14.14 -43.97 -3.55
C ARG H 47 -14.37 -44.13 -2.06
N GLY H 48 -15.63 -44.29 -1.66
CA GLY H 48 -15.91 -44.45 -0.25
C GLY H 48 -16.45 -43.18 0.40
N VAL H 49 -16.06 -42.02 -0.13
CA VAL H 49 -16.54 -40.72 0.34
C VAL H 49 -17.92 -40.60 -0.30
N GLY H 50 -18.85 -39.91 0.35
CA GLY H 50 -20.19 -39.83 -0.19
C GLY H 50 -20.45 -39.08 -1.48
N LYS H 51 -19.74 -39.38 -2.57
CA LYS H 51 -19.96 -38.67 -3.84
C LYS H 51 -21.35 -38.97 -4.43
N THR H 52 -21.66 -40.26 -4.58
CA THR H 52 -22.96 -40.68 -5.08
C THR H 52 -24.02 -40.33 -4.02
N SER H 53 -23.70 -40.67 -2.77
CA SER H 53 -24.56 -40.43 -1.61
C SER H 53 -25.05 -38.97 -1.50
N ILE H 54 -24.12 -38.01 -1.64
CA ILE H 54 -24.48 -36.59 -1.57
C ILE H 54 -25.18 -36.16 -2.86
N ALA H 55 -24.94 -36.89 -3.94
CA ALA H 55 -25.58 -36.57 -5.22
C ALA H 55 -27.07 -36.89 -5.13
N ARG H 56 -27.42 -37.92 -4.35
CA ARG H 56 -28.82 -38.32 -4.17
C ARG H 56 -29.61 -37.29 -3.40
N LEU H 57 -29.04 -36.82 -2.30
CA LEU H 57 -29.72 -35.84 -1.48
C LEU H 57 -29.92 -34.51 -2.18
N LEU H 58 -29.32 -34.37 -3.36
CA LEU H 58 -29.46 -33.16 -4.17
C LEU H 58 -30.69 -33.42 -5.03
N ALA H 59 -30.70 -34.57 -5.70
CA ALA H 59 -31.82 -34.98 -6.55
C ALA H 59 -33.04 -35.24 -5.68
N LYS H 60 -32.82 -35.40 -4.38
CA LYS H 60 -33.90 -35.64 -3.43
C LYS H 60 -34.59 -34.33 -3.07
N GLY H 61 -33.91 -33.23 -3.36
CA GLY H 61 -34.44 -31.89 -3.10
C GLY H 61 -34.75 -31.16 -4.39
N LEU H 62 -34.38 -31.76 -5.52
CA LEU H 62 -34.63 -31.19 -6.84
C LEU H 62 -36.02 -31.57 -7.33
N ASN H 63 -36.36 -32.85 -7.19
CA ASN H 63 -37.63 -33.39 -7.64
C ASN H 63 -38.73 -33.51 -6.57
N CYS H 64 -38.33 -33.35 -5.30
CA CYS H 64 -39.28 -33.45 -4.18
C CYS H 64 -40.55 -32.66 -4.43
N GLU H 65 -41.70 -33.25 -4.10
CA GLU H 65 -42.99 -32.59 -4.30
C GLU H 65 -43.18 -31.37 -3.40
N THR H 66 -42.42 -31.29 -2.31
CA THR H 66 -42.48 -30.18 -1.35
C THR H 66 -41.88 -28.90 -1.96
N GLY H 67 -41.32 -29.05 -3.15
CA GLY H 67 -40.69 -27.91 -3.82
C GLY H 67 -39.20 -28.14 -3.85
N ILE H 68 -38.48 -27.30 -4.60
CA ILE H 68 -37.02 -27.44 -4.65
C ILE H 68 -36.56 -27.08 -3.24
N THR H 69 -36.14 -28.09 -2.49
CA THR H 69 -35.72 -27.87 -1.11
C THR H 69 -34.32 -28.37 -0.78
N ALA H 70 -33.76 -27.74 0.25
CA ALA H 70 -32.46 -28.11 0.78
C ALA H 70 -32.79 -29.04 1.95
N THR H 71 -34.08 -29.04 2.33
CA THR H 71 -34.60 -29.86 3.43
C THR H 71 -35.73 -30.73 2.87
N PRO H 72 -35.39 -31.81 2.18
CA PRO H 72 -36.43 -32.68 1.61
C PRO H 72 -37.23 -33.40 2.71
N CYS H 73 -38.48 -33.75 2.38
CA CYS H 73 -39.37 -34.48 3.29
C CYS H 73 -39.16 -35.96 2.95
N GLY H 74 -38.81 -36.78 3.94
CA GLY H 74 -38.57 -38.18 3.66
C GLY H 74 -39.76 -39.08 3.30
N VAL H 75 -40.97 -38.50 3.25
CA VAL H 75 -42.19 -39.27 2.95
C VAL H 75 -42.80 -39.20 1.54
N CYS H 76 -42.72 -38.05 0.88
CA CYS H 76 -43.29 -37.92 -0.46
C CYS H 76 -42.75 -38.97 -1.40
N ASP H 77 -43.64 -39.56 -2.19
CA ASP H 77 -43.30 -40.60 -3.15
C ASP H 77 -41.98 -40.42 -3.88
N ASN H 78 -41.63 -39.17 -4.19
CA ASN H 78 -40.40 -38.87 -4.89
C ASN H 78 -39.19 -39.15 -3.99
N CYS H 79 -39.27 -38.71 -2.74
CA CYS H 79 -38.20 -38.91 -1.75
C CYS H 79 -37.90 -40.38 -1.46
N ARG H 80 -38.94 -41.16 -1.23
CA ARG H 80 -38.77 -42.59 -0.95
C ARG H 80 -38.13 -43.33 -2.12
N GLU H 81 -38.67 -43.12 -3.33
CA GLU H 81 -38.17 -43.78 -4.53
C GLU H 81 -36.73 -43.40 -4.87
N ILE H 82 -36.28 -42.22 -4.47
CA ILE H 82 -34.91 -41.77 -4.74
C ILE H 82 -33.93 -42.48 -3.82
N GLU H 83 -34.31 -42.60 -2.55
CA GLU H 83 -33.48 -43.24 -1.53
C GLU H 83 -33.41 -44.75 -1.74
N GLN H 84 -34.19 -45.24 -2.69
CA GLN H 84 -34.22 -46.66 -2.98
C GLN H 84 -33.60 -46.99 -4.34
N GLY H 85 -32.80 -46.05 -4.84
CA GLY H 85 -32.14 -46.22 -6.13
C GLY H 85 -33.04 -46.07 -7.34
N ARG H 86 -34.33 -46.46 -7.20
CA ARG H 86 -35.32 -46.41 -8.28
C ARG H 86 -36.21 -45.18 -8.44
N PHE H 87 -35.90 -44.36 -9.44
CA PHE H 87 -36.73 -43.20 -9.75
C PHE H 87 -36.81 -43.09 -11.27
N VAL H 88 -37.99 -42.76 -11.76
CA VAL H 88 -38.23 -42.64 -13.19
C VAL H 88 -37.18 -41.80 -13.90
N ASP H 89 -36.93 -40.60 -13.37
CA ASP H 89 -35.98 -39.66 -13.96
C ASP H 89 -34.53 -39.76 -13.52
N LEU H 90 -34.28 -40.33 -12.34
CA LEU H 90 -32.91 -40.46 -11.86
C LEU H 90 -32.20 -41.63 -12.53
N ILE H 91 -31.53 -41.33 -13.63
CA ILE H 91 -30.80 -42.33 -14.41
C ILE H 91 -29.38 -42.44 -13.88
N GLU H 92 -29.11 -43.57 -13.22
CA GLU H 92 -27.80 -43.84 -12.64
C GLU H 92 -26.96 -44.72 -13.55
N ILE H 93 -25.96 -44.12 -14.18
CA ILE H 93 -25.07 -44.82 -15.11
C ILE H 93 -23.68 -45.00 -14.54
N ASP H 94 -23.19 -46.23 -14.57
CA ASP H 94 -21.85 -46.51 -14.10
C ASP H 94 -20.97 -46.71 -15.32
N ALA H 95 -20.53 -45.62 -15.76
CA ALA H 95 -19.52 -45.66 -16.82
C ALA H 95 -18.46 -46.72 -16.58
N ALA H 96 -18.30 -47.14 -15.33
CA ALA H 96 -17.30 -48.16 -14.98
C ALA H 96 -17.76 -49.60 -15.20
N SER H 97 -19.03 -49.80 -15.54
CA SER H 97 -19.56 -51.16 -15.74
C SER H 97 -19.28 -51.79 -17.11
N ARG H 98 -18.69 -52.97 -17.10
CA ARG H 98 -18.38 -53.69 -18.33
C ARG H 98 -19.66 -54.25 -18.94
N THR H 99 -20.67 -54.42 -18.12
CA THR H 99 -21.94 -54.99 -18.54
C THR H 99 -22.97 -54.02 -19.13
N LYS H 100 -22.94 -52.77 -18.69
CA LYS H 100 -23.90 -51.79 -19.16
C LYS H 100 -23.34 -50.84 -20.19
N VAL H 101 -22.39 -51.31 -20.98
CA VAL H 101 -21.76 -50.45 -21.98
C VAL H 101 -22.68 -49.92 -23.05
N GLU H 102 -23.62 -50.75 -23.51
CA GLU H 102 -24.54 -50.29 -24.53
C GLU H 102 -25.54 -49.33 -23.91
N ASP H 103 -26.18 -49.72 -22.80
CA ASP H 103 -27.14 -48.85 -22.14
C ASP H 103 -26.53 -47.49 -21.82
N THR H 104 -25.27 -47.49 -21.43
CA THR H 104 -24.56 -46.26 -21.10
C THR H 104 -24.52 -45.38 -22.35
N ARG H 105 -24.08 -45.99 -23.43
CA ARG H 105 -23.95 -45.32 -24.72
C ARG H 105 -25.30 -44.82 -25.24
N ASP H 106 -26.33 -45.68 -25.22
CA ASP H 106 -27.64 -45.31 -25.73
C ASP H 106 -28.34 -44.19 -24.96
N LEU H 107 -28.42 -44.32 -23.64
CA LEU H 107 -29.06 -43.33 -22.80
C LEU H 107 -28.46 -41.94 -23.01
N LEU H 108 -27.15 -41.89 -23.18
CA LEU H 108 -26.46 -40.61 -23.39
C LEU H 108 -26.66 -40.05 -24.79
N ASP H 109 -26.99 -40.92 -25.74
CA ASP H 109 -27.25 -40.48 -27.11
C ASP H 109 -28.72 -40.12 -27.24
N ASN H 110 -29.52 -40.46 -26.22
CA ASN H 110 -30.95 -40.18 -26.27
C ASN H 110 -31.48 -39.54 -24.99
N VAL H 111 -30.98 -38.36 -24.66
CA VAL H 111 -31.41 -37.65 -23.46
C VAL H 111 -32.91 -37.36 -23.52
N GLN H 112 -33.60 -37.61 -22.41
CA GLN H 112 -35.04 -37.36 -22.33
C GLN H 112 -35.25 -35.95 -21.78
N TYR H 113 -35.48 -35.00 -22.69
CA TYR H 113 -35.64 -33.58 -22.34
C TYR H 113 -36.82 -33.16 -21.45
N ALA H 114 -37.81 -34.02 -21.31
CA ALA H 114 -38.97 -33.68 -20.47
C ALA H 114 -39.17 -34.72 -19.40
N PRO H 115 -39.08 -34.33 -18.12
CA PRO H 115 -39.27 -35.26 -17.00
C PRO H 115 -40.66 -35.86 -17.12
N ALA H 116 -40.82 -37.10 -16.67
CA ALA H 116 -42.12 -37.77 -16.75
C ALA H 116 -42.91 -37.55 -15.47
N ARG H 117 -42.21 -37.42 -14.34
CA ARG H 117 -42.87 -37.24 -13.06
C ARG H 117 -42.33 -36.03 -12.28
N GLY H 118 -41.04 -36.16 -11.93
CA GLY H 118 -40.24 -35.20 -11.22
C GLY H 118 -40.00 -33.96 -12.04
N ARG H 119 -39.48 -32.91 -11.41
CA ARG H 119 -39.26 -31.63 -12.08
C ARG H 119 -38.05 -31.66 -13.00
N PHE H 120 -37.00 -32.33 -12.56
CA PHE H 120 -35.77 -32.47 -13.33
C PHE H 120 -35.50 -33.92 -13.72
N LYS H 121 -34.77 -34.08 -14.82
CA LYS H 121 -34.38 -35.39 -15.33
C LYS H 121 -32.92 -35.58 -14.98
N VAL H 122 -32.66 -35.93 -13.72
CA VAL H 122 -31.31 -36.11 -13.18
C VAL H 122 -30.51 -37.28 -13.75
N TYR H 123 -29.22 -37.05 -13.99
CA TYR H 123 -28.33 -38.08 -14.55
C TYR H 123 -27.09 -38.37 -13.69
N LEU H 124 -27.23 -39.24 -12.71
CA LEU H 124 -26.11 -39.61 -11.83
C LEU H 124 -25.15 -40.53 -12.56
N ILE H 125 -23.93 -40.06 -12.83
CA ILE H 125 -22.92 -40.87 -13.52
C ILE H 125 -21.67 -41.03 -12.67
N ASP H 126 -21.35 -42.27 -12.29
CA ASP H 126 -20.16 -42.49 -11.48
C ASP H 126 -18.93 -42.70 -12.36
N GLU H 127 -17.92 -41.86 -12.11
CA GLU H 127 -16.65 -41.88 -12.84
C GLU H 127 -16.80 -41.75 -14.34
N VAL H 128 -17.00 -40.51 -14.79
CA VAL H 128 -17.18 -40.20 -16.19
C VAL H 128 -15.90 -40.21 -17.02
N HIS H 129 -14.75 -40.17 -16.36
CA HIS H 129 -13.48 -40.18 -17.08
C HIS H 129 -13.18 -41.54 -17.68
N MET H 130 -14.11 -42.47 -17.48
CA MET H 130 -13.98 -43.83 -18.00
C MET H 130 -15.09 -44.12 -19.00
N LEU H 131 -15.72 -43.07 -19.51
CA LEU H 131 -16.78 -43.21 -20.50
C LEU H 131 -16.13 -43.47 -21.83
N SER H 132 -16.76 -44.33 -22.64
CA SER H 132 -16.24 -44.63 -23.96
C SER H 132 -16.14 -43.32 -24.75
N ARG H 133 -15.06 -43.15 -25.49
CA ARG H 133 -14.83 -41.95 -26.30
C ARG H 133 -16.03 -41.59 -27.18
N HIS H 134 -16.86 -42.59 -27.48
CA HIS H 134 -18.06 -42.45 -28.29
C HIS H 134 -19.19 -41.74 -27.53
N SER H 135 -19.47 -42.22 -26.32
CA SER H 135 -20.53 -41.67 -25.47
C SER H 135 -20.03 -40.46 -24.70
N PHE H 136 -18.73 -40.19 -24.79
CA PHE H 136 -18.14 -39.05 -24.10
C PHE H 136 -18.49 -37.76 -24.85
N ASN H 137 -18.41 -37.83 -26.18
CA ASN H 137 -18.72 -36.70 -27.05
C ASN H 137 -20.20 -36.34 -26.95
N ALA H 138 -21.04 -37.36 -26.71
CA ALA H 138 -22.49 -37.18 -26.58
C ALA H 138 -22.78 -36.30 -25.37
N LEU H 139 -21.99 -36.49 -24.32
CA LEU H 139 -22.12 -35.72 -23.08
C LEU H 139 -21.67 -34.28 -23.37
N LEU H 140 -20.61 -34.15 -24.15
CA LEU H 140 -20.08 -32.84 -24.53
C LEU H 140 -21.18 -32.05 -25.23
N LYS H 141 -21.70 -32.62 -26.31
CA LYS H 141 -22.75 -32.01 -27.10
C LYS H 141 -23.99 -31.65 -26.29
N THR H 142 -24.26 -32.43 -25.25
CA THR H 142 -25.42 -32.13 -24.44
C THR H 142 -25.14 -31.06 -23.37
N LEU H 143 -23.87 -30.94 -22.98
CA LEU H 143 -23.45 -29.97 -21.97
C LEU H 143 -23.33 -28.53 -22.50
N GLU H 144 -22.85 -28.39 -23.72
CA GLU H 144 -22.69 -27.08 -24.36
C GLU H 144 -24.04 -26.38 -24.41
N GLU H 145 -25.07 -27.15 -24.75
CA GLU H 145 -26.43 -26.62 -24.82
C GLU H 145 -27.39 -27.66 -24.28
N PRO H 146 -27.62 -27.62 -22.94
CA PRO H 146 -28.52 -28.54 -22.24
C PRO H 146 -29.91 -27.94 -22.02
N PRO H 147 -30.96 -28.78 -22.10
CA PRO H 147 -32.33 -28.29 -21.90
C PRO H 147 -32.55 -27.86 -20.45
N GLU H 148 -33.60 -27.08 -20.21
CA GLU H 148 -33.91 -26.55 -18.88
C GLU H 148 -34.30 -27.61 -17.86
N HIS H 149 -34.84 -28.72 -18.35
CA HIS H 149 -35.27 -29.81 -17.50
C HIS H 149 -34.16 -30.80 -17.09
N VAL H 150 -33.16 -30.95 -17.95
CA VAL H 150 -32.06 -31.88 -17.68
C VAL H 150 -30.90 -31.27 -16.91
N LYS H 151 -30.39 -32.03 -15.95
CA LYS H 151 -29.27 -31.62 -15.11
C LYS H 151 -28.35 -32.83 -14.92
N PHE H 152 -27.05 -32.57 -14.78
CA PHE H 152 -26.08 -33.64 -14.59
C PHE H 152 -25.41 -33.65 -13.22
N LEU H 153 -25.09 -34.86 -12.74
CA LEU H 153 -24.43 -35.04 -11.46
C LEU H 153 -23.26 -36.02 -11.70
N LEU H 154 -22.13 -35.46 -12.11
CA LEU H 154 -20.91 -36.21 -12.41
C LEU H 154 -20.06 -36.53 -11.19
N ALA H 155 -19.50 -37.74 -11.17
CA ALA H 155 -18.65 -38.21 -10.10
C ALA H 155 -17.33 -38.70 -10.70
N THR H 156 -16.26 -38.71 -9.90
CA THR H 156 -14.94 -39.14 -10.41
C THR H 156 -13.95 -39.43 -9.29
N THR H 157 -13.02 -40.35 -9.54
CA THR H 157 -11.98 -40.72 -8.60
C THR H 157 -10.69 -39.98 -8.95
N ASP H 158 -10.60 -39.56 -10.21
CA ASP H 158 -9.43 -38.85 -10.72
C ASP H 158 -9.91 -37.75 -11.66
N PRO H 159 -10.05 -36.52 -11.15
CA PRO H 159 -10.50 -35.33 -11.89
C PRO H 159 -9.56 -34.90 -13.02
N GLN H 160 -8.31 -35.35 -12.94
CA GLN H 160 -7.32 -35.00 -13.95
C GLN H 160 -7.48 -35.75 -15.27
N LYS H 161 -8.09 -36.93 -15.24
CA LYS H 161 -8.31 -37.70 -16.47
C LYS H 161 -9.50 -37.14 -17.26
N LEU H 162 -10.04 -36.03 -16.77
CA LEU H 162 -11.16 -35.38 -17.42
C LEU H 162 -10.65 -34.14 -18.15
N PRO H 163 -10.92 -34.05 -19.46
CA PRO H 163 -10.51 -32.94 -20.32
C PRO H 163 -11.03 -31.59 -19.84
N VAL H 164 -10.19 -30.56 -19.95
CA VAL H 164 -10.52 -29.21 -19.50
C VAL H 164 -11.84 -28.72 -20.10
N THR H 165 -12.19 -29.28 -21.26
CA THR H 165 -13.42 -28.93 -21.97
C THR H 165 -14.66 -29.30 -21.17
N ILE H 166 -14.53 -30.29 -20.29
CA ILE H 166 -15.63 -30.71 -19.44
C ILE H 166 -15.58 -30.02 -18.07
N LEU H 167 -14.42 -30.05 -17.43
CA LEU H 167 -14.24 -29.43 -16.11
C LEU H 167 -14.79 -28.02 -16.05
N SER H 168 -14.47 -27.23 -17.08
CA SER H 168 -14.93 -25.86 -17.17
C SER H 168 -16.45 -25.72 -17.30
N ARG H 169 -17.13 -26.81 -17.68
CA ARG H 169 -18.58 -26.77 -17.84
C ARG H 169 -19.40 -27.21 -16.62
N CYS H 170 -18.73 -27.60 -15.54
CA CYS H 170 -19.43 -28.05 -14.34
C CYS H 170 -19.00 -27.26 -13.13
N LEU H 171 -19.87 -27.23 -12.12
CA LEU H 171 -19.58 -26.56 -10.87
C LEU H 171 -18.93 -27.68 -10.04
N GLN H 172 -17.60 -27.67 -10.01
CA GLN H 172 -16.83 -28.70 -9.32
C GLN H 172 -16.82 -28.62 -7.80
N PHE H 173 -16.80 -29.79 -7.16
CA PHE H 173 -16.80 -29.94 -5.71
C PHE H 173 -15.93 -31.10 -5.26
N HIS H 174 -14.92 -30.79 -4.46
CA HIS H 174 -14.02 -31.81 -3.96
C HIS H 174 -14.42 -32.32 -2.59
N LEU H 175 -14.79 -33.60 -2.52
CA LEU H 175 -15.20 -34.23 -1.27
C LEU H 175 -14.02 -34.92 -0.61
N LYS H 176 -13.47 -34.29 0.43
CA LYS H 176 -12.31 -34.82 1.16
C LYS H 176 -12.63 -36.07 2.00
N ALA H 177 -11.62 -36.83 2.42
CA ALA H 177 -11.81 -38.13 3.08
C ALA H 177 -12.23 -38.06 4.58
N LEU H 178 -13.25 -38.79 5.00
CA LEU H 178 -13.59 -38.64 6.39
C LEU H 178 -12.38 -38.95 7.28
N ASP H 179 -12.28 -38.20 8.37
CA ASP H 179 -11.20 -38.38 9.33
C ASP H 179 -11.48 -39.65 10.15
N VAL H 180 -10.44 -40.19 10.76
CA VAL H 180 -10.54 -41.39 11.59
C VAL H 180 -11.50 -41.13 12.76
N GLU H 181 -11.15 -40.18 13.63
CA GLU H 181 -12.00 -39.90 14.80
C GLU H 181 -13.25 -39.11 14.45
N GLN H 182 -13.58 -39.10 13.17
CA GLN H 182 -14.79 -38.44 12.71
C GLN H 182 -15.73 -39.59 12.37
N ILE H 183 -15.13 -40.73 12.08
CA ILE H 183 -15.88 -41.94 11.77
C ILE H 183 -16.05 -42.66 13.09
N ARG H 184 -15.01 -42.62 13.91
CA ARG H 184 -15.01 -43.28 15.21
C ARG H 184 -16.15 -42.69 16.01
N HIS H 185 -16.11 -41.36 16.15
CA HIS H 185 -17.12 -40.58 16.87
C HIS H 185 -18.53 -40.89 16.33
N GLN H 186 -18.64 -41.16 15.05
CA GLN H 186 -19.90 -41.47 14.43
C GLN H 186 -20.32 -42.83 14.87
N LEU H 187 -19.40 -43.80 14.76
CA LEU H 187 -19.69 -45.19 15.13
C LEU H 187 -20.07 -45.35 16.59
N GLU H 188 -19.45 -44.57 17.46
CA GLU H 188 -19.76 -44.64 18.88
C GLU H 188 -21.18 -44.16 19.09
N HIS H 189 -21.51 -43.05 18.44
CA HIS H 189 -22.83 -42.44 18.53
C HIS H 189 -23.89 -43.42 18.05
N ILE H 190 -23.68 -43.98 16.87
CA ILE H 190 -24.64 -44.93 16.31
C ILE H 190 -24.81 -46.12 17.23
N LEU H 191 -23.71 -46.65 17.74
CA LEU H 191 -23.79 -47.79 18.64
C LEU H 191 -24.47 -47.42 19.95
N ASN H 192 -24.28 -46.17 20.38
CA ASN H 192 -24.87 -45.68 21.62
C ASN H 192 -26.35 -45.55 21.47
N GLU H 193 -26.81 -45.24 20.25
CA GLU H 193 -28.24 -45.10 20.00
C GLU H 193 -28.96 -46.39 19.72
N GLU H 194 -28.20 -47.43 19.45
CA GLU H 194 -28.76 -48.75 19.20
C GLU H 194 -28.69 -49.61 20.46
N HIS H 195 -28.08 -49.05 21.51
CA HIS H 195 -27.90 -49.70 22.81
C HIS H 195 -27.08 -50.99 22.66
N ILE H 196 -25.95 -50.88 21.98
CA ILE H 196 -25.07 -52.02 21.73
C ILE H 196 -23.75 -51.73 22.40
N ALA H 197 -23.28 -52.68 23.19
CA ALA H 197 -22.03 -52.56 23.93
C ALA H 197 -20.82 -52.39 23.03
N HIS H 198 -19.71 -51.92 23.59
CA HIS H 198 -18.49 -51.75 22.81
C HIS H 198 -17.29 -51.29 23.61
N GLU H 199 -16.11 -51.54 23.05
CA GLU H 199 -14.87 -51.12 23.67
C GLU H 199 -14.28 -50.11 22.70
N PRO H 200 -13.92 -48.93 23.20
CA PRO H 200 -13.35 -47.85 22.38
C PRO H 200 -12.14 -48.14 21.49
N ARG H 201 -11.31 -49.11 21.85
CA ARG H 201 -10.14 -49.43 21.02
C ARG H 201 -10.59 -50.33 19.87
N ALA H 202 -11.81 -50.85 19.98
CA ALA H 202 -12.41 -51.69 18.95
C ALA H 202 -12.95 -50.76 17.85
N LEU H 203 -13.53 -49.65 18.27
CA LEU H 203 -14.10 -48.68 17.35
C LEU H 203 -13.04 -47.99 16.53
N GLN H 204 -11.91 -47.67 17.14
CA GLN H 204 -10.82 -47.02 16.43
C GLN H 204 -10.37 -47.95 15.32
N LEU H 205 -10.25 -49.24 15.63
CA LEU H 205 -9.86 -50.24 14.63
C LEU H 205 -10.86 -50.29 13.48
N LEU H 206 -12.15 -50.18 13.80
CA LEU H 206 -13.21 -50.18 12.79
C LEU H 206 -13.21 -48.86 12.03
N ALA H 207 -12.84 -47.79 12.73
CA ALA H 207 -12.78 -46.47 12.13
C ALA H 207 -11.62 -46.39 11.17
N ARG H 208 -10.57 -47.18 11.42
CA ARG H 208 -9.39 -47.20 10.55
C ARG H 208 -9.64 -48.19 9.45
N ALA H 209 -10.24 -49.31 9.82
CA ALA H 209 -10.56 -50.40 8.90
C ALA H 209 -11.10 -49.86 7.60
N ALA H 210 -12.19 -49.13 7.67
CA ALA H 210 -12.77 -48.54 6.48
C ALA H 210 -11.94 -47.28 6.33
N GLU H 211 -11.50 -46.96 5.12
CA GLU H 211 -10.73 -45.76 5.00
C GLU H 211 -11.59 -44.62 4.47
N GLY H 212 -12.08 -43.83 5.41
CA GLY H 212 -12.92 -42.69 5.08
C GLY H 212 -14.19 -43.06 4.35
N SER H 213 -14.65 -44.30 4.56
CA SER H 213 -15.85 -44.81 3.91
C SER H 213 -16.90 -45.23 4.90
N LEU H 214 -17.74 -44.28 5.32
CA LEU H 214 -18.77 -44.60 6.28
C LEU H 214 -19.67 -45.75 5.87
N ARG H 215 -19.93 -45.94 4.57
CA ARG H 215 -20.77 -47.09 4.15
C ARG H 215 -20.08 -48.29 4.77
N ASP H 216 -18.85 -48.46 4.33
CA ASP H 216 -17.98 -49.56 4.74
C ASP H 216 -17.79 -49.66 6.24
N ALA H 217 -17.77 -48.53 6.95
CA ALA H 217 -17.61 -48.56 8.39
C ALA H 217 -18.77 -49.35 9.01
N LEU H 218 -19.99 -49.03 8.57
CA LEU H 218 -21.19 -49.69 9.03
C LEU H 218 -21.16 -51.15 8.64
N SER H 219 -20.95 -51.42 7.35
CA SER H 219 -20.86 -52.80 6.88
C SER H 219 -19.89 -53.56 7.75
N LEU H 220 -18.78 -52.90 8.07
CA LEU H 220 -17.75 -53.47 8.93
C LEU H 220 -18.28 -53.65 10.33
N THR H 221 -19.10 -52.71 10.79
CA THR H 221 -19.65 -52.81 12.14
C THR H 221 -20.71 -53.88 12.24
N ASP H 222 -21.34 -54.25 11.13
CA ASP H 222 -22.35 -55.30 11.20
C ASP H 222 -21.74 -56.68 11.30
N GLN H 223 -20.59 -56.85 10.66
CA GLN H 223 -19.89 -58.10 10.70
C GLN H 223 -19.48 -58.30 12.13
N ALA H 224 -18.86 -57.25 12.70
CA ALA H 224 -18.35 -57.25 14.07
C ALA H 224 -19.42 -57.63 15.09
N ILE H 225 -20.64 -57.22 14.81
CA ILE H 225 -21.75 -57.53 15.68
C ILE H 225 -22.07 -59.00 15.51
N ALA H 226 -22.27 -59.43 14.27
CA ALA H 226 -22.57 -60.84 14.05
C ALA H 226 -21.55 -61.83 14.62
N SER H 227 -20.26 -61.47 14.61
CA SER H 227 -19.19 -62.35 15.10
C SER H 227 -18.81 -62.17 16.57
N GLY H 228 -19.32 -61.13 17.20
CA GLY H 228 -19.05 -60.89 18.62
C GLY H 228 -20.31 -61.11 19.43
N ASP H 229 -21.29 -61.71 18.76
CA ASP H 229 -22.60 -62.01 19.32
C ASP H 229 -23.21 -60.90 20.19
N GLY H 230 -23.62 -59.82 19.52
CA GLY H 230 -24.24 -58.70 20.22
C GLY H 230 -23.31 -57.63 20.76
N GLN H 231 -22.01 -57.90 20.82
CA GLN H 231 -21.05 -56.91 21.33
C GLN H 231 -19.96 -56.60 20.31
N VAL H 232 -19.63 -55.32 20.18
CA VAL H 232 -18.56 -54.87 19.28
C VAL H 232 -17.31 -54.82 20.18
N SER H 233 -16.73 -55.98 20.43
CA SER H 233 -15.58 -56.10 21.30
C SER H 233 -14.29 -56.20 20.54
N THR H 234 -13.22 -55.67 21.12
CA THR H 234 -11.93 -55.70 20.48
C THR H 234 -11.58 -57.14 20.07
N GLN H 235 -11.96 -58.10 20.90
CA GLN H 235 -11.67 -59.50 20.60
C GLN H 235 -12.51 -60.09 19.49
N ALA H 236 -13.51 -59.36 19.01
CA ALA H 236 -14.35 -59.85 17.93
C ALA H 236 -13.93 -59.13 16.68
N VAL H 237 -13.60 -57.87 16.87
CA VAL H 237 -13.16 -56.99 15.80
C VAL H 237 -11.75 -57.32 15.34
N SER H 238 -10.80 -57.23 16.28
CA SER H 238 -9.36 -57.48 16.04
C SER H 238 -9.16 -58.71 15.25
N ALA H 239 -10.15 -59.57 15.36
CA ALA H 239 -10.08 -60.82 14.73
C ALA H 239 -10.58 -60.84 13.29
N MET H 240 -11.61 -60.05 12.95
CA MET H 240 -12.07 -59.89 11.57
C MET H 240 -10.92 -59.41 10.72
N LEU H 241 -10.32 -58.30 11.14
CA LEU H 241 -9.22 -57.73 10.42
C LEU H 241 -7.97 -58.59 10.53
N GLY H 242 -7.99 -59.56 11.43
CA GLY H 242 -6.82 -60.40 11.63
C GLY H 242 -5.74 -59.59 12.30
N THR H 243 -6.08 -59.08 13.46
CA THR H 243 -5.13 -58.25 14.20
C THR H 243 -5.16 -58.54 15.68
N LEU H 244 -3.99 -58.76 16.25
CA LEU H 244 -3.84 -59.07 17.67
C LEU H 244 -4.41 -58.10 18.72
N ASP H 245 -4.91 -58.70 19.82
CA ASP H 245 -5.41 -57.97 20.99
C ASP H 245 -4.18 -57.24 21.53
N ASP H 246 -4.35 -56.04 22.09
CA ASP H 246 -3.12 -55.33 22.48
C ASP H 246 -2.32 -56.03 23.58
N ASP H 247 -2.75 -57.21 24.01
CA ASP H 247 -1.97 -57.97 24.97
C ASP H 247 -1.15 -58.98 24.22
N GLN H 248 -1.76 -59.58 23.21
CA GLN H 248 -1.08 -60.57 22.39
C GLN H 248 0.10 -59.85 21.75
N ALA H 249 -0.20 -58.68 21.20
CA ALA H 249 0.78 -57.85 20.54
C ALA H 249 1.77 -57.33 21.54
N LEU H 250 1.29 -56.90 22.69
CA LEU H 250 2.17 -56.38 23.70
C LEU H 250 3.19 -57.37 24.25
N SER H 251 2.84 -58.66 24.35
CA SER H 251 3.78 -59.66 24.86
C SER H 251 4.87 -59.92 23.83
N LEU H 252 4.49 -59.88 22.56
CA LEU H 252 5.46 -60.07 21.50
C LEU H 252 6.54 -59.05 21.66
N VAL H 253 6.12 -57.80 21.84
CA VAL H 253 7.05 -56.71 22.00
C VAL H 253 7.94 -56.95 23.20
N GLU H 254 7.35 -57.49 24.25
CA GLU H 254 8.12 -57.76 25.46
C GLU H 254 9.04 -58.93 25.24
N ALA H 255 8.54 -59.95 24.55
CA ALA H 255 9.34 -61.12 24.30
C ALA H 255 10.60 -60.64 23.63
N MET H 256 10.42 -59.89 22.56
CA MET H 256 11.51 -59.35 21.77
C MET H 256 12.52 -58.56 22.59
N VAL H 257 12.02 -57.71 23.47
CA VAL H 257 12.92 -56.89 24.25
C VAL H 257 13.68 -57.62 25.35
N GLU H 258 13.11 -58.72 25.85
CA GLU H 258 13.77 -59.52 26.89
C GLU H 258 14.73 -60.45 26.15
N ALA H 259 14.56 -60.50 24.84
CA ALA H 259 15.36 -61.32 23.99
C ALA H 259 15.23 -62.82 24.21
N ASN H 260 14.04 -63.30 24.58
CA ASN H 260 13.91 -64.75 24.69
C ASN H 260 13.22 -65.23 23.44
N GLY H 261 14.00 -65.92 22.61
CA GLY H 261 13.48 -66.40 21.35
C GLY H 261 12.35 -67.40 21.33
N GLU H 262 12.45 -68.46 22.13
CA GLU H 262 11.42 -69.49 22.13
C GLU H 262 10.06 -68.85 22.31
N ARG H 263 9.95 -68.01 23.34
CA ARG H 263 8.70 -67.34 23.65
C ARG H 263 8.13 -66.59 22.45
N VAL H 264 8.99 -65.89 21.70
CA VAL H 264 8.56 -65.16 20.52
C VAL H 264 7.96 -66.09 19.48
N MET H 265 8.74 -67.09 19.05
CA MET H 265 8.25 -68.03 18.03
C MET H 265 6.98 -68.71 18.54
N ALA H 266 6.90 -68.92 19.85
CA ALA H 266 5.72 -69.56 20.44
C ALA H 266 4.49 -68.66 20.28
N LEU H 267 4.67 -67.37 20.52
CA LEU H 267 3.56 -66.45 20.41
C LEU H 267 3.15 -66.36 18.96
N ILE H 268 4.13 -66.43 18.05
CA ILE H 268 3.87 -66.39 16.61
C ILE H 268 3.14 -67.61 16.12
N ASN H 269 3.48 -68.77 16.69
CA ASN H 269 2.84 -70.02 16.32
C ASN H 269 1.41 -70.01 16.87
N GLU H 270 1.29 -69.71 18.15
CA GLU H 270 -0.01 -69.65 18.83
C GLU H 270 -0.89 -68.63 18.13
N ALA H 271 -0.24 -67.65 17.53
CA ALA H 271 -0.98 -66.61 16.83
C ALA H 271 -1.45 -67.12 15.48
N ALA H 272 -0.60 -67.90 14.81
CA ALA H 272 -0.93 -68.42 13.50
C ALA H 272 -2.18 -69.25 13.61
N ALA H 273 -2.33 -69.90 14.76
CA ALA H 273 -3.48 -70.76 15.03
C ALA H 273 -4.83 -70.05 14.91
N ARG H 274 -4.88 -68.80 15.32
CA ARG H 274 -6.12 -68.05 15.23
C ARG H 274 -6.20 -67.23 13.94
N GLY H 275 -5.42 -67.65 12.94
CA GLY H 275 -5.40 -67.04 11.61
C GLY H 275 -5.19 -65.54 11.45
N ILE H 276 -3.99 -65.08 11.75
CA ILE H 276 -3.65 -63.68 11.66
C ILE H 276 -3.50 -63.24 10.23
N GLU H 277 -3.21 -61.95 10.10
CA GLU H 277 -2.92 -61.28 8.84
C GLU H 277 -1.51 -60.83 9.18
N TRP H 278 -0.55 -61.60 8.72
CA TRP H 278 0.82 -61.34 9.06
C TRP H 278 1.28 -59.91 8.95
N GLU H 279 0.72 -59.17 8.00
CA GLU H 279 1.11 -57.79 7.84
C GLU H 279 0.75 -57.07 9.12
N ALA H 280 -0.47 -57.32 9.60
CA ALA H 280 -1.02 -56.70 10.81
C ALA H 280 -0.22 -56.88 12.08
N LEU H 281 0.32 -58.09 12.28
CA LEU H 281 1.09 -58.39 13.46
C LEU H 281 2.30 -57.48 13.55
N LEU H 282 2.75 -56.99 12.40
CA LEU H 282 3.89 -56.07 12.32
C LEU H 282 3.43 -54.65 12.67
N VAL H 283 2.32 -54.28 12.05
CA VAL H 283 1.75 -52.98 12.26
C VAL H 283 1.46 -52.68 13.73
N GLU H 284 0.69 -53.56 14.39
CA GLU H 284 0.37 -53.33 15.80
C GLU H 284 1.58 -53.24 16.65
N MET H 285 2.62 -53.96 16.29
CA MET H 285 3.82 -53.93 17.06
C MET H 285 4.53 -52.62 16.86
N LEU H 286 4.50 -52.11 15.64
CA LEU H 286 5.12 -50.81 15.34
C LEU H 286 4.41 -49.72 16.15
N GLY H 287 3.09 -49.63 16.01
CA GLY H 287 2.37 -48.63 16.76
C GLY H 287 2.60 -48.77 18.25
N LEU H 288 2.65 -50.00 18.74
CA LEU H 288 2.85 -50.19 20.14
C LEU H 288 4.20 -49.61 20.50
N LEU H 289 5.20 -49.84 19.65
CA LEU H 289 6.54 -49.31 19.91
C LEU H 289 6.54 -47.79 19.85
N HIS H 290 5.68 -47.27 18.96
CA HIS H 290 5.52 -45.86 18.76
C HIS H 290 4.97 -45.27 20.06
N ARG H 291 3.89 -45.83 20.59
CA ARG H 291 3.38 -45.25 21.82
C ARG H 291 4.36 -45.26 22.97
N ILE H 292 5.18 -46.29 23.06
CA ILE H 292 6.15 -46.34 24.14
C ILE H 292 7.19 -45.22 24.00
N ALA H 293 7.49 -44.87 22.75
CA ALA H 293 8.47 -43.84 22.47
C ALA H 293 7.95 -42.47 22.90
N MET H 294 6.67 -42.22 22.64
CA MET H 294 5.96 -40.97 23.00
C MET H 294 5.92 -40.79 24.53
N VAL H 295 5.50 -41.85 25.20
CA VAL H 295 5.39 -41.88 26.65
C VAL H 295 6.72 -41.59 27.33
N GLN H 296 7.82 -41.80 26.64
CA GLN H 296 9.09 -41.54 27.30
C GLN H 296 9.37 -40.06 27.21
N LEU H 297 8.58 -39.38 26.40
CA LEU H 297 8.72 -37.94 26.22
C LEU H 297 7.73 -37.28 27.16
N SER H 298 6.45 -37.61 26.99
CA SER H 298 5.38 -37.08 27.83
C SER H 298 4.59 -38.24 28.43
N PRO H 299 4.85 -38.57 29.71
CA PRO H 299 4.17 -39.67 30.40
C PRO H 299 2.65 -39.61 30.30
N ALA H 300 2.12 -38.52 29.77
CA ALA H 300 0.68 -38.40 29.61
C ALA H 300 0.22 -38.97 28.27
N ALA H 301 1.15 -39.40 27.44
CA ALA H 301 0.82 -39.91 26.11
C ALA H 301 -0.21 -41.04 25.90
N LEU H 302 -0.26 -42.03 26.78
CA LEU H 302 -1.16 -43.17 26.61
C LEU H 302 -2.63 -42.84 26.41
N GLY H 303 -3.26 -43.59 25.51
CA GLY H 303 -4.68 -43.41 25.21
C GLY H 303 -5.58 -43.98 26.30
N ASN H 304 -6.88 -43.71 26.23
CA ASN H 304 -7.78 -44.19 27.27
C ASN H 304 -8.00 -45.70 27.38
N ASP H 305 -8.28 -46.43 26.30
CA ASP H 305 -8.48 -47.87 26.50
C ASP H 305 -7.17 -48.64 26.70
N MET H 306 -6.04 -47.95 26.54
CA MET H 306 -4.72 -48.56 26.76
C MET H 306 -4.55 -48.98 28.22
N ALA H 307 -5.41 -48.47 29.09
CA ALA H 307 -5.35 -48.77 30.52
C ALA H 307 -5.16 -50.23 30.87
N ALA H 308 -5.73 -51.13 30.07
CA ALA H 308 -5.57 -52.54 30.37
C ALA H 308 -4.09 -52.93 30.34
N ILE H 309 -3.37 -52.38 29.36
CA ILE H 309 -1.96 -52.66 29.18
C ILE H 309 -1.07 -51.51 29.66
N GLU H 310 -1.70 -50.50 30.25
CA GLU H 310 -1.03 -49.31 30.77
C GLU H 310 0.13 -49.58 31.71
N LEU H 311 -0.01 -50.58 32.57
CA LEU H 311 1.08 -50.89 33.49
C LEU H 311 2.27 -51.45 32.73
N ARG H 312 2.01 -52.31 31.75
CA ARG H 312 3.12 -52.87 30.97
C ARG H 312 3.74 -51.85 30.02
N MET H 313 2.91 -51.09 29.30
CA MET H 313 3.42 -50.06 28.41
C MET H 313 4.31 -49.13 29.19
N ARG H 314 3.85 -48.72 30.36
CA ARG H 314 4.62 -47.81 31.16
C ARG H 314 5.90 -48.38 31.65
N GLU H 315 5.94 -49.69 31.92
CA GLU H 315 7.17 -50.31 32.44
C GLU H 315 8.26 -50.28 31.41
N LEU H 316 7.96 -50.79 30.23
CA LEU H 316 8.94 -50.80 29.15
C LEU H 316 9.48 -49.38 29.04
N ALA H 317 8.56 -48.43 28.91
CA ALA H 317 8.88 -47.02 28.76
C ALA H 317 10.03 -46.52 29.62
N ARG H 318 10.02 -46.84 30.92
CA ARG H 318 11.09 -46.36 31.76
C ARG H 318 12.33 -47.26 31.80
N THR H 319 12.14 -48.53 31.47
CA THR H 319 13.22 -49.52 31.52
C THR H 319 14.02 -49.70 30.22
N ILE H 320 13.39 -49.44 29.09
CA ILE H 320 14.05 -49.57 27.80
C ILE H 320 14.49 -48.24 27.18
N PRO H 321 15.79 -48.10 26.91
CA PRO H 321 16.42 -46.91 26.31
C PRO H 321 15.76 -46.58 24.97
N PRO H 322 15.38 -45.32 24.77
CA PRO H 322 14.73 -44.88 23.52
C PRO H 322 15.53 -45.21 22.28
N THR H 323 16.85 -45.26 22.47
CA THR H 323 17.73 -45.60 21.38
C THR H 323 17.35 -46.98 20.91
N ASP H 324 17.30 -47.92 21.85
CA ASP H 324 16.92 -49.32 21.57
C ASP H 324 15.55 -49.35 20.94
N ILE H 325 14.60 -48.61 21.52
CA ILE H 325 13.25 -48.61 20.99
C ILE H 325 13.20 -48.12 19.55
N GLN H 326 14.15 -47.28 19.18
CA GLN H 326 14.17 -46.79 17.80
C GLN H 326 14.63 -47.91 16.87
N LEU H 327 15.57 -48.73 17.35
CA LEU H 327 16.07 -49.84 16.56
C LEU H 327 14.94 -50.85 16.31
N TYR H 328 14.24 -51.26 17.37
CA TYR H 328 13.15 -52.22 17.22
C TYR H 328 12.12 -51.71 16.23
N TYR H 329 11.80 -50.43 16.29
CA TYR H 329 10.82 -49.88 15.37
C TYR H 329 11.32 -49.90 13.92
N GLN H 330 12.62 -49.69 13.75
CA GLN H 330 13.23 -49.65 12.42
C GLN H 330 13.28 -51.05 11.81
N THR H 331 13.77 -51.99 12.61
CA THR H 331 13.88 -53.39 12.25
C THR H 331 12.53 -53.86 11.76
N LEU H 332 11.50 -53.62 12.56
CA LEU H 332 10.17 -54.05 12.21
C LEU H 332 9.59 -53.34 11.02
N LEU H 333 10.00 -52.12 10.75
CA LEU H 333 9.44 -51.41 9.60
C LEU H 333 10.06 -51.95 8.34
N ILE H 334 11.39 -51.92 8.34
CA ILE H 334 12.16 -52.40 7.23
C ILE H 334 11.62 -53.78 6.87
N GLY H 335 11.27 -54.54 7.91
CA GLY H 335 10.72 -55.88 7.76
C GLY H 335 9.40 -55.82 7.07
N ARG H 336 8.73 -54.69 7.16
CA ARG H 336 7.44 -54.56 6.49
C ARG H 336 7.69 -54.25 5.02
N LYS H 337 8.80 -53.56 4.74
CA LYS H 337 9.14 -53.22 3.37
C LYS H 337 9.35 -54.55 2.63
N GLU H 338 10.10 -55.44 3.27
CA GLU H 338 10.46 -56.77 2.78
C GLU H 338 9.28 -57.69 2.55
N LEU H 339 8.42 -57.80 3.52
CA LEU H 339 7.26 -58.67 3.44
C LEU H 339 6.73 -59.21 2.10
N PRO H 340 6.53 -58.38 1.06
CA PRO H 340 6.02 -58.99 -0.17
C PRO H 340 7.10 -59.79 -0.93
N TYR H 341 8.36 -59.54 -0.59
CA TYR H 341 9.42 -60.22 -1.29
C TYR H 341 9.87 -61.45 -0.54
N ALA H 342 9.48 -61.54 0.72
CA ALA H 342 9.86 -62.70 1.52
C ALA H 342 9.25 -63.91 0.83
N PRO H 343 9.89 -65.07 0.96
CA PRO H 343 9.38 -66.29 0.33
C PRO H 343 7.96 -66.66 0.76
N ASP H 344 7.59 -66.23 1.96
CA ASP H 344 6.29 -66.54 2.54
C ASP H 344 5.97 -65.45 3.60
N ARG H 345 4.75 -64.93 3.58
CA ARG H 345 4.40 -63.88 4.53
C ARG H 345 4.73 -64.21 5.98
N ARG H 346 4.31 -65.39 6.41
CA ARG H 346 4.55 -65.80 7.78
C ARG H 346 6.02 -65.84 8.05
N MET H 347 6.79 -66.12 7.03
CA MET H 347 8.21 -66.22 7.17
C MET H 347 8.85 -64.84 7.25
N GLY H 348 8.40 -63.93 6.40
CA GLY H 348 8.96 -62.60 6.49
C GLY H 348 8.90 -62.11 7.92
N VAL H 349 7.75 -62.34 8.55
CA VAL H 349 7.54 -61.89 9.92
C VAL H 349 8.43 -62.58 10.93
N GLU H 350 8.75 -63.84 10.70
CA GLU H 350 9.58 -64.58 11.64
C GLU H 350 11.01 -64.12 11.52
N MET H 351 11.42 -63.88 10.29
CA MET H 351 12.76 -63.45 9.99
C MET H 351 13.00 -62.02 10.48
N THR H 352 12.01 -61.18 10.30
CA THR H 352 12.14 -59.81 10.74
C THR H 352 12.41 -59.79 12.26
N LEU H 353 11.79 -60.73 12.96
CA LEU H 353 11.90 -60.84 14.41
C LEU H 353 13.20 -61.50 14.82
N LEU H 354 13.56 -62.59 14.14
CA LEU H 354 14.80 -63.25 14.46
C LEU H 354 15.99 -62.31 14.24
N ARG H 355 15.77 -61.22 13.52
CA ARG H 355 16.80 -60.22 13.24
C ARG H 355 16.88 -59.35 14.47
N ALA H 356 15.71 -58.87 14.89
CA ALA H 356 15.67 -58.03 16.08
C ALA H 356 16.39 -58.77 17.22
N LEU H 357 16.23 -60.09 17.24
CA LEU H 357 16.84 -60.92 18.26
C LEU H 357 18.34 -61.01 18.08
N ALA H 358 18.77 -61.17 16.84
CA ALA H 358 20.19 -61.30 16.55
C ALA H 358 20.93 -60.01 16.72
N PHE H 359 20.22 -58.90 16.54
CA PHE H 359 20.81 -57.58 16.65
C PHE H 359 20.32 -56.87 17.91
N HIS H 360 19.90 -57.65 18.90
CA HIS H 360 19.41 -57.11 20.14
C HIS H 360 20.53 -56.34 20.83
N PRO H 361 20.23 -55.12 21.28
CA PRO H 361 21.17 -54.23 21.96
C PRO H 361 21.71 -54.58 23.34
N ARG H 362 20.89 -55.20 24.17
CA ARG H 362 21.33 -55.54 25.52
C ARG H 362 21.91 -56.95 25.66
N MET H 363 21.53 -57.84 24.73
CA MET H 363 21.97 -59.24 24.70
C MET H 363 21.56 -59.74 23.32
N PRO H 364 22.44 -60.48 22.63
CA PRO H 364 22.03 -60.96 21.31
C PRO H 364 22.38 -62.43 21.08
N LEU H 365 21.98 -63.00 19.95
CA LEU H 365 22.31 -64.40 19.64
C LEU H 365 23.84 -64.51 19.50
N PRO H 366 24.48 -65.43 20.28
CA PRO H 366 25.92 -65.71 20.34
C PRO H 366 26.56 -66.72 19.37
N GLU H 367 27.91 -66.75 19.32
CA GLU H 367 28.67 -67.65 18.44
C GLU H 367 30.14 -67.93 18.79
N PRO H 368 30.68 -69.09 18.33
CA PRO H 368 32.08 -69.49 18.55
C PRO H 368 32.94 -69.26 17.31
N VAL I 5 -11.27 -85.34 -9.55
CA VAL I 5 -9.97 -84.81 -9.04
C VAL I 5 -10.08 -84.44 -7.57
N LEU I 6 -8.94 -84.25 -6.92
CA LEU I 6 -8.93 -83.93 -5.50
C LEU I 6 -9.83 -82.78 -5.11
N ALA I 7 -9.78 -81.70 -5.88
CA ALA I 7 -10.60 -80.51 -5.62
C ALA I 7 -12.09 -80.80 -5.46
N ARG I 8 -12.66 -81.60 -6.36
CA ARG I 8 -14.08 -81.94 -6.28
C ARG I 8 -14.35 -82.91 -5.14
N LYS I 9 -13.45 -83.88 -4.98
CA LYS I 9 -13.63 -84.88 -3.95
C LYS I 9 -13.52 -84.29 -2.55
N TRP I 10 -12.66 -83.31 -2.37
CA TRP I 10 -12.49 -82.74 -1.04
C TRP I 10 -13.17 -81.38 -0.80
N ARG I 11 -14.25 -81.14 -1.53
CA ARG I 11 -15.01 -79.91 -1.35
C ARG I 11 -15.59 -79.97 0.06
N PRO I 12 -15.49 -78.87 0.82
CA PRO I 12 -16.03 -78.87 2.18
C PRO I 12 -17.51 -79.29 2.25
N GLN I 13 -17.82 -80.22 3.15
CA GLN I 13 -19.19 -80.71 3.32
C GLN I 13 -19.77 -80.19 4.63
N THR I 14 -18.93 -79.60 5.47
CA THR I 14 -19.34 -79.05 6.76
C THR I 14 -18.45 -77.84 7.03
N PHE I 15 -18.89 -76.93 7.90
CA PHE I 15 -18.07 -75.77 8.20
C PHE I 15 -16.72 -76.20 8.79
N ALA I 16 -16.74 -77.32 9.49
CA ALA I 16 -15.53 -77.86 10.11
C ALA I 16 -14.51 -78.32 9.08
N ASP I 17 -14.96 -78.63 7.87
CA ASP I 17 -14.05 -79.08 6.82
C ASP I 17 -13.38 -77.89 6.13
N VAL I 18 -13.89 -76.68 6.37
CA VAL I 18 -13.33 -75.48 5.75
C VAL I 18 -12.00 -75.07 6.36
N VAL I 19 -11.02 -74.81 5.50
CA VAL I 19 -9.70 -74.39 5.94
C VAL I 19 -9.63 -72.87 6.10
N GLY I 20 -9.18 -72.47 7.29
CA GLY I 20 -8.96 -71.08 7.65
C GLY I 20 -9.77 -69.84 7.33
N GLN I 21 -11.07 -69.86 7.48
CA GLN I 21 -11.81 -68.60 7.25
C GLN I 21 -12.63 -68.45 8.52
N GLU I 22 -11.95 -68.68 9.66
CA GLU I 22 -12.55 -68.63 11.00
C GLU I 22 -13.49 -67.49 11.30
N HIS I 23 -13.04 -66.26 11.08
CA HIS I 23 -13.86 -65.09 11.35
C HIS I 23 -15.19 -65.13 10.59
N VAL I 24 -15.18 -65.75 9.42
CA VAL I 24 -16.39 -65.86 8.63
C VAL I 24 -17.25 -67.00 9.15
N LEU I 25 -16.61 -68.14 9.41
CA LEU I 25 -17.32 -69.32 9.88
C LEU I 25 -17.95 -69.11 11.25
N THR I 26 -17.27 -68.37 12.11
CA THR I 26 -17.78 -68.08 13.44
C THR I 26 -19.03 -67.21 13.38
N ALA I 27 -19.03 -66.22 12.48
CA ALA I 27 -20.17 -65.32 12.36
C ALA I 27 -21.37 -65.99 11.70
N LEU I 28 -21.12 -66.78 10.65
CA LEU I 28 -22.20 -67.49 9.99
C LEU I 28 -22.84 -68.51 10.92
N ALA I 29 -21.99 -69.20 11.69
CA ALA I 29 -22.48 -70.20 12.63
C ALA I 29 -23.31 -69.55 13.75
N ASN I 30 -22.82 -68.44 14.29
CA ASN I 30 -23.56 -67.76 15.35
C ASN I 30 -24.92 -67.35 14.83
N GLY I 31 -24.94 -66.73 13.66
CA GLY I 31 -26.19 -66.29 13.06
C GLY I 31 -27.14 -67.46 12.81
N LEU I 32 -26.63 -68.51 12.19
CA LEU I 32 -27.46 -69.68 11.90
C LEU I 32 -28.00 -70.31 13.19
N SER I 33 -27.12 -70.55 14.15
CA SER I 33 -27.54 -71.18 15.39
C SER I 33 -28.61 -70.41 16.17
N LEU I 34 -28.57 -69.08 16.10
CA LEU I 34 -29.57 -68.28 16.81
C LEU I 34 -30.76 -67.85 15.94
N GLY I 35 -30.89 -68.45 14.76
CA GLY I 35 -31.98 -68.11 13.87
C GLY I 35 -32.02 -66.67 13.41
N ARG I 36 -30.85 -66.05 13.30
CA ARG I 36 -30.76 -64.66 12.85
C ARG I 36 -30.28 -64.69 11.40
N ILE I 37 -31.22 -64.73 10.46
CA ILE I 37 -30.87 -64.80 9.04
C ILE I 37 -31.14 -63.54 8.24
N HIS I 38 -30.11 -63.07 7.55
CA HIS I 38 -30.24 -61.88 6.73
C HIS I 38 -30.71 -62.32 5.36
N HIS I 39 -31.20 -61.38 4.58
CA HIS I 39 -31.71 -61.73 3.27
C HIS I 39 -30.64 -61.88 2.20
N ALA I 40 -29.45 -61.35 2.44
CA ALA I 40 -28.42 -61.47 1.42
C ALA I 40 -27.05 -61.55 2.02
N TYR I 41 -26.23 -62.44 1.49
CA TYR I 41 -24.86 -62.59 1.97
C TYR I 41 -23.90 -62.36 0.82
N LEU I 42 -22.78 -61.71 1.11
CA LEU I 42 -21.80 -61.43 0.09
C LEU I 42 -20.45 -62.02 0.53
N PHE I 43 -19.86 -62.84 -0.32
CA PHE I 43 -18.58 -63.45 -0.03
C PHE I 43 -17.57 -62.96 -1.04
N SER I 44 -16.55 -62.27 -0.55
CA SER I 44 -15.52 -61.74 -1.43
C SER I 44 -14.16 -62.33 -1.09
N GLY I 45 -13.22 -62.19 -2.03
CA GLY I 45 -11.89 -62.72 -1.83
C GLY I 45 -11.31 -63.20 -3.14
N THR I 46 -10.02 -63.52 -3.13
CA THR I 46 -9.37 -63.97 -4.34
C THR I 46 -9.79 -65.37 -4.76
N ARG I 47 -8.98 -65.96 -5.62
CA ARG I 47 -9.23 -67.29 -6.17
C ARG I 47 -9.03 -68.51 -5.28
N GLY I 48 -10.01 -69.42 -5.36
CA GLY I 48 -9.94 -70.67 -4.62
C GLY I 48 -9.65 -70.58 -3.13
N VAL I 49 -10.26 -69.62 -2.45
CA VAL I 49 -10.05 -69.45 -1.02
C VAL I 49 -11.24 -70.01 -0.24
N GLY I 50 -12.31 -70.37 -0.95
CA GLY I 50 -13.46 -70.94 -0.29
C GLY I 50 -14.79 -70.21 -0.34
N LYS I 51 -14.94 -69.23 -1.23
CA LYS I 51 -16.19 -68.47 -1.32
C LYS I 51 -17.42 -69.32 -1.66
N THR I 52 -17.32 -70.09 -2.74
CA THR I 52 -18.42 -70.92 -3.17
C THR I 52 -18.65 -72.05 -2.16
N SER I 53 -17.58 -72.59 -1.61
CA SER I 53 -17.71 -73.67 -0.63
C SER I 53 -18.55 -73.21 0.56
N ILE I 54 -18.21 -72.05 1.10
CA ILE I 54 -18.92 -71.52 2.23
C ILE I 54 -20.35 -71.11 1.85
N ALA I 55 -20.53 -70.48 0.70
CA ALA I 55 -21.88 -70.13 0.27
C ALA I 55 -22.74 -71.40 0.19
N ARG I 56 -22.17 -72.45 -0.38
CA ARG I 56 -22.88 -73.72 -0.53
C ARG I 56 -23.25 -74.36 0.81
N LEU I 57 -22.36 -74.26 1.80
CA LEU I 57 -22.63 -74.83 3.11
C LEU I 57 -23.75 -74.00 3.77
N LEU I 58 -23.70 -72.68 3.59
CA LEU I 58 -24.74 -71.83 4.17
C LEU I 58 -26.10 -72.22 3.59
N ALA I 59 -26.16 -72.41 2.28
CA ALA I 59 -27.42 -72.80 1.64
C ALA I 59 -27.85 -74.14 2.23
N LYS I 60 -26.87 -74.99 2.47
CA LYS I 60 -27.09 -76.31 3.03
C LYS I 60 -27.62 -76.16 4.47
N GLY I 61 -27.01 -75.28 5.25
CA GLY I 61 -27.45 -75.07 6.63
C GLY I 61 -28.85 -74.48 6.73
N LEU I 62 -29.22 -73.69 5.73
CA LEU I 62 -30.52 -73.04 5.66
C LEU I 62 -31.69 -73.95 5.28
N ASN I 63 -31.42 -74.97 4.47
CA ASN I 63 -32.47 -75.87 4.00
C ASN I 63 -32.45 -77.29 4.52
N CYS I 64 -31.55 -77.59 5.45
CA CYS I 64 -31.48 -78.93 6.00
C CYS I 64 -32.83 -79.29 6.61
N GLU I 65 -33.31 -80.49 6.29
CA GLU I 65 -34.58 -80.99 6.80
C GLU I 65 -34.58 -81.07 8.31
N THR I 66 -33.39 -81.26 8.86
CA THR I 66 -33.20 -81.34 10.30
C THR I 66 -33.58 -80.03 10.98
N GLY I 67 -33.48 -78.94 10.23
CA GLY I 67 -33.79 -77.60 10.73
C GLY I 67 -32.68 -76.61 10.35
N ILE I 68 -32.93 -75.32 10.54
CA ILE I 68 -31.93 -74.30 10.22
C ILE I 68 -30.76 -74.53 11.16
N THR I 69 -29.62 -74.93 10.61
CA THR I 69 -28.49 -75.24 11.45
C THR I 69 -27.13 -74.86 10.89
N ALA I 70 -26.16 -74.67 11.78
CA ALA I 70 -24.79 -74.35 11.37
C ALA I 70 -24.08 -75.66 11.12
N THR I 71 -24.80 -76.78 11.29
CA THR I 71 -24.25 -78.10 11.03
C THR I 71 -25.19 -78.98 10.18
N PRO I 72 -25.31 -78.68 8.88
CA PRO I 72 -26.20 -79.50 8.05
C PRO I 72 -25.88 -80.98 8.30
N CYS I 73 -26.92 -81.81 8.40
CA CYS I 73 -26.72 -83.22 8.68
C CYS I 73 -25.93 -83.90 7.57
N GLY I 74 -26.18 -83.49 6.33
CA GLY I 74 -25.47 -84.06 5.19
C GLY I 74 -26.02 -85.36 4.64
N VAL I 75 -27.07 -85.89 5.25
CA VAL I 75 -27.64 -87.15 4.78
C VAL I 75 -29.10 -87.04 4.34
N CYS I 76 -29.75 -85.92 4.65
CA CYS I 76 -31.14 -85.74 4.24
C CYS I 76 -31.15 -85.46 2.74
N ASP I 77 -32.31 -85.61 2.11
CA ASP I 77 -32.40 -85.37 0.68
C ASP I 77 -32.00 -83.95 0.27
N ASN I 78 -32.45 -82.94 1.02
CA ASN I 78 -32.10 -81.58 0.70
C ASN I 78 -30.58 -81.45 0.68
N CYS I 79 -29.92 -81.94 1.73
CA CYS I 79 -28.46 -81.88 1.79
C CYS I 79 -27.76 -82.62 0.64
N ARG I 80 -28.23 -83.83 0.32
CA ARG I 80 -27.62 -84.60 -0.75
C ARG I 80 -27.78 -83.91 -2.10
N GLU I 81 -28.98 -83.41 -2.37
CA GLU I 81 -29.26 -82.74 -3.63
C GLU I 81 -28.45 -81.45 -3.82
N ILE I 82 -28.33 -80.66 -2.76
CA ILE I 82 -27.56 -79.43 -2.83
C ILE I 82 -26.13 -79.81 -3.19
N GLU I 83 -25.64 -80.85 -2.52
CA GLU I 83 -24.30 -81.37 -2.75
C GLU I 83 -24.14 -81.74 -4.24
N GLN I 84 -25.13 -82.41 -4.81
CA GLN I 84 -25.11 -82.83 -6.21
C GLN I 84 -25.34 -81.65 -7.16
N GLY I 85 -25.81 -80.54 -6.62
CA GLY I 85 -26.08 -79.39 -7.46
C GLY I 85 -27.39 -79.60 -8.20
N ARG I 86 -28.22 -80.52 -7.69
CA ARG I 86 -29.50 -80.80 -8.32
C ARG I 86 -30.66 -80.53 -7.37
N PHE I 87 -30.52 -79.47 -6.56
CA PHE I 87 -31.58 -79.12 -5.62
C PHE I 87 -32.47 -78.03 -6.24
N VAL I 88 -33.76 -78.30 -6.33
CA VAL I 88 -34.69 -77.35 -6.94
C VAL I 88 -34.72 -75.96 -6.29
N ASP I 89 -34.37 -75.87 -5.00
CA ASP I 89 -34.40 -74.58 -4.34
C ASP I 89 -33.05 -73.87 -4.16
N LEU I 90 -32.05 -74.36 -4.88
CA LEU I 90 -30.73 -73.74 -4.87
C LEU I 90 -30.48 -73.38 -6.32
N ILE I 91 -30.77 -72.15 -6.70
CA ILE I 91 -30.58 -71.74 -8.08
C ILE I 91 -29.21 -71.08 -8.27
N GLU I 92 -28.31 -71.78 -8.94
CA GLU I 92 -26.98 -71.25 -9.19
C GLU I 92 -26.90 -70.41 -10.45
N ILE I 93 -26.43 -69.18 -10.30
CA ILE I 93 -26.28 -68.27 -11.43
C ILE I 93 -24.81 -67.89 -11.60
N ASP I 94 -24.33 -67.95 -12.83
CA ASP I 94 -22.94 -67.61 -13.13
C ASP I 94 -22.88 -66.37 -13.99
N ALA I 95 -22.66 -65.23 -13.36
CA ALA I 95 -22.61 -63.96 -14.07
C ALA I 95 -21.41 -63.87 -15.01
N ALA I 96 -20.39 -64.67 -14.75
CA ALA I 96 -19.18 -64.67 -15.59
C ALA I 96 -19.28 -65.52 -16.85
N SER I 97 -20.37 -66.28 -17.01
CA SER I 97 -20.52 -67.14 -18.19
C SER I 97 -21.05 -66.45 -19.45
N ARG I 98 -20.31 -66.60 -20.54
CA ARG I 98 -20.70 -66.01 -21.83
C ARG I 98 -21.87 -66.77 -22.43
N THR I 99 -22.02 -68.02 -22.00
CA THR I 99 -23.05 -68.91 -22.51
C THR I 99 -24.41 -68.83 -21.83
N LYS I 100 -24.43 -68.48 -20.55
CA LYS I 100 -25.68 -68.42 -19.80
C LYS I 100 -26.19 -67.00 -19.60
N VAL I 101 -25.87 -66.11 -20.53
CA VAL I 101 -26.29 -64.72 -20.41
C VAL I 101 -27.79 -64.50 -20.38
N GLU I 102 -28.54 -65.25 -21.18
CA GLU I 102 -30.00 -65.10 -21.17
C GLU I 102 -30.56 -65.69 -19.88
N ASP I 103 -30.23 -66.94 -19.57
CA ASP I 103 -30.72 -67.56 -18.34
C ASP I 103 -30.41 -66.70 -17.13
N THR I 104 -29.25 -66.08 -17.13
CA THR I 104 -28.85 -65.21 -16.02
C THR I 104 -29.84 -64.07 -15.91
N ARG I 105 -30.07 -63.42 -17.04
CA ARG I 105 -30.98 -62.30 -17.15
C ARG I 105 -32.42 -62.67 -16.78
N ASP I 106 -32.91 -63.77 -17.36
CA ASP I 106 -34.29 -64.22 -17.11
C ASP I 106 -34.59 -64.61 -15.66
N LEU I 107 -33.75 -65.48 -15.10
CA LEU I 107 -33.92 -65.94 -13.73
C LEU I 107 -34.00 -64.78 -12.75
N LEU I 108 -33.16 -63.77 -12.96
CA LEU I 108 -33.15 -62.60 -12.08
C LEU I 108 -34.36 -61.69 -12.28
N ASP I 109 -34.96 -61.74 -13.47
CA ASP I 109 -36.15 -60.94 -13.75
C ASP I 109 -37.39 -61.69 -13.28
N ASN I 110 -37.22 -62.97 -12.94
CA ASN I 110 -38.35 -63.79 -12.52
C ASN I 110 -38.07 -64.58 -11.25
N VAL I 111 -37.82 -63.88 -10.14
CA VAL I 111 -37.55 -64.54 -8.88
C VAL I 111 -38.74 -65.39 -8.44
N GLN I 112 -38.47 -66.66 -8.09
CA GLN I 112 -39.52 -67.57 -7.62
C GLN I 112 -39.65 -67.38 -6.11
N TYR I 113 -40.64 -66.58 -5.72
CA TYR I 113 -40.89 -66.23 -4.32
C TYR I 113 -41.26 -67.33 -3.33
N ALA I 114 -41.68 -68.48 -3.82
CA ALA I 114 -42.07 -69.56 -2.91
C ALA I 114 -41.24 -70.79 -3.21
N PRO I 115 -40.48 -71.28 -2.21
CA PRO I 115 -39.64 -72.48 -2.41
C PRO I 115 -40.56 -73.63 -2.77
N ALA I 116 -40.07 -74.57 -3.57
CA ALA I 116 -40.88 -75.71 -3.96
C ALA I 116 -40.68 -76.89 -3.03
N ARG I 117 -39.49 -76.98 -2.45
CA ARG I 117 -39.17 -78.09 -1.56
C ARG I 117 -38.67 -77.67 -0.18
N GLY I 118 -37.55 -76.93 -0.16
CA GLY I 118 -36.96 -76.49 1.09
C GLY I 118 -37.68 -75.30 1.68
N ARG I 119 -37.30 -74.88 2.88
CA ARG I 119 -37.97 -73.74 3.51
C ARG I 119 -37.59 -72.40 2.90
N PHE I 120 -36.49 -72.37 2.14
CA PHE I 120 -36.04 -71.14 1.48
C PHE I 120 -35.73 -71.40 0.02
N LYS I 121 -35.91 -70.38 -0.80
CA LYS I 121 -35.58 -70.43 -2.21
C LYS I 121 -34.24 -69.69 -2.19
N VAL I 122 -33.17 -70.41 -2.51
CA VAL I 122 -31.84 -69.81 -2.50
C VAL I 122 -31.20 -69.53 -3.85
N TYR I 123 -30.69 -68.32 -4.01
CA TYR I 123 -30.00 -67.95 -5.24
C TYR I 123 -28.52 -67.75 -4.91
N LEU I 124 -27.66 -68.42 -5.65
CA LEU I 124 -26.23 -68.30 -5.45
C LEU I 124 -25.65 -67.71 -6.75
N ILE I 125 -25.13 -66.49 -6.66
CA ILE I 125 -24.61 -65.82 -7.85
C ILE I 125 -23.10 -65.68 -7.80
N ASP I 126 -22.43 -66.37 -8.72
CA ASP I 126 -20.97 -66.36 -8.85
C ASP I 126 -20.54 -65.10 -9.61
N GLU I 127 -19.41 -64.50 -9.19
CA GLU I 127 -18.88 -63.29 -9.81
C GLU I 127 -20.00 -62.32 -10.10
N VAL I 128 -20.74 -61.96 -9.05
CA VAL I 128 -21.88 -61.07 -9.19
C VAL I 128 -21.57 -59.70 -9.80
N HIS I 129 -20.32 -59.26 -9.73
CA HIS I 129 -19.96 -57.96 -10.29
C HIS I 129 -19.96 -57.97 -11.82
N MET I 130 -20.08 -59.14 -12.44
CA MET I 130 -20.07 -59.20 -13.89
C MET I 130 -21.48 -59.16 -14.49
N LEU I 131 -22.48 -58.90 -13.66
CA LEU I 131 -23.87 -58.82 -14.12
C LEU I 131 -24.07 -57.56 -14.97
N SER I 132 -25.05 -57.60 -15.87
CA SER I 132 -25.35 -56.45 -16.70
C SER I 132 -25.97 -55.39 -15.80
N ARG I 133 -26.01 -54.15 -16.27
CA ARG I 133 -26.60 -53.08 -15.48
C ARG I 133 -28.08 -53.39 -15.29
N HIS I 134 -28.68 -54.01 -16.30
CA HIS I 134 -30.08 -54.39 -16.25
C HIS I 134 -30.32 -55.28 -15.03
N SER I 135 -29.56 -56.37 -14.94
CA SER I 135 -29.69 -57.32 -13.83
C SER I 135 -29.34 -56.72 -12.48
N PHE I 136 -28.34 -55.84 -12.44
CA PHE I 136 -27.97 -55.21 -11.18
C PHE I 136 -29.23 -54.61 -10.59
N ASN I 137 -29.92 -53.81 -11.40
CA ASN I 137 -31.15 -53.14 -10.94
C ASN I 137 -32.24 -54.13 -10.60
N ALA I 138 -32.29 -55.24 -11.33
CA ALA I 138 -33.28 -56.26 -11.04
C ALA I 138 -32.98 -56.78 -9.62
N LEU I 139 -31.72 -57.08 -9.37
CA LEU I 139 -31.26 -57.58 -8.07
C LEU I 139 -31.49 -56.55 -6.96
N LEU I 140 -31.05 -55.33 -7.20
CA LEU I 140 -31.22 -54.24 -6.24
C LEU I 140 -32.70 -54.22 -5.80
N LYS I 141 -33.58 -54.07 -6.79
CA LYS I 141 -35.02 -54.02 -6.58
C LYS I 141 -35.52 -55.13 -5.64
N THR I 142 -35.00 -56.34 -5.82
CA THR I 142 -35.38 -57.48 -4.98
C THR I 142 -34.78 -57.34 -3.57
N LEU I 143 -33.56 -56.82 -3.49
CA LEU I 143 -32.88 -56.63 -2.22
C LEU I 143 -33.50 -55.46 -1.45
N GLU I 144 -34.18 -54.58 -2.17
CA GLU I 144 -34.83 -53.42 -1.54
C GLU I 144 -36.19 -53.84 -0.96
N GLU I 145 -36.85 -54.80 -1.61
CA GLU I 145 -38.15 -55.30 -1.15
C GLU I 145 -38.00 -56.81 -0.97
N PRO I 146 -37.17 -57.20 0.01
CA PRO I 146 -36.82 -58.57 0.41
C PRO I 146 -37.90 -59.65 0.46
N PRO I 147 -38.04 -60.42 -0.62
CA PRO I 147 -39.04 -61.49 -0.65
C PRO I 147 -38.69 -62.43 0.50
N GLU I 148 -39.67 -62.83 1.30
CA GLU I 148 -39.32 -63.77 2.35
C GLU I 148 -39.31 -65.12 1.66
N HIS I 149 -38.60 -66.07 2.25
CA HIS I 149 -38.46 -67.42 1.74
C HIS I 149 -37.39 -67.43 0.66
N VAL I 150 -36.87 -66.24 0.33
CA VAL I 150 -35.83 -66.12 -0.69
C VAL I 150 -34.55 -65.47 -0.15
N LYS I 151 -33.42 -66.17 -0.31
CA LYS I 151 -32.13 -65.67 0.15
C LYS I 151 -31.14 -65.54 -1.01
N PHE I 152 -30.32 -64.49 -0.97
CA PHE I 152 -29.31 -64.26 -2.00
C PHE I 152 -27.91 -64.39 -1.43
N LEU I 153 -27.14 -65.31 -2.02
CA LEU I 153 -25.76 -65.57 -1.60
C LEU I 153 -24.89 -65.19 -2.78
N LEU I 154 -24.22 -64.05 -2.65
CA LEU I 154 -23.37 -63.53 -3.70
C LEU I 154 -21.90 -63.80 -3.43
N ALA I 155 -21.15 -63.97 -4.52
CA ALA I 155 -19.72 -64.23 -4.43
C ALA I 155 -19.05 -63.33 -5.44
N THR I 156 -17.85 -62.89 -5.13
CA THR I 156 -17.12 -62.03 -6.06
C THR I 156 -15.69 -61.79 -5.62
N THR I 157 -14.83 -61.66 -6.62
CA THR I 157 -13.41 -61.41 -6.39
C THR I 157 -13.15 -59.90 -6.41
N ASP I 158 -14.19 -59.14 -6.78
CA ASP I 158 -14.05 -57.68 -6.88
C ASP I 158 -15.29 -56.95 -6.36
N PRO I 159 -15.49 -56.97 -5.04
CA PRO I 159 -16.67 -56.29 -4.49
C PRO I 159 -16.80 -54.82 -4.90
N GLN I 160 -15.68 -54.13 -5.10
CA GLN I 160 -15.72 -52.72 -5.49
C GLN I 160 -16.39 -52.46 -6.84
N LYS I 161 -16.30 -53.43 -7.76
CA LYS I 161 -16.90 -53.29 -9.08
C LYS I 161 -18.41 -53.32 -8.94
N LEU I 162 -18.89 -53.59 -7.74
CA LEU I 162 -20.32 -53.68 -7.47
C LEU I 162 -20.98 -52.39 -7.02
N PRO I 163 -22.19 -52.11 -7.55
CA PRO I 163 -22.93 -50.90 -7.20
C PRO I 163 -23.06 -50.86 -5.68
N VAL I 164 -22.66 -49.74 -5.07
CA VAL I 164 -22.72 -49.60 -3.63
C VAL I 164 -24.11 -49.74 -3.03
N THR I 165 -25.14 -49.59 -3.86
CA THR I 165 -26.51 -49.73 -3.39
C THR I 165 -26.82 -51.19 -3.08
N ILE I 166 -26.15 -52.09 -3.80
CA ILE I 166 -26.32 -53.50 -3.59
C ILE I 166 -25.39 -54.00 -2.48
N LEU I 167 -24.12 -53.64 -2.59
CA LEU I 167 -23.16 -54.06 -1.58
C LEU I 167 -23.70 -53.70 -0.19
N SER I 168 -24.31 -52.53 -0.09
CA SER I 168 -24.87 -52.05 1.18
C SER I 168 -26.02 -52.89 1.72
N ARG I 169 -26.66 -53.68 0.87
CA ARG I 169 -27.77 -54.52 1.32
C ARG I 169 -27.35 -55.94 1.68
N CYS I 170 -26.06 -56.22 1.68
CA CYS I 170 -25.60 -57.56 2.00
C CYS I 170 -24.79 -57.61 3.28
N LEU I 171 -24.65 -58.82 3.80
CA LEU I 171 -23.83 -59.04 4.97
C LEU I 171 -22.56 -59.45 4.24
N GLN I 172 -21.52 -58.64 4.35
CA GLN I 172 -20.27 -58.90 3.64
C GLN I 172 -19.22 -59.66 4.43
N PHE I 173 -18.66 -60.67 3.81
CA PHE I 173 -17.64 -61.46 4.44
C PHE I 173 -16.44 -61.48 3.52
N HIS I 174 -15.29 -61.08 4.05
CA HIS I 174 -14.03 -61.04 3.29
C HIS I 174 -13.19 -62.25 3.56
N LEU I 175 -13.07 -63.14 2.57
CA LEU I 175 -12.25 -64.32 2.74
C LEU I 175 -10.80 -63.96 2.43
N LYS I 176 -9.89 -64.52 3.21
CA LYS I 176 -8.50 -64.26 2.99
C LYS I 176 -7.87 -65.33 2.19
N ALA I 177 -6.66 -65.47 2.58
CA ALA I 177 -5.87 -66.40 1.95
C ALA I 177 -5.33 -67.32 3.00
N LEU I 178 -4.96 -68.40 2.48
CA LEU I 178 -4.39 -69.28 3.36
C LEU I 178 -2.91 -69.11 3.27
N ASP I 179 -2.33 -69.08 4.41
CA ASP I 179 -0.92 -69.01 4.49
C ASP I 179 -0.45 -70.29 3.81
N VAL I 180 0.82 -70.33 3.42
CA VAL I 180 1.37 -71.53 2.79
C VAL I 180 1.16 -72.70 3.69
N GLU I 181 1.79 -72.69 4.87
CA GLU I 181 1.70 -73.85 5.78
C GLU I 181 0.26 -74.28 6.00
N GLN I 182 -0.67 -73.34 6.07
CA GLN I 182 -2.08 -73.68 6.22
C GLN I 182 -2.54 -74.68 5.12
N ILE I 183 -2.09 -74.49 3.89
CA ILE I 183 -2.42 -75.36 2.75
C ILE I 183 -1.59 -76.63 2.83
N ARG I 184 -0.31 -76.44 3.08
CA ARG I 184 0.60 -77.56 3.23
C ARG I 184 -0.04 -78.57 4.19
N HIS I 185 -0.44 -78.10 5.36
CA HIS I 185 -1.02 -78.92 6.42
C HIS I 185 -2.28 -79.67 6.00
N GLN I 186 -3.09 -79.06 5.15
CA GLN I 186 -4.33 -79.69 4.70
C GLN I 186 -4.02 -80.77 3.68
N LEU I 187 -3.12 -80.46 2.74
CA LEU I 187 -2.72 -81.41 1.70
C LEU I 187 -2.28 -82.66 2.39
N GLU I 188 -1.38 -82.51 3.34
CA GLU I 188 -0.84 -83.64 4.08
C GLU I 188 -1.99 -84.50 4.57
N HIS I 189 -2.80 -83.89 5.41
CA HIS I 189 -3.94 -84.57 6.00
C HIS I 189 -4.80 -85.38 5.02
N ILE I 190 -4.87 -84.89 3.79
CA ILE I 190 -5.67 -85.54 2.77
C ILE I 190 -4.91 -86.73 2.24
N LEU I 191 -3.61 -86.55 2.09
CA LEU I 191 -2.79 -87.62 1.55
C LEU I 191 -2.55 -88.72 2.59
N ASN I 192 -2.59 -88.36 3.86
CA ASN I 192 -2.41 -89.37 4.86
C ASN I 192 -3.66 -90.22 4.87
N GLU I 193 -4.80 -89.59 5.11
CA GLU I 193 -6.07 -90.30 5.16
C GLU I 193 -6.37 -91.05 3.88
N GLU I 194 -5.81 -90.60 2.76
CA GLU I 194 -6.03 -91.26 1.47
C GLU I 194 -5.05 -92.36 1.14
N HIS I 195 -4.07 -92.55 2.00
CA HIS I 195 -3.03 -93.57 1.80
C HIS I 195 -2.36 -93.41 0.45
N ILE I 196 -1.62 -92.32 0.28
CA ILE I 196 -0.92 -92.07 -0.98
C ILE I 196 0.46 -91.63 -0.54
N ALA I 197 1.50 -92.14 -1.21
CA ALA I 197 2.88 -91.83 -0.85
C ALA I 197 3.23 -90.37 -1.05
N HIS I 198 3.79 -89.73 -0.01
CA HIS I 198 4.14 -88.31 -0.11
C HIS I 198 5.41 -87.93 0.64
N GLU I 199 6.11 -86.92 0.15
CA GLU I 199 7.35 -86.45 0.75
C GLU I 199 7.09 -85.07 1.30
N PRO I 200 7.98 -84.58 2.16
CA PRO I 200 7.82 -83.24 2.74
C PRO I 200 7.98 -82.07 1.76
N ARG I 201 9.12 -82.00 1.08
CA ARG I 201 9.39 -80.91 0.17
C ARG I 201 8.34 -80.83 -0.94
N ALA I 202 7.68 -81.94 -1.20
CA ALA I 202 6.67 -81.96 -2.24
C ALA I 202 5.49 -81.12 -1.83
N LEU I 203 4.98 -81.40 -0.63
CA LEU I 203 3.83 -80.69 -0.11
C LEU I 203 4.10 -79.21 0.03
N GLN I 204 5.36 -78.85 0.24
CA GLN I 204 5.78 -77.45 0.34
C GLN I 204 5.65 -76.83 -1.05
N LEU I 205 6.37 -77.42 -2.01
CA LEU I 205 6.36 -76.98 -3.40
C LEU I 205 4.94 -76.92 -3.94
N LEU I 206 4.10 -77.86 -3.51
CA LEU I 206 2.71 -77.90 -3.95
C LEU I 206 1.88 -76.79 -3.38
N ALA I 207 2.08 -76.53 -2.10
CA ALA I 207 1.34 -75.48 -1.43
C ALA I 207 1.72 -74.11 -1.96
N ARG I 208 3.01 -73.87 -2.01
CA ARG I 208 3.48 -72.59 -2.47
C ARG I 208 3.04 -72.31 -3.88
N ALA I 209 2.93 -73.36 -4.71
CA ALA I 209 2.52 -73.20 -6.10
C ALA I 209 1.10 -72.75 -6.20
N ALA I 210 0.24 -73.28 -5.33
CA ALA I 210 -1.16 -72.89 -5.29
C ALA I 210 -1.11 -71.62 -4.47
N GLU I 211 -1.32 -70.48 -5.09
CA GLU I 211 -1.22 -69.25 -4.32
C GLU I 211 -2.41 -68.92 -3.46
N GLY I 212 -2.44 -69.51 -2.27
CA GLY I 212 -3.53 -69.26 -1.35
C GLY I 212 -4.85 -69.92 -1.63
N SER I 213 -4.91 -70.76 -2.67
CA SER I 213 -6.14 -71.45 -3.04
C SER I 213 -6.07 -72.95 -2.82
N LEU I 214 -6.91 -73.47 -1.93
CA LEU I 214 -6.91 -74.90 -1.66
C LEU I 214 -7.46 -75.59 -2.89
N ARG I 215 -8.38 -74.89 -3.56
CA ARG I 215 -9.03 -75.38 -4.78
C ARG I 215 -7.95 -75.84 -5.76
N ASP I 216 -7.06 -74.93 -6.13
CA ASP I 216 -5.97 -75.24 -7.06
C ASP I 216 -4.97 -76.19 -6.43
N ALA I 217 -4.66 -75.98 -5.15
CA ALA I 217 -3.70 -76.83 -4.43
C ALA I 217 -3.96 -78.29 -4.74
N LEU I 218 -5.23 -78.66 -4.64
CA LEU I 218 -5.62 -80.03 -4.91
C LEU I 218 -5.54 -80.37 -6.38
N SER I 219 -5.92 -79.43 -7.25
CA SER I 219 -5.87 -79.70 -8.69
C SER I 219 -4.43 -79.93 -9.15
N LEU I 220 -3.48 -79.32 -8.43
CA LEU I 220 -2.07 -79.52 -8.78
C LEU I 220 -1.69 -80.87 -8.22
N THR I 221 -2.15 -81.15 -7.00
CA THR I 221 -1.83 -82.40 -6.35
C THR I 221 -2.32 -83.54 -7.21
N ASP I 222 -3.40 -83.30 -7.94
CA ASP I 222 -3.94 -84.34 -8.80
C ASP I 222 -3.17 -84.56 -10.07
N GLN I 223 -2.50 -83.52 -10.56
CA GLN I 223 -1.71 -83.66 -11.76
C GLN I 223 -0.33 -84.16 -11.41
N ALA I 224 -0.02 -84.20 -10.12
CA ALA I 224 1.29 -84.69 -9.71
C ALA I 224 1.13 -86.20 -9.61
N ILE I 225 -0.09 -86.61 -9.29
CA ILE I 225 -0.41 -88.02 -9.16
C ILE I 225 -0.50 -88.69 -10.53
N ALA I 226 -0.87 -87.91 -11.54
CA ALA I 226 -1.00 -88.43 -12.89
C ALA I 226 0.32 -88.38 -13.61
N SER I 227 1.02 -87.25 -13.49
CA SER I 227 2.30 -87.11 -14.17
C SER I 227 3.38 -88.02 -13.60
N GLY I 228 3.58 -87.99 -12.29
CA GLY I 228 4.61 -88.86 -11.71
C GLY I 228 4.10 -90.27 -11.48
N ASP I 229 4.67 -90.96 -10.48
CA ASP I 229 4.19 -92.30 -10.15
C ASP I 229 2.94 -91.95 -9.35
N GLY I 230 2.09 -92.92 -9.01
CA GLY I 230 0.93 -92.57 -8.19
C GLY I 230 1.53 -92.29 -6.82
N GLN I 231 2.37 -91.26 -6.79
CA GLN I 231 3.12 -90.83 -5.64
C GLN I 231 3.33 -89.35 -5.72
N VAL I 232 3.02 -88.64 -4.65
CA VAL I 232 3.24 -87.23 -4.66
C VAL I 232 4.69 -87.12 -4.20
N SER I 233 5.61 -87.21 -5.17
CA SER I 233 7.05 -87.14 -4.91
C SER I 233 7.68 -85.81 -5.32
N THR I 234 8.76 -85.44 -4.66
CA THR I 234 9.43 -84.18 -4.98
C THR I 234 9.75 -84.15 -6.46
N GLN I 235 10.23 -85.29 -6.96
CA GLN I 235 10.60 -85.45 -8.35
C GLN I 235 9.46 -85.10 -9.29
N ALA I 236 8.25 -85.52 -8.94
CA ALA I 236 7.11 -85.25 -9.78
C ALA I 236 6.71 -83.81 -9.67
N VAL I 237 6.52 -83.36 -8.44
CA VAL I 237 6.07 -82.00 -8.21
C VAL I 237 6.95 -80.96 -8.89
N SER I 238 8.25 -81.04 -8.67
CA SER I 238 9.17 -80.08 -9.29
C SER I 238 9.36 -80.40 -10.77
N ALA I 239 8.58 -81.37 -11.26
CA ALA I 239 8.62 -81.72 -12.67
C ALA I 239 7.54 -80.90 -13.37
N MET I 240 6.44 -80.63 -12.67
CA MET I 240 5.40 -79.80 -13.24
C MET I 240 5.78 -78.35 -13.14
N LEU I 241 6.21 -77.95 -11.93
CA LEU I 241 6.47 -76.56 -11.67
C LEU I 241 7.77 -75.99 -12.20
N GLY I 242 8.84 -76.72 -11.92
CA GLY I 242 10.16 -76.33 -12.36
C GLY I 242 11.16 -76.38 -11.23
N THR I 243 11.00 -77.30 -10.25
CA THR I 243 12.02 -77.31 -9.22
C THR I 243 13.20 -78.19 -9.60
N LEU I 244 14.40 -77.76 -9.21
CA LEU I 244 15.60 -78.50 -9.54
C LEU I 244 15.62 -79.90 -8.94
N ASP I 245 15.04 -80.03 -7.75
CA ASP I 245 14.98 -81.30 -7.03
C ASP I 245 16.40 -81.68 -6.67
N ASP I 246 17.27 -80.66 -6.58
CA ASP I 246 18.67 -80.88 -6.26
C ASP I 246 19.15 -80.02 -5.09
N ASP I 247 20.21 -80.49 -4.44
CA ASP I 247 20.77 -79.78 -3.33
C ASP I 247 21.44 -78.50 -3.77
N GLN I 248 21.23 -78.07 -5.01
CA GLN I 248 21.88 -76.86 -5.52
C GLN I 248 21.75 -75.59 -4.70
N ALA I 249 20.54 -75.29 -4.23
CA ALA I 249 20.29 -74.10 -3.42
C ALA I 249 21.15 -74.11 -2.18
N LEU I 250 21.26 -75.28 -1.55
CA LEU I 250 22.05 -75.39 -0.36
C LEU I 250 23.55 -75.24 -0.58
N SER I 251 24.09 -75.99 -1.52
CA SER I 251 25.53 -75.95 -1.75
C SER I 251 25.96 -74.56 -2.15
N LEU I 252 25.05 -73.84 -2.79
CA LEU I 252 25.31 -72.47 -3.23
C LEU I 252 25.48 -71.64 -1.98
N VAL I 253 24.61 -71.86 -0.99
CA VAL I 253 24.64 -71.15 0.29
C VAL I 253 25.93 -71.51 1.02
N GLU I 254 26.27 -72.79 1.01
CA GLU I 254 27.49 -73.22 1.67
C GLU I 254 28.73 -72.54 1.09
N ALA I 255 28.81 -72.48 -0.24
CA ALA I 255 29.94 -71.85 -0.93
C ALA I 255 30.00 -70.39 -0.61
N MET I 256 28.87 -69.72 -0.86
CA MET I 256 28.70 -68.30 -0.62
C MET I 256 29.25 -67.93 0.75
N VAL I 257 28.87 -68.69 1.76
CA VAL I 257 29.32 -68.36 3.09
C VAL I 257 30.79 -68.65 3.41
N GLU I 258 31.48 -69.37 2.54
CA GLU I 258 32.89 -69.64 2.81
C GLU I 258 33.71 -68.63 1.99
N ALA I 259 32.99 -67.97 1.08
CA ALA I 259 33.54 -66.97 0.18
C ALA I 259 34.34 -67.73 -0.86
N ASN I 260 33.69 -68.69 -1.51
CA ASN I 260 34.34 -69.51 -2.50
C ASN I 260 34.27 -68.96 -3.92
N GLY I 261 33.45 -67.94 -4.17
CA GLY I 261 33.32 -67.34 -5.50
C GLY I 261 33.43 -68.29 -6.68
N GLU I 262 34.66 -68.74 -6.92
CA GLU I 262 34.99 -69.70 -7.95
C GLU I 262 33.90 -70.77 -8.03
N ARG I 263 33.55 -71.33 -6.87
CA ARG I 263 32.52 -72.36 -6.81
C ARG I 263 31.12 -71.78 -6.86
N VAL I 264 30.95 -70.57 -6.34
CA VAL I 264 29.65 -69.97 -6.41
C VAL I 264 29.36 -69.72 -7.88
N MET I 265 30.28 -69.06 -8.58
CA MET I 265 30.10 -68.79 -10.02
C MET I 265 30.03 -70.08 -10.82
N ALA I 266 30.72 -71.11 -10.32
CA ALA I 266 30.70 -72.39 -10.99
C ALA I 266 29.28 -72.94 -10.91
N LEU I 267 28.78 -73.09 -9.69
CA LEU I 267 27.44 -73.61 -9.47
C LEU I 267 26.37 -72.88 -10.26
N ILE I 268 26.50 -71.56 -10.33
CA ILE I 268 25.53 -70.74 -11.05
C ILE I 268 25.47 -71.13 -12.50
N ASN I 269 26.63 -71.51 -13.03
CA ASN I 269 26.80 -71.91 -14.42
C ASN I 269 26.19 -73.28 -14.70
N GLU I 270 26.52 -74.25 -13.86
CA GLU I 270 25.98 -75.60 -14.04
C GLU I 270 24.48 -75.46 -13.92
N ALA I 271 24.10 -74.67 -12.93
CA ALA I 271 22.71 -74.44 -12.68
C ALA I 271 22.06 -73.95 -13.96
N ALA I 272 22.65 -72.91 -14.54
CA ALA I 272 22.16 -72.31 -15.77
C ALA I 272 22.02 -73.35 -16.88
N ALA I 273 22.99 -74.27 -16.96
CA ALA I 273 22.94 -75.29 -17.99
C ALA I 273 21.72 -76.21 -17.93
N ARG I 274 21.11 -76.35 -16.75
CA ARG I 274 19.93 -77.19 -16.56
C ARG I 274 18.64 -76.37 -16.61
N GLY I 275 18.74 -75.15 -17.14
CA GLY I 275 17.56 -74.29 -17.25
C GLY I 275 16.76 -74.03 -15.99
N ILE I 276 17.41 -73.56 -14.92
CA ILE I 276 16.70 -73.28 -13.68
C ILE I 276 15.94 -71.98 -13.81
N GLU I 277 14.91 -71.81 -13.00
CA GLU I 277 14.14 -70.58 -12.95
C GLU I 277 14.86 -69.76 -11.87
N TRP I 278 15.70 -68.83 -12.29
CA TRP I 278 16.51 -68.03 -11.38
C TRP I 278 15.83 -67.45 -10.15
N GLU I 279 14.57 -67.05 -10.27
CA GLU I 279 13.89 -66.51 -9.10
C GLU I 279 13.60 -67.63 -8.13
N ALA I 280 13.26 -68.80 -8.66
CA ALA I 280 12.96 -69.95 -7.82
C ALA I 280 14.16 -70.33 -7.00
N LEU I 281 15.35 -70.15 -7.58
CA LEU I 281 16.60 -70.49 -6.90
C LEU I 281 16.84 -69.55 -5.73
N LEU I 282 16.57 -68.27 -5.97
CA LEU I 282 16.80 -67.30 -4.93
C LEU I 282 15.83 -67.54 -3.79
N VAL I 283 14.61 -67.95 -4.13
CA VAL I 283 13.61 -68.16 -3.11
C VAL I 283 14.00 -69.30 -2.17
N GLU I 284 14.60 -70.34 -2.74
CA GLU I 284 15.02 -71.51 -1.96
C GLU I 284 16.09 -71.07 -1.04
N MET I 285 17.02 -70.29 -1.54
CA MET I 285 18.11 -69.82 -0.70
C MET I 285 17.64 -69.00 0.49
N LEU I 286 16.64 -68.16 0.26
CA LEU I 286 16.05 -67.32 1.30
C LEU I 286 15.39 -68.21 2.32
N GLY I 287 14.68 -69.22 1.84
CA GLY I 287 14.00 -70.13 2.72
C GLY I 287 15.01 -70.88 3.55
N LEU I 288 16.14 -71.22 2.94
CA LEU I 288 17.15 -71.95 3.69
C LEU I 288 17.76 -71.05 4.75
N LEU I 289 18.07 -69.84 4.33
CA LEU I 289 18.67 -68.89 5.23
C LEU I 289 17.78 -68.62 6.42
N HIS I 290 16.48 -68.74 6.20
CA HIS I 290 15.51 -68.53 7.25
C HIS I 290 15.47 -69.67 8.27
N ARG I 291 15.27 -70.91 7.79
CA ARG I 291 15.24 -72.05 8.71
C ARG I 291 16.48 -72.04 9.55
N ILE I 292 17.62 -71.76 8.93
CA ILE I 292 18.87 -71.76 9.68
C ILE I 292 18.76 -70.87 10.89
N ALA I 293 18.34 -69.64 10.66
CA ALA I 293 18.19 -68.70 11.74
C ALA I 293 17.18 -69.21 12.76
N MET I 294 16.20 -69.99 12.34
CA MET I 294 15.23 -70.54 13.29
C MET I 294 15.92 -71.60 14.12
N VAL I 295 16.77 -72.37 13.48
CA VAL I 295 17.50 -73.44 14.14
C VAL I 295 18.44 -72.83 15.15
N GLN I 296 18.94 -71.64 14.85
CA GLN I 296 19.87 -71.00 15.77
C GLN I 296 19.12 -70.52 17.00
N LEU I 297 17.81 -70.36 16.88
CA LEU I 297 17.01 -69.89 18.00
C LEU I 297 16.38 -70.98 18.85
N SER I 298 15.91 -72.05 18.21
CA SER I 298 15.32 -73.22 18.87
C SER I 298 15.71 -74.35 17.91
N PRO I 299 16.74 -75.13 18.27
CA PRO I 299 17.34 -76.25 17.55
C PRO I 299 16.42 -77.36 17.01
N ALA I 300 15.13 -77.27 17.30
CA ALA I 300 14.17 -78.25 16.80
C ALA I 300 13.52 -77.82 15.48
N ALA I 301 13.83 -76.61 15.03
CA ALA I 301 13.28 -76.02 13.79
C ALA I 301 13.51 -76.77 12.48
N LEU I 302 14.54 -77.61 12.39
CA LEU I 302 14.73 -78.35 11.16
C LEU I 302 13.56 -79.33 11.07
N GLY I 303 12.80 -79.17 10.01
CA GLY I 303 11.60 -79.96 9.82
C GLY I 303 11.55 -81.37 9.31
N ASN I 304 10.58 -81.55 8.43
CA ASN I 304 10.26 -82.82 7.89
C ASN I 304 11.14 -83.45 6.81
N ASP I 305 11.05 -83.06 5.53
CA ASP I 305 11.97 -83.73 4.60
C ASP I 305 13.34 -83.08 4.64
N MET I 306 13.44 -82.01 5.42
CA MET I 306 14.71 -81.33 5.59
C MET I 306 15.66 -82.17 6.46
N ALA I 307 15.26 -83.42 6.77
CA ALA I 307 16.07 -84.33 7.57
C ALA I 307 17.29 -84.71 6.74
N ALA I 308 17.13 -84.62 5.43
CA ALA I 308 18.17 -84.94 4.46
C ALA I 308 19.33 -83.98 4.59
N ILE I 309 19.03 -82.74 4.96
CA ILE I 309 20.08 -81.76 5.09
C ILE I 309 20.60 -81.66 6.53
N GLU I 310 19.71 -81.89 7.49
CA GLU I 310 19.97 -81.78 8.93
C GLU I 310 21.39 -81.44 9.32
N LEU I 311 22.30 -82.37 9.04
CA LEU I 311 23.71 -82.17 9.38
C LEU I 311 24.28 -80.88 8.81
N ARG I 312 24.14 -80.69 7.50
CA ARG I 312 24.64 -79.52 6.80
C ARG I 312 23.97 -78.25 7.29
N MET I 313 22.66 -78.32 7.43
CA MET I 313 21.94 -77.17 7.89
C MET I 313 22.43 -76.76 9.26
N ARG I 314 22.52 -77.72 10.17
CA ARG I 314 22.95 -77.43 11.53
C ARG I 314 24.36 -76.98 11.60
N GLU I 315 25.19 -77.52 10.73
CA GLU I 315 26.59 -77.11 10.73
C GLU I 315 26.69 -75.62 10.45
N LEU I 316 25.85 -75.11 9.55
CA LEU I 316 25.87 -73.69 9.25
C LEU I 316 25.36 -72.95 10.46
N ALA I 317 24.30 -73.47 11.08
CA ALA I 317 23.73 -72.82 12.23
C ALA I 317 24.78 -72.60 13.30
N ARG I 318 25.58 -73.60 13.58
CA ARG I 318 26.57 -73.39 14.61
C ARG I 318 27.82 -72.65 14.17
N THR I 319 28.08 -72.58 12.87
CA THR I 319 29.29 -71.91 12.44
C THR I 319 29.19 -70.49 11.94
N ILE I 320 28.02 -70.09 11.43
CA ILE I 320 27.86 -68.72 10.91
C ILE I 320 27.08 -67.83 11.84
N PRO I 321 27.57 -66.61 12.07
CA PRO I 321 26.95 -65.61 12.94
C PRO I 321 25.54 -65.27 12.51
N PRO I 322 24.60 -65.29 13.46
CA PRO I 322 23.23 -64.97 13.10
C PRO I 322 23.18 -63.58 12.51
N THR I 323 23.95 -62.66 13.09
CA THR I 323 24.05 -61.28 12.63
C THR I 323 24.30 -61.30 11.14
N ASP I 324 25.18 -62.22 10.74
CA ASP I 324 25.56 -62.41 9.36
C ASP I 324 24.47 -63.08 8.58
N ILE I 325 23.85 -64.09 9.18
CA ILE I 325 22.81 -64.81 8.47
C ILE I 325 21.71 -63.90 8.01
N GLN I 326 21.51 -62.86 8.78
CA GLN I 326 20.49 -61.89 8.45
C GLN I 326 21.00 -61.14 7.27
N LEU I 327 22.25 -60.69 7.35
CA LEU I 327 22.91 -59.96 6.28
C LEU I 327 22.75 -60.68 4.91
N TYR I 328 23.06 -61.98 4.86
CA TYR I 328 22.93 -62.70 3.61
C TYR I 328 21.51 -62.69 3.09
N TYR I 329 20.56 -62.89 4.01
CA TYR I 329 19.14 -62.97 3.68
C TYR I 329 18.69 -61.68 3.05
N GLN I 330 19.07 -60.61 3.71
CA GLN I 330 18.73 -59.27 3.29
C GLN I 330 19.25 -59.03 1.90
N THR I 331 20.55 -59.24 1.74
CA THR I 331 21.20 -59.02 0.46
C THR I 331 20.55 -59.81 -0.64
N LEU I 332 20.09 -61.03 -0.36
CA LEU I 332 19.45 -61.82 -1.40
C LEU I 332 18.04 -61.33 -1.68
N LEU I 333 17.32 -60.96 -0.63
CA LEU I 333 15.95 -60.50 -0.77
C LEU I 333 16.00 -59.36 -1.79
N ILE I 334 16.80 -58.36 -1.44
CA ILE I 334 16.99 -57.20 -2.28
C ILE I 334 17.19 -57.69 -3.68
N GLY I 335 18.10 -58.64 -3.81
CA GLY I 335 18.41 -59.21 -5.10
C GLY I 335 17.18 -59.63 -5.85
N ARG I 336 16.20 -60.19 -5.15
CA ARG I 336 14.99 -60.65 -5.79
C ARG I 336 14.21 -59.49 -6.36
N LYS I 337 14.22 -58.35 -5.66
CA LYS I 337 13.46 -57.19 -6.15
C LYS I 337 14.08 -56.65 -7.43
N GLU I 338 15.40 -56.44 -7.41
CA GLU I 338 16.13 -55.93 -8.55
C GLU I 338 16.30 -56.93 -9.68
N LEU I 339 15.95 -58.19 -9.42
CA LEU I 339 16.08 -59.27 -10.39
C LEU I 339 15.57 -58.99 -11.80
N PRO I 340 14.39 -58.38 -11.94
CA PRO I 340 13.93 -58.11 -13.31
C PRO I 340 14.50 -56.78 -13.84
N TYR I 341 15.23 -56.07 -12.97
CA TYR I 341 15.89 -54.77 -13.30
C TYR I 341 17.17 -55.11 -14.06
N ALA I 342 17.73 -56.26 -13.71
CA ALA I 342 18.94 -56.77 -14.33
C ALA I 342 18.74 -57.09 -15.80
N PRO I 343 19.76 -56.77 -16.62
CA PRO I 343 19.77 -56.98 -18.08
C PRO I 343 19.43 -58.39 -18.47
N ASP I 344 19.72 -59.32 -17.57
CA ASP I 344 19.52 -60.75 -17.78
C ASP I 344 19.30 -61.35 -16.40
N ARG I 345 18.33 -62.26 -16.28
CA ARG I 345 18.04 -62.85 -14.97
C ARG I 345 19.19 -63.53 -14.26
N ARG I 346 20.09 -64.14 -15.02
CA ARG I 346 21.24 -64.81 -14.44
C ARG I 346 22.28 -63.81 -13.90
N MET I 347 22.55 -62.78 -14.69
CA MET I 347 23.51 -61.79 -14.26
C MET I 347 22.92 -61.14 -13.04
N GLY I 348 21.62 -61.23 -12.90
CA GLY I 348 20.99 -60.63 -11.74
C GLY I 348 21.40 -61.47 -10.56
N VAL I 349 21.30 -62.79 -10.71
CA VAL I 349 21.66 -63.72 -9.65
C VAL I 349 23.15 -63.67 -9.34
N GLU I 350 23.96 -63.46 -10.36
CA GLU I 350 25.40 -63.36 -10.14
C GLU I 350 25.70 -62.06 -9.38
N MET I 351 25.00 -60.98 -9.76
CA MET I 351 25.17 -59.65 -9.15
C MET I 351 25.01 -59.81 -7.67
N THR I 352 23.94 -60.50 -7.28
CA THR I 352 23.60 -60.73 -5.89
C THR I 352 24.55 -61.60 -5.08
N LEU I 353 24.78 -62.82 -5.52
CA LEU I 353 25.67 -63.70 -4.79
C LEU I 353 27.08 -63.16 -4.71
N LEU I 354 27.59 -62.51 -5.75
CA LEU I 354 28.95 -61.94 -5.67
C LEU I 354 28.90 -60.84 -4.61
N ARG I 355 27.73 -60.23 -4.50
CA ARG I 355 27.50 -59.14 -3.55
C ARG I 355 27.61 -59.62 -2.12
N ALA I 356 27.08 -60.80 -1.84
CA ALA I 356 27.11 -61.37 -0.50
C ALA I 356 28.50 -61.87 -0.18
N LEU I 357 29.28 -62.14 -1.21
CA LEU I 357 30.65 -62.62 -1.11
C LEU I 357 31.58 -61.51 -0.72
N ALA I 358 31.39 -60.34 -1.32
CA ALA I 358 32.21 -59.16 -1.02
C ALA I 358 31.87 -58.64 0.38
N PHE I 359 30.60 -58.28 0.57
CA PHE I 359 30.06 -57.79 1.85
C PHE I 359 29.89 -58.98 2.80
N HIS I 360 31.04 -59.59 2.91
CA HIS I 360 31.45 -60.77 3.59
C HIS I 360 32.38 -60.54 4.64
N PRO I 361 32.07 -60.73 5.95
CA PRO I 361 33.14 -60.46 6.92
C PRO I 361 34.29 -61.46 6.74
N ARG I 362 35.48 -60.95 6.44
CA ARG I 362 36.68 -61.77 6.17
C ARG I 362 36.63 -62.35 4.77
N MET I 363 36.27 -61.50 3.80
CA MET I 363 36.12 -61.93 2.40
C MET I 363 36.82 -60.97 1.41
N PRO I 364 36.63 -61.18 0.07
CA PRO I 364 37.26 -60.32 -0.93
C PRO I 364 37.58 -58.91 -0.58
N LEU I 365 38.85 -58.62 -0.82
CA LEU I 365 39.38 -57.30 -0.59
C LEU I 365 39.91 -56.72 -1.89
N PRO I 366 40.12 -55.38 -1.92
CA PRO I 366 40.63 -54.63 -3.09
C PRO I 366 42.19 -54.48 -3.15
N GLU I 367 42.65 -54.11 -4.34
CA GLU I 367 44.08 -53.96 -4.64
C GLU I 367 44.37 -53.03 -5.83
N PRO I 368 45.67 -52.70 -6.08
CA PRO I 368 46.09 -51.82 -7.18
C PRO I 368 46.00 -52.48 -8.58
N MET J 1 13.06 -67.77 -38.90
CA MET J 1 12.29 -68.81 -39.56
C MET J 1 13.13 -69.60 -40.57
N ARG J 2 14.15 -70.28 -40.05
CA ARG J 2 15.07 -71.11 -40.85
C ARG J 2 15.38 -72.38 -40.05
N TRP J 3 15.12 -73.56 -40.62
CA TRP J 3 15.36 -74.81 -39.92
C TRP J 3 16.81 -75.20 -39.70
N TYR J 4 17.24 -75.05 -38.47
CA TYR J 4 18.60 -75.37 -38.09
C TYR J 4 18.70 -76.88 -37.75
N PRO J 5 19.93 -77.44 -37.80
CA PRO J 5 20.28 -78.84 -37.54
C PRO J 5 20.11 -79.41 -36.13
N TRP J 6 20.32 -78.57 -35.13
CA TRP J 6 20.17 -78.98 -33.74
C TRP J 6 18.71 -79.15 -33.37
N LEU J 7 17.81 -78.62 -34.19
CA LEU J 7 16.40 -78.74 -33.95
C LEU J 7 15.92 -80.14 -34.25
N ARG J 8 16.79 -80.99 -34.80
CA ARG J 8 16.35 -82.34 -35.14
C ARG J 8 16.11 -83.32 -34.00
N PRO J 9 17.14 -83.62 -33.19
CA PRO J 9 16.94 -84.58 -32.10
C PRO J 9 15.69 -84.31 -31.28
N ASP J 10 15.38 -83.03 -31.09
CA ASP J 10 14.21 -82.64 -30.32
C ASP J 10 12.97 -82.89 -31.16
N PHE J 11 13.03 -82.49 -32.43
CA PHE J 11 11.91 -82.66 -33.35
C PHE J 11 11.56 -84.13 -33.54
N GLU J 12 12.56 -84.98 -33.35
CA GLU J 12 12.36 -86.41 -33.51
C GLU J 12 11.40 -86.97 -32.47
N LYS J 13 11.72 -86.78 -31.19
CA LYS J 13 10.87 -87.31 -30.14
C LYS J 13 9.53 -86.58 -30.05
N LEU J 14 9.45 -85.37 -30.58
CA LEU J 14 8.20 -84.61 -30.52
C LEU J 14 7.13 -85.08 -31.52
N VAL J 15 7.57 -85.79 -32.55
CA VAL J 15 6.68 -86.35 -33.56
C VAL J 15 6.47 -87.80 -33.13
N ALA J 16 7.52 -88.37 -32.53
CA ALA J 16 7.51 -89.75 -32.04
C ALA J 16 6.44 -89.96 -30.97
N SER J 17 5.88 -88.86 -30.46
CA SER J 17 4.83 -88.94 -29.46
C SER J 17 3.49 -88.63 -30.14
N TYR J 18 3.52 -87.84 -31.21
CA TYR J 18 2.32 -87.46 -31.96
C TYR J 18 1.90 -88.58 -32.92
N GLN J 19 2.74 -89.60 -33.01
CA GLN J 19 2.49 -90.74 -33.88
C GLN J 19 2.00 -91.92 -33.03
N ALA J 20 2.58 -92.05 -31.82
CA ALA J 20 2.23 -93.12 -30.89
C ALA J 20 1.17 -92.75 -29.83
N GLY J 21 0.58 -91.55 -29.96
CA GLY J 21 -0.45 -91.10 -29.03
C GLY J 21 -0.02 -90.36 -27.77
N ARG J 22 1.24 -90.55 -27.35
CA ARG J 22 1.81 -89.92 -26.14
C ARG J 22 1.88 -88.38 -26.18
N GLY J 23 1.42 -87.80 -27.28
CA GLY J 23 1.45 -86.36 -27.46
C GLY J 23 0.74 -85.50 -26.44
N HIS J 24 1.43 -84.48 -25.94
CA HIS J 24 0.85 -83.60 -24.94
C HIS J 24 0.19 -82.39 -25.58
N HIS J 25 -1.13 -82.32 -25.43
CA HIS J 25 -1.98 -81.26 -25.98
C HIS J 25 -1.57 -79.82 -25.71
N ALA J 26 -0.61 -79.62 -24.82
CA ALA J 26 -0.10 -78.29 -24.47
C ALA J 26 1.40 -78.40 -24.29
N LEU J 27 2.14 -77.65 -25.10
CA LEU J 27 3.59 -77.69 -25.07
C LEU J 27 4.24 -76.31 -24.88
N LEU J 28 5.08 -76.20 -23.85
CA LEU J 28 5.77 -74.98 -23.53
C LEU J 28 7.24 -75.23 -23.85
N ILE J 29 7.78 -74.50 -24.80
CA ILE J 29 9.18 -74.66 -25.19
C ILE J 29 9.97 -73.50 -24.67
N GLN J 30 11.03 -73.78 -23.94
CA GLN J 30 11.87 -72.72 -23.42
C GLN J 30 13.16 -72.73 -24.20
N ALA J 31 13.57 -71.56 -24.69
CA ALA J 31 14.82 -71.51 -25.42
C ALA J 31 15.34 -70.11 -25.56
N LEU J 32 16.67 -70.02 -25.63
CA LEU J 32 17.38 -68.75 -25.80
C LEU J 32 17.02 -68.10 -27.12
N PRO J 33 17.28 -66.80 -27.27
CA PRO J 33 16.92 -66.19 -28.55
C PRO J 33 17.73 -66.84 -29.66
N GLY J 34 17.21 -66.79 -30.88
CA GLY J 34 17.88 -67.37 -32.01
C GLY J 34 18.35 -68.79 -31.81
N MET J 35 17.54 -69.62 -31.19
CA MET J 35 17.94 -71.02 -30.99
C MET J 35 17.12 -71.86 -31.90
N GLY J 36 16.34 -71.19 -32.74
CA GLY J 36 15.46 -71.87 -33.67
C GLY J 36 14.16 -72.21 -33.00
N ASP J 37 13.84 -71.47 -31.93
CA ASP J 37 12.60 -71.69 -31.20
C ASP J 37 11.48 -71.55 -32.20
N ASP J 38 11.69 -70.55 -33.07
CA ASP J 38 10.81 -70.17 -34.14
C ASP J 38 10.45 -71.39 -34.99
N ALA J 39 11.47 -71.91 -35.67
CA ALA J 39 11.32 -73.04 -36.58
C ALA J 39 10.80 -74.37 -36.04
N LEU J 40 11.02 -74.64 -34.75
CA LEU J 40 10.57 -75.90 -34.19
C LEU J 40 9.06 -76.00 -34.06
N ILE J 41 8.42 -74.91 -33.64
CA ILE J 41 6.96 -74.88 -33.46
C ILE J 41 6.30 -75.13 -34.81
N TYR J 42 6.68 -74.32 -35.78
CA TYR J 42 6.17 -74.35 -37.17
C TYR J 42 6.39 -75.74 -37.81
N ALA J 43 7.60 -76.27 -37.70
CA ALA J 43 7.95 -77.57 -38.24
C ALA J 43 7.11 -78.69 -37.66
N LEU J 44 6.73 -78.55 -36.39
CA LEU J 44 5.92 -79.55 -35.72
C LEU J 44 4.47 -79.52 -36.18
N SER J 45 3.93 -78.31 -36.33
CA SER J 45 2.53 -78.17 -36.75
C SER J 45 2.27 -78.66 -38.17
N ARG J 46 3.26 -78.55 -39.06
CA ARG J 46 3.13 -79.00 -40.45
C ARG J 46 2.97 -80.53 -40.50
N TYR J 47 3.46 -81.21 -39.47
CA TYR J 47 3.37 -82.66 -39.39
C TYR J 47 1.96 -83.08 -38.98
N LEU J 48 1.36 -82.30 -38.09
CA LEU J 48 0.02 -82.58 -37.59
C LEU J 48 -1.09 -82.05 -38.50
N LEU J 49 -0.75 -81.08 -39.34
CA LEU J 49 -1.74 -80.49 -40.24
C LEU J 49 -1.70 -81.08 -41.65
N CYS J 50 -1.22 -82.32 -41.76
CA CYS J 50 -1.14 -83.01 -43.05
C CYS J 50 -2.26 -84.03 -43.23
N GLN J 51 -2.88 -84.01 -44.42
CA GLN J 51 -3.96 -84.93 -44.73
C GLN J 51 -3.40 -86.31 -45.09
N GLN J 52 -2.28 -86.31 -45.80
CA GLN J 52 -1.61 -87.55 -46.22
C GLN J 52 -0.10 -87.53 -45.92
N PRO J 53 0.29 -87.58 -44.64
CA PRO J 53 1.71 -87.57 -44.25
C PRO J 53 2.48 -88.77 -44.80
N GLN J 54 3.76 -88.56 -45.09
CA GLN J 54 4.62 -89.60 -45.67
C GLN J 54 5.49 -90.37 -44.66
N GLY J 55 5.23 -90.16 -43.37
CA GLY J 55 6.00 -90.85 -42.34
C GLY J 55 6.52 -89.93 -41.25
N HIS J 56 7.54 -89.15 -41.59
CA HIS J 56 8.15 -88.20 -40.66
C HIS J 56 7.85 -86.75 -41.05
N LYS J 57 7.47 -86.55 -42.30
CA LYS J 57 7.13 -85.23 -42.81
C LYS J 57 5.91 -85.32 -43.71
N SER J 58 5.48 -84.17 -44.24
CA SER J 58 4.31 -84.10 -45.10
C SER J 58 4.57 -84.45 -46.56
N CYS J 59 3.51 -84.40 -47.36
CA CYS J 59 3.54 -84.70 -48.79
C CYS J 59 3.77 -83.46 -49.67
N GLY J 60 3.16 -82.34 -49.29
CA GLY J 60 3.29 -81.11 -50.05
C GLY J 60 2.09 -80.82 -50.94
N HIS J 61 1.31 -81.85 -51.24
CA HIS J 61 0.13 -81.74 -52.10
C HIS J 61 -1.20 -81.49 -51.39
N CYS J 62 -1.56 -82.40 -50.48
CA CYS J 62 -2.82 -82.35 -49.71
C CYS J 62 -3.28 -80.95 -49.29
N ARG J 63 -4.59 -80.80 -49.15
CA ARG J 63 -5.23 -79.54 -48.75
C ARG J 63 -4.50 -78.84 -47.60
N GLY J 64 -4.10 -79.63 -46.60
CA GLY J 64 -3.38 -79.09 -45.46
C GLY J 64 -2.07 -78.51 -45.92
N CYS J 65 -1.21 -79.36 -46.47
CA CYS J 65 0.09 -78.94 -46.96
C CYS J 65 0.04 -77.73 -47.88
N GLN J 66 -0.95 -77.70 -48.76
CA GLN J 66 -1.09 -76.59 -49.71
C GLN J 66 -1.55 -75.30 -49.01
N LEU J 67 -2.65 -75.36 -48.26
CA LEU J 67 -3.14 -74.19 -47.54
C LEU J 67 -2.10 -73.80 -46.49
N MET J 68 -1.19 -74.74 -46.20
CA MET J 68 -0.11 -74.55 -45.25
C MET J 68 0.99 -73.75 -45.95
N GLN J 69 1.34 -74.17 -47.16
CA GLN J 69 2.35 -73.48 -47.97
C GLN J 69 1.81 -72.10 -48.34
N ALA J 70 0.49 -71.98 -48.30
CA ALA J 70 -0.21 -70.73 -48.59
C ALA J 70 -0.39 -69.96 -47.28
N GLY J 71 0.09 -70.55 -46.20
CA GLY J 71 0.01 -69.95 -44.88
C GLY J 71 -1.38 -70.02 -44.31
N THR J 72 -2.33 -69.36 -44.95
CA THR J 72 -3.72 -69.31 -44.52
C THR J 72 -4.33 -70.70 -44.41
N HIS J 73 -4.79 -71.04 -43.21
CA HIS J 73 -5.41 -72.33 -42.94
C HIS J 73 -6.44 -72.20 -41.83
N PRO J 74 -7.52 -73.00 -41.88
CA PRO J 74 -8.64 -73.03 -40.92
C PRO J 74 -8.37 -73.77 -39.58
N ASP J 75 -7.17 -74.33 -39.43
CA ASP J 75 -6.80 -75.05 -38.21
C ASP J 75 -5.52 -74.51 -37.54
N TYR J 76 -4.79 -73.64 -38.24
CA TYR J 76 -3.57 -73.03 -37.71
C TYR J 76 -3.98 -71.68 -37.13
N TYR J 77 -3.63 -71.43 -35.87
CA TYR J 77 -3.99 -70.16 -35.26
C TYR J 77 -2.79 -69.49 -34.57
N THR J 78 -2.33 -68.37 -35.15
CA THR J 78 -1.19 -67.63 -34.61
C THR J 78 -1.66 -66.60 -33.59
N LEU J 79 -1.27 -66.78 -32.33
CA LEU J 79 -1.65 -65.87 -31.26
C LEU J 79 -0.59 -64.82 -30.94
N ALA J 80 -0.35 -63.93 -31.89
CA ALA J 80 0.63 -62.85 -31.72
C ALA J 80 0.01 -61.79 -30.83
N PRO J 81 0.84 -61.08 -30.03
CA PRO J 81 0.32 -60.03 -29.15
C PRO J 81 -0.29 -58.89 -29.97
N GLU J 82 -1.19 -58.13 -29.35
CA GLU J 82 -1.86 -57.00 -30.01
C GLU J 82 -0.85 -56.06 -30.66
N LYS J 83 -0.98 -55.89 -31.97
CA LYS J 83 -0.08 -55.02 -32.76
C LYS J 83 -0.04 -53.61 -32.19
N GLY J 84 1.14 -53.22 -31.69
CA GLY J 84 1.32 -51.90 -31.10
C GLY J 84 1.79 -52.00 -29.67
N LYS J 85 1.06 -52.77 -28.86
CA LYS J 85 1.39 -52.98 -27.44
C LYS J 85 2.35 -54.15 -27.22
N ASN J 86 3.06 -54.11 -26.10
CA ASN J 86 4.03 -55.15 -25.75
C ASN J 86 3.46 -56.32 -24.96
N THR J 87 2.14 -56.44 -24.94
CA THR J 87 1.46 -57.52 -24.22
C THR J 87 0.35 -58.12 -25.06
N LEU J 88 -0.29 -59.17 -24.54
CA LEU J 88 -1.38 -59.84 -25.25
C LEU J 88 -2.69 -59.61 -24.50
N GLY J 89 -3.82 -59.74 -25.21
CA GLY J 89 -5.11 -59.50 -24.60
C GLY J 89 -5.99 -60.68 -24.24
N VAL J 90 -6.84 -60.46 -23.23
CA VAL J 90 -7.78 -61.45 -22.73
C VAL J 90 -8.79 -61.77 -23.83
N ASP J 91 -8.94 -60.82 -24.75
CA ASP J 91 -9.86 -60.92 -25.87
C ASP J 91 -9.42 -61.97 -26.90
N ALA J 92 -8.23 -61.75 -27.47
CA ALA J 92 -7.67 -62.64 -28.47
C ALA J 92 -7.82 -64.09 -28.05
N VAL J 93 -7.49 -64.37 -26.79
CA VAL J 93 -7.57 -65.71 -26.23
C VAL J 93 -8.99 -66.28 -26.30
N ARG J 94 -9.94 -65.57 -25.70
CA ARG J 94 -11.35 -65.99 -25.69
C ARG J 94 -11.89 -66.30 -27.08
N GLU J 95 -11.52 -65.47 -28.05
CA GLU J 95 -11.98 -65.63 -29.43
C GLU J 95 -11.37 -66.81 -30.19
N VAL J 96 -10.29 -67.37 -29.64
CA VAL J 96 -9.65 -68.53 -30.26
C VAL J 96 -10.10 -69.76 -29.48
N THR J 97 -10.52 -69.54 -28.24
CA THR J 97 -11.00 -70.62 -27.37
C THR J 97 -12.27 -71.16 -28.01
N GLU J 98 -13.25 -70.26 -28.20
CA GLU J 98 -14.54 -70.59 -28.79
C GLU J 98 -14.41 -70.92 -30.28
N LYS J 99 -13.30 -70.52 -30.88
CA LYS J 99 -13.02 -70.78 -32.30
C LYS J 99 -12.75 -72.28 -32.45
N LEU J 100 -12.18 -72.87 -31.40
CA LEU J 100 -11.84 -74.29 -31.38
C LEU J 100 -13.00 -75.13 -30.85
N ASN J 101 -13.96 -74.48 -30.20
CA ASN J 101 -15.12 -75.16 -29.64
C ASN J 101 -16.03 -75.78 -30.73
N GLU J 102 -15.72 -75.47 -31.99
CA GLU J 102 -16.48 -75.99 -33.14
C GLU J 102 -15.58 -76.85 -34.03
N HIS J 103 -16.18 -77.87 -34.64
CA HIS J 103 -15.48 -78.83 -35.51
C HIS J 103 -14.41 -78.25 -36.44
N ALA J 104 -13.33 -79.00 -36.62
CA ALA J 104 -12.21 -78.59 -37.48
C ALA J 104 -12.68 -78.58 -38.94
N ARG J 105 -12.49 -77.45 -39.62
CA ARG J 105 -12.91 -77.30 -41.00
C ARG J 105 -12.37 -78.34 -41.99
N LEU J 106 -11.17 -78.86 -41.75
CA LEU J 106 -10.59 -79.86 -42.63
C LEU J 106 -10.71 -81.29 -42.07
N GLY J 107 -11.39 -81.42 -40.94
CA GLY J 107 -11.57 -82.72 -40.32
C GLY J 107 -10.28 -83.39 -39.91
N GLY J 108 -9.72 -82.95 -38.79
CA GLY J 108 -8.48 -83.51 -38.29
C GLY J 108 -8.05 -82.84 -37.00
N ALA J 109 -6.79 -82.42 -36.94
CA ALA J 109 -6.26 -81.76 -35.75
C ALA J 109 -6.25 -80.23 -35.89
N LYS J 110 -6.38 -79.54 -34.76
CA LYS J 110 -6.36 -78.08 -34.71
C LYS J 110 -5.13 -77.67 -33.88
N VAL J 111 -4.40 -76.63 -34.30
CA VAL J 111 -3.21 -76.22 -33.56
C VAL J 111 -3.14 -74.73 -33.21
N VAL J 112 -2.56 -74.44 -32.06
CA VAL J 112 -2.41 -73.07 -31.57
C VAL J 112 -0.96 -72.81 -31.16
N TRP J 113 -0.51 -71.58 -31.36
CA TRP J 113 0.86 -71.18 -31.03
C TRP J 113 0.91 -69.78 -30.42
N VAL J 114 1.81 -69.62 -29.45
CA VAL J 114 2.00 -68.35 -28.77
C VAL J 114 3.39 -67.86 -29.06
N THR J 115 3.54 -66.56 -29.27
CA THR J 115 4.84 -65.97 -29.53
C THR J 115 5.70 -66.06 -28.26
N ASP J 116 5.16 -65.54 -27.17
CA ASP J 116 5.84 -65.57 -25.87
C ASP J 116 4.75 -65.42 -24.81
N ALA J 117 4.55 -66.47 -24.04
CA ALA J 117 3.54 -66.49 -22.99
C ALA J 117 3.86 -65.60 -21.81
N ALA J 118 5.12 -65.24 -21.65
CA ALA J 118 5.53 -64.38 -20.54
C ALA J 118 5.20 -62.91 -20.78
N LEU J 119 4.55 -62.63 -21.89
CA LEU J 119 4.20 -61.26 -22.22
C LEU J 119 2.69 -60.97 -22.10
N LEU J 120 1.90 -61.97 -21.73
CA LEU J 120 0.45 -61.79 -21.62
C LEU J 120 -0.07 -61.16 -20.32
N THR J 121 -1.31 -60.64 -20.37
CA THR J 121 -1.96 -60.00 -19.21
C THR J 121 -2.34 -61.10 -18.22
N ASP J 122 -2.24 -60.79 -16.93
CA ASP J 122 -2.54 -61.77 -15.88
C ASP J 122 -3.90 -62.43 -16.07
N ALA J 123 -4.86 -61.62 -16.51
CA ALA J 123 -6.22 -62.11 -16.76
C ALA J 123 -6.18 -63.02 -17.98
N ALA J 124 -5.30 -62.72 -18.92
CA ALA J 124 -5.15 -63.50 -20.15
C ALA J 124 -4.66 -64.91 -19.84
N ALA J 125 -3.95 -65.06 -18.73
CA ALA J 125 -3.43 -66.35 -18.31
C ALA J 125 -4.56 -67.28 -17.90
N ASN J 126 -5.36 -66.80 -16.94
CA ASN J 126 -6.51 -67.56 -16.44
C ASN J 126 -7.47 -67.89 -17.56
N ALA J 127 -7.77 -66.89 -18.39
CA ALA J 127 -8.70 -67.06 -19.51
C ALA J 127 -8.29 -68.19 -20.44
N LEU J 128 -6.99 -68.51 -20.44
CA LEU J 128 -6.43 -69.56 -21.28
C LEU J 128 -6.53 -70.94 -20.62
N LEU J 129 -6.32 -70.98 -19.31
CA LEU J 129 -6.34 -72.20 -18.51
C LEU J 129 -7.56 -73.09 -18.65
N LYS J 130 -8.75 -72.52 -18.43
CA LYS J 130 -10.01 -73.25 -18.49
C LYS J 130 -10.14 -74.16 -19.71
N THR J 131 -9.54 -73.73 -20.82
CA THR J 131 -9.59 -74.49 -22.07
C THR J 131 -8.69 -75.71 -22.03
N LEU J 132 -7.54 -75.58 -21.37
CA LEU J 132 -6.59 -76.68 -21.25
C LEU J 132 -7.15 -77.71 -20.28
N GLU J 133 -8.12 -77.27 -19.48
CA GLU J 133 -8.80 -78.12 -18.50
C GLU J 133 -9.92 -78.87 -19.20
N GLU J 134 -10.53 -78.21 -20.19
CA GLU J 134 -11.62 -78.77 -21.01
C GLU J 134 -11.07 -78.88 -22.45
N PRO J 135 -10.09 -79.78 -22.67
CA PRO J 135 -9.48 -79.97 -23.99
C PRO J 135 -10.36 -80.50 -25.13
N PRO J 136 -10.68 -79.64 -26.12
CA PRO J 136 -11.51 -80.07 -27.26
C PRO J 136 -10.78 -81.19 -28.00
N ALA J 137 -11.34 -82.39 -27.96
CA ALA J 137 -10.77 -83.59 -28.57
C ALA J 137 -9.87 -83.40 -29.80
N GLU J 138 -8.66 -83.97 -29.71
CA GLU J 138 -7.66 -83.94 -30.77
C GLU J 138 -7.10 -82.57 -31.20
N THR J 139 -7.07 -81.61 -30.28
CA THR J 139 -6.53 -80.27 -30.57
C THR J 139 -5.08 -80.25 -30.09
N TRP J 140 -4.32 -79.23 -30.47
CA TRP J 140 -2.92 -79.11 -30.06
C TRP J 140 -2.52 -77.68 -29.74
N PHE J 141 -1.68 -77.53 -28.72
CA PHE J 141 -1.22 -76.22 -28.29
C PHE J 141 0.30 -76.13 -28.21
N PHE J 142 0.81 -74.94 -28.46
CA PHE J 142 2.24 -74.69 -28.42
C PHE J 142 2.56 -73.35 -27.79
N LEU J 143 2.99 -73.40 -26.53
CA LEU J 143 3.41 -72.21 -25.81
C LEU J 143 4.87 -72.09 -26.13
N ALA J 144 5.47 -70.96 -25.79
CA ALA J 144 6.87 -70.76 -26.06
C ALA J 144 7.32 -69.61 -25.23
N THR J 145 8.42 -69.74 -24.51
CA THR J 145 8.89 -68.64 -23.68
C THR J 145 10.35 -68.75 -23.32
N ARG J 146 11.04 -67.61 -23.32
CA ARG J 146 12.44 -67.57 -22.97
C ARG J 146 12.54 -67.89 -21.48
N GLU J 147 11.69 -67.25 -20.68
CA GLU J 147 11.69 -67.46 -19.23
C GLU J 147 10.41 -68.11 -18.73
N PRO J 148 10.45 -69.41 -18.44
CA PRO J 148 9.23 -70.06 -17.97
C PRO J 148 8.87 -69.85 -16.49
N GLU J 149 9.75 -69.23 -15.70
CA GLU J 149 9.43 -68.99 -14.29
C GLU J 149 8.49 -67.80 -14.16
N ARG J 150 8.75 -66.77 -14.94
CA ARG J 150 7.89 -65.60 -14.90
C ARG J 150 6.53 -65.96 -15.52
N LEU J 151 6.16 -67.23 -15.41
CA LEU J 151 4.88 -67.70 -15.93
C LEU J 151 4.14 -68.29 -14.76
N LEU J 152 2.81 -68.14 -14.76
CA LEU J 152 1.96 -68.63 -13.69
C LEU J 152 2.05 -70.13 -13.42
N ALA J 153 2.54 -70.46 -12.22
CA ALA J 153 2.73 -71.83 -11.75
C ALA J 153 1.57 -72.78 -12.06
N THR J 154 0.37 -72.27 -11.97
CA THR J 154 -0.80 -73.07 -12.24
C THR J 154 -0.91 -73.35 -13.74
N LEU J 155 -0.34 -72.46 -14.54
CA LEU J 155 -0.38 -72.58 -15.99
C LEU J 155 0.74 -73.50 -16.53
N ARG J 156 1.97 -73.26 -16.08
CA ARG J 156 3.10 -74.07 -16.52
C ARG J 156 3.01 -75.50 -16.04
N SER J 157 1.95 -75.81 -15.30
CA SER J 157 1.69 -77.15 -14.75
C SER J 157 0.86 -77.96 -15.70
N ARG J 158 0.09 -77.25 -16.49
CA ARG J 158 -0.79 -77.90 -17.45
C ARG J 158 -0.05 -78.31 -18.71
N CYS J 159 1.04 -77.61 -19.02
CA CYS J 159 1.81 -77.91 -20.21
C CYS J 159 3.03 -78.74 -19.90
N ARG J 160 3.62 -79.28 -20.96
CA ARG J 160 4.83 -80.07 -20.83
C ARG J 160 5.98 -79.20 -21.29
N LEU J 161 6.84 -78.85 -20.33
CA LEU J 161 8.01 -78.01 -20.57
C LEU J 161 9.04 -78.86 -21.27
N HIS J 162 9.67 -78.29 -22.30
CA HIS J 162 10.67 -78.99 -23.11
C HIS J 162 11.88 -78.08 -23.33
N TYR J 163 13.04 -78.50 -22.83
CA TYR J 163 14.20 -77.64 -22.95
C TYR J 163 14.95 -77.75 -24.24
N LEU J 164 14.92 -76.67 -25.00
CA LEU J 164 15.68 -76.53 -26.22
C LEU J 164 17.10 -76.10 -25.86
N ALA J 165 18.01 -77.03 -25.48
CA ALA J 165 19.39 -76.78 -24.99
C ALA J 165 20.42 -76.15 -25.94
N PRO J 166 21.01 -75.02 -25.44
CA PRO J 166 22.05 -74.39 -26.23
C PRO J 166 23.08 -75.44 -26.58
N PRO J 167 23.43 -75.60 -27.85
CA PRO J 167 24.43 -76.62 -28.15
C PRO J 167 25.71 -76.42 -27.41
N PRO J 168 26.52 -77.46 -27.32
CA PRO J 168 27.85 -77.27 -26.71
C PRO J 168 28.60 -76.23 -27.53
N GLU J 169 29.32 -75.34 -26.82
CA GLU J 169 30.01 -74.22 -27.45
C GLU J 169 30.90 -74.55 -28.63
N GLN J 170 31.63 -75.66 -28.56
CA GLN J 170 32.53 -76.06 -29.66
C GLN J 170 31.73 -76.23 -30.93
N TYR J 171 30.52 -76.77 -30.83
CA TYR J 171 29.68 -77.01 -31.99
C TYR J 171 29.12 -75.73 -32.50
N ALA J 172 28.67 -74.87 -31.59
CA ALA J 172 28.07 -73.59 -31.95
C ALA J 172 29.07 -72.67 -32.65
N VAL J 173 30.32 -72.71 -32.22
CA VAL J 173 31.33 -71.86 -32.85
C VAL J 173 31.64 -72.34 -34.27
N THR J 174 31.90 -73.62 -34.45
CA THR J 174 32.15 -74.18 -35.77
C THR J 174 30.99 -73.84 -36.71
N TRP J 175 29.76 -74.07 -36.26
CA TRP J 175 28.60 -73.73 -37.08
C TRP J 175 28.71 -72.26 -37.43
N LEU J 176 29.06 -71.42 -36.45
CA LEU J 176 29.16 -70.00 -36.71
C LEU J 176 30.28 -69.60 -37.68
N SER J 177 31.47 -70.18 -37.55
CA SER J 177 32.57 -69.84 -38.45
C SER J 177 32.12 -69.90 -39.90
N ARG J 178 31.11 -70.70 -40.18
CA ARG J 178 30.63 -70.83 -41.54
C ARG J 178 29.79 -69.67 -41.95
N GLU J 179 28.84 -69.31 -41.12
CA GLU J 179 27.94 -68.20 -41.45
C GLU J 179 28.56 -66.80 -41.52
N VAL J 180 29.75 -66.63 -40.95
CA VAL J 180 30.44 -65.36 -40.95
C VAL J 180 31.90 -65.64 -40.67
N THR J 181 32.80 -64.98 -41.39
CA THR J 181 34.21 -65.21 -41.12
C THR J 181 34.68 -64.13 -40.15
N MET J 182 35.08 -64.58 -38.96
CA MET J 182 35.57 -63.69 -37.89
C MET J 182 36.45 -64.54 -36.99
N SER J 183 37.28 -63.90 -36.18
CA SER J 183 38.14 -64.64 -35.27
C SER J 183 37.24 -65.47 -34.36
N GLN J 184 37.66 -66.69 -34.04
CA GLN J 184 36.89 -67.59 -33.18
C GLN J 184 36.66 -66.93 -31.84
N ASP J 185 37.65 -66.15 -31.41
CA ASP J 185 37.62 -65.41 -30.15
C ASP J 185 36.43 -64.47 -30.12
N ALA J 186 36.16 -63.86 -31.27
CA ALA J 186 35.04 -62.98 -31.40
C ALA J 186 33.85 -63.88 -31.38
N LEU J 187 33.84 -64.86 -32.28
CA LEU J 187 32.72 -65.79 -32.36
C LEU J 187 32.21 -66.27 -31.00
N LEU J 188 33.12 -66.62 -30.10
CA LEU J 188 32.74 -67.11 -28.81
C LEU J 188 32.12 -66.00 -28.00
N ALA J 189 32.66 -64.79 -28.16
CA ALA J 189 32.10 -63.69 -27.40
C ALA J 189 30.63 -63.52 -27.74
N ALA J 190 30.33 -63.49 -29.02
CA ALA J 190 28.95 -63.34 -29.47
C ALA J 190 28.06 -64.41 -28.86
N LEU J 191 28.54 -65.65 -28.90
CA LEU J 191 27.83 -66.81 -28.39
C LEU J 191 27.52 -66.58 -26.93
N ARG J 192 28.55 -66.28 -26.15
CA ARG J 192 28.35 -66.02 -24.73
C ARG J 192 27.45 -64.81 -24.47
N LEU J 193 27.50 -63.83 -25.36
CA LEU J 193 26.67 -62.64 -25.23
C LEU J 193 25.31 -62.96 -25.81
N SER J 194 24.91 -64.22 -25.77
CA SER J 194 23.61 -64.58 -26.28
C SER J 194 23.10 -65.79 -25.48
N ALA J 195 23.75 -66.01 -24.34
CA ALA J 195 23.38 -67.09 -23.46
C ALA J 195 23.56 -68.42 -24.16
N GLY J 196 24.37 -68.45 -25.21
CA GLY J 196 24.59 -69.69 -25.92
C GLY J 196 23.80 -69.84 -27.22
N SER J 197 22.80 -68.96 -27.41
CA SER J 197 21.95 -68.97 -28.62
C SER J 197 22.83 -68.66 -29.81
N PRO J 198 22.94 -69.63 -30.72
CA PRO J 198 23.76 -69.49 -31.93
C PRO J 198 23.05 -68.57 -32.92
N GLY J 199 21.73 -68.55 -32.86
CA GLY J 199 20.97 -67.75 -33.77
C GLY J 199 21.15 -66.30 -33.46
N ALA J 200 21.01 -65.95 -32.19
CA ALA J 200 21.16 -64.57 -31.78
C ALA J 200 22.60 -64.15 -32.01
N ALA J 201 23.53 -65.06 -31.69
CA ALA J 201 24.94 -64.79 -31.87
C ALA J 201 25.11 -64.35 -33.31
N LEU J 202 24.68 -65.20 -34.23
CA LEU J 202 24.77 -64.91 -35.66
C LEU J 202 24.25 -63.51 -35.98
N ALA J 203 23.07 -63.18 -35.46
CA ALA J 203 22.46 -61.89 -35.70
C ALA J 203 23.27 -60.74 -35.10
N LEU J 204 24.14 -61.06 -34.13
CA LEU J 204 24.95 -60.02 -33.51
C LEU J 204 25.87 -59.36 -34.51
N PHE J 205 26.24 -60.14 -35.52
CA PHE J 205 27.13 -59.70 -36.58
C PHE J 205 26.47 -59.04 -37.78
N GLN J 206 25.32 -59.57 -38.22
CA GLN J 206 24.65 -59.10 -39.45
C GLN J 206 24.31 -57.61 -39.54
N GLY J 207 24.35 -56.86 -38.45
CA GLY J 207 24.19 -55.43 -38.62
C GLY J 207 25.60 -55.00 -38.98
N ASP J 208 26.21 -54.32 -38.06
CA ASP J 208 27.56 -53.85 -38.11
C ASP J 208 27.86 -53.80 -36.65
N ASN J 209 26.95 -54.49 -35.93
CA ASN J 209 26.94 -54.61 -34.47
C ASN J 209 28.28 -54.86 -33.88
N TRP J 210 28.90 -55.94 -34.36
CA TRP J 210 30.20 -56.32 -33.88
C TRP J 210 31.19 -55.19 -34.01
N GLN J 211 31.12 -54.48 -35.12
CA GLN J 211 32.06 -53.38 -35.28
C GLN J 211 31.69 -52.32 -34.26
N ALA J 212 30.39 -52.14 -34.03
CA ALA J 212 29.88 -51.19 -33.03
C ALA J 212 30.34 -51.60 -31.64
N ARG J 213 30.54 -52.90 -31.46
CA ARG J 213 30.97 -53.42 -30.20
C ARG J 213 32.46 -53.20 -30.00
N GLU J 214 33.20 -53.25 -31.11
CA GLU J 214 34.65 -53.04 -31.11
C GLU J 214 34.94 -51.58 -30.76
N THR J 215 34.03 -50.70 -31.16
CA THR J 215 34.19 -49.29 -30.87
C THR J 215 34.13 -49.07 -29.37
N LEU J 216 33.30 -49.88 -28.72
CA LEU J 216 33.06 -49.79 -27.30
C LEU J 216 34.24 -50.21 -26.45
N CYS J 217 34.91 -51.26 -26.88
CA CYS J 217 36.05 -51.78 -26.16
C CYS J 217 37.28 -50.90 -26.32
N GLN J 218 37.31 -50.13 -27.40
CA GLN J 218 38.43 -49.25 -27.66
C GLN J 218 38.27 -48.03 -26.75
N ALA J 219 37.04 -47.55 -26.66
CA ALA J 219 36.75 -46.41 -25.84
C ALA J 219 37.02 -46.77 -24.39
N LEU J 220 36.57 -47.96 -24.00
CA LEU J 220 36.75 -48.44 -22.65
C LEU J 220 38.21 -48.58 -22.29
N ALA J 221 39.00 -49.05 -23.25
CA ALA J 221 40.42 -49.26 -23.00
C ALA J 221 41.15 -47.98 -22.79
N TYR J 222 40.59 -46.89 -23.31
CA TYR J 222 41.20 -45.58 -23.13
C TYR J 222 40.86 -45.05 -21.76
N SER J 223 39.57 -45.13 -21.44
CA SER J 223 39.03 -44.65 -20.18
C SER J 223 39.53 -45.36 -18.94
N VAL J 224 39.50 -46.69 -18.96
CA VAL J 224 39.93 -47.47 -17.79
C VAL J 224 41.23 -46.98 -17.14
N PRO J 225 42.29 -46.85 -17.94
CA PRO J 225 43.56 -46.39 -17.40
C PRO J 225 43.62 -44.90 -17.20
N SER J 226 42.87 -44.15 -18.01
CA SER J 226 42.86 -42.68 -17.93
C SER J 226 41.95 -42.05 -16.89
N GLY J 227 40.86 -42.73 -16.58
CA GLY J 227 39.91 -42.18 -15.63
C GLY J 227 38.77 -41.44 -16.33
N ASP J 228 39.02 -40.90 -17.52
CA ASP J 228 38.02 -40.17 -18.29
C ASP J 228 36.99 -41.14 -18.83
N TRP J 229 35.98 -41.44 -18.03
CA TRP J 229 34.92 -42.35 -18.44
C TRP J 229 33.90 -41.64 -19.30
N TYR J 230 33.87 -40.34 -19.17
CA TYR J 230 32.96 -39.51 -19.90
C TYR J 230 33.26 -39.57 -21.42
N SER J 231 34.35 -40.24 -21.78
CA SER J 231 34.77 -40.40 -23.19
C SER J 231 33.91 -41.47 -23.91
N LEU J 232 33.26 -42.30 -23.10
CA LEU J 232 32.40 -43.35 -23.61
C LEU J 232 31.13 -42.77 -24.18
N LEU J 233 30.80 -41.53 -23.80
CA LEU J 233 29.58 -40.89 -24.27
C LEU J 233 29.28 -41.10 -25.75
N ALA J 234 30.29 -40.94 -26.59
CA ALA J 234 30.11 -41.12 -28.01
C ALA J 234 29.80 -42.59 -28.35
N ALA J 235 30.46 -43.50 -27.66
CA ALA J 235 30.30 -44.93 -27.90
C ALA J 235 28.95 -45.48 -27.46
N LEU J 236 28.42 -44.93 -26.38
CA LEU J 236 27.15 -45.36 -25.82
C LEU J 236 25.93 -44.59 -26.29
N ASN J 237 26.02 -43.25 -26.31
CA ASN J 237 24.87 -42.43 -26.71
C ASN J 237 24.47 -42.72 -28.14
N HIS J 238 23.47 -43.59 -28.26
CA HIS J 238 22.98 -44.03 -29.54
C HIS J 238 21.67 -44.80 -29.24
N GLU J 239 20.80 -44.95 -30.25
CA GLU J 239 19.55 -45.65 -30.05
C GLU J 239 19.79 -47.07 -29.53
N GLN J 240 20.90 -47.65 -29.92
CA GLN J 240 21.29 -48.97 -29.45
C GLN J 240 21.90 -48.92 -28.03
N ALA J 241 21.65 -47.83 -27.32
CA ALA J 241 22.17 -47.64 -25.98
C ALA J 241 22.00 -48.83 -25.04
N PRO J 242 20.81 -49.41 -24.95
CA PRO J 242 20.62 -50.56 -24.06
C PRO J 242 21.43 -51.80 -24.41
N ALA J 243 21.46 -52.13 -25.68
CA ALA J 243 22.25 -53.29 -26.08
C ALA J 243 23.73 -53.02 -25.76
N ARG J 244 24.12 -51.76 -25.83
CA ARG J 244 25.48 -51.37 -25.58
C ARG J 244 25.82 -51.36 -24.13
N LEU J 245 24.90 -50.88 -23.31
CA LEU J 245 25.07 -50.80 -21.87
C LEU J 245 25.24 -52.17 -21.28
N HIS J 246 24.52 -53.13 -21.87
CA HIS J 246 24.56 -54.53 -21.46
C HIS J 246 25.99 -55.03 -21.77
N TRP J 247 26.48 -54.70 -22.96
CA TRP J 247 27.83 -55.09 -23.35
C TRP J 247 28.82 -54.61 -22.26
N LEU J 248 28.75 -53.33 -21.93
CA LEU J 248 29.60 -52.71 -20.92
C LEU J 248 29.47 -53.39 -19.58
N ALA J 249 28.31 -54.00 -19.36
CA ALA J 249 28.04 -54.69 -18.11
C ALA J 249 28.74 -56.03 -18.06
N THR J 250 28.72 -56.77 -19.16
CA THR J 250 29.35 -58.07 -19.17
C THR J 250 30.85 -57.93 -18.88
N LEU J 251 31.42 -56.83 -19.33
CA LEU J 251 32.83 -56.57 -19.09
C LEU J 251 32.99 -56.28 -17.63
N LEU J 252 32.03 -55.59 -17.03
CA LEU J 252 32.14 -55.27 -15.63
C LEU J 252 32.05 -56.54 -14.78
N MET J 253 31.13 -57.41 -15.18
CA MET J 253 30.91 -58.63 -14.45
C MET J 253 32.25 -59.30 -14.43
N ASP J 254 32.74 -59.69 -15.61
CA ASP J 254 34.04 -60.38 -15.76
C ASP J 254 35.16 -59.87 -14.86
N ALA J 255 35.37 -58.57 -14.84
CA ALA J 255 36.40 -58.05 -13.99
C ALA J 255 36.09 -58.45 -12.54
N LEU J 256 34.82 -58.37 -12.17
CA LEU J 256 34.39 -58.72 -10.83
C LEU J 256 34.70 -60.18 -10.55
N LYS J 257 34.35 -61.05 -11.51
CA LYS J 257 34.58 -62.47 -11.33
C LYS J 257 36.06 -62.83 -11.12
N ARG J 258 36.94 -62.12 -11.83
CA ARG J 258 38.38 -62.32 -11.76
C ARG J 258 38.91 -62.02 -10.38
N HIS J 259 38.28 -61.10 -9.67
CA HIS J 259 38.73 -60.78 -8.33
C HIS J 259 38.52 -61.95 -7.41
N HIS J 260 37.55 -62.79 -7.76
CA HIS J 260 37.25 -63.97 -6.97
C HIS J 260 37.91 -65.20 -7.60
N GLY J 261 38.73 -64.96 -8.61
CA GLY J 261 39.44 -66.03 -9.27
C GLY J 261 38.56 -66.98 -10.04
N ALA J 262 37.51 -66.46 -10.68
CA ALA J 262 36.59 -67.31 -11.43
C ALA J 262 37.16 -67.61 -12.79
N ALA J 263 37.28 -68.90 -13.08
CA ALA J 263 37.84 -69.37 -14.34
C ALA J 263 37.11 -68.87 -15.59
N GLN J 264 35.79 -68.96 -15.62
CA GLN J 264 35.01 -68.55 -16.79
C GLN J 264 34.80 -67.03 -17.03
N VAL J 265 35.03 -66.62 -18.28
CA VAL J 265 34.90 -65.22 -18.66
C VAL J 265 34.18 -65.09 -19.99
N THR J 266 33.17 -64.21 -20.02
CA THR J 266 32.35 -64.00 -21.22
C THR J 266 33.09 -63.27 -22.33
N ASN J 267 33.87 -62.28 -21.93
CA ASN J 267 34.65 -61.51 -22.88
C ASN J 267 36.09 -61.98 -23.10
N VAL J 268 36.20 -63.16 -23.71
CA VAL J 268 37.43 -63.83 -24.06
C VAL J 268 38.07 -63.03 -25.21
N ASP J 269 37.22 -62.27 -25.86
CA ASP J 269 37.55 -61.39 -26.95
C ASP J 269 38.67 -60.45 -26.57
N VAL J 270 38.64 -59.95 -25.34
CA VAL J 270 39.64 -58.99 -24.92
C VAL J 270 40.12 -59.13 -23.47
N PRO J 271 40.68 -60.29 -23.11
CA PRO J 271 41.18 -60.55 -21.76
C PRO J 271 42.07 -59.46 -21.21
N GLY J 272 42.78 -58.76 -22.09
CA GLY J 272 43.64 -57.69 -21.64
C GLY J 272 42.83 -56.58 -20.99
N LEU J 273 41.61 -56.40 -21.47
CA LEU J 273 40.73 -55.37 -20.95
C LEU J 273 40.27 -55.77 -19.56
N VAL J 274 39.56 -56.91 -19.45
CA VAL J 274 39.05 -57.34 -18.16
C VAL J 274 40.13 -57.35 -17.12
N ALA J 275 41.36 -57.55 -17.55
CA ALA J 275 42.46 -57.58 -16.60
C ALA J 275 42.68 -56.18 -16.01
N GLU J 276 43.10 -55.26 -16.88
CA GLU J 276 43.39 -53.87 -16.47
C GLU J 276 42.25 -53.34 -15.65
N LEU J 277 41.04 -53.56 -16.14
CA LEU J 277 39.83 -53.13 -15.47
C LEU J 277 39.89 -53.59 -14.03
N ALA J 278 40.00 -54.89 -13.85
CA ALA J 278 40.05 -55.47 -12.52
C ALA J 278 41.21 -54.91 -11.74
N ASN J 279 42.27 -54.52 -12.44
CA ASN J 279 43.43 -53.99 -11.72
C ASN J 279 43.19 -52.63 -11.10
N HIS J 280 42.64 -51.71 -11.90
CA HIS J 280 42.34 -50.35 -11.48
C HIS J 280 41.07 -50.18 -10.63
N LEU J 281 40.21 -51.18 -10.62
CA LEU J 281 38.96 -51.10 -9.88
C LEU J 281 38.71 -52.21 -8.89
N SER J 282 38.62 -51.80 -7.63
CA SER J 282 38.33 -52.67 -6.48
C SER J 282 37.05 -53.44 -6.74
N PRO J 283 36.88 -54.61 -6.11
CA PRO J 283 35.66 -55.34 -6.34
C PRO J 283 34.41 -54.55 -5.88
N SER J 284 34.59 -53.57 -5.01
CA SER J 284 33.42 -52.80 -4.59
C SER J 284 33.04 -51.77 -5.65
N ARG J 285 34.05 -51.03 -6.08
CA ARG J 285 33.88 -49.99 -7.08
C ARG J 285 33.15 -50.61 -8.27
N LEU J 286 33.59 -51.80 -8.67
CA LEU J 286 33.00 -52.50 -9.78
C LEU J 286 31.56 -52.79 -9.50
N GLN J 287 31.23 -53.28 -8.30
CA GLN J 287 29.84 -53.61 -7.95
C GLN J 287 28.99 -52.39 -8.21
N ALA J 288 29.41 -51.27 -7.62
CA ALA J 288 28.74 -50.00 -7.74
C ALA J 288 28.42 -49.63 -9.17
N ILE J 289 29.43 -49.61 -10.01
CA ILE J 289 29.22 -49.27 -11.40
C ILE J 289 28.27 -50.24 -12.07
N LEU J 290 28.50 -51.54 -11.89
CA LEU J 290 27.68 -52.60 -12.49
C LEU J 290 26.21 -52.29 -12.33
N GLY J 291 25.83 -51.83 -11.14
CA GLY J 291 24.45 -51.50 -10.85
C GLY J 291 23.90 -50.30 -11.58
N ASP J 292 24.58 -49.16 -11.45
CA ASP J 292 24.14 -47.95 -12.11
C ASP J 292 24.02 -48.23 -13.59
N VAL J 293 24.97 -48.97 -14.15
CA VAL J 293 24.92 -49.28 -15.56
C VAL J 293 23.66 -50.07 -15.74
N CYS J 294 23.43 -50.98 -14.81
CA CYS J 294 22.26 -51.83 -14.88
C CYS J 294 20.92 -51.13 -14.76
N HIS J 295 20.72 -50.32 -13.71
CA HIS J 295 19.44 -49.63 -13.50
C HIS J 295 19.26 -48.55 -14.63
N ILE J 296 20.33 -47.86 -14.98
CA ILE J 296 20.24 -46.85 -16.04
C ILE J 296 19.90 -47.44 -17.41
N ARG J 297 20.38 -48.65 -17.68
CA ARG J 297 20.07 -49.27 -18.95
C ARG J 297 18.57 -49.51 -18.99
N GLU J 298 18.04 -49.87 -17.83
CA GLU J 298 16.64 -50.16 -17.75
C GLU J 298 15.75 -48.91 -17.92
N GLN J 299 16.12 -47.81 -17.30
CA GLN J 299 15.26 -46.66 -17.50
C GLN J 299 15.20 -46.27 -18.96
N LEU J 300 16.26 -46.58 -19.71
CA LEU J 300 16.28 -46.27 -21.14
C LEU J 300 15.28 -47.17 -21.85
N MET J 301 15.31 -48.46 -21.53
CA MET J 301 14.39 -49.39 -22.15
C MET J 301 12.94 -49.15 -21.74
N SER J 302 12.70 -49.09 -20.43
CA SER J 302 11.35 -48.89 -19.93
C SER J 302 10.70 -47.49 -20.14
N VAL J 303 11.12 -46.46 -19.37
CA VAL J 303 10.52 -45.12 -19.50
C VAL J 303 10.41 -44.60 -20.94
N THR J 304 9.17 -44.28 -21.32
CA THR J 304 8.82 -43.82 -22.66
C THR J 304 9.79 -42.94 -23.44
N GLY J 305 10.37 -41.91 -22.82
CA GLY J 305 11.29 -41.08 -23.59
C GLY J 305 12.18 -40.09 -22.87
N ILE J 306 13.07 -40.59 -22.01
CA ILE J 306 13.99 -39.73 -21.26
C ILE J 306 15.09 -39.27 -22.21
N ASN J 307 15.94 -38.37 -21.73
CA ASN J 307 17.06 -37.90 -22.55
C ASN J 307 18.14 -38.95 -22.49
N ARG J 308 18.38 -39.58 -23.63
CA ARG J 308 19.41 -40.60 -23.70
C ARG J 308 20.73 -39.94 -23.30
N GLU J 309 20.91 -38.72 -23.80
CA GLU J 309 22.11 -37.96 -23.56
C GLU J 309 22.32 -37.61 -22.10
N LEU J 310 21.36 -36.94 -21.48
CA LEU J 310 21.48 -36.53 -20.09
C LEU J 310 21.74 -37.71 -19.18
N LEU J 311 20.84 -38.67 -19.21
CA LEU J 311 20.94 -39.85 -18.36
C LEU J 311 22.32 -40.43 -18.36
N ILE J 312 22.81 -40.76 -19.55
CA ILE J 312 24.14 -41.36 -19.73
C ILE J 312 25.27 -40.46 -19.23
N THR J 313 25.20 -39.17 -19.55
CA THR J 313 26.19 -38.21 -19.12
C THR J 313 26.27 -38.28 -17.62
N ASP J 314 25.11 -38.47 -17.01
CA ASP J 314 24.95 -38.57 -15.58
C ASP J 314 25.54 -39.88 -15.11
N LEU J 315 25.27 -40.96 -15.83
CA LEU J 315 25.81 -42.26 -15.45
C LEU J 315 27.34 -42.13 -15.46
N LEU J 316 27.87 -41.63 -16.57
CA LEU J 316 29.27 -41.46 -16.75
C LEU J 316 29.92 -40.64 -15.69
N LEU J 317 29.58 -39.36 -15.60
CA LEU J 317 30.19 -38.51 -14.58
C LEU J 317 30.11 -39.16 -13.23
N ARG J 318 28.96 -39.82 -12.94
CA ARG J 318 28.73 -40.47 -11.65
C ARG J 318 29.68 -41.62 -11.39
N ILE J 319 30.02 -42.34 -12.45
CA ILE J 319 30.95 -43.44 -12.37
C ILE J 319 32.29 -42.89 -11.87
N GLU J 320 32.66 -41.73 -12.38
CA GLU J 320 33.93 -41.12 -12.00
C GLU J 320 34.03 -40.67 -10.57
N HIS J 321 32.89 -40.41 -9.96
CA HIS J 321 32.92 -39.99 -8.56
C HIS J 321 33.07 -41.19 -7.64
N TYR J 322 32.69 -42.37 -8.12
CA TYR J 322 32.80 -43.58 -7.33
C TYR J 322 34.27 -43.91 -7.26
N LEU J 323 34.96 -43.61 -8.35
CA LEU J 323 36.39 -43.86 -8.52
C LEU J 323 37.28 -43.00 -7.63
N GLN J 324 36.77 -41.89 -7.16
CA GLN J 324 37.53 -41.00 -6.29
C GLN J 324 37.61 -41.51 -4.87
N PRO J 325 38.79 -41.45 -4.27
CA PRO J 325 39.05 -41.92 -2.90
C PRO J 325 38.20 -41.23 -1.85
N GLY J 326 37.60 -42.03 -0.98
CA GLY J 326 36.78 -41.50 0.10
C GLY J 326 35.27 -41.53 -0.11
N VAL J 327 34.84 -41.69 -1.35
CA VAL J 327 33.42 -41.70 -1.69
C VAL J 327 32.71 -42.97 -1.27
N VAL J 328 31.52 -42.81 -0.71
CA VAL J 328 30.71 -43.94 -0.23
C VAL J 328 29.68 -44.41 -1.29
N LEU J 329 30.07 -45.40 -2.07
CA LEU J 329 29.23 -45.93 -3.13
C LEU J 329 27.92 -46.47 -2.60
N PRO J 330 26.89 -46.59 -3.47
CA PRO J 330 25.54 -47.09 -3.17
C PRO J 330 25.35 -48.58 -2.84
N VAL J 331 24.18 -48.85 -2.25
CA VAL J 331 23.74 -50.18 -1.80
C VAL J 331 22.31 -50.38 -2.31
N PRO J 332 21.98 -51.59 -2.82
CA PRO J 332 20.62 -51.86 -3.33
C PRO J 332 19.51 -51.52 -2.31
N HIS J 333 18.30 -51.29 -2.83
CA HIS J 333 17.16 -50.90 -2.00
C HIS J 333 16.12 -51.99 -1.72
N LEU J 334 15.19 -51.66 -0.82
CA LEU J 334 14.09 -52.55 -0.42
C LEU J 334 14.49 -53.92 0.10
#